data_6C5Z
#
_entry.id   6C5Z
#
_cell.length_a   93.770
_cell.length_b   199.800
_cell.length_c   200.820
_cell.angle_alpha   90.00
_cell.angle_beta   90.00
_cell.angle_gamma   90.00
#
_symmetry.space_group_name_H-M   'P 2 21 21'
#
loop_
_entity.id
_entity.type
_entity.pdbx_description
1 polymer 'UDP-glucose 6-dehydrogenase'
2 non-polymer '1,4-DIHYDRONICOTINAMIDE ADENINE DINUCLEOTIDE'
3 non-polymer "URIDINE-5'-DIPHOSPHATE-GLUCOSE"
4 water water
#
_entity_poly.entity_id   1
_entity_poly.type   'polypeptide(L)'
_entity_poly.pdbx_seq_one_letter_code
;MFEIKKICCIGAGYVGGPTCSVIAHMCPEIRVTVVDVNESRINAWNSPTLPIYEPGLKEVVESCRGKNLFFSTNIDDAIK
EADLVFISVNTPTKTYGMGKGRAADLKYIEACARRIVQNSNGYKIVTEKSTVPVRAAESIRRIFDANTKPNLNLQVLSNP
EFLAEGTAIKDLKNPDRVLIGGDETPEGQRAVQALCAVYEHWVPREKILTTNTWSSELSKLAANLFLAQRISSINSISAL
CEATGADVEEVATAIGMDQRIGNKFLKASVGFGGSCFQKDVLNLVYLCEALNLPEVARYWQQVIDMNDYQRRRFASRIID
SLFNTVTDKKIAILGFAFKKDTGDTRESSSIYISKYLMDEGAHLHIYDPKVPREQIVVDLSHPGVSEDDQVSRLVTISKD
PYEACDGAHAVVICTEWDMFKELDYERIHKKMLKPAFIFDGRRVLDGLHNELQTIGFQIETIGKKVSSKRIPYAPSGEIP
KFSLQDPPNKKPKV
;
_entity_poly.pdbx_strand_id   A,B,C,D,E,F
#
loop_
_chem_comp.id
_chem_comp.type
_chem_comp.name
_chem_comp.formula
NAI non-polymer '1,4-DIHYDRONICOTINAMIDE ADENINE DINUCLEOTIDE' 'C21 H29 N7 O14 P2'
UPG non-polymer URIDINE-5'-DIPHOSPHATE-GLUCOSE 'C15 H24 N2 O17 P2'
#
# COMPACT_ATOMS: atom_id res chain seq x y z
N PHE A 2 30.02 49.29 21.10
CA PHE A 2 29.53 49.83 22.37
C PHE A 2 29.12 48.71 23.33
N GLU A 3 29.35 48.97 24.62
CA GLU A 3 28.96 48.04 25.68
C GLU A 3 27.45 48.04 25.86
N ILE A 4 26.85 46.85 25.90
CA ILE A 4 25.40 46.76 26.04
C ILE A 4 25.01 47.18 27.46
N LYS A 5 24.16 48.20 27.56
CA LYS A 5 23.75 48.76 28.85
C LYS A 5 22.31 48.44 29.23
N LYS A 6 21.41 48.22 28.27
CA LYS A 6 20.03 47.84 28.54
C LYS A 6 19.61 46.66 27.68
N ILE A 7 18.99 45.66 28.30
CA ILE A 7 18.61 44.41 27.66
C ILE A 7 17.11 44.19 27.85
N CYS A 8 16.44 43.83 26.76
CA CYS A 8 15.04 43.44 26.79
C CYS A 8 14.92 41.98 26.37
N CYS A 9 14.00 41.25 27.01
CA CYS A 9 13.72 39.87 26.64
C CYS A 9 12.22 39.74 26.43
N ILE A 10 11.79 39.64 25.17
CA ILE A 10 10.39 39.33 24.87
C ILE A 10 10.17 37.85 25.16
N GLY A 11 9.32 37.55 26.13
CA GLY A 11 9.08 36.19 26.52
C GLY A 11 9.66 35.84 27.88
N ALA A 12 8.81 35.84 28.91
CA ALA A 12 9.22 35.56 30.28
C ALA A 12 8.87 34.13 30.71
N GLY A 13 9.32 33.15 29.96
CA GLY A 13 9.00 31.78 30.26
C GLY A 13 10.14 31.04 30.93
N TYR A 14 10.29 29.77 30.58
CA TYR A 14 11.35 28.96 31.15
C TYR A 14 12.73 29.37 30.64
N VAL A 15 12.82 30.17 29.58
CA VAL A 15 14.09 30.66 29.09
C VAL A 15 14.29 32.12 29.47
N GLY A 16 13.37 33.00 29.07
CA GLY A 16 13.57 34.42 29.30
C GLY A 16 13.72 34.78 30.76
N GLY A 17 13.07 34.04 31.66
CA GLY A 17 13.08 34.34 33.07
C GLY A 17 14.39 34.00 33.76
N PRO A 18 14.83 32.74 33.66
CA PRO A 18 16.13 32.36 34.22
C PRO A 18 17.30 33.03 33.53
N THR A 19 17.32 32.98 32.19
CA THR A 19 18.46 33.52 31.44
C THR A 19 18.68 34.99 31.74
N CYS A 20 17.62 35.74 31.97
CA CYS A 20 17.79 37.16 32.27
C CYS A 20 18.10 37.38 33.74
N SER A 21 17.51 36.58 34.63
CA SER A 21 17.93 36.59 36.02
C SER A 21 19.42 36.34 36.13
N VAL A 22 19.96 35.38 35.37
CA VAL A 22 21.39 35.08 35.49
C VAL A 22 22.23 36.18 34.86
N ILE A 23 21.74 36.82 33.79
CA ILE A 23 22.48 37.94 33.21
C ILE A 23 22.54 39.10 34.21
N ALA A 24 21.45 39.35 34.94
CA ALA A 24 21.41 40.45 35.89
C ALA A 24 22.27 40.20 37.12
N HIS A 25 22.22 38.97 37.67
CA HIS A 25 23.05 38.63 38.82
C HIS A 25 24.53 38.71 38.51
N MET A 26 24.92 38.45 37.27
CA MET A 26 26.31 38.50 36.84
C MET A 26 26.77 39.90 36.43
N CYS A 27 25.87 40.70 35.86
CA CYS A 27 26.23 41.96 35.21
C CYS A 27 25.47 43.08 35.90
N PRO A 28 26.00 43.65 36.99
CA PRO A 28 25.21 44.60 37.76
C PRO A 28 25.12 45.98 37.14
N GLU A 29 25.94 46.28 36.12
CA GLU A 29 25.87 47.55 35.42
C GLU A 29 25.04 47.45 34.14
N ILE A 30 24.09 46.51 34.08
CA ILE A 30 23.20 46.35 32.94
C ILE A 30 21.77 46.25 33.44
N ARG A 31 20.86 46.92 32.75
CA ARG A 31 19.44 46.92 33.08
C ARG A 31 18.72 45.85 32.26
N VAL A 32 18.13 44.87 32.93
CA VAL A 32 17.47 43.76 32.26
C VAL A 32 15.98 43.83 32.58
N THR A 33 15.18 44.13 31.58
CA THR A 33 13.72 44.13 31.70
C THR A 33 13.18 42.93 30.96
N VAL A 34 12.43 42.08 31.66
CA VAL A 34 11.82 40.87 31.09
C VAL A 34 10.33 41.12 30.94
N VAL A 35 9.83 41.08 29.70
CA VAL A 35 8.45 41.44 29.39
C VAL A 35 7.74 40.23 28.81
N ASP A 36 6.42 40.36 28.69
CA ASP A 36 5.53 39.28 28.28
C ASP A 36 4.11 39.81 28.21
N VAL A 37 3.30 39.18 27.36
CA VAL A 37 1.92 39.61 27.24
C VAL A 37 1.04 39.02 28.34
N ASN A 38 1.38 37.83 28.84
CA ASN A 38 0.63 37.21 29.94
C ASN A 38 0.83 38.05 31.18
N GLU A 39 -0.19 38.83 31.53
CA GLU A 39 -0.04 39.72 32.67
C GLU A 39 0.03 38.94 33.98
N SER A 40 -0.65 37.78 34.05
CA SER A 40 -0.58 36.97 35.27
C SER A 40 0.80 36.37 35.44
N ARG A 41 1.44 36.00 34.33
CA ARG A 41 2.81 35.50 34.36
C ARG A 41 3.76 36.57 34.89
N ILE A 42 3.68 37.78 34.34
CA ILE A 42 4.50 38.90 34.83
C ILE A 42 4.26 39.10 36.31
N ASN A 43 3.01 39.20 36.72
CA ASN A 43 2.69 39.41 38.12
C ASN A 43 3.27 38.31 39.00
N ALA A 44 3.23 37.05 38.54
CA ALA A 44 3.83 35.98 39.32
C ALA A 44 5.35 36.14 39.42
N TRP A 45 6.00 36.59 38.33
CA TRP A 45 7.44 36.84 38.39
C TRP A 45 7.79 37.93 39.40
N ASN A 46 6.82 38.74 39.79
CA ASN A 46 7.00 39.77 40.82
C ASN A 46 6.44 39.35 42.17
N SER A 47 6.30 38.05 42.41
CA SER A 47 5.61 37.51 43.57
C SER A 47 6.56 36.67 44.42
N PRO A 48 6.20 36.42 45.68
CA PRO A 48 6.95 35.43 46.47
C PRO A 48 6.81 34.00 45.96
N THR A 49 5.82 33.69 45.13
CA THR A 49 5.71 32.39 44.47
C THR A 49 5.82 32.65 42.97
N LEU A 50 7.01 32.35 42.41
CA LEU A 50 7.29 32.53 40.99
C LEU A 50 6.37 31.65 40.15
N PRO A 51 6.29 31.88 38.83
CA PRO A 51 5.41 31.06 37.98
C PRO A 51 6.02 29.75 37.48
N ILE A 52 7.27 29.45 37.82
CA ILE A 52 7.90 28.19 37.46
C ILE A 52 8.74 27.70 38.63
N TYR A 53 8.78 26.39 38.82
CA TYR A 53 9.68 25.81 39.80
C TYR A 53 11.00 25.46 39.12
N GLU A 54 12.06 26.15 39.53
CA GLU A 54 13.43 25.91 39.08
C GLU A 54 14.35 26.01 40.28
N PRO A 55 15.08 24.95 40.64
CA PRO A 55 16.01 25.04 41.78
C PRO A 55 16.96 26.23 41.64
N GLY A 56 17.15 26.93 42.76
CA GLY A 56 18.01 28.09 42.75
C GLY A 56 17.39 29.33 42.13
N LEU A 57 16.34 29.15 41.32
CA LEU A 57 15.78 30.31 40.61
C LEU A 57 15.21 31.34 41.57
N LYS A 58 14.51 30.89 42.62
CA LYS A 58 13.95 31.84 43.58
C LYS A 58 15.02 32.71 44.22
N GLU A 59 16.15 32.11 44.60
CA GLU A 59 17.24 32.93 45.14
C GLU A 59 17.65 33.99 44.13
N VAL A 60 18.01 33.57 42.93
CA VAL A 60 18.61 34.49 41.95
C VAL A 60 17.69 35.67 41.69
N VAL A 61 16.39 35.42 41.49
CA VAL A 61 15.46 36.49 41.15
C VAL A 61 15.38 37.50 42.29
N GLU A 62 15.13 37.02 43.52
CA GLU A 62 14.96 37.93 44.65
C GLU A 62 16.23 38.72 44.95
N SER A 63 17.37 38.27 44.43
CA SER A 63 18.63 38.97 44.58
C SER A 63 18.77 40.17 43.65
N CYS A 64 17.94 40.29 42.60
CA CYS A 64 18.06 41.43 41.69
C CYS A 64 16.77 42.15 41.36
N ARG A 65 15.60 41.58 41.62
CA ARG A 65 14.38 42.19 41.11
C ARG A 65 14.20 43.58 41.73
N GLY A 66 14.25 44.60 40.88
CA GLY A 66 14.18 45.97 41.32
C GLY A 66 15.52 46.66 41.46
N LYS A 67 16.62 45.91 41.45
CA LYS A 67 17.96 46.49 41.32
C LYS A 67 18.30 46.70 39.86
N ASN A 68 18.39 45.61 39.11
CA ASN A 68 18.58 45.63 37.66
C ASN A 68 17.72 44.62 36.93
N LEU A 69 16.86 43.88 37.64
CA LEU A 69 16.00 42.85 37.07
C LEU A 69 14.55 43.29 37.20
N PHE A 70 13.85 43.38 36.06
CA PHE A 70 12.48 43.87 36.05
C PHE A 70 11.60 42.94 35.23
N PHE A 71 10.33 42.90 35.61
CA PHE A 71 9.31 42.12 34.92
C PHE A 71 8.10 43.01 34.66
N SER A 72 7.78 43.27 33.39
CA SER A 72 6.74 44.24 33.06
C SER A 72 5.86 43.76 31.92
N THR A 73 4.60 44.23 31.93
CA THR A 73 3.67 43.97 30.83
C THR A 73 3.85 44.93 29.67
N ASN A 74 4.50 46.07 29.92
CA ASN A 74 4.66 47.18 28.99
C ASN A 74 5.73 46.81 27.98
N ILE A 75 5.32 46.12 26.91
CA ILE A 75 6.28 45.52 25.98
C ILE A 75 7.07 46.60 25.23
N ASP A 76 6.42 47.72 24.92
CA ASP A 76 6.98 48.66 23.95
C ASP A 76 8.20 49.40 24.50
N ASP A 77 8.02 50.06 25.64
CA ASP A 77 9.09 50.87 26.22
C ASP A 77 10.32 50.04 26.54
N ALA A 78 10.12 48.77 26.89
CA ALA A 78 11.26 47.89 27.12
C ALA A 78 12.13 47.79 25.87
N ILE A 79 11.51 47.62 24.70
CA ILE A 79 12.25 47.58 23.45
C ILE A 79 12.85 48.94 23.14
N LYS A 80 12.02 49.98 23.19
CA LYS A 80 12.40 51.32 22.75
C LYS A 80 13.71 51.77 23.38
N GLU A 81 13.89 51.50 24.68
CA GLU A 81 15.05 51.96 25.42
C GLU A 81 16.15 50.91 25.55
N ALA A 82 15.95 49.70 25.06
CA ALA A 82 16.95 48.66 25.20
C ALA A 82 17.99 48.74 24.10
N ASP A 83 19.19 48.24 24.40
CA ASP A 83 20.25 48.11 23.41
C ASP A 83 20.25 46.74 22.72
N LEU A 84 19.64 45.76 23.37
CA LEU A 84 19.59 44.40 22.88
C LEU A 84 18.28 43.76 23.24
N VAL A 85 17.55 43.24 22.26
CA VAL A 85 16.28 42.59 22.51
C VAL A 85 16.46 41.10 22.25
N PHE A 86 16.33 40.31 23.32
CA PHE A 86 16.22 38.86 23.21
C PHE A 86 14.82 38.49 22.75
N ILE A 87 14.74 37.52 21.84
CA ILE A 87 13.49 36.82 21.56
C ILE A 87 13.59 35.45 22.20
N SER A 88 12.76 35.21 23.21
CA SER A 88 12.72 33.96 23.95
C SER A 88 11.29 33.44 24.05
N VAL A 89 10.49 33.65 23.00
CA VAL A 89 9.09 33.27 23.00
C VAL A 89 8.98 31.82 22.54
N ASN A 90 7.80 31.23 22.64
CA ASN A 90 7.71 29.81 22.36
C ASN A 90 7.49 29.56 20.89
N THR A 91 7.98 28.42 20.44
CA THR A 91 7.84 27.97 19.05
C THR A 91 7.27 26.56 19.09
N PRO A 92 5.97 26.42 19.35
CA PRO A 92 5.36 25.10 19.45
C PRO A 92 5.28 24.41 18.09
N THR A 93 4.84 23.17 18.12
CA THR A 93 4.45 22.48 16.90
C THR A 93 3.08 22.99 16.47
N LYS A 94 2.98 23.42 15.21
CA LYS A 94 1.69 23.85 14.67
C LYS A 94 0.66 22.76 14.87
N THR A 95 -0.49 23.15 15.39
CA THR A 95 -1.61 22.23 15.57
C THR A 95 -2.66 22.37 14.48
N TYR A 96 -2.35 23.06 13.39
CA TYR A 96 -3.34 23.44 12.38
C TYR A 96 -2.64 23.67 11.05
N GLY A 97 -3.44 23.85 10.01
CA GLY A 97 -2.91 24.32 8.74
C GLY A 97 -1.98 23.34 8.05
N MET A 98 -0.96 23.88 7.39
CA MET A 98 0.00 23.04 6.70
C MET A 98 1.09 22.57 7.66
N GLY A 99 1.35 21.27 7.66
CA GLY A 99 2.33 20.74 8.57
C GLY A 99 1.84 20.53 9.98
N LYS A 100 0.54 20.38 10.14
CA LYS A 100 0.01 20.20 11.45
C LYS A 100 0.68 19.00 12.04
N GLY A 101 1.16 19.16 13.27
CA GLY A 101 1.83 18.10 13.97
C GLY A 101 3.25 17.87 13.60
N ARG A 102 3.81 18.73 12.77
CA ARG A 102 5.19 18.55 12.38
C ARG A 102 5.99 19.82 12.39
N ALA A 103 5.54 20.80 11.65
CA ALA A 103 6.24 22.06 11.55
C ALA A 103 6.13 22.96 12.76
N ALA A 104 7.15 23.78 12.95
CA ALA A 104 7.10 24.67 14.08
C ALA A 104 6.31 25.92 13.74
N ASP A 105 5.51 26.38 14.70
CA ASP A 105 4.71 27.60 14.56
C ASP A 105 5.60 28.79 14.87
N LEU A 106 5.86 29.61 13.85
CA LEU A 106 6.71 30.78 13.99
C LEU A 106 5.92 32.06 14.14
N LYS A 107 4.62 31.94 14.47
CA LYS A 107 3.78 33.13 14.59
C LYS A 107 4.17 33.99 15.78
N TYR A 108 4.70 33.38 16.86
CA TYR A 108 5.10 34.19 18.00
C TYR A 108 6.43 34.88 17.76
N ILE A 109 7.31 34.27 16.98
CA ILE A 109 8.51 34.99 16.59
C ILE A 109 8.16 36.15 15.68
N GLU A 110 7.42 35.88 14.60
CA GLU A 110 6.97 36.94 13.71
C GLU A 110 6.35 38.12 14.46
N ALA A 111 5.66 37.84 15.57
CA ALA A 111 5.06 38.93 16.35
C ALA A 111 6.13 39.83 16.96
N CYS A 112 7.16 39.24 17.55
CA CYS A 112 8.25 40.04 18.09
C CYS A 112 8.90 40.89 16.99
N ALA A 113 9.30 40.24 15.89
CA ALA A 113 10.05 40.93 14.85
C ALA A 113 9.31 42.17 14.39
N ARG A 114 7.98 42.09 14.31
CA ARG A 114 7.24 43.24 13.83
C ARG A 114 6.99 44.28 14.91
N ARG A 115 6.89 43.88 16.18
CA ARG A 115 6.73 44.86 17.25
C ARG A 115 8.03 45.58 17.57
N ILE A 116 9.15 44.91 17.36
CA ILE A 116 10.44 45.57 17.57
C ILE A 116 10.57 46.78 16.66
N VAL A 117 10.34 46.60 15.37
CA VAL A 117 10.57 47.70 14.42
C VAL A 117 9.51 48.78 14.55
N GLN A 118 8.29 48.42 14.97
CA GLN A 118 7.26 49.41 15.26
C GLN A 118 7.57 50.24 16.51
N ASN A 119 8.53 49.80 17.32
CA ASN A 119 8.78 50.41 18.62
C ASN A 119 10.26 50.72 18.84
N SER A 120 11.05 50.94 17.80
CA SER A 120 12.47 51.16 18.03
C SER A 120 13.07 52.07 16.96
N ASN A 121 14.02 52.90 17.41
CA ASN A 121 14.79 53.79 16.56
C ASN A 121 16.27 53.62 16.85
N GLY A 122 17.10 54.05 15.90
CA GLY A 122 18.55 53.99 16.07
C GLY A 122 19.13 52.61 15.95
N TYR A 123 20.09 52.28 16.82
CA TYR A 123 20.83 51.02 16.77
C TYR A 123 20.42 50.10 17.92
N LYS A 124 20.13 48.84 17.58
CA LYS A 124 19.73 47.81 18.52
C LYS A 124 20.17 46.45 17.97
N ILE A 125 20.29 45.49 18.88
CA ILE A 125 20.76 44.14 18.54
C ILE A 125 19.59 43.24 18.88
N VAL A 126 19.08 42.51 17.89
CA VAL A 126 17.97 41.59 18.09
C VAL A 126 18.60 40.20 18.09
N THR A 127 18.44 39.46 19.19
CA THR A 127 19.03 38.13 19.30
C THR A 127 17.94 37.08 19.34
N GLU A 128 18.09 36.05 18.51
CA GLU A 128 17.17 34.92 18.46
C GLU A 128 17.69 33.85 19.40
N LYS A 129 17.03 33.70 20.56
CA LYS A 129 17.34 32.61 21.49
C LYS A 129 16.36 31.45 21.35
N SER A 130 15.13 31.72 20.96
CA SER A 130 14.19 30.68 20.59
C SER A 130 14.83 29.68 19.65
N THR A 131 14.42 28.41 19.79
CA THR A 131 14.87 27.34 18.90
C THR A 131 14.07 27.45 17.60
N VAL A 132 14.72 27.92 16.54
CA VAL A 132 14.10 28.19 15.25
C VAL A 132 14.54 27.13 14.24
N PRO A 133 13.93 27.08 13.05
CA PRO A 133 14.53 26.34 11.96
C PRO A 133 15.72 27.08 11.38
N VAL A 134 16.51 26.36 10.57
CA VAL A 134 17.64 26.94 9.85
C VAL A 134 17.14 27.99 8.87
N ARG A 135 17.81 29.14 8.84
CA ARG A 135 17.57 30.32 8.00
C ARG A 135 16.38 31.15 8.49
N ALA A 136 15.86 30.90 9.70
CA ALA A 136 14.80 31.75 10.22
C ALA A 136 15.33 33.14 10.53
N ALA A 137 16.61 33.27 10.85
CA ALA A 137 17.19 34.59 11.07
C ALA A 137 17.29 35.39 9.78
N GLU A 138 17.25 34.73 8.61
CA GLU A 138 17.14 35.46 7.36
C GLU A 138 15.76 36.13 7.25
N SER A 139 14.75 35.53 7.86
CA SER A 139 13.40 36.08 7.78
C SER A 139 13.27 37.37 8.57
N ILE A 140 13.85 37.41 9.78
CA ILE A 140 13.85 38.66 10.54
C ILE A 140 14.65 39.72 9.81
N ARG A 141 15.74 39.32 9.17
CA ARG A 141 16.53 40.27 8.39
C ARG A 141 15.73 40.87 7.24
N ARG A 142 14.97 40.04 6.52
CA ARG A 142 14.15 40.56 5.42
C ARG A 142 13.12 41.55 5.94
N ILE A 143 12.49 41.24 7.08
CA ILE A 143 11.53 42.14 7.69
C ILE A 143 12.17 43.48 8.01
N PHE A 144 13.34 43.45 8.65
CA PHE A 144 13.99 44.69 9.06
C PHE A 144 14.50 45.48 7.87
N ASP A 145 15.02 44.81 6.84
CA ASP A 145 15.46 45.53 5.66
C ASP A 145 14.31 46.05 4.81
N ALA A 146 13.06 45.70 5.14
CA ALA A 146 11.91 46.14 4.39
C ALA A 146 11.29 47.42 4.97
N ASN A 147 10.96 47.41 6.26
CA ASN A 147 10.31 48.56 6.90
C ASN A 147 11.35 49.45 7.58
N THR A 148 12.29 49.90 6.77
CA THR A 148 13.42 50.70 7.25
C THR A 148 13.02 52.14 7.54
N ASN A 153 18.82 51.15 12.43
CA ASN A 153 19.65 50.08 11.88
C ASN A 153 19.79 48.91 12.86
N LEU A 154 19.18 47.77 12.51
CA LEU A 154 19.09 46.62 13.40
C LEU A 154 19.92 45.46 12.88
N GLN A 155 20.57 44.75 13.80
CA GLN A 155 21.33 43.55 13.49
C GLN A 155 20.64 42.33 14.09
N VAL A 156 20.78 41.18 13.42
CA VAL A 156 20.15 39.94 13.84
C VAL A 156 21.22 38.91 14.15
N LEU A 157 21.13 38.32 15.34
CA LEU A 157 22.07 37.34 15.85
C LEU A 157 21.31 36.10 16.29
N SER A 158 22.04 34.99 16.39
CA SER A 158 21.53 33.74 16.95
C SER A 158 22.31 33.43 18.21
N ASN A 159 21.61 33.16 19.30
CA ASN A 159 22.24 32.76 20.56
C ASN A 159 21.31 31.74 21.19
N PRO A 160 21.33 30.51 20.71
CA PRO A 160 20.45 29.49 21.29
C PRO A 160 20.80 29.26 22.74
N GLU A 161 19.87 28.66 23.47
CA GLU A 161 20.08 28.31 24.86
C GLU A 161 20.27 26.80 24.98
N PHE A 162 21.09 26.39 25.94
CA PHE A 162 21.32 24.99 26.21
C PHE A 162 20.90 24.58 27.61
N LEU A 163 20.28 25.48 28.37
CA LEU A 163 19.82 25.12 29.70
C LEU A 163 18.79 24.01 29.61
N ALA A 164 18.92 23.03 30.48
CA ALA A 164 17.85 22.04 30.67
C ALA A 164 17.11 22.37 31.95
N GLU A 165 15.79 22.31 31.89
CA GLU A 165 14.95 22.62 33.04
C GLU A 165 15.27 21.71 34.21
N GLY A 166 15.16 22.25 35.43
CA GLY A 166 15.58 21.57 36.64
C GLY A 166 17.01 21.85 37.04
N THR A 167 17.91 22.03 36.05
CA THR A 167 19.30 22.41 36.31
C THR A 167 19.64 23.74 35.63
N ALA A 168 18.61 24.55 35.38
CA ALA A 168 18.78 25.76 34.57
C ALA A 168 19.76 26.74 35.19
N ILE A 169 19.81 26.85 36.52
CA ILE A 169 20.66 27.88 37.10
C ILE A 169 22.13 27.48 37.01
N LYS A 170 22.46 26.27 37.47
CA LYS A 170 23.82 25.76 37.33
C LYS A 170 24.30 25.79 35.88
N ASP A 171 23.43 25.40 34.95
CA ASP A 171 23.80 25.39 33.53
C ASP A 171 24.00 26.80 33.00
N LEU A 172 23.27 27.79 33.52
CA LEU A 172 23.46 29.15 33.03
C LEU A 172 24.69 29.82 33.64
N LYS A 173 25.05 29.46 34.88
CA LYS A 173 26.25 30.01 35.51
C LYS A 173 27.52 29.36 34.97
N ASN A 174 27.47 28.06 34.66
CA ASN A 174 28.65 27.29 34.26
C ASN A 174 28.44 26.57 32.93
N PRO A 175 28.09 27.31 31.87
CA PRO A 175 27.72 26.64 30.62
C PRO A 175 28.89 25.87 30.02
N ASP A 176 28.56 24.73 29.40
CA ASP A 176 29.53 24.01 28.59
C ASP A 176 30.09 24.91 27.50
N ARG A 177 29.21 25.64 26.81
CA ARG A 177 29.62 26.61 25.82
C ARG A 177 28.46 27.58 25.61
N VAL A 178 28.78 28.71 25.01
CA VAL A 178 27.80 29.68 24.57
C VAL A 178 27.93 29.73 23.06
N LEU A 179 26.82 29.76 22.36
CA LEU A 179 26.82 29.79 20.91
C LEU A 179 26.26 31.12 20.47
N ILE A 180 27.07 31.90 19.77
CA ILE A 180 26.61 33.15 19.20
C ILE A 180 26.84 33.09 17.69
N GLY A 181 25.77 33.25 16.94
CA GLY A 181 25.83 33.23 15.49
C GLY A 181 25.36 34.55 14.91
N GLY A 182 26.07 35.02 13.89
CA GLY A 182 25.74 36.30 13.33
C GLY A 182 26.22 36.39 11.90
N ASP A 183 25.98 37.57 11.32
CA ASP A 183 26.42 37.85 9.96
C ASP A 183 27.94 37.75 9.85
N GLU A 184 28.41 37.32 8.69
CA GLU A 184 29.84 37.25 8.42
C GLU A 184 30.38 38.58 7.90
N THR A 185 29.65 39.68 8.12
CA THR A 185 29.91 41.02 7.60
C THR A 185 30.74 41.84 8.59
N PRO A 186 31.11 43.08 8.25
CA PRO A 186 31.59 44.00 9.29
C PRO A 186 30.54 44.31 10.35
N GLU A 187 29.35 44.77 9.94
CA GLU A 187 28.30 45.11 10.88
C GLU A 187 27.95 43.94 11.79
N GLY A 188 27.97 42.72 11.24
CA GLY A 188 27.61 41.56 12.03
C GLY A 188 28.63 41.20 13.08
N GLN A 189 29.91 41.20 12.72
CA GLN A 189 30.95 40.77 13.67
C GLN A 189 31.15 41.76 14.80
N ARG A 190 30.79 43.02 14.60
CA ARG A 190 30.76 43.95 15.73
C ARG A 190 29.62 43.59 16.68
N ALA A 191 28.45 43.24 16.14
CA ALA A 191 27.33 42.88 17.01
C ALA A 191 27.58 41.59 17.78
N VAL A 192 28.30 40.63 17.18
CA VAL A 192 28.60 39.37 17.88
C VAL A 192 29.54 39.62 19.05
N GLN A 193 30.66 40.31 18.80
CA GLN A 193 31.59 40.58 19.89
C GLN A 193 30.96 41.45 20.97
N ALA A 194 29.89 42.18 20.64
CA ALA A 194 29.17 42.92 21.68
C ALA A 194 28.43 41.97 22.61
N LEU A 195 27.77 40.95 22.05
CA LEU A 195 27.09 39.98 22.90
C LEU A 195 28.11 39.15 23.67
N CYS A 196 29.26 38.82 23.05
CA CYS A 196 30.31 38.15 23.79
C CYS A 196 30.65 38.90 25.06
N ALA A 197 30.79 40.23 24.96
CA ALA A 197 31.11 41.06 26.11
C ALA A 197 30.13 40.82 27.25
N VAL A 198 28.83 40.77 26.97
CA VAL A 198 27.86 40.48 28.01
C VAL A 198 28.19 39.15 28.67
N TYR A 199 28.31 38.08 27.88
CA TYR A 199 28.64 36.79 28.46
C TYR A 199 30.04 36.77 29.09
N GLU A 200 31.00 37.49 28.51
CA GLU A 200 32.36 37.40 29.06
C GLU A 200 32.46 37.90 30.49
N HIS A 201 31.43 38.58 31.03
CA HIS A 201 31.42 38.91 32.45
C HIS A 201 31.53 37.67 33.33
N TRP A 202 31.07 36.52 32.85
CA TRP A 202 31.07 35.31 33.67
C TRP A 202 31.33 34.00 32.92
N VAL A 203 31.41 33.99 31.59
CA VAL A 203 31.80 32.80 30.84
C VAL A 203 33.21 33.04 30.30
N PRO A 204 34.12 32.09 30.44
CA PRO A 204 35.44 32.20 29.83
C PRO A 204 35.35 32.26 28.30
N ARG A 205 36.38 32.85 27.69
CA ARG A 205 36.36 33.06 26.24
C ARG A 205 36.56 31.76 25.47
N GLU A 206 37.28 30.79 26.04
CA GLU A 206 37.41 29.50 25.35
C GLU A 206 36.07 28.81 25.19
N LYS A 207 35.14 29.06 26.11
CA LYS A 207 33.82 28.44 26.07
C LYS A 207 32.77 29.34 25.42
N ILE A 208 33.18 30.30 24.59
CA ILE A 208 32.25 31.06 23.75
C ILE A 208 32.57 30.76 22.30
N LEU A 209 31.60 30.18 21.60
CA LEU A 209 31.76 29.69 20.24
C LEU A 209 30.99 30.60 19.30
N THR A 210 31.67 31.09 18.26
CA THR A 210 31.08 31.99 17.27
C THR A 210 31.04 31.30 15.92
N THR A 211 29.89 31.37 15.25
CA THR A 211 29.75 30.90 13.88
C THR A 211 28.76 31.81 13.16
N ASN A 212 28.33 31.38 11.98
CA ASN A 212 27.36 32.15 11.23
C ASN A 212 25.95 31.77 11.67
N THR A 213 24.99 32.54 11.16
CA THR A 213 23.61 32.44 11.65
C THR A 213 23.04 31.05 11.41
N TRP A 214 23.25 30.50 10.21
CA TRP A 214 22.65 29.20 9.89
C TRP A 214 23.31 28.09 10.68
N SER A 215 24.65 28.08 10.75
CA SER A 215 25.35 27.05 11.52
C SER A 215 24.92 27.04 12.98
N SER A 216 24.58 28.20 13.53
CA SER A 216 24.12 28.25 14.91
C SER A 216 22.69 27.69 15.05
N GLU A 217 21.75 28.25 14.28
CA GLU A 217 20.38 27.75 14.30
C GLU A 217 20.34 26.24 14.14
N LEU A 218 21.22 25.69 13.34
CA LEU A 218 21.21 24.26 13.08
C LEU A 218 21.95 23.47 14.14
N SER A 219 22.92 24.10 14.83
CA SER A 219 23.61 23.40 15.90
C SER A 219 22.67 23.08 17.06
N LYS A 220 21.74 23.99 17.35
CA LYS A 220 20.81 23.76 18.45
C LYS A 220 19.94 22.54 18.19
N LEU A 221 19.36 22.44 16.98
CA LEU A 221 18.55 21.28 16.64
C LEU A 221 19.37 20.01 16.67
N ALA A 222 20.53 20.06 16.04
CA ALA A 222 21.38 18.87 15.96
C ALA A 222 21.74 18.37 17.35
N ALA A 223 22.08 19.30 18.26
CA ALA A 223 22.43 18.89 19.60
C ALA A 223 21.26 18.21 20.28
N ASN A 224 20.06 18.79 20.17
CA ASN A 224 18.90 18.15 20.77
C ASN A 224 18.59 16.81 20.12
N LEU A 225 18.88 16.65 18.82
CA LEU A 225 18.70 15.34 18.21
C LEU A 225 19.62 14.32 18.85
N PHE A 226 20.93 14.60 18.89
CA PHE A 226 21.86 13.68 19.53
C PHE A 226 21.44 13.31 20.96
N LEU A 227 21.02 14.30 21.75
CA LEU A 227 20.57 14.02 23.11
C LEU A 227 19.38 13.08 23.10
N ALA A 228 18.32 13.45 22.39
CA ALA A 228 17.12 12.62 22.32
C ALA A 228 17.43 11.24 21.75
N GLN A 229 18.32 11.18 20.75
CA GLN A 229 18.67 9.91 20.15
C GLN A 229 19.28 8.95 21.16
N ARG A 230 20.18 9.46 22.01
CA ARG A 230 20.72 8.65 23.08
C ARG A 230 19.62 7.97 23.91
N ILE A 231 18.68 8.77 24.44
CA ILE A 231 17.62 8.21 25.28
C ILE A 231 16.90 7.10 24.57
N SER A 232 16.28 7.42 23.41
CA SER A 232 15.65 6.40 22.57
C SER A 232 16.59 5.23 22.33
N SER A 233 17.84 5.52 21.99
CA SER A 233 18.76 4.42 21.78
C SER A 233 18.87 3.53 23.01
N ILE A 234 19.10 4.11 24.19
CA ILE A 234 19.17 3.27 25.39
C ILE A 234 17.79 2.72 25.74
N ASN A 235 16.72 3.43 25.38
CA ASN A 235 15.39 2.89 25.62
C ASN A 235 15.14 1.65 24.77
N SER A 236 15.55 1.68 23.51
CA SER A 236 15.42 0.50 22.66
C SER A 236 16.17 -0.69 23.25
N ILE A 237 17.35 -0.43 23.82
CA ILE A 237 18.10 -1.50 24.44
C ILE A 237 17.33 -2.10 25.62
N SER A 238 16.54 -1.29 26.32
CA SER A 238 15.79 -1.81 27.47
C SER A 238 14.78 -2.87 27.05
N ALA A 239 14.10 -2.66 25.93
CA ALA A 239 13.23 -3.71 25.39
C ALA A 239 14.04 -4.94 24.97
N LEU A 240 15.23 -4.73 24.39
CA LEU A 240 16.13 -5.85 24.11
C LEU A 240 16.48 -6.60 25.40
N CYS A 241 16.79 -5.86 26.46
CA CYS A 241 17.11 -6.50 27.73
C CYS A 241 15.95 -7.34 28.23
N GLU A 242 14.75 -6.77 28.22
CA GLU A 242 13.59 -7.47 28.76
C GLU A 242 13.41 -8.83 28.09
N ALA A 243 13.76 -8.94 26.82
CA ALA A 243 13.58 -10.21 26.11
C ALA A 243 14.76 -11.16 26.25
N THR A 244 15.93 -10.70 26.69
CA THR A 244 17.07 -11.58 26.86
C THR A 244 17.58 -11.69 28.30
N GLY A 245 16.86 -11.14 29.28
CA GLY A 245 17.25 -11.28 30.67
C GLY A 245 18.49 -10.50 31.07
N ALA A 246 19.13 -9.80 30.14
CA ALA A 246 20.17 -8.82 30.43
C ALA A 246 19.59 -7.69 31.26
N ASP A 247 20.42 -6.74 31.69
CA ASP A 247 19.90 -5.62 32.47
C ASP A 247 20.35 -4.29 31.87
N VAL A 248 19.39 -3.41 31.64
CA VAL A 248 19.65 -2.19 30.90
C VAL A 248 20.63 -1.29 31.65
N GLU A 249 20.65 -1.35 32.99
CA GLU A 249 21.58 -0.49 33.73
C GLU A 249 23.01 -0.98 33.61
N GLU A 250 23.22 -2.30 33.70
CA GLU A 250 24.54 -2.86 33.47
C GLU A 250 25.02 -2.55 32.05
N VAL A 251 24.15 -2.80 31.06
CA VAL A 251 24.51 -2.53 29.67
C VAL A 251 24.81 -1.05 29.48
N ALA A 252 23.99 -0.19 30.08
CA ALA A 252 24.23 1.25 29.96
C ALA A 252 25.54 1.63 30.64
N THR A 253 25.76 1.14 31.87
CA THR A 253 27.02 1.43 32.55
C THR A 253 28.21 0.99 31.69
N ALA A 254 28.11 -0.21 31.12
CA ALA A 254 29.16 -0.73 30.25
C ALA A 254 29.41 0.20 29.08
N ILE A 255 28.37 0.47 28.31
CA ILE A 255 28.46 1.36 27.15
C ILE A 255 29.15 2.65 27.54
N GLY A 256 28.73 3.24 28.64
CA GLY A 256 29.20 4.54 29.04
C GLY A 256 30.60 4.58 29.58
N MET A 257 31.28 3.46 29.75
CA MET A 257 32.66 3.58 30.22
C MET A 257 33.61 3.89 29.07
N ASP A 258 33.29 3.39 27.88
CA ASP A 258 33.90 3.87 26.65
C ASP A 258 33.84 5.39 26.57
N GLN A 259 34.98 6.06 26.73
CA GLN A 259 35.01 7.52 26.80
C GLN A 259 34.41 8.18 25.56
N ARG A 260 34.54 7.54 24.40
CA ARG A 260 34.04 8.17 23.19
C ARG A 260 32.53 8.22 23.16
N ILE A 261 31.85 7.47 24.03
CA ILE A 261 30.40 7.44 24.07
C ILE A 261 29.91 8.43 25.14
N GLY A 262 30.70 8.59 26.19
CA GLY A 262 30.24 9.31 27.34
C GLY A 262 29.30 8.46 28.19
N ASN A 263 29.15 8.88 29.45
CA ASN A 263 28.36 8.10 30.39
C ASN A 263 27.02 8.75 30.66
N LYS A 264 26.73 9.88 30.02
CA LYS A 264 25.53 10.64 30.29
C LYS A 264 24.40 10.26 29.35
N PHE A 265 23.18 10.58 29.79
CA PHE A 265 21.97 10.42 29.00
C PHE A 265 21.77 8.99 28.54
N LEU A 266 22.02 8.05 29.45
CA LEU A 266 21.92 6.64 29.18
C LEU A 266 21.01 5.96 30.20
N LYS A 267 20.09 6.71 30.79
CA LYS A 267 19.17 6.20 31.79
C LYS A 267 17.86 5.86 31.12
N ALA A 268 17.59 4.57 30.97
CA ALA A 268 16.32 4.12 30.42
C ALA A 268 15.16 4.74 31.19
N SER A 269 13.99 4.77 30.57
CA SER A 269 12.86 5.47 31.13
C SER A 269 11.62 5.11 30.33
N VAL A 270 10.46 5.47 30.89
CA VAL A 270 9.19 5.28 30.20
C VAL A 270 9.11 6.12 28.94
N GLY A 271 9.93 7.15 28.81
CA GLY A 271 9.93 7.94 27.61
C GLY A 271 10.32 9.38 27.87
N PHE A 272 11.12 9.97 26.99
CA PHE A 272 11.51 11.35 27.20
C PHE A 272 10.32 12.28 27.02
N GLY A 273 10.27 13.33 27.82
CA GLY A 273 9.25 14.34 27.70
C GLY A 273 9.87 15.72 27.59
N GLY A 274 9.10 16.74 27.96
CA GLY A 274 9.61 18.09 27.98
C GLY A 274 9.23 18.86 26.74
N SER A 275 9.34 20.18 26.85
CA SER A 275 8.75 21.06 25.84
C SER A 275 9.38 20.88 24.46
N CYS A 276 10.64 20.47 24.39
CA CYS A 276 11.42 20.68 23.17
C CYS A 276 11.78 19.45 22.35
N PHE A 277 12.38 18.39 22.93
CA PHE A 277 12.89 17.28 22.12
C PHE A 277 11.95 16.88 20.98
N GLN A 278 10.74 16.42 21.32
CA GLN A 278 9.87 15.90 20.26
C GLN A 278 9.53 16.96 19.22
N LYS A 279 9.30 18.21 19.65
CA LYS A 279 8.94 19.25 18.69
C LYS A 279 10.14 19.59 17.81
N ASP A 280 11.33 19.57 18.38
CA ASP A 280 12.54 19.84 17.60
C ASP A 280 12.83 18.72 16.61
N VAL A 281 12.66 17.47 17.02
CA VAL A 281 12.84 16.37 16.07
C VAL A 281 11.83 16.50 14.94
N LEU A 282 10.56 16.65 15.29
CA LEU A 282 9.52 16.85 14.28
C LEU A 282 9.85 18.02 13.38
N ASN A 283 10.28 19.14 13.98
CA ASN A 283 10.71 20.30 13.21
C ASN A 283 11.75 19.91 12.17
N LEU A 284 12.81 19.24 12.60
CA LEU A 284 13.87 18.89 11.67
C LEU A 284 13.38 17.95 10.59
N VAL A 285 12.53 16.99 10.95
CA VAL A 285 11.98 16.11 9.92
C VAL A 285 11.19 16.92 8.90
N TYR A 286 10.36 17.85 9.37
CA TYR A 286 9.55 18.61 8.44
C TYR A 286 10.42 19.53 7.60
N LEU A 287 11.52 20.01 8.17
CA LEU A 287 12.50 20.72 7.37
C LEU A 287 13.01 19.83 6.24
N CYS A 288 13.20 18.55 6.52
CA CYS A 288 13.89 17.68 5.57
C CYS A 288 13.03 17.39 4.36
N GLU A 289 11.71 17.42 4.53
CA GLU A 289 10.83 17.13 3.41
C GLU A 289 10.90 18.24 2.38
N ALA A 290 10.89 19.50 2.83
CA ALA A 290 10.95 20.63 1.92
C ALA A 290 12.28 20.67 1.18
N LEU A 291 13.35 20.23 1.84
CA LEU A 291 14.68 20.19 1.26
C LEU A 291 14.97 18.92 0.45
N ASN A 292 13.97 18.06 0.27
CA ASN A 292 14.10 16.84 -0.55
C ASN A 292 15.15 15.90 0.03
N LEU A 293 14.99 15.58 1.32
CA LEU A 293 15.98 14.80 2.08
C LEU A 293 15.30 13.72 2.91
N PRO A 294 14.57 12.80 2.27
CA PRO A 294 13.69 11.90 3.05
C PRO A 294 14.44 10.89 3.89
N GLU A 295 15.68 10.55 3.53
CA GLU A 295 16.47 9.64 4.36
C GLU A 295 16.81 10.27 5.70
N VAL A 296 17.39 11.48 5.68
CA VAL A 296 17.57 12.24 6.90
C VAL A 296 16.25 12.37 7.64
N ALA A 297 15.16 12.59 6.91
CA ALA A 297 13.86 12.76 7.54
C ALA A 297 13.44 11.51 8.27
N ARG A 298 13.48 10.35 7.61
CA ARG A 298 13.05 9.13 8.25
C ARG A 298 14.11 8.55 9.16
N TYR A 299 15.36 9.00 9.06
CA TYR A 299 16.37 8.61 10.05
C TYR A 299 16.01 9.16 11.42
N TRP A 300 15.95 10.49 11.55
CA TRP A 300 15.65 11.10 12.84
C TRP A 300 14.23 10.81 13.30
N GLN A 301 13.31 10.43 12.39
CA GLN A 301 11.95 10.12 12.82
C GLN A 301 11.92 8.92 13.78
N GLN A 302 12.84 7.97 13.59
CA GLN A 302 13.00 6.86 14.54
C GLN A 302 13.24 7.31 15.98
N VAL A 303 13.72 8.54 16.21
CA VAL A 303 13.89 8.95 17.59
C VAL A 303 12.54 9.14 18.26
N ILE A 304 11.54 9.59 17.49
CA ILE A 304 10.19 9.79 17.99
C ILE A 304 9.42 8.46 18.06
N ASP A 305 9.49 7.65 17.00
CA ASP A 305 8.79 6.36 17.01
C ASP A 305 9.19 5.53 18.21
N MET A 306 10.48 5.49 18.54
CA MET A 306 10.93 4.66 19.65
C MET A 306 10.35 5.19 20.95
N ASN A 307 10.39 6.51 21.11
CA ASN A 307 9.81 7.13 22.30
C ASN A 307 8.36 6.72 22.44
N ASP A 308 7.59 6.85 21.35
CA ASP A 308 6.17 6.51 21.39
C ASP A 308 5.98 5.03 21.69
N TYR A 309 6.77 4.17 21.03
CA TYR A 309 6.83 2.75 21.35
C TYR A 309 7.06 2.52 22.84
N GLN A 310 8.14 3.09 23.38
CA GLN A 310 8.52 2.87 24.76
C GLN A 310 7.37 3.15 25.70
N ARG A 311 6.68 4.28 25.48
CA ARG A 311 5.53 4.63 26.31
C ARG A 311 4.42 3.61 26.14
N ARG A 312 4.08 3.29 24.89
CA ARG A 312 2.98 2.36 24.64
C ARG A 312 3.29 0.98 25.22
N ARG A 313 4.45 0.43 24.86
CA ARG A 313 4.95 -0.82 25.45
C ARG A 313 4.78 -0.84 26.96
N PHE A 314 5.15 0.26 27.63
CA PHE A 314 5.03 0.36 29.08
C PHE A 314 3.56 0.44 29.51
N ALA A 315 2.76 1.24 28.81
CA ALA A 315 1.34 1.30 29.15
C ALA A 315 0.69 -0.06 28.98
N SER A 316 1.07 -0.81 27.98
CA SER A 316 0.51 -2.10 27.82
C SER A 316 1.03 -3.04 28.84
N ARG A 317 2.13 -2.73 29.45
CA ARG A 317 2.72 -3.58 30.45
C ARG A 317 1.81 -3.65 31.59
N ILE A 318 1.30 -2.52 31.95
CA ILE A 318 0.42 -2.40 33.04
C ILE A 318 -0.89 -3.06 32.78
N ILE A 319 -1.52 -2.78 31.67
CA ILE A 319 -2.83 -3.37 31.45
C ILE A 319 -2.72 -4.89 31.35
N ASP A 320 -1.74 -5.40 30.59
CA ASP A 320 -1.62 -6.86 30.45
C ASP A 320 -1.46 -7.52 31.81
N SER A 321 -0.59 -6.97 32.66
CA SER A 321 -0.27 -7.61 33.94
C SER A 321 -1.48 -7.62 34.87
N LEU A 322 -2.33 -6.60 34.80
CA LEU A 322 -3.53 -6.57 35.62
C LEU A 322 -4.64 -7.46 35.06
N PHE A 323 -4.27 -8.67 34.64
CA PHE A 323 -5.17 -9.68 34.07
C PHE A 323 -6.00 -9.09 32.94
N ASN A 324 -5.38 -8.19 32.19
CA ASN A 324 -5.76 -7.70 30.86
C ASN A 324 -6.88 -6.68 30.94
N THR A 325 -7.38 -6.34 32.13
CA THR A 325 -8.47 -5.40 32.27
C THR A 325 -8.20 -4.47 33.46
N VAL A 326 -8.52 -3.19 33.28
CA VAL A 326 -8.19 -2.15 34.26
C VAL A 326 -9.40 -1.26 34.49
N THR A 327 -10.49 -1.54 33.79
CA THR A 327 -11.73 -0.79 33.97
C THR A 327 -12.17 -0.80 35.43
N ASP A 328 -12.44 0.39 35.95
CA ASP A 328 -12.93 0.61 37.31
C ASP A 328 -11.91 0.28 38.38
N LYS A 329 -10.65 0.04 38.02
CA LYS A 329 -9.59 -0.26 38.98
C LYS A 329 -8.82 1.00 39.37
N LYS A 330 -8.59 1.18 40.66
CA LYS A 330 -7.81 2.30 41.14
C LYS A 330 -6.32 2.05 40.93
N ILE A 331 -5.65 2.98 40.23
CA ILE A 331 -4.21 2.92 40.01
C ILE A 331 -3.61 4.23 40.45
N ALA A 332 -2.44 4.18 41.06
CA ALA A 332 -1.77 5.37 41.52
C ALA A 332 -0.69 5.77 40.52
N ILE A 333 -0.65 7.04 40.18
CA ILE A 333 0.38 7.59 39.32
C ILE A 333 1.25 8.49 40.18
N LEU A 334 2.46 8.03 40.51
CA LEU A 334 3.43 8.85 41.25
C LEU A 334 4.40 9.51 40.26
N GLY A 335 4.26 10.83 40.10
CA GLY A 335 5.10 11.58 39.18
C GLY A 335 4.37 12.03 37.93
N PHE A 336 4.03 13.33 37.87
CA PHE A 336 3.40 13.90 36.70
C PHE A 336 4.29 14.91 35.97
N ALA A 337 5.30 15.47 36.63
CA ALA A 337 6.23 16.31 35.91
C ALA A 337 7.02 15.48 34.91
N PHE A 338 7.55 16.15 33.87
CA PHE A 338 8.24 15.38 32.83
C PHE A 338 9.64 14.94 33.24
N LYS A 339 10.25 15.60 34.23
CA LYS A 339 11.48 15.13 34.84
C LYS A 339 11.45 15.60 36.29
N LYS A 340 12.49 15.26 37.06
CA LYS A 340 12.48 15.66 38.46
C LYS A 340 12.99 17.10 38.60
N ASP A 341 12.70 17.69 39.75
CA ASP A 341 13.15 19.05 40.11
C ASP A 341 12.61 20.10 39.13
N THR A 342 11.37 19.91 38.67
CA THR A 342 10.65 20.96 37.96
C THR A 342 9.15 20.69 38.11
N GLY A 343 8.34 21.68 37.73
CA GLY A 343 6.90 21.54 37.75
C GLY A 343 6.31 21.60 36.36
N ASP A 344 7.21 21.63 35.38
CA ASP A 344 6.79 21.62 34.00
C ASP A 344 6.26 20.22 33.65
N THR A 345 5.08 20.19 33.03
CA THR A 345 4.46 18.95 32.60
C THR A 345 4.35 18.89 31.09
N ARG A 346 5.08 19.73 30.37
CA ARG A 346 4.98 19.70 28.91
C ARG A 346 5.50 18.37 28.40
N GLU A 347 4.64 17.66 27.66
CA GLU A 347 4.98 16.41 27.03
C GLU A 347 5.47 15.37 28.03
N SER A 348 5.08 15.50 29.30
CA SER A 348 5.43 14.51 30.30
C SER A 348 4.86 13.15 29.93
N SER A 349 5.69 12.10 30.03
CA SER A 349 5.20 10.76 29.74
C SER A 349 4.02 10.37 30.62
N SER A 350 3.89 11.04 31.78
CA SER A 350 2.79 10.79 32.69
C SER A 350 1.46 11.10 32.02
N ILE A 351 1.41 12.13 31.19
CA ILE A 351 0.20 12.40 30.44
C ILE A 351 -0.14 11.19 29.57
N TYR A 352 0.86 10.65 28.88
CA TYR A 352 0.58 9.60 27.91
C TYR A 352 0.22 8.28 28.58
N ILE A 353 0.84 7.95 29.71
CA ILE A 353 0.44 6.75 30.43
C ILE A 353 -0.95 6.94 31.02
N SER A 354 -1.19 8.09 31.67
CA SER A 354 -2.51 8.38 32.22
C SER A 354 -3.58 8.27 31.16
N LYS A 355 -3.37 8.91 30.00
CA LYS A 355 -4.38 8.88 28.96
C LYS A 355 -4.61 7.46 28.46
N TYR A 356 -3.55 6.68 28.29
CA TYR A 356 -3.74 5.26 28.00
C TYR A 356 -4.56 4.59 29.09
N LEU A 357 -4.19 4.80 30.36
CA LEU A 357 -4.94 4.12 31.41
C LEU A 357 -6.38 4.61 31.48
N MET A 358 -6.60 5.90 31.24
CA MET A 358 -7.97 6.42 31.20
C MET A 358 -8.80 5.78 30.10
N ASP A 359 -8.19 5.51 28.94
CA ASP A 359 -8.95 4.86 27.87
C ASP A 359 -9.44 3.48 28.27
N GLU A 360 -8.79 2.84 29.24
CA GLU A 360 -9.30 1.57 29.74
C GLU A 360 -10.37 1.75 30.80
N GLY A 361 -10.66 2.99 31.18
CA GLY A 361 -11.64 3.24 32.21
C GLY A 361 -11.10 3.16 33.62
N ALA A 362 -9.79 3.26 33.79
CA ALA A 362 -9.21 3.16 35.10
C ALA A 362 -9.42 4.45 35.85
N HIS A 363 -9.65 4.34 37.15
CA HIS A 363 -9.75 5.49 38.02
C HIS A 363 -8.35 5.81 38.51
N LEU A 364 -7.86 6.99 38.13
CA LEU A 364 -6.48 7.38 38.44
C LEU A 364 -6.44 8.30 39.65
N HIS A 365 -5.42 8.10 40.48
CA HIS A 365 -5.11 8.98 41.60
C HIS A 365 -3.65 9.39 41.44
N ILE A 366 -3.42 10.68 41.28
CA ILE A 366 -2.18 11.21 40.74
C ILE A 366 -1.57 12.13 41.77
N TYR A 367 -0.28 11.97 42.04
CA TYR A 367 0.45 12.79 43.00
C TYR A 367 1.76 13.28 42.40
N ASP A 368 2.12 14.52 42.72
CA ASP A 368 3.40 15.07 42.30
C ASP A 368 3.74 16.22 43.24
N PRO A 369 4.96 16.25 43.78
CA PRO A 369 5.30 17.32 44.73
C PRO A 369 5.21 18.72 44.15
N LYS A 370 5.69 18.97 42.94
CA LYS A 370 5.79 20.36 42.50
C LYS A 370 4.77 20.76 41.45
N VAL A 371 3.99 19.83 40.90
CA VAL A 371 3.04 20.15 39.82
C VAL A 371 1.73 20.56 40.46
N PRO A 372 1.19 21.75 40.12
CA PRO A 372 -0.09 22.19 40.72
C PRO A 372 -1.28 21.45 40.10
N ARG A 373 -2.30 21.20 40.93
CA ARG A 373 -3.38 20.30 40.51
C ARG A 373 -4.10 20.81 39.28
N GLU A 374 -4.26 22.13 39.13
CA GLU A 374 -4.99 22.64 37.97
C GLU A 374 -4.30 22.29 36.66
N GLN A 375 -2.98 22.12 36.68
CA GLN A 375 -2.24 21.76 35.47
C GLN A 375 -2.54 20.32 35.06
N ILE A 376 -2.56 19.40 36.03
CA ILE A 376 -2.87 18.01 35.73
C ILE A 376 -4.25 17.88 35.12
N VAL A 377 -5.26 18.44 35.81
CA VAL A 377 -6.62 18.46 35.28
C VAL A 377 -6.63 19.01 33.86
N VAL A 378 -5.89 20.09 33.64
CA VAL A 378 -5.87 20.68 32.31
C VAL A 378 -5.22 19.72 31.32
N ASP A 379 -4.07 19.15 31.71
CA ASP A 379 -3.30 18.30 30.81
C ASP A 379 -4.08 17.06 30.38
N LEU A 380 -4.95 16.56 31.25
CA LEU A 380 -5.68 15.33 31.01
C LEU A 380 -7.06 15.57 30.45
N SER A 381 -7.31 16.73 29.91
CA SER A 381 -8.63 16.97 29.41
C SER A 381 -8.66 17.67 28.09
N HIS A 382 -9.86 17.84 27.60
CA HIS A 382 -10.14 18.49 26.35
C HIS A 382 -11.52 18.12 25.84
N ASP A 389 -17.70 15.31 31.42
CA ASP A 389 -16.29 15.18 31.05
C ASP A 389 -15.74 13.79 31.45
N GLN A 390 -14.68 13.38 30.76
CA GLN A 390 -13.99 12.14 31.11
C GLN A 390 -13.16 12.29 32.37
N VAL A 391 -12.69 13.50 32.65
CA VAL A 391 -11.76 13.72 33.75
C VAL A 391 -12.46 13.67 35.10
N SER A 392 -13.65 14.27 35.19
CA SER A 392 -14.40 14.25 36.44
C SER A 392 -14.67 12.81 36.88
N ARG A 393 -15.03 11.96 35.92
CA ARG A 393 -15.34 10.58 36.26
C ARG A 393 -14.11 9.84 36.77
N LEU A 394 -12.99 9.96 36.06
CA LEU A 394 -11.90 9.00 36.18
C LEU A 394 -10.65 9.49 36.92
N VAL A 395 -10.46 10.80 37.12
CA VAL A 395 -9.19 11.34 37.60
C VAL A 395 -9.39 12.05 38.92
N THR A 396 -8.70 11.58 39.96
CA THR A 396 -8.59 12.28 41.23
C THR A 396 -7.14 12.73 41.40
N ILE A 397 -6.95 13.85 42.10
CA ILE A 397 -5.62 14.40 42.31
C ILE A 397 -5.33 14.43 43.81
N SER A 398 -4.30 13.69 44.21
CA SER A 398 -4.07 13.37 45.61
C SER A 398 -3.13 14.37 46.27
N LYS A 399 -3.43 14.69 47.54
CA LYS A 399 -2.64 15.64 48.31
C LYS A 399 -1.30 15.04 48.74
N ASP A 400 -1.26 13.75 49.09
CA ASP A 400 -0.05 13.06 49.46
C ASP A 400 -0.06 11.67 48.80
N PRO A 401 1.09 11.00 48.74
CA PRO A 401 1.12 9.73 47.96
C PRO A 401 0.29 8.61 48.60
N TYR A 402 0.35 8.45 49.91
CA TYR A 402 -0.30 7.30 50.53
C TYR A 402 -1.80 7.31 50.27
N GLU A 403 -2.37 8.50 50.10
CA GLU A 403 -3.75 8.64 49.67
C GLU A 403 -3.96 8.04 48.28
N ALA A 404 -3.01 8.27 47.38
CA ALA A 404 -3.16 7.79 46.02
C ALA A 404 -3.15 6.28 45.96
N CYS A 405 -2.36 5.64 46.81
CA CYS A 405 -2.21 4.19 46.77
C CYS A 405 -3.20 3.47 47.67
N ASP A 406 -4.02 4.19 48.43
CA ASP A 406 -4.98 3.55 49.30
C ASP A 406 -6.00 2.79 48.45
N GLY A 407 -6.03 1.47 48.58
CA GLY A 407 -6.95 0.67 47.80
C GLY A 407 -6.61 0.61 46.33
N ALA A 408 -5.35 0.78 45.99
CA ALA A 408 -4.89 0.76 44.60
C ALA A 408 -4.47 -0.64 44.19
N HIS A 409 -4.74 -0.96 42.92
CA HIS A 409 -4.27 -2.22 42.36
C HIS A 409 -2.82 -2.17 41.95
N ALA A 410 -2.27 -0.98 41.77
CA ALA A 410 -0.94 -0.86 41.19
C ALA A 410 -0.42 0.56 41.43
N VAL A 411 0.89 0.67 41.53
CA VAL A 411 1.57 1.94 41.72
C VAL A 411 2.45 2.17 40.50
N VAL A 412 2.25 3.29 39.83
CA VAL A 412 2.92 3.60 38.57
C VAL A 412 3.80 4.81 38.79
N ILE A 413 5.12 4.63 38.75
CA ILE A 413 6.07 5.71 38.91
C ILE A 413 6.49 6.22 37.54
N CYS A 414 6.19 7.49 37.25
CA CYS A 414 6.56 8.08 35.98
C CYS A 414 7.59 9.19 36.10
N THR A 415 7.97 9.58 37.31
CA THR A 415 8.97 10.63 37.45
C THR A 415 9.94 10.28 38.57
N GLU A 416 11.22 10.63 38.37
CA GLU A 416 12.30 10.23 39.26
C GLU A 416 12.48 11.15 40.46
N TRP A 417 11.39 11.70 40.98
CA TRP A 417 11.47 12.41 42.25
C TRP A 417 12.10 11.52 43.31
N ASP A 418 13.23 11.97 43.87
CA ASP A 418 14.04 11.14 44.75
C ASP A 418 13.25 10.55 45.92
N MET A 419 12.11 11.17 46.28
CA MET A 419 11.34 10.77 47.45
C MET A 419 10.58 9.47 47.28
N PHE A 420 10.51 8.92 46.06
CA PHE A 420 9.71 7.71 45.85
C PHE A 420 10.41 6.46 46.39
N LYS A 421 11.73 6.51 46.56
CA LYS A 421 12.42 5.51 47.37
C LYS A 421 12.00 5.60 48.83
N GLU A 422 11.92 6.83 49.36
CA GLU A 422 11.69 7.09 50.78
C GLU A 422 10.37 6.54 51.28
N LEU A 423 9.53 6.00 50.42
CA LEU A 423 8.21 5.59 50.84
C LEU A 423 8.27 4.29 51.65
N ASP A 424 7.21 4.08 52.45
CA ASP A 424 7.07 2.93 53.33
C ASP A 424 6.16 1.91 52.64
N TYR A 425 6.76 1.04 51.84
CA TYR A 425 5.96 0.11 51.04
C TYR A 425 5.39 -1.04 51.87
N GLU A 426 5.92 -1.27 53.08
CA GLU A 426 5.19 -2.05 54.07
C GLU A 426 3.80 -1.47 54.26
N ARG A 427 3.72 -0.17 54.52
CA ARG A 427 2.44 0.47 54.77
C ARG A 427 1.58 0.47 53.53
N ILE A 428 2.19 0.83 52.39
CA ILE A 428 1.47 0.86 51.11
C ILE A 428 0.89 -0.50 50.79
N HIS A 429 1.68 -1.56 50.98
CA HIS A 429 1.21 -2.89 50.65
C HIS A 429 0.02 -3.30 51.49
N LYS A 430 0.01 -2.92 52.77
CA LYS A 430 -1.09 -3.34 53.64
C LYS A 430 -2.43 -2.81 53.13
N LYS A 431 -2.45 -1.64 52.49
CA LYS A 431 -3.71 -1.03 52.09
C LYS A 431 -3.97 -1.05 50.57
N MET A 432 -3.18 -1.79 49.79
CA MET A 432 -3.50 -1.99 48.37
C MET A 432 -4.34 -3.24 48.19
N LEU A 433 -5.17 -3.24 47.14
CA LEU A 433 -5.86 -4.47 46.80
C LEU A 433 -4.86 -5.52 46.38
N LYS A 434 -5.28 -6.78 46.42
CA LYS A 434 -4.36 -7.88 46.07
C LYS A 434 -4.77 -8.66 44.80
N PRO A 435 -3.78 -9.12 44.03
CA PRO A 435 -2.35 -8.94 44.25
C PRO A 435 -1.88 -7.54 43.85
N ALA A 436 -0.79 -7.07 44.47
CA ALA A 436 -0.31 -5.72 44.27
C ALA A 436 0.87 -5.69 43.30
N PHE A 437 0.99 -4.58 42.60
CA PHE A 437 2.02 -4.36 41.60
C PHE A 437 2.61 -2.98 41.75
N ILE A 438 3.89 -2.87 41.45
CA ILE A 438 4.54 -1.59 41.27
C ILE A 438 5.17 -1.58 39.89
N PHE A 439 4.90 -0.55 39.12
CA PHE A 439 5.45 -0.39 37.78
C PHE A 439 6.39 0.80 37.80
N ASP A 440 7.68 0.51 37.70
CA ASP A 440 8.74 1.49 37.94
C ASP A 440 9.23 2.00 36.59
N GLY A 441 8.70 3.16 36.18
CA GLY A 441 9.07 3.76 34.92
C GLY A 441 10.35 4.55 34.91
N ARG A 442 11.08 4.63 36.03
CA ARG A 442 12.30 5.43 36.09
C ARG A 442 13.50 4.69 36.66
N ARG A 443 13.35 3.41 37.02
CA ARG A 443 14.40 2.62 37.67
C ARG A 443 14.81 3.16 39.02
N VAL A 444 13.98 3.99 39.65
CA VAL A 444 14.34 4.54 40.96
C VAL A 444 14.37 3.47 42.04
N LEU A 445 13.74 2.32 41.82
CA LEU A 445 13.61 1.30 42.85
C LEU A 445 14.63 0.18 42.72
N ASP A 446 15.66 0.32 41.90
CA ASP A 446 16.69 -0.71 41.82
C ASP A 446 17.24 -1.00 43.21
N GLY A 447 17.49 -2.27 43.48
CA GLY A 447 18.00 -2.66 44.78
C GLY A 447 16.91 -2.82 45.81
N LEU A 448 15.86 -1.99 45.71
CA LEU A 448 14.73 -2.11 46.61
C LEU A 448 13.82 -3.28 46.26
N HIS A 449 14.19 -4.09 45.26
CA HIS A 449 13.29 -5.13 44.78
C HIS A 449 13.03 -6.20 45.83
N ASN A 450 14.10 -6.85 46.30
CA ASN A 450 13.96 -7.99 47.20
C ASN A 450 13.03 -7.68 48.37
N GLU A 451 13.22 -6.51 49.00
CA GLU A 451 12.25 -5.98 49.95
C GLU A 451 10.84 -6.12 49.40
N LEU A 452 10.57 -5.44 48.28
CA LEU A 452 9.21 -5.44 47.73
C LEU A 452 8.76 -6.85 47.39
N GLN A 453 9.68 -7.69 46.91
CA GLN A 453 9.32 -9.06 46.60
C GLN A 453 8.86 -9.80 47.85
N THR A 454 9.65 -9.72 48.92
CA THR A 454 9.26 -10.36 50.17
C THR A 454 7.96 -9.78 50.70
N ILE A 455 7.81 -8.44 50.65
CA ILE A 455 6.58 -7.81 51.13
C ILE A 455 5.36 -8.34 50.39
N GLY A 456 5.60 -8.88 49.19
CA GLY A 456 4.54 -9.45 48.38
C GLY A 456 4.18 -8.63 47.16
N PHE A 457 4.82 -7.49 47.01
CA PHE A 457 4.60 -6.63 45.86
C PHE A 457 5.18 -7.33 44.64
N GLN A 458 4.54 -7.17 43.49
CA GLN A 458 5.08 -7.74 42.27
C GLN A 458 5.68 -6.51 41.63
N ILE A 459 6.99 -6.52 41.41
CA ILE A 459 7.64 -5.34 40.86
C ILE A 459 8.18 -5.52 39.45
N GLU A 460 7.72 -4.67 38.56
CA GLU A 460 8.13 -4.70 37.17
C GLU A 460 8.74 -3.35 36.81
N THR A 461 9.89 -3.38 36.15
CA THR A 461 10.51 -2.13 35.75
C THR A 461 11.05 -2.23 34.34
N ILE A 462 11.53 -1.09 33.86
CA ILE A 462 12.03 -0.95 32.50
C ILE A 462 13.40 -1.60 32.42
N GLY A 463 13.54 -2.61 31.56
CA GLY A 463 14.82 -3.23 31.31
C GLY A 463 15.14 -4.47 32.13
N LYS A 464 14.17 -5.03 32.85
CA LYS A 464 14.31 -6.29 33.55
C LYS A 464 13.30 -7.30 33.03
N LYS A 465 13.71 -8.55 32.87
CA LYS A 465 12.82 -9.60 32.39
C LYS A 465 11.62 -9.87 33.32
N ALA B 103 23.07 -11.02 9.25
CA ALA B 103 22.96 -11.99 10.31
C ALA B 103 24.25 -12.74 10.58
N ALA B 104 24.41 -13.20 11.82
CA ALA B 104 25.61 -13.83 12.35
C ALA B 104 26.11 -15.18 11.91
N ASP B 105 27.16 -15.23 11.11
CA ASP B 105 27.66 -16.54 10.71
C ASP B 105 28.46 -17.14 11.87
N LEU B 106 27.72 -17.74 12.81
CA LEU B 106 28.24 -18.37 14.01
C LEU B 106 28.90 -19.72 13.76
N LYS B 107 28.85 -20.23 12.53
CA LYS B 107 29.40 -21.54 12.22
C LYS B 107 30.88 -21.66 12.61
N GLU B 110 30.94 -21.77 16.84
CA GLU B 110 30.68 -23.18 17.08
C GLU B 110 31.90 -24.01 16.76
N ALA B 111 32.39 -23.87 15.52
CA ALA B 111 33.61 -24.54 15.11
C ALA B 111 34.73 -24.30 16.11
N CYS B 112 34.76 -23.13 16.73
CA CYS B 112 35.67 -22.91 17.84
C CYS B 112 35.24 -23.72 19.07
N ALA B 113 33.92 -23.75 19.35
CA ALA B 113 33.44 -24.25 20.63
C ALA B 113 33.65 -25.76 20.77
N ARG B 114 32.96 -26.55 19.94
CA ARG B 114 32.98 -28.00 20.11
C ARG B 114 34.39 -28.58 20.14
N ARG B 115 35.34 -27.92 19.48
CA ARG B 115 36.72 -28.41 19.48
C ARG B 115 37.29 -28.53 20.89
N ILE B 116 36.74 -27.80 21.86
CA ILE B 116 37.35 -27.76 23.20
C ILE B 116 37.00 -29.01 23.99
N VAL B 117 35.81 -29.55 23.81
CA VAL B 117 35.42 -30.72 24.59
C VAL B 117 36.12 -31.95 24.03
N THR B 127 36.19 -18.50 27.99
CA THR B 127 36.28 -17.10 27.55
C THR B 127 36.12 -16.90 26.04
N GLU B 128 35.38 -15.88 25.61
CA GLU B 128 35.36 -15.48 24.20
C GLU B 128 36.35 -14.35 23.95
N SER B 130 35.27 -13.21 21.18
CA SER B 130 34.63 -12.72 19.97
C SER B 130 33.38 -11.90 20.26
N THR B 131 32.83 -11.30 19.22
CA THR B 131 31.56 -10.58 19.31
C THR B 131 30.45 -11.56 18.93
N VAL B 132 29.63 -11.93 19.90
CA VAL B 132 28.65 -13.01 19.74
C VAL B 132 27.26 -12.49 20.04
N PRO B 133 26.19 -13.20 19.67
CA PRO B 133 24.84 -12.77 20.01
C PRO B 133 24.45 -13.14 21.46
N ALA B 137 27.12 -18.62 23.94
CA ALA B 137 27.68 -18.92 25.27
C ALA B 137 26.78 -19.83 26.09
N GLU B 138 25.46 -19.64 25.98
CA GLU B 138 24.53 -20.62 26.53
C GLU B 138 24.46 -21.87 25.67
N SER B 139 24.86 -21.76 24.40
CA SER B 139 25.06 -22.97 23.60
C SER B 139 26.27 -23.75 24.08
N ILE B 140 27.32 -23.04 24.51
CA ILE B 140 28.51 -23.70 25.07
C ILE B 140 28.12 -24.54 26.28
N ARG B 141 27.46 -23.91 27.25
CA ARG B 141 27.03 -24.57 28.48
C ARG B 141 26.07 -25.73 28.24
N ARG B 142 25.51 -25.89 27.03
CA ARG B 142 24.76 -27.11 26.75
C ARG B 142 25.64 -28.18 26.09
N ILE B 143 26.58 -27.77 25.23
CA ILE B 143 27.59 -28.71 24.72
C ILE B 143 28.41 -29.27 25.86
N PHE B 144 28.82 -28.40 26.77
CA PHE B 144 29.62 -28.80 27.92
C PHE B 144 28.79 -29.62 28.91
N ASP B 145 27.48 -29.42 28.89
CA ASP B 145 26.58 -30.14 29.77
C ASP B 145 26.24 -31.52 29.22
N ALA B 146 26.58 -31.75 27.96
CA ALA B 146 26.31 -33.03 27.31
C ALA B 146 27.57 -33.59 26.67
N GLN B 155 34.38 -23.77 32.06
CA GLN B 155 34.68 -22.42 32.49
C GLN B 155 34.38 -21.46 31.36
N VAL B 156 33.21 -20.82 31.43
CA VAL B 156 32.65 -20.08 30.31
C VAL B 156 32.37 -18.66 30.79
N LEU B 157 33.25 -17.73 30.44
CA LEU B 157 33.04 -16.34 30.73
C LEU B 157 32.86 -15.57 29.43
N SER B 158 32.55 -14.28 29.57
CA SER B 158 32.57 -13.36 28.45
C SER B 158 33.64 -12.31 28.70
N ASN B 159 34.38 -11.97 27.64
CA ASN B 159 35.45 -10.98 27.72
C ASN B 159 35.73 -10.45 26.33
N PRO B 160 34.88 -9.56 25.83
CA PRO B 160 35.09 -8.99 24.48
C PRO B 160 36.13 -7.88 24.50
N GLU B 161 36.42 -7.38 23.30
CA GLU B 161 37.51 -6.45 23.06
C GLU B 161 36.95 -5.10 22.63
N PHE B 162 37.68 -4.03 22.95
CA PHE B 162 37.32 -2.66 22.52
C PHE B 162 38.54 -1.91 21.98
N ALA B 168 44.73 0.89 18.17
CA ALA B 168 44.93 -0.52 18.48
C ALA B 168 45.83 -0.70 19.72
N ILE B 169 47.15 -0.62 19.53
CA ILE B 169 48.07 -0.74 20.65
C ILE B 169 47.88 0.40 21.65
N ASP B 171 45.26 1.06 23.14
CA ASP B 171 43.92 0.63 23.56
C ASP B 171 44.01 -0.65 24.37
N LEU B 172 44.83 -1.61 23.91
CA LEU B 172 45.16 -2.74 24.76
C LEU B 172 45.92 -2.29 26.00
N LYS B 173 46.66 -1.18 25.87
CA LYS B 173 47.57 -0.75 26.92
C LYS B 173 46.88 0.07 27.99
N ASN B 174 45.94 0.94 27.62
CA ASN B 174 45.19 1.74 28.58
C ASN B 174 43.71 1.65 28.26
N PRO B 175 43.12 0.45 28.37
CA PRO B 175 41.70 0.30 28.04
C PRO B 175 40.84 1.23 28.89
N ASP B 176 39.84 1.82 28.26
CA ASP B 176 38.85 2.54 29.04
C ASP B 176 38.23 1.63 30.11
N ARG B 177 38.06 0.35 29.80
CA ARG B 177 37.39 -0.58 30.70
C ARG B 177 37.57 -2.00 30.16
N VAL B 178 37.54 -2.97 31.06
CA VAL B 178 37.67 -4.39 30.73
C VAL B 178 36.39 -5.09 31.17
N LEU B 179 35.71 -5.71 30.22
CA LEU B 179 34.40 -6.30 30.46
C LEU B 179 34.53 -7.79 30.70
N ILE B 180 33.89 -8.28 31.76
CA ILE B 180 33.95 -9.69 32.12
C ILE B 180 32.58 -10.09 32.63
N GLY B 181 31.99 -11.11 32.05
CA GLY B 181 30.66 -11.55 32.44
C GLY B 181 30.57 -13.03 32.74
N GLY B 182 29.79 -13.36 33.78
CA GLY B 182 29.59 -14.73 34.20
C GLY B 182 28.24 -14.93 34.88
N ASP B 183 28.13 -15.93 35.74
CA ASP B 183 26.84 -16.24 36.37
C ASP B 183 26.68 -15.62 37.76
N GLN B 189 32.63 -18.24 39.49
CA GLN B 189 32.52 -16.92 40.12
C GLN B 189 33.86 -16.44 40.65
N ARG B 190 34.71 -17.39 41.04
CA ARG B 190 36.14 -17.14 41.18
C ARG B 190 36.82 -17.05 39.82
N ALA B 191 36.11 -17.47 38.76
CA ALA B 191 36.64 -17.46 37.40
C ALA B 191 36.65 -16.06 36.82
N VAL B 192 35.64 -15.25 37.16
CA VAL B 192 35.77 -13.84 36.83
C VAL B 192 36.98 -13.27 37.54
N GLN B 193 37.29 -13.76 38.74
CA GLN B 193 38.37 -13.19 39.53
C GLN B 193 39.74 -13.72 39.12
N ALA B 194 39.80 -14.90 38.51
CA ALA B 194 41.04 -15.30 37.87
C ALA B 194 41.34 -14.38 36.69
N LEU B 195 40.31 -14.02 35.90
CA LEU B 195 40.50 -13.17 34.73
C LEU B 195 40.64 -11.70 35.11
N CYS B 196 40.10 -11.32 36.26
CA CYS B 196 40.47 -10.03 36.83
C CYS B 196 41.92 -10.05 37.29
N ALA B 197 42.37 -11.20 37.82
CA ALA B 197 43.74 -11.30 38.31
C ALA B 197 44.75 -11.12 37.19
N VAL B 198 44.42 -11.57 35.97
CA VAL B 198 45.37 -11.47 34.87
C VAL B 198 45.41 -10.05 34.32
N TYR B 199 44.26 -9.40 34.15
CA TYR B 199 44.28 -8.05 33.64
C TYR B 199 44.91 -7.08 34.63
N GLU B 200 44.76 -7.34 35.93
CA GLU B 200 45.21 -6.43 36.97
C GLU B 200 46.71 -6.11 36.90
N HIS B 201 47.48 -6.83 36.10
CA HIS B 201 48.88 -6.48 35.93
C HIS B 201 49.05 -5.05 35.42
N TRP B 202 48.09 -4.56 34.62
CA TRP B 202 48.19 -3.22 34.04
C TRP B 202 46.87 -2.46 33.97
N VAL B 203 45.78 -2.98 34.52
CA VAL B 203 44.49 -2.27 34.55
C VAL B 203 43.95 -2.30 35.98
N PRO B 204 43.52 -1.16 36.54
CA PRO B 204 43.03 -1.12 37.93
C PRO B 204 41.60 -1.59 38.06
N ARG B 205 41.32 -2.35 39.13
CA ARG B 205 40.00 -2.94 39.33
C ARG B 205 38.85 -1.96 39.17
N GLU B 206 39.10 -0.66 39.37
CA GLU B 206 38.05 0.33 39.11
C GLU B 206 37.56 0.23 37.67
N LYS B 207 38.49 0.12 36.73
CA LYS B 207 38.22 0.05 35.30
C LYS B 207 37.84 -1.36 34.82
N ILE B 208 37.55 -2.31 35.72
CA ILE B 208 37.16 -3.67 35.34
C ILE B 208 35.75 -3.92 35.83
N LEU B 209 34.85 -4.24 34.90
CA LEU B 209 33.41 -4.35 35.13
C LEU B 209 32.95 -5.79 34.95
N THR B 210 32.33 -6.34 36.00
CA THR B 210 31.76 -7.69 35.97
C THR B 210 30.24 -7.59 35.97
N THR B 211 29.60 -8.59 35.39
CA THR B 211 28.15 -8.58 35.16
C THR B 211 27.72 -10.01 34.84
N ASN B 212 26.44 -10.16 34.48
CA ASN B 212 25.96 -11.45 34.01
C ASN B 212 26.39 -11.62 32.55
N THR B 213 26.36 -12.87 32.07
CA THR B 213 26.95 -13.14 30.76
C THR B 213 26.12 -12.53 29.62
N TRP B 214 24.79 -12.71 29.66
CA TRP B 214 23.92 -12.07 28.67
C TRP B 214 24.20 -10.57 28.57
N SER B 215 24.33 -9.89 29.71
CA SER B 215 24.63 -8.46 29.70
C SER B 215 26.01 -8.16 29.17
N SER B 216 26.91 -9.14 29.19
CA SER B 216 28.23 -8.88 28.64
C SER B 216 28.20 -8.99 27.13
N GLU B 217 27.57 -10.05 26.64
CA GLU B 217 27.40 -10.22 25.19
C GLU B 217 26.66 -9.03 24.60
N LEU B 218 25.60 -8.56 25.27
CA LEU B 218 24.87 -7.41 24.74
C LEU B 218 25.73 -6.15 24.71
N SER B 219 26.46 -5.90 25.80
CA SER B 219 27.21 -4.65 25.95
C SER B 219 28.21 -4.45 24.83
N LYS B 220 28.86 -5.52 24.36
CA LYS B 220 29.75 -5.41 23.21
C LYS B 220 29.01 -4.86 22.01
N LEU B 221 27.86 -5.46 21.67
CA LEU B 221 27.07 -4.96 20.55
C LEU B 221 26.71 -3.49 20.75
N ALA B 222 25.96 -3.21 21.81
CA ALA B 222 25.37 -1.88 21.97
C ALA B 222 26.42 -0.76 21.93
N ALA B 223 27.63 -1.01 22.42
CA ALA B 223 28.70 -0.03 22.28
C ALA B 223 28.89 0.31 20.80
N ASN B 224 29.28 -0.67 20.00
CA ASN B 224 29.42 -0.47 18.57
C ASN B 224 28.16 0.12 17.95
N LEU B 225 26.97 -0.20 18.48
CA LEU B 225 25.78 0.46 17.99
C LEU B 225 25.86 1.96 18.22
N PHE B 226 26.06 2.37 19.48
CA PHE B 226 26.10 3.79 19.80
C PHE B 226 27.21 4.49 19.03
N LEU B 227 28.36 3.84 18.91
CA LEU B 227 29.47 4.43 18.16
C LEU B 227 29.08 4.61 16.70
N ALA B 228 28.64 3.54 16.05
CA ALA B 228 28.30 3.65 14.64
C ALA B 228 27.15 4.62 14.44
N GLN B 229 26.22 4.67 15.40
CA GLN B 229 25.07 5.55 15.28
C GLN B 229 25.46 7.02 15.38
N ARG B 230 26.48 7.34 16.20
CA ARG B 230 27.00 8.71 16.22
C ARG B 230 27.44 9.13 14.83
N ILE B 231 28.19 8.26 14.15
CA ILE B 231 28.72 8.59 12.83
C ILE B 231 27.59 8.80 11.85
N SER B 232 26.62 7.90 11.84
CA SER B 232 25.50 8.06 10.92
C SER B 232 24.68 9.29 11.27
N SER B 233 24.54 9.61 12.54
CA SER B 233 23.83 10.82 12.90
C SER B 233 24.55 12.04 12.35
N ILE B 234 25.87 12.12 12.52
CA ILE B 234 26.57 13.30 12.03
C ILE B 234 26.59 13.32 10.51
N ASN B 235 26.66 12.15 9.88
CA ASN B 235 26.56 12.09 8.43
C ASN B 235 25.22 12.65 7.95
N SER B 236 24.13 12.27 8.62
CA SER B 236 22.85 12.82 8.27
C SER B 236 22.85 14.33 8.39
N ILE B 237 23.49 14.86 9.44
CA ILE B 237 23.58 16.30 9.60
C ILE B 237 24.30 16.95 8.42
N SER B 238 25.31 16.27 7.87
CA SER B 238 26.06 16.87 6.77
C SER B 238 25.16 17.18 5.59
N ALA B 239 24.37 16.20 5.16
CA ALA B 239 23.37 16.45 4.11
C ALA B 239 22.52 17.66 4.44
N LEU B 240 22.17 17.85 5.68
CA LEU B 240 21.38 18.98 6.05
C LEU B 240 22.18 20.21 5.80
N CYS B 241 23.41 20.26 6.27
CA CYS B 241 24.28 21.42 6.07
C CYS B 241 24.39 21.78 4.60
N GLU B 242 24.67 20.78 3.75
CA GLU B 242 24.90 21.06 2.35
C GLU B 242 23.71 21.78 1.74
N ALA B 243 22.53 21.54 2.26
CA ALA B 243 21.34 22.12 1.70
C ALA B 243 20.94 23.43 2.37
N THR B 244 21.72 23.91 3.33
CA THR B 244 21.32 25.13 4.02
C THR B 244 22.47 26.08 4.31
N GLY B 245 23.68 25.83 3.81
CA GLY B 245 24.79 26.75 4.03
C GLY B 245 25.37 26.75 5.43
N ALA B 246 25.22 25.67 6.17
CA ALA B 246 25.96 25.47 7.39
C ALA B 246 27.18 24.61 7.09
N ASP B 247 28.16 24.70 7.97
CA ASP B 247 29.37 23.88 7.90
C ASP B 247 29.23 22.74 8.91
N VAL B 248 29.32 21.50 8.41
CA VAL B 248 29.25 20.37 9.33
C VAL B 248 30.35 20.43 10.38
N GLU B 249 31.47 21.09 10.09
CA GLU B 249 32.53 21.15 11.09
C GLU B 249 32.18 22.14 12.20
N GLU B 250 31.57 23.27 11.85
CA GLU B 250 31.10 24.18 12.89
C GLU B 250 29.98 23.56 13.70
N VAL B 251 29.08 22.84 13.05
CA VAL B 251 27.94 22.26 13.75
C VAL B 251 28.40 21.13 14.68
N ALA B 252 29.33 20.29 14.22
CA ALA B 252 29.82 19.20 15.06
C ALA B 252 30.57 19.74 16.27
N THR B 253 31.43 20.74 16.06
CA THR B 253 32.12 21.44 17.15
C THR B 253 31.15 21.91 18.22
N ALA B 254 30.10 22.59 17.79
CA ALA B 254 29.13 23.09 18.76
C ALA B 254 28.42 21.95 19.47
N ILE B 255 28.10 20.90 18.71
CA ILE B 255 27.44 19.72 19.29
C ILE B 255 28.29 19.15 20.42
N GLY B 256 29.54 18.79 20.11
CA GLY B 256 30.39 18.02 21.02
C GLY B 256 30.82 18.75 22.28
N MET B 257 30.59 20.06 22.40
CA MET B 257 31.01 20.72 23.63
C MET B 257 30.03 20.53 24.76
N ASP B 258 28.85 20.01 24.46
CA ASP B 258 27.91 19.49 25.44
C ASP B 258 28.53 18.23 26.01
N GLN B 259 29.06 18.32 27.23
CA GLN B 259 29.75 17.16 27.81
C GLN B 259 28.86 15.91 27.80
N ARG B 260 27.54 16.07 27.93
CA ARG B 260 26.63 14.94 27.80
C ARG B 260 26.77 14.26 26.44
N ILE B 261 26.82 15.05 25.37
CA ILE B 261 27.01 14.49 24.03
C ILE B 261 28.44 13.96 23.89
N GLY B 262 29.41 14.74 24.31
CA GLY B 262 30.79 14.35 24.10
C GLY B 262 31.18 14.58 22.66
N ASN B 263 32.46 14.90 22.40
CA ASN B 263 32.92 15.32 21.08
C ASN B 263 33.81 14.30 20.38
N LYS B 264 33.57 13.00 20.59
CA LYS B 264 34.26 11.97 19.84
C LYS B 264 33.30 11.32 18.85
N PHE B 265 33.86 10.79 17.78
CA PHE B 265 33.10 10.18 16.70
C PHE B 265 32.01 11.13 16.18
N LEU B 266 32.44 12.33 15.82
CA LEU B 266 31.55 13.29 15.20
C LEU B 266 32.17 13.91 13.95
N LYS B 267 33.04 13.18 13.24
CA LYS B 267 33.66 13.73 12.04
C LYS B 267 32.97 13.12 10.83
N ALA B 268 32.17 13.93 10.12
CA ALA B 268 31.41 13.41 8.99
C ALA B 268 32.34 12.83 7.94
N SER B 269 31.79 11.98 7.10
CA SER B 269 32.63 11.23 6.17
C SER B 269 31.75 10.69 5.05
N VAL B 270 32.38 9.89 4.18
CA VAL B 270 31.66 9.28 3.08
C VAL B 270 30.99 7.97 3.50
N GLY B 271 31.42 7.37 4.61
CA GLY B 271 30.72 6.23 5.18
C GLY B 271 31.63 5.44 6.09
N PHE B 272 31.11 4.89 7.18
CA PHE B 272 32.00 4.14 8.07
C PHE B 272 32.27 2.75 7.51
N GLY B 273 33.49 2.28 7.73
CA GLY B 273 33.91 0.96 7.29
C GLY B 273 34.50 0.10 8.39
N GLY B 274 35.12 -1.00 8.02
CA GLY B 274 35.66 -1.85 9.05
C GLY B 274 34.79 -3.07 9.31
N SER B 275 35.42 -4.11 9.86
CA SER B 275 34.78 -5.41 9.98
C SER B 275 33.54 -5.36 10.88
N CYS B 276 33.64 -4.66 12.01
CA CYS B 276 32.71 -4.88 13.11
C CYS B 276 31.42 -4.08 12.98
N PHE B 277 31.50 -2.82 12.61
CA PHE B 277 30.34 -1.93 12.75
C PHE B 277 29.10 -2.46 12.01
N GLN B 278 29.15 -2.50 10.68
CA GLN B 278 27.98 -2.96 9.93
C GLN B 278 27.59 -4.39 10.30
N LYS B 279 28.60 -5.26 10.47
CA LYS B 279 28.33 -6.61 10.92
C LYS B 279 27.55 -6.62 12.24
N ASP B 280 27.93 -5.75 13.17
CA ASP B 280 27.33 -5.75 14.49
C ASP B 280 25.92 -5.17 14.50
N VAL B 281 25.67 -4.14 13.69
CA VAL B 281 24.30 -3.65 13.57
C VAL B 281 23.39 -4.72 13.00
N LEU B 282 23.78 -5.26 11.85
CA LEU B 282 22.96 -6.29 11.22
C LEU B 282 22.71 -7.44 12.17
N ASN B 283 23.77 -7.89 12.85
CA ASN B 283 23.65 -9.00 13.77
C ASN B 283 22.55 -8.72 14.79
N LEU B 284 22.56 -7.53 15.37
CA LEU B 284 21.54 -7.16 16.35
C LEU B 284 20.17 -7.01 15.69
N VAL B 285 20.13 -6.49 14.48
CA VAL B 285 18.85 -6.42 13.77
C VAL B 285 18.25 -7.82 13.61
N TYR B 286 19.06 -8.78 13.15
CA TYR B 286 18.56 -10.15 13.06
C TYR B 286 18.10 -10.63 14.43
N LEU B 287 18.89 -10.36 15.45
CA LEU B 287 18.53 -10.78 16.80
C LEU B 287 17.18 -10.22 17.21
N CYS B 288 16.84 -9.01 16.75
CA CYS B 288 15.54 -8.42 17.04
C CYS B 288 14.44 -9.03 16.20
N GLU B 289 14.70 -9.29 14.92
CA GLU B 289 13.70 -9.95 14.11
C GLU B 289 13.29 -11.29 14.71
N ALA B 290 14.21 -11.97 15.39
CA ALA B 290 13.93 -13.29 15.95
C ALA B 290 13.48 -13.24 17.40
N LEU B 291 13.31 -12.06 17.98
CA LEU B 291 12.71 -11.92 19.30
C LEU B 291 11.39 -11.17 19.24
N ASN B 292 10.84 -11.05 18.03
CA ASN B 292 9.66 -10.22 17.75
C ASN B 292 9.77 -8.86 18.41
N LEU B 293 10.82 -8.14 18.02
CA LEU B 293 11.06 -6.76 18.45
C LEU B 293 11.36 -5.93 17.20
N PRO B 294 10.38 -5.78 16.32
CA PRO B 294 10.65 -5.09 15.06
C PRO B 294 10.82 -3.58 15.21
N GLU B 295 10.13 -2.95 16.17
CA GLU B 295 10.39 -1.54 16.43
C GLU B 295 11.88 -1.33 16.65
N VAL B 296 12.46 -2.13 17.55
CA VAL B 296 13.89 -2.05 17.83
C VAL B 296 14.69 -2.41 16.60
N ALA B 297 14.32 -3.51 15.95
CA ALA B 297 15.04 -3.92 14.75
C ALA B 297 15.19 -2.76 13.78
N ARG B 298 14.08 -2.10 13.45
CA ARG B 298 14.13 -1.11 12.39
C ARG B 298 14.71 0.22 12.85
N TYR B 299 14.71 0.47 14.16
CA TYR B 299 15.40 1.63 14.69
C TYR B 299 16.90 1.57 14.39
N TRP B 300 17.57 0.47 14.77
CA TRP B 300 18.99 0.40 14.49
C TRP B 300 19.26 0.18 13.01
N GLN B 301 18.31 -0.40 12.26
CA GLN B 301 18.50 -0.60 10.83
C GLN B 301 18.75 0.73 10.10
N GLN B 302 18.34 1.85 10.70
CA GLN B 302 18.63 3.17 10.17
C GLN B 302 20.11 3.50 10.21
N VAL B 303 20.86 2.95 11.18
CA VAL B 303 22.30 3.20 11.22
C VAL B 303 22.95 2.69 9.93
N ILE B 304 22.56 1.48 9.50
CA ILE B 304 23.02 0.95 8.22
C ILE B 304 22.45 1.75 7.05
N ASP B 305 21.14 2.03 7.07
CA ASP B 305 20.51 2.67 5.91
C ASP B 305 21.13 4.01 5.61
N MET B 306 21.31 4.85 6.65
CA MET B 306 21.90 6.18 6.50
C MET B 306 23.37 6.10 6.09
N ASN B 307 24.11 5.12 6.59
CA ASN B 307 25.44 4.92 6.06
C ASN B 307 25.39 4.60 4.57
N ASP B 308 24.47 3.71 4.17
CA ASP B 308 24.27 3.42 2.74
C ASP B 308 23.93 4.67 1.95
N TYR B 309 23.01 5.49 2.49
CA TYR B 309 22.65 6.75 1.85
C TYR B 309 23.86 7.68 1.71
N GLN B 310 24.68 7.79 2.76
CA GLN B 310 25.83 8.68 2.66
C GLN B 310 26.76 8.24 1.54
N ARG B 311 26.95 6.93 1.37
CA ARG B 311 27.84 6.45 0.31
C ARG B 311 27.22 6.66 -1.06
N ARG B 312 25.92 6.39 -1.21
CA ARG B 312 25.35 6.47 -2.56
CA ARG B 312 25.32 6.47 -2.54
C ARG B 312 25.20 7.91 -3.01
N ARG B 313 24.82 8.84 -2.11
CA ARG B 313 24.64 10.23 -2.52
C ARG B 313 25.97 10.90 -2.87
N PHE B 314 27.07 10.44 -2.27
CA PHE B 314 28.39 10.86 -2.71
C PHE B 314 28.65 10.41 -4.14
N ALA B 315 28.56 9.10 -4.39
CA ALA B 315 28.64 8.59 -5.75
C ALA B 315 27.73 9.36 -6.68
N SER B 316 26.46 9.47 -6.30
CA SER B 316 25.49 10.21 -7.10
C SER B 316 25.95 11.64 -7.31
N ARG B 317 26.64 12.20 -6.32
CA ARG B 317 27.12 13.57 -6.43
C ARG B 317 28.24 13.69 -7.46
N ILE B 318 29.20 12.76 -7.42
CA ILE B 318 30.25 12.71 -8.44
C ILE B 318 29.63 12.69 -9.83
N ILE B 319 28.68 11.77 -10.04
CA ILE B 319 28.11 11.55 -11.37
C ILE B 319 27.32 12.77 -11.82
N ASP B 320 26.60 13.41 -10.91
CA ASP B 320 25.80 14.55 -11.32
C ASP B 320 26.69 15.73 -11.67
N SER B 321 27.80 15.90 -10.96
CA SER B 321 28.65 17.04 -11.24
C SER B 321 29.34 16.89 -12.59
N LEU B 322 29.66 15.66 -12.98
CA LEU B 322 30.31 15.42 -14.26
C LEU B 322 29.30 15.31 -15.39
N PHE B 323 28.24 16.12 -15.35
CA PHE B 323 27.27 16.25 -16.44
C PHE B 323 26.50 14.95 -16.66
N ASN B 324 26.17 14.29 -15.56
CA ASN B 324 25.22 13.19 -15.51
C ASN B 324 25.73 11.93 -16.16
N THR B 325 26.98 11.92 -16.62
CA THR B 325 27.55 10.72 -17.21
C THR B 325 29.01 10.63 -16.85
N VAL B 326 29.44 9.42 -16.58
CA VAL B 326 30.77 9.16 -16.04
C VAL B 326 31.38 8.00 -16.84
N THR B 327 30.56 7.40 -17.70
CA THR B 327 30.99 6.38 -18.66
C THR B 327 32.21 6.83 -19.45
N ASP B 328 33.29 6.03 -19.37
CA ASP B 328 34.56 6.18 -20.08
C ASP B 328 35.42 7.31 -19.58
N LYS B 329 34.99 8.07 -18.58
CA LYS B 329 35.80 9.14 -18.02
C LYS B 329 36.75 8.56 -16.97
N LYS B 330 38.02 8.93 -17.06
CA LYS B 330 38.97 8.53 -16.03
C LYS B 330 38.67 9.30 -14.74
N ILE B 331 38.55 8.55 -13.66
CA ILE B 331 38.36 9.12 -12.35
C ILE B 331 39.42 8.50 -11.44
N ALA B 332 40.14 9.35 -10.72
CA ALA B 332 41.16 8.91 -9.77
C ALA B 332 40.50 8.64 -8.42
N ILE B 333 40.61 7.41 -7.94
CA ILE B 333 40.20 7.03 -6.59
C ILE B 333 41.43 7.06 -5.70
N LEU B 334 41.42 7.91 -4.67
CA LEU B 334 42.54 8.11 -3.75
C LEU B 334 42.20 7.52 -2.39
N GLY B 335 42.79 6.38 -2.08
CA GLY B 335 42.63 5.83 -0.75
C GLY B 335 41.60 4.73 -0.72
N PHE B 336 42.05 3.51 -0.46
CA PHE B 336 41.18 2.35 -0.51
C PHE B 336 40.97 1.71 0.85
N ALA B 337 41.70 2.15 1.87
CA ALA B 337 41.52 1.60 3.21
C ALA B 337 40.29 2.21 3.87
N PHE B 338 39.81 1.57 4.95
CA PHE B 338 38.56 2.00 5.55
C PHE B 338 38.77 3.15 6.54
N LYS B 339 39.91 3.16 7.20
CA LYS B 339 40.36 4.34 7.92
C LYS B 339 41.82 4.52 7.55
N LYS B 340 42.47 5.53 8.13
CA LYS B 340 43.87 5.72 7.80
C LYS B 340 44.74 4.87 8.72
N ASP B 341 46.00 4.71 8.31
CA ASP B 341 47.02 3.99 9.08
C ASP B 341 46.62 2.53 9.28
N THR B 342 46.25 1.88 8.18
CA THR B 342 45.98 0.45 8.16
C THR B 342 46.07 -0.05 6.73
N GLY B 343 46.18 -1.36 6.59
CA GLY B 343 46.02 -2.01 5.30
C GLY B 343 44.63 -2.58 5.12
N ASP B 344 43.83 -2.50 6.17
CA ASP B 344 42.52 -3.14 6.22
C ASP B 344 41.58 -2.45 5.25
N THR B 345 40.93 -3.25 4.39
CA THR B 345 39.96 -2.72 3.44
C THR B 345 38.55 -3.21 3.69
N ARG B 346 38.35 -4.04 4.70
CA ARG B 346 37.05 -4.65 4.94
C ARG B 346 35.98 -3.60 5.05
N GLU B 347 35.00 -3.69 4.16
CA GLU B 347 33.84 -2.77 4.16
C GLU B 347 34.25 -1.31 4.04
N SER B 348 35.41 -1.03 3.44
CA SER B 348 35.79 0.35 3.15
C SER B 348 34.83 1.03 2.17
N SER B 349 34.43 2.26 2.50
CA SER B 349 33.57 3.03 1.61
C SER B 349 34.20 3.19 0.25
N SER B 350 35.52 3.09 0.16
CA SER B 350 36.17 3.11 -1.14
C SER B 350 35.66 2.01 -2.05
N ILE B 351 35.33 0.84 -1.47
CA ILE B 351 34.82 -0.27 -2.26
C ILE B 351 33.52 0.14 -2.94
N TYR B 352 32.64 0.76 -2.18
CA TYR B 352 31.32 1.01 -2.68
C TYR B 352 31.28 2.21 -3.62
N ILE B 353 32.07 3.26 -3.35
CA ILE B 353 32.18 4.35 -4.33
C ILE B 353 32.71 3.83 -5.65
N SER B 354 33.76 3.03 -5.59
CA SER B 354 34.33 2.47 -6.81
C SER B 354 33.31 1.62 -7.55
N LYS B 355 32.56 0.77 -6.83
CA LYS B 355 31.58 -0.09 -7.48
C LYS B 355 30.48 0.73 -8.13
N TYR B 356 30.00 1.78 -7.43
CA TYR B 356 29.01 2.67 -8.02
C TYR B 356 29.53 3.27 -9.32
N LEU B 357 30.75 3.82 -9.31
CA LEU B 357 31.35 4.38 -10.52
C LEU B 357 31.66 3.30 -11.55
N MET B 358 31.84 2.05 -11.12
CA MET B 358 32.05 0.98 -12.07
C MET B 358 30.75 0.66 -12.82
N ASP B 359 29.61 0.70 -12.12
CA ASP B 359 28.35 0.42 -12.81
C ASP B 359 28.06 1.42 -13.91
N GLU B 360 28.64 2.62 -13.84
CA GLU B 360 28.48 3.63 -14.87
C GLU B 360 29.47 3.48 -16.02
N GLY B 361 30.53 2.71 -15.83
CA GLY B 361 31.54 2.58 -16.85
C GLY B 361 32.70 3.55 -16.74
N ALA B 362 32.97 4.07 -15.55
CA ALA B 362 34.11 4.94 -15.33
C ALA B 362 35.40 4.14 -15.44
N HIS B 363 36.48 4.84 -15.76
CA HIS B 363 37.80 4.25 -15.76
C HIS B 363 38.44 4.71 -14.45
N LEU B 364 38.45 3.82 -13.47
CA LEU B 364 38.97 4.14 -12.16
C LEU B 364 40.45 3.82 -12.15
N HIS B 365 41.23 4.76 -11.65
CA HIS B 365 42.65 4.55 -11.36
C HIS B 365 42.81 4.71 -9.86
N ILE B 366 43.13 3.61 -9.18
CA ILE B 366 43.17 3.57 -7.73
C ILE B 366 44.61 3.52 -7.25
N TYR B 367 44.89 4.27 -6.17
CA TYR B 367 46.17 4.25 -5.48
C TYR B 367 45.93 4.34 -3.99
N ASP B 368 46.62 3.48 -3.24
CA ASP B 368 46.55 3.61 -1.80
C ASP B 368 47.90 3.19 -1.25
N PRO B 369 48.45 3.95 -0.27
CA PRO B 369 49.86 3.74 0.09
C PRO B 369 50.17 2.33 0.59
N LYS B 370 49.40 1.80 1.52
CA LYS B 370 49.74 0.52 2.15
C LYS B 370 48.91 -0.66 1.64
N VAL B 371 47.70 -0.44 1.12
CA VAL B 371 46.83 -1.54 0.70
C VAL B 371 47.42 -2.27 -0.51
N PRO B 372 47.69 -3.56 -0.39
CA PRO B 372 48.36 -4.30 -1.48
C PRO B 372 47.50 -4.33 -2.73
N ARG B 373 48.17 -4.15 -3.88
CA ARG B 373 47.53 -4.19 -5.20
C ARG B 373 46.51 -5.31 -5.34
N GLU B 374 46.92 -6.56 -5.05
CA GLU B 374 46.03 -7.69 -5.28
C GLU B 374 44.77 -7.66 -4.40
N GLN B 375 44.82 -6.99 -3.24
CA GLN B 375 43.60 -6.86 -2.42
C GLN B 375 42.58 -5.92 -3.08
N ILE B 376 43.04 -4.91 -3.80
CA ILE B 376 42.11 -4.05 -4.53
C ILE B 376 41.36 -4.86 -5.58
N VAL B 377 42.12 -5.62 -6.38
CA VAL B 377 41.53 -6.47 -7.42
C VAL B 377 40.50 -7.41 -6.81
N VAL B 378 40.86 -8.07 -5.71
CA VAL B 378 39.94 -9.01 -5.09
C VAL B 378 38.71 -8.28 -4.56
N ASP B 379 38.92 -7.13 -3.91
CA ASP B 379 37.80 -6.41 -3.29
C ASP B 379 36.78 -5.90 -4.30
N LEU B 380 37.16 -5.67 -5.56
CA LEU B 380 36.25 -5.18 -6.59
C LEU B 380 35.76 -6.28 -7.52
N SER B 381 36.23 -7.51 -7.36
CA SER B 381 35.85 -8.60 -8.26
C SER B 381 34.59 -9.32 -7.78
N HIS B 382 34.12 -10.25 -8.62
CA HIS B 382 32.86 -10.99 -8.49
C HIS B 382 31.68 -10.17 -9.04
N ASP B 389 35.58 -9.70 -17.88
CA ASP B 389 35.37 -9.41 -16.48
C ASP B 389 35.42 -7.90 -16.23
N GLN B 390 34.49 -7.42 -15.38
CA GLN B 390 34.28 -5.99 -15.20
C GLN B 390 35.53 -5.29 -14.68
N VAL B 391 36.28 -5.94 -13.78
CA VAL B 391 37.40 -5.28 -13.13
C VAL B 391 38.51 -4.97 -14.14
N SER B 392 38.86 -5.94 -14.98
CA SER B 392 39.96 -5.76 -15.92
C SER B 392 39.68 -4.66 -16.93
N ARG B 393 38.42 -4.53 -17.35
CA ARG B 393 38.05 -3.52 -18.34
C ARG B 393 38.10 -2.10 -17.79
N LEU B 394 38.02 -1.91 -16.47
CA LEU B 394 37.78 -0.58 -15.90
C LEU B 394 38.74 -0.13 -14.80
N VAL B 395 39.45 -1.04 -14.15
CA VAL B 395 40.23 -0.71 -12.95
C VAL B 395 41.70 -0.73 -13.29
N THR B 396 42.37 0.39 -13.07
CA THR B 396 43.82 0.47 -13.00
C THR B 396 44.23 0.71 -11.55
N ILE B 397 45.15 -0.09 -11.04
CA ILE B 397 45.75 0.19 -9.75
C ILE B 397 47.06 0.91 -10.03
N SER B 398 47.11 2.20 -9.71
CA SER B 398 48.28 3.01 -9.95
C SER B 398 49.22 2.94 -8.75
N LYS B 399 50.50 3.11 -9.01
CA LYS B 399 51.51 3.00 -7.97
C LYS B 399 51.81 4.33 -7.28
N ASP B 400 51.15 5.42 -7.68
CA ASP B 400 51.38 6.72 -7.05
C ASP B 400 50.25 7.64 -7.44
N PRO B 401 49.95 8.67 -6.64
CA PRO B 401 48.72 9.44 -6.88
C PRO B 401 48.79 10.29 -8.12
N TYR B 402 49.99 10.75 -8.52
CA TYR B 402 50.06 11.67 -9.65
C TYR B 402 49.77 10.95 -10.97
N GLU B 403 50.11 9.67 -11.08
CA GLU B 403 49.83 8.91 -12.31
C GLU B 403 48.38 8.47 -12.40
N ALA B 404 47.73 8.26 -11.25
CA ALA B 404 46.30 7.98 -11.23
C ALA B 404 45.46 9.23 -11.46
N CYS B 405 46.01 10.42 -11.22
CA CYS B 405 45.28 11.68 -11.46
C CYS B 405 45.52 12.25 -12.85
N ASP B 406 46.37 11.63 -13.65
CA ASP B 406 46.76 12.15 -14.96
C ASP B 406 45.60 11.97 -15.95
N GLY B 407 45.15 13.06 -16.56
CA GLY B 407 44.04 12.95 -17.48
C GLY B 407 42.73 12.56 -16.85
N ALA B 408 42.58 12.75 -15.54
CA ALA B 408 41.35 12.42 -14.86
C ALA B 408 40.36 13.57 -14.94
N HIS B 409 39.07 13.23 -14.87
CA HIS B 409 38.04 14.24 -14.75
C HIS B 409 37.86 14.66 -13.31
N ALA B 410 38.15 13.76 -12.37
CA ALA B 410 37.87 14.03 -10.97
C ALA B 410 38.86 13.28 -10.09
N VAL B 411 39.10 13.83 -8.92
CA VAL B 411 39.88 13.16 -7.89
C VAL B 411 38.94 12.94 -6.72
N VAL B 412 38.73 11.68 -6.38
CA VAL B 412 37.79 11.30 -5.35
C VAL B 412 38.59 10.72 -4.19
N ILE B 413 38.70 11.49 -3.11
CA ILE B 413 39.45 11.07 -1.93
C ILE B 413 38.48 10.35 -1.01
N CYS B 414 38.79 9.07 -0.71
CA CYS B 414 37.93 8.27 0.15
C CYS B 414 38.56 7.90 1.48
N THR B 415 39.88 7.89 1.60
CA THR B 415 40.55 7.61 2.86
C THR B 415 41.32 8.84 3.30
N GLU B 416 41.43 9.03 4.61
CA GLU B 416 41.97 10.25 5.20
C GLU B 416 43.49 10.22 5.39
N TRP B 417 44.22 9.51 4.51
CA TRP B 417 45.67 9.53 4.55
C TRP B 417 46.19 10.96 4.49
N ASP B 418 47.08 11.33 5.42
CA ASP B 418 47.56 12.71 5.49
C ASP B 418 48.31 13.10 4.24
N MET B 419 48.92 12.14 3.55
CA MET B 419 49.70 12.46 2.35
C MET B 419 48.85 13.11 1.28
N PHE B 420 47.53 12.97 1.33
CA PHE B 420 46.67 13.64 0.37
C PHE B 420 46.60 15.14 0.63
N LYS B 421 46.83 15.57 1.87
CA LYS B 421 46.82 17.01 2.13
C LYS B 421 48.03 17.68 1.49
N GLU B 422 49.17 17.00 1.51
CA GLU B 422 50.45 17.57 1.11
C GLU B 422 50.73 17.46 -0.39
N LEU B 423 49.77 16.97 -1.18
CA LEU B 423 49.98 16.75 -2.61
C LEU B 423 50.22 18.07 -3.33
N ASP B 424 50.98 18.00 -4.43
CA ASP B 424 51.11 19.14 -5.33
C ASP B 424 49.85 19.17 -6.19
N TYR B 425 48.87 19.96 -5.77
CA TYR B 425 47.61 19.95 -6.49
C TYR B 425 47.63 20.88 -7.70
N GLU B 426 48.57 21.82 -7.75
CA GLU B 426 48.71 22.63 -8.96
C GLU B 426 49.31 21.83 -10.09
N ARG B 427 50.11 20.81 -9.77
CA ARG B 427 50.62 19.89 -10.78
C ARG B 427 49.52 18.99 -11.32
N ILE B 428 48.71 18.41 -10.43
CA ILE B 428 47.61 17.53 -10.80
C ILE B 428 46.69 18.21 -11.81
N HIS B 429 46.39 19.50 -11.58
CA HIS B 429 45.35 20.22 -12.33
C HIS B 429 45.80 20.55 -13.74
N LYS B 430 47.09 20.77 -13.96
CA LYS B 430 47.54 21.03 -15.32
C LYS B 430 47.32 19.81 -16.20
N LYS B 431 47.54 18.61 -15.66
CA LYS B 431 47.48 17.35 -16.39
C LYS B 431 46.09 16.70 -16.38
N MET B 432 45.14 17.21 -15.61
CA MET B 432 43.79 16.68 -15.64
C MET B 432 42.99 17.27 -16.81
N LEU B 433 41.96 16.55 -17.23
CA LEU B 433 41.02 17.12 -18.16
C LEU B 433 40.19 18.20 -17.47
N LYS B 434 39.57 19.05 -18.29
CA LYS B 434 38.85 20.19 -17.77
C LYS B 434 37.35 20.06 -18.06
N PRO B 435 36.51 20.44 -17.09
CA PRO B 435 36.93 21.07 -15.83
C PRO B 435 37.30 20.01 -14.80
N ALA B 436 38.29 20.28 -13.95
CA ALA B 436 38.75 19.26 -13.03
C ALA B 436 37.96 19.33 -11.72
N PHE B 437 37.81 18.18 -11.06
CA PHE B 437 37.00 18.09 -9.86
C PHE B 437 37.75 17.39 -8.76
N ILE B 438 37.44 17.77 -7.51
CA ILE B 438 37.95 17.08 -6.34
C ILE B 438 36.78 16.82 -5.40
N PHE B 439 36.46 15.54 -5.20
CA PHE B 439 35.45 15.14 -4.22
C PHE B 439 36.18 14.64 -2.97
N ASP B 440 36.09 15.43 -1.91
CA ASP B 440 36.80 15.17 -0.65
C ASP B 440 35.80 14.48 0.27
N GLY B 441 35.79 13.16 0.24
CA GLY B 441 34.90 12.47 1.13
C GLY B 441 35.42 12.33 2.56
N ARG B 442 36.48 13.04 2.92
CA ARG B 442 37.03 12.88 4.26
C ARG B 442 37.35 14.20 4.95
N ARG B 443 36.88 15.33 4.42
CA ARG B 443 37.18 16.64 5.00
C ARG B 443 38.67 16.85 5.19
N VAL B 444 39.50 16.26 4.32
CA VAL B 444 40.95 16.40 4.46
C VAL B 444 41.50 17.65 3.80
N LEU B 445 40.72 18.32 2.97
CA LEU B 445 41.21 19.49 2.25
C LEU B 445 40.71 20.80 2.83
N ASP B 446 40.16 20.78 4.04
CA ASP B 446 39.57 21.97 4.64
C ASP B 446 40.61 23.08 4.73
N GLY B 447 40.18 24.29 4.39
CA GLY B 447 41.07 25.44 4.37
C GLY B 447 41.71 25.65 3.03
N LEU B 448 42.27 24.59 2.47
CA LEU B 448 42.95 24.66 1.18
C LEU B 448 42.00 25.03 0.03
N HIS B 449 40.70 25.20 0.31
CA HIS B 449 39.72 25.43 -0.74
C HIS B 449 40.08 26.63 -1.60
N ASN B 450 40.43 27.76 -0.98
CA ASN B 450 40.76 28.97 -1.75
C ASN B 450 41.89 28.71 -2.73
N GLU B 451 42.99 28.12 -2.26
CA GLU B 451 44.08 27.79 -3.17
C GLU B 451 43.56 26.90 -4.29
N LEU B 452 42.96 25.77 -3.93
CA LEU B 452 42.42 24.85 -4.93
C LEU B 452 41.43 25.52 -5.87
N GLN B 453 40.50 26.31 -5.30
CA GLN B 453 39.50 26.98 -6.13
C GLN B 453 40.16 27.99 -7.07
N THR B 454 41.21 28.67 -6.59
CA THR B 454 41.91 29.63 -7.44
C THR B 454 42.82 28.94 -8.44
N ILE B 455 43.29 27.76 -8.09
CA ILE B 455 44.11 26.96 -8.99
C ILE B 455 43.23 26.59 -10.20
N GLY B 456 41.91 26.67 -10.00
CA GLY B 456 40.94 26.35 -11.02
C GLY B 456 40.18 25.06 -10.80
N PHE B 457 40.53 24.36 -9.71
CA PHE B 457 39.86 23.12 -9.36
C PHE B 457 38.43 23.39 -8.88
N GLN B 458 37.53 22.45 -9.15
CA GLN B 458 36.16 22.59 -8.69
C GLN B 458 36.10 21.61 -7.54
N ILE B 459 35.79 22.09 -6.34
CA ILE B 459 35.78 21.22 -5.18
C ILE B 459 34.46 21.10 -4.42
N GLU B 460 34.09 19.85 -4.16
CA GLU B 460 32.89 19.54 -3.41
C GLU B 460 33.28 18.64 -2.24
N THR B 461 32.79 18.97 -1.05
CA THR B 461 33.12 18.18 0.13
C THR B 461 31.89 17.92 0.99
N ILE B 462 31.93 16.86 1.78
CA ILE B 462 30.82 16.52 2.65
C ILE B 462 30.51 17.67 3.60
N GLY B 463 29.22 17.99 3.74
CA GLY B 463 28.77 18.93 4.74
C GLY B 463 29.18 20.37 4.57
N LYS B 464 29.57 20.79 3.36
CA LYS B 464 29.70 22.20 3.04
C LYS B 464 29.51 22.37 1.54
N LYS B 465 28.51 23.15 1.16
CA LYS B 465 28.32 23.53 -0.22
C LYS B 465 29.39 24.56 -0.56
N MET C 1 -16.37 -39.03 46.62
CA MET C 1 -16.50 -38.57 48.00
C MET C 1 -17.38 -37.32 48.09
N PHE C 2 -16.81 -36.19 47.67
CA PHE C 2 -17.49 -34.90 47.71
C PHE C 2 -18.53 -34.81 46.60
N GLU C 3 -19.75 -34.41 46.96
CA GLU C 3 -20.85 -34.34 45.99
C GLU C 3 -21.37 -32.92 45.90
N ILE C 4 -21.51 -32.41 44.67
CA ILE C 4 -22.11 -31.08 44.48
C ILE C 4 -23.61 -31.20 44.73
N LYS C 5 -24.10 -30.41 45.70
CA LYS C 5 -25.52 -30.35 46.05
C LYS C 5 -26.12 -28.96 45.93
N LYS C 6 -25.31 -27.92 45.70
CA LYS C 6 -25.80 -26.56 45.49
C LYS C 6 -24.98 -25.89 44.41
N ILE C 7 -25.63 -25.46 43.34
CA ILE C 7 -24.96 -24.82 42.21
C ILE C 7 -25.41 -23.37 42.16
N CYS C 8 -24.46 -22.46 42.25
CA CYS C 8 -24.72 -21.08 41.89
C CYS C 8 -24.11 -20.77 40.53
N CYS C 9 -24.84 -20.03 39.72
CA CYS C 9 -24.38 -19.60 38.40
C CYS C 9 -24.50 -18.08 38.30
N ILE C 10 -23.36 -17.40 38.37
CA ILE C 10 -23.37 -15.94 38.19
C ILE C 10 -23.50 -15.67 36.70
N GLY C 11 -24.66 -15.14 36.30
CA GLY C 11 -24.93 -14.86 34.90
C GLY C 11 -26.17 -15.58 34.45
N ALA C 12 -27.28 -14.85 34.29
CA ALA C 12 -28.55 -15.48 33.95
C ALA C 12 -28.89 -15.31 32.48
N GLY C 13 -27.91 -15.47 31.61
CA GLY C 13 -28.04 -15.15 30.20
C GLY C 13 -28.36 -16.37 29.37
N TYR C 14 -28.07 -16.27 28.07
CA TYR C 14 -28.40 -17.37 27.17
C TYR C 14 -27.64 -18.65 27.52
N VAL C 15 -26.56 -18.55 28.28
CA VAL C 15 -25.87 -19.76 28.73
C VAL C 15 -26.32 -20.16 30.12
N GLY C 16 -26.12 -19.27 31.10
CA GLY C 16 -26.34 -19.63 32.48
C GLY C 16 -27.73 -20.23 32.74
N GLY C 17 -28.76 -19.58 32.20
CA GLY C 17 -30.13 -19.97 32.44
C GLY C 17 -30.50 -21.32 31.88
N PRO C 18 -30.26 -21.53 30.57
CA PRO C 18 -30.50 -22.87 30.04
C PRO C 18 -29.62 -23.95 30.67
N THR C 19 -28.31 -23.73 30.77
CA THR C 19 -27.45 -24.80 31.31
C THR C 19 -27.88 -25.21 32.71
N CYS C 20 -28.36 -24.26 33.50
CA CYS C 20 -28.78 -24.57 34.87
C CYS C 20 -30.19 -25.17 34.91
N SER C 21 -31.08 -24.72 34.02
CA SER C 21 -32.40 -25.32 33.93
C SER C 21 -32.32 -26.78 33.50
N VAL C 22 -31.41 -27.10 32.57
CA VAL C 22 -31.19 -28.50 32.21
C VAL C 22 -30.57 -29.25 33.39
N ILE C 23 -29.49 -28.70 33.97
CA ILE C 23 -28.88 -29.33 35.13
C ILE C 23 -29.93 -29.65 36.18
N ALA C 24 -30.78 -28.66 36.50
CA ALA C 24 -31.78 -28.87 37.53
C ALA C 24 -32.81 -29.90 37.11
N HIS C 25 -33.19 -29.89 35.84
CA HIS C 25 -34.18 -30.83 35.32
C HIS C 25 -33.69 -32.26 35.46
N MET C 26 -32.42 -32.51 35.16
CA MET C 26 -31.86 -33.84 35.24
C MET C 26 -31.46 -34.24 36.65
N CYS C 27 -31.22 -33.29 37.54
CA CYS C 27 -30.78 -33.60 38.89
C CYS C 27 -31.79 -33.05 39.86
N PRO C 28 -32.76 -33.84 40.32
CA PRO C 28 -33.70 -33.32 41.31
C PRO C 28 -33.01 -33.00 42.62
N GLU C 29 -31.88 -33.66 42.91
CA GLU C 29 -31.26 -33.61 44.24
C GLU C 29 -30.23 -32.51 44.39
N ILE C 30 -30.07 -31.65 43.39
CA ILE C 30 -29.13 -30.53 43.44
C ILE C 30 -29.91 -29.24 43.33
N ARG C 31 -29.54 -28.22 44.10
CA ARG C 31 -30.22 -26.93 44.08
C ARG C 31 -29.43 -25.98 43.19
N VAL C 32 -30.00 -25.62 42.04
CA VAL C 32 -29.37 -24.72 41.09
C VAL C 32 -29.96 -23.33 41.28
N THR C 33 -29.10 -22.35 41.55
CA THR C 33 -29.49 -20.97 41.81
C THR C 33 -28.78 -20.06 40.83
N VAL C 34 -29.53 -19.53 39.86
CA VAL C 34 -28.99 -18.66 38.82
C VAL C 34 -29.15 -17.22 39.24
N VAL C 35 -28.06 -16.47 39.33
CA VAL C 35 -28.13 -15.09 39.78
C VAL C 35 -27.65 -14.14 38.69
N ASP C 36 -28.12 -12.89 38.80
CA ASP C 36 -27.74 -11.86 37.86
C ASP C 36 -27.93 -10.50 38.53
N VAL C 37 -27.13 -9.54 38.08
CA VAL C 37 -27.30 -8.17 38.56
C VAL C 37 -28.54 -7.54 37.95
N ASN C 38 -28.91 -7.94 36.73
CA ASN C 38 -30.03 -7.35 35.98
C ASN C 38 -31.35 -7.82 36.58
N GLU C 39 -32.00 -6.93 37.33
CA GLU C 39 -33.22 -7.31 38.03
C GLU C 39 -34.39 -7.49 37.07
N SER C 40 -34.41 -6.74 35.97
CA SER C 40 -35.46 -6.90 34.99
C SER C 40 -35.37 -8.25 34.28
N ARG C 41 -34.15 -8.79 34.20
CA ARG C 41 -33.92 -10.09 33.59
C ARG C 41 -34.38 -11.19 34.55
N ILE C 42 -33.75 -11.24 35.72
CA ILE C 42 -34.12 -12.23 36.73
C ILE C 42 -35.64 -12.31 36.86
N ASN C 43 -36.29 -11.15 36.97
CA ASN C 43 -37.74 -11.10 37.10
C ASN C 43 -38.44 -11.72 35.90
N ALA C 44 -37.87 -11.57 34.70
CA ALA C 44 -38.49 -12.18 33.53
C ALA C 44 -38.40 -13.70 33.59
N TRP C 45 -37.32 -14.24 34.18
CA TRP C 45 -37.21 -15.68 34.35
C TRP C 45 -38.30 -16.22 35.28
N ASN C 46 -38.61 -15.47 36.33
CA ASN C 46 -39.66 -15.92 37.24
C ASN C 46 -41.06 -15.61 36.70
N SER C 47 -41.16 -14.98 35.54
CA SER C 47 -42.43 -14.71 34.89
C SER C 47 -42.79 -15.83 33.92
N PRO C 48 -44.04 -15.89 33.45
CA PRO C 48 -44.35 -16.83 32.37
C PRO C 48 -43.74 -16.45 31.03
N THR C 49 -43.33 -15.19 30.85
CA THR C 49 -42.68 -14.74 29.62
C THR C 49 -41.17 -14.66 29.86
N LEU C 50 -40.46 -15.73 29.52
CA LEU C 50 -39.02 -15.79 29.74
C LEU C 50 -38.31 -14.68 28.94
N PRO C 51 -37.15 -14.21 29.41
CA PRO C 51 -36.48 -13.08 28.73
C PRO C 51 -35.87 -13.42 27.37
N ILE C 52 -35.68 -14.70 27.06
CA ILE C 52 -35.11 -15.13 25.78
C ILE C 52 -36.07 -16.13 25.13
N TYR C 53 -35.85 -16.38 23.84
CA TYR C 53 -36.65 -17.35 23.09
C TYR C 53 -35.77 -18.55 22.76
N GLU C 54 -36.11 -19.69 23.35
CA GLU C 54 -35.50 -20.97 22.99
C GLU C 54 -36.60 -22.01 22.92
N PRO C 55 -36.74 -22.68 21.79
CA PRO C 55 -37.65 -23.83 21.72
C PRO C 55 -37.42 -24.77 22.87
N GLY C 56 -38.51 -25.12 23.56
CA GLY C 56 -38.46 -26.07 24.64
C GLY C 56 -38.03 -25.53 25.98
N LEU C 57 -37.38 -24.36 26.03
CA LEU C 57 -36.86 -23.85 27.30
C LEU C 57 -37.98 -23.62 28.31
N LYS C 58 -39.08 -22.99 27.87
CA LYS C 58 -40.22 -22.70 28.75
C LYS C 58 -40.70 -23.96 29.47
N GLU C 59 -40.72 -25.09 28.76
CA GLU C 59 -41.08 -26.36 29.36
C GLU C 59 -40.09 -26.75 30.46
N VAL C 60 -38.79 -26.74 30.15
CA VAL C 60 -37.79 -27.21 31.11
C VAL C 60 -37.76 -26.33 32.35
N VAL C 61 -37.75 -25.01 32.15
CA VAL C 61 -37.76 -24.10 33.28
C VAL C 61 -38.96 -24.37 34.19
N GLU C 62 -40.18 -24.28 33.62
CA GLU C 62 -41.40 -24.43 34.42
C GLU C 62 -41.43 -25.78 35.13
N SER C 63 -40.70 -26.76 34.59
CA SER C 63 -40.64 -28.10 35.15
C SER C 63 -40.04 -28.13 36.56
N CYS C 64 -39.21 -27.18 36.94
CA CYS C 64 -38.58 -27.21 38.26
C CYS C 64 -38.32 -25.84 38.88
N ARG C 65 -38.79 -24.74 38.23
CA ARG C 65 -38.76 -23.44 38.88
C ARG C 65 -39.54 -23.53 40.19
N GLY C 66 -38.90 -23.12 41.28
CA GLY C 66 -39.47 -23.21 42.61
C GLY C 66 -39.19 -24.51 43.34
N LYS C 67 -38.68 -25.52 42.65
CA LYS C 67 -38.37 -26.79 43.30
C LYS C 67 -36.88 -26.89 43.57
N ASN C 68 -36.10 -27.04 42.51
CA ASN C 68 -34.65 -27.01 42.63
C ASN C 68 -34.01 -25.98 41.69
N LEU C 69 -34.81 -25.15 41.02
CA LEU C 69 -34.31 -24.13 40.11
C LEU C 69 -34.84 -22.76 40.54
N PHE C 70 -33.95 -21.78 40.67
CA PHE C 70 -34.33 -20.49 41.20
C PHE C 70 -33.63 -19.38 40.42
N PHE C 71 -34.29 -18.23 40.31
CA PHE C 71 -33.67 -17.04 39.72
C PHE C 71 -33.81 -15.88 40.70
N SER C 72 -32.67 -15.32 41.11
CA SER C 72 -32.66 -14.30 42.15
C SER C 72 -31.60 -13.25 41.86
N THR C 73 -31.88 -12.02 42.28
CA THR C 73 -30.84 -11.00 42.26
C THR C 73 -29.89 -11.12 43.44
N ASN C 74 -30.17 -12.02 44.38
CA ASN C 74 -29.36 -12.27 45.57
C ASN C 74 -28.05 -12.98 45.23
N ILE C 75 -27.18 -12.29 44.47
CA ILE C 75 -25.89 -12.84 44.04
C ILE C 75 -25.02 -13.21 45.22
N ASP C 76 -25.12 -12.48 46.33
CA ASP C 76 -24.23 -12.71 47.46
C ASP C 76 -24.55 -14.03 48.15
N ASP C 77 -25.83 -14.29 48.42
CA ASP C 77 -26.17 -15.44 49.25
C ASP C 77 -26.03 -16.76 48.48
N ALA C 78 -26.32 -16.73 47.18
CA ALA C 78 -26.15 -17.93 46.37
C ALA C 78 -24.70 -18.37 46.35
N ILE C 79 -23.77 -17.42 46.18
CA ILE C 79 -22.35 -17.72 46.27
C ILE C 79 -22.02 -18.42 47.60
N LYS C 80 -22.40 -17.79 48.71
CA LYS C 80 -21.97 -18.30 50.01
C LYS C 80 -22.54 -19.69 50.30
N GLU C 81 -23.72 -20.01 49.77
CA GLU C 81 -24.32 -21.32 50.02
C GLU C 81 -23.87 -22.40 49.04
N ALA C 82 -23.27 -22.05 47.90
CA ALA C 82 -23.09 -22.98 46.81
C ALA C 82 -21.88 -23.89 46.99
N ASP C 83 -22.04 -25.16 46.59
CA ASP C 83 -20.88 -26.04 46.47
C ASP C 83 -20.11 -25.79 45.19
N LEU C 84 -20.80 -25.47 44.11
CA LEU C 84 -20.20 -25.15 42.82
C LEU C 84 -20.65 -23.77 42.39
N VAL C 85 -19.74 -22.98 41.83
CA VAL C 85 -20.06 -21.63 41.33
C VAL C 85 -19.72 -21.55 39.86
N PHE C 86 -20.74 -21.33 39.02
CA PHE C 86 -20.55 -21.10 37.60
C PHE C 86 -20.30 -19.61 37.35
N ILE C 87 -19.18 -19.30 36.71
CA ILE C 87 -18.99 -17.98 36.12
C ILE C 87 -19.44 -18.08 34.67
N SER C 88 -20.54 -17.41 34.35
CA SER C 88 -21.22 -17.54 33.06
C SER C 88 -21.55 -16.18 32.48
N VAL C 89 -20.71 -15.18 32.74
CA VAL C 89 -20.97 -13.82 32.31
C VAL C 89 -20.45 -13.62 30.88
N ASN C 90 -20.81 -12.50 30.28
CA ASN C 90 -20.40 -12.20 28.93
C ASN C 90 -18.95 -11.71 28.86
N THR C 91 -18.28 -12.08 27.77
CA THR C 91 -16.93 -11.62 27.47
C THR C 91 -16.99 -10.95 26.10
N PRO C 92 -17.44 -9.69 26.06
CA PRO C 92 -17.54 -8.99 24.79
C PRO C 92 -16.19 -8.54 24.28
N THR C 93 -16.21 -8.05 23.05
CA THR C 93 -15.05 -7.37 22.52
C THR C 93 -14.93 -5.99 23.16
N LYS C 94 -13.70 -5.63 23.54
CA LYS C 94 -13.43 -4.28 24.01
C LYS C 94 -13.84 -3.27 22.95
N THR C 95 -14.63 -2.28 23.34
CA THR C 95 -15.03 -1.19 22.47
C THR C 95 -14.22 0.09 22.71
N TYR C 96 -13.03 -0.04 23.31
CA TYR C 96 -12.27 1.08 23.85
C TYR C 96 -10.86 0.60 24.13
N GLY C 97 -9.92 1.54 24.16
CA GLY C 97 -8.54 1.32 24.58
C GLY C 97 -7.78 0.28 23.76
N MET C 98 -6.87 -0.41 24.45
CA MET C 98 -5.96 -1.36 23.82
C MET C 98 -6.72 -2.54 23.25
N GLY C 99 -6.46 -2.83 21.97
CA GLY C 99 -7.16 -3.92 21.33
C GLY C 99 -8.61 -3.62 21.02
N LYS C 100 -8.94 -2.36 20.89
CA LYS C 100 -10.30 -2.03 20.64
C LYS C 100 -10.68 -2.73 19.39
N GLY C 101 -11.82 -3.36 19.42
CA GLY C 101 -12.29 -4.08 18.29
C GLY C 101 -11.66 -5.42 18.08
N ARG C 102 -10.89 -5.90 19.05
CA ARG C 102 -10.25 -7.19 18.89
C ARG C 102 -10.30 -8.01 20.16
N ALA C 103 -9.64 -7.47 21.17
CA ALA C 103 -9.49 -8.09 22.47
C ALA C 103 -10.78 -8.24 23.23
N ALA C 104 -10.82 -9.28 24.02
CA ALA C 104 -11.94 -9.58 24.86
C ALA C 104 -11.97 -8.74 26.11
N ASP C 105 -13.15 -8.30 26.49
CA ASP C 105 -13.31 -7.52 27.71
C ASP C 105 -13.52 -8.48 28.86
N LEU C 106 -12.52 -8.60 29.72
CA LEU C 106 -12.57 -9.52 30.84
C LEU C 106 -13.11 -8.89 32.11
N LYS C 107 -13.59 -7.64 32.05
CA LYS C 107 -13.99 -6.95 33.27
C LYS C 107 -15.11 -7.70 34.00
N TYR C 108 -16.07 -8.26 33.27
CA TYR C 108 -17.18 -8.95 33.90
C TYR C 108 -16.70 -10.21 34.63
N ILE C 109 -15.79 -10.95 34.01
CA ILE C 109 -15.18 -12.10 34.68
C ILE C 109 -14.48 -11.66 35.93
N GLU C 110 -13.60 -10.66 35.80
CA GLU C 110 -12.84 -10.23 36.96
C GLU C 110 -13.77 -9.80 38.09
N ALA C 111 -14.90 -9.18 37.73
CA ALA C 111 -15.87 -8.78 38.75
C ALA C 111 -16.42 -9.99 39.49
N CYS C 112 -16.71 -11.06 38.76
CA CYS C 112 -17.18 -12.28 39.39
C CYS C 112 -16.17 -12.81 40.39
N ALA C 113 -14.91 -12.95 39.96
CA ALA C 113 -13.92 -13.61 40.80
C ALA C 113 -13.71 -12.88 42.12
N ARG C 114 -13.71 -11.54 42.09
CA ARG C 114 -13.53 -10.81 43.34
C ARG C 114 -14.76 -10.88 44.21
N ARG C 115 -15.95 -10.83 43.62
CA ARG C 115 -17.17 -10.99 44.41
C ARG C 115 -17.27 -12.38 44.99
N ILE C 116 -16.74 -13.40 44.29
CA ILE C 116 -16.75 -14.75 44.83
C ILE C 116 -15.83 -14.85 46.05
N VAL C 117 -14.55 -14.51 45.87
CA VAL C 117 -13.59 -14.65 46.98
C VAL C 117 -13.91 -13.72 48.15
N GLN C 118 -14.76 -12.72 47.96
CA GLN C 118 -15.21 -11.92 49.09
C GLN C 118 -16.30 -12.62 49.88
N ASN C 119 -17.29 -13.18 49.19
CA ASN C 119 -18.51 -13.71 49.77
C ASN C 119 -18.43 -15.18 50.12
N SER C 120 -17.23 -15.75 50.26
CA SER C 120 -17.19 -17.21 50.29
C SER C 120 -16.22 -17.72 51.35
N ASN C 121 -16.56 -18.88 51.91
CA ASN C 121 -15.69 -19.57 52.86
C ASN C 121 -15.72 -21.06 52.59
N GLY C 122 -14.74 -21.75 53.17
CA GLY C 122 -14.70 -23.19 53.09
C GLY C 122 -14.39 -23.65 51.68
N TYR C 123 -15.05 -24.74 51.27
CA TYR C 123 -14.76 -25.40 50.01
C TYR C 123 -15.81 -25.02 48.98
N LYS C 124 -15.34 -24.53 47.83
CA LYS C 124 -16.19 -24.27 46.69
C LYS C 124 -15.40 -24.56 45.42
N ILE C 125 -16.11 -24.95 44.37
CA ILE C 125 -15.55 -25.16 43.05
C ILE C 125 -16.02 -24.00 42.16
N VAL C 126 -15.06 -23.21 41.68
CA VAL C 126 -15.33 -22.08 40.79
C VAL C 126 -15.08 -22.51 39.36
N THR C 127 -16.13 -22.49 38.53
CA THR C 127 -16.08 -23.03 37.18
C THR C 127 -16.35 -21.93 36.17
N GLU C 128 -15.52 -21.91 35.12
CA GLU C 128 -15.47 -20.86 34.11
C GLU C 128 -16.15 -21.39 32.85
N LYS C 129 -17.44 -21.09 32.69
CA LYS C 129 -18.15 -21.45 31.46
C LYS C 129 -18.01 -20.41 30.36
N SER C 130 -17.89 -19.13 30.73
CA SER C 130 -17.71 -18.08 29.75
C SER C 130 -16.53 -18.42 28.86
N THR C 131 -16.59 -17.96 27.62
CA THR C 131 -15.50 -18.18 26.68
C THR C 131 -14.39 -17.20 27.01
N VAL C 132 -13.21 -17.72 27.31
CA VAL C 132 -12.14 -16.82 27.72
C VAL C 132 -10.94 -17.01 26.81
N PRO C 133 -9.95 -16.12 26.84
CA PRO C 133 -8.65 -16.43 26.23
C PRO C 133 -7.94 -17.54 26.96
N VAL C 134 -7.05 -18.23 26.24
CA VAL C 134 -6.20 -19.25 26.83
C VAL C 134 -5.46 -18.64 28.01
N ARG C 135 -5.50 -19.31 29.14
CA ARG C 135 -4.81 -18.93 30.38
C ARG C 135 -5.60 -17.98 31.26
N ALA C 136 -6.78 -17.59 30.83
CA ALA C 136 -7.60 -16.71 31.60
C ALA C 136 -7.98 -17.27 32.94
N ALA C 137 -7.93 -18.57 33.10
CA ALA C 137 -8.27 -19.16 34.38
C ALA C 137 -7.18 -18.79 35.30
N GLU C 138 -5.96 -19.01 34.87
CA GLU C 138 -4.80 -18.68 35.66
C GLU C 138 -4.89 -17.32 36.29
N SER C 139 -5.60 -16.39 35.68
CA SER C 139 -5.79 -15.09 36.33
C SER C 139 -6.72 -15.21 37.53
N ILE C 140 -7.76 -16.02 37.41
CA ILE C 140 -8.69 -16.28 38.52
C ILE C 140 -7.96 -16.99 39.66
N ARG C 141 -7.10 -17.95 39.33
CA ARG C 141 -6.31 -18.63 40.35
C ARG C 141 -5.43 -17.67 41.12
N ARG C 142 -4.81 -16.71 40.42
CA ARG C 142 -3.96 -15.74 41.11
C ARG C 142 -4.79 -14.84 42.01
N ILE C 143 -5.96 -14.41 41.52
CA ILE C 143 -6.85 -13.58 42.32
C ILE C 143 -7.22 -14.28 43.62
N PHE C 144 -7.41 -15.60 43.56
CA PHE C 144 -7.74 -16.36 44.77
C PHE C 144 -6.51 -16.59 45.64
N ASP C 145 -5.32 -16.63 45.07
CA ASP C 145 -4.14 -16.98 45.86
C ASP C 145 -3.58 -15.81 46.65
N ALA C 146 -3.95 -14.58 46.28
CA ALA C 146 -3.54 -13.40 47.03
C ALA C 146 -4.60 -12.92 47.99
N ASN C 147 -5.87 -13.16 47.68
CA ASN C 147 -6.97 -12.75 48.55
C ASN C 147 -7.51 -13.93 49.34
N THR C 148 -6.61 -14.74 49.88
CA THR C 148 -6.98 -15.96 50.57
C THR C 148 -7.36 -15.67 52.03
N LYS C 149 -8.11 -16.62 52.62
CA LYS C 149 -8.62 -16.58 53.98
C LYS C 149 -8.25 -17.87 54.69
N PRO C 150 -8.38 -17.91 56.03
CA PRO C 150 -8.24 -19.20 56.74
C PRO C 150 -9.32 -20.19 56.35
N ASN C 151 -8.87 -21.37 55.91
CA ASN C 151 -9.67 -22.54 55.53
C ASN C 151 -10.49 -22.33 54.27
N LEU C 152 -10.39 -21.17 53.64
CA LEU C 152 -10.90 -21.02 52.28
C LEU C 152 -10.04 -21.82 51.31
N ASN C 153 -10.70 -22.69 50.49
CA ASN C 153 -10.00 -23.52 49.48
C ASN C 153 -10.83 -23.51 48.19
N LEU C 154 -10.72 -22.43 47.41
CA LEU C 154 -11.46 -22.26 46.17
C LEU C 154 -10.72 -22.94 45.02
N GLN C 155 -11.38 -23.91 44.38
CA GLN C 155 -10.83 -24.61 43.22
C GLN C 155 -11.39 -24.03 41.92
N VAL C 156 -10.56 -23.99 40.88
CA VAL C 156 -10.90 -23.31 39.64
C VAL C 156 -10.85 -24.28 38.47
N LEU C 157 -11.95 -24.34 37.71
CA LEU C 157 -12.13 -25.24 36.59
C LEU C 157 -12.45 -24.46 35.31
N SER C 158 -12.26 -25.13 34.18
CA SER C 158 -12.73 -24.69 32.88
C SER C 158 -13.78 -25.68 32.38
N ASN C 159 -15.01 -25.22 32.17
CA ASN C 159 -16.10 -26.07 31.67
C ASN C 159 -16.85 -25.34 30.55
N PRO C 160 -16.23 -25.20 29.38
CA PRO C 160 -16.83 -24.40 28.31
C PRO C 160 -18.09 -25.02 27.74
N GLU C 161 -18.94 -24.15 27.20
CA GLU C 161 -20.25 -24.51 26.70
C GLU C 161 -20.28 -24.49 25.18
N PHE C 162 -21.02 -25.42 24.59
CA PHE C 162 -21.08 -25.53 23.13
C PHE C 162 -22.49 -25.44 22.55
N LEU C 163 -23.51 -25.16 23.37
CA LEU C 163 -24.85 -25.05 22.83
C LEU C 163 -24.90 -23.98 21.75
N ALA C 164 -25.67 -24.26 20.70
CA ALA C 164 -26.05 -23.25 19.72
C ALA C 164 -27.43 -22.70 20.06
N GLU C 165 -27.64 -21.42 19.89
CA GLU C 165 -28.91 -20.79 20.13
C GLU C 165 -29.88 -21.34 19.10
N GLY C 166 -31.14 -21.46 19.46
CA GLY C 166 -32.11 -22.11 18.60
C GLY C 166 -32.12 -23.62 18.69
N THR C 167 -31.10 -24.21 19.32
CA THR C 167 -31.07 -25.63 19.62
C THR C 167 -30.57 -25.89 21.05
N ALA C 168 -30.49 -24.85 21.88
CA ALA C 168 -29.79 -24.94 23.16
C ALA C 168 -30.29 -26.11 24.01
N ILE C 169 -31.61 -26.27 24.12
CA ILE C 169 -32.13 -27.30 25.00
C ILE C 169 -31.76 -28.69 24.47
N LYS C 170 -31.92 -28.90 23.17
CA LYS C 170 -31.53 -30.16 22.55
C LYS C 170 -30.03 -30.40 22.70
N ASP C 171 -29.21 -29.36 22.52
CA ASP C 171 -27.77 -29.54 22.66
C ASP C 171 -27.37 -29.83 24.10
N LEU C 172 -27.99 -29.15 25.07
CA LEU C 172 -27.65 -29.39 26.47
C LEU C 172 -28.05 -30.77 26.96
N LYS C 173 -29.05 -31.42 26.33
CA LYS C 173 -29.56 -32.72 26.78
C LYS C 173 -28.85 -33.91 26.15
N ASN C 174 -28.38 -33.78 24.91
CA ASN C 174 -27.52 -34.77 24.26
C ASN C 174 -26.34 -34.07 23.62
N PRO C 175 -25.43 -33.51 24.44
CA PRO C 175 -24.29 -32.79 23.86
C PRO C 175 -23.30 -33.73 23.19
N ASP C 176 -22.75 -33.31 22.06
CA ASP C 176 -21.71 -34.10 21.41
C ASP C 176 -20.59 -34.42 22.39
N ARG C 177 -20.23 -33.46 23.24
CA ARG C 177 -19.29 -33.77 24.31
C ARG C 177 -19.37 -32.70 25.39
N VAL C 178 -18.80 -33.03 26.55
CA VAL C 178 -18.60 -32.12 27.67
C VAL C 178 -17.10 -31.92 27.82
N LEU C 179 -16.68 -30.70 28.08
CA LEU C 179 -15.27 -30.39 28.24
C LEU C 179 -15.02 -29.84 29.65
N ILE C 180 -14.15 -30.49 30.41
CA ILE C 180 -13.77 -30.00 31.73
C ILE C 180 -12.26 -29.94 31.80
N GLY C 181 -11.74 -28.81 32.24
CA GLY C 181 -10.30 -28.62 32.40
C GLY C 181 -9.94 -28.22 33.82
N GLY C 182 -8.84 -28.77 34.31
CA GLY C 182 -8.41 -28.42 35.65
C GLY C 182 -6.96 -28.81 35.79
N ASP C 183 -6.34 -28.29 36.86
CA ASP C 183 -4.93 -28.49 37.09
C ASP C 183 -4.65 -29.96 37.39
N GLU C 184 -3.55 -30.47 36.82
CA GLU C 184 -3.15 -31.87 36.98
C GLU C 184 -2.34 -32.04 38.27
N THR C 185 -3.06 -31.89 39.37
CA THR C 185 -2.57 -31.92 40.73
C THR C 185 -3.47 -32.87 41.51
N PRO C 186 -3.24 -33.11 42.81
CA PRO C 186 -4.27 -33.81 43.58
C PRO C 186 -5.56 -33.00 43.70
N GLU C 187 -5.45 -31.77 44.19
CA GLU C 187 -6.64 -30.95 44.46
C GLU C 187 -7.51 -30.77 43.22
N GLY C 188 -6.89 -30.40 42.10
CA GLY C 188 -7.67 -30.14 40.90
C GLY C 188 -8.46 -31.35 40.45
N GLN C 189 -7.82 -32.51 40.40
CA GLN C 189 -8.49 -33.69 39.84
C GLN C 189 -9.67 -34.13 40.69
N ARG C 190 -9.59 -33.93 42.01
CA ARG C 190 -10.78 -34.04 42.86
C ARG C 190 -11.92 -33.19 42.31
N ALA C 191 -11.68 -31.89 42.11
CA ALA C 191 -12.74 -30.99 41.67
C ALA C 191 -13.20 -31.35 40.26
N VAL C 192 -12.27 -31.74 39.39
CA VAL C 192 -12.65 -32.21 38.07
C VAL C 192 -13.66 -33.33 38.20
N GLN C 193 -13.36 -34.32 39.04
CA GLN C 193 -14.24 -35.49 39.16
C GLN C 193 -15.59 -35.12 39.75
N ALA C 194 -15.64 -34.13 40.62
CA ALA C 194 -16.92 -33.74 41.21
C ALA C 194 -17.83 -33.08 40.18
N LEU C 195 -17.27 -32.42 39.17
CA LEU C 195 -18.10 -31.82 38.13
C LEU C 195 -18.59 -32.86 37.14
N CYS C 196 -17.75 -33.85 36.81
CA CYS C 196 -18.19 -34.99 36.01
C CYS C 196 -19.41 -35.68 36.63
N ALA C 197 -19.35 -35.93 37.94
CA ALA C 197 -20.47 -36.54 38.65
C ALA C 197 -21.77 -35.85 38.32
N VAL C 198 -21.77 -34.52 38.25
CA VAL C 198 -22.99 -33.83 37.87
C VAL C 198 -23.41 -34.25 36.46
N TYR C 199 -22.54 -34.02 35.48
CA TYR C 199 -22.91 -34.29 34.09
C TYR C 199 -23.22 -35.76 33.86
N GLU C 200 -22.67 -36.63 34.68
CA GLU C 200 -22.86 -38.06 34.57
C GLU C 200 -24.28 -38.52 34.73
N HIS C 201 -25.11 -37.68 35.30
CA HIS C 201 -26.49 -38.02 35.49
C HIS C 201 -27.18 -38.19 34.17
N TRP C 202 -26.86 -37.36 33.19
CA TRP C 202 -27.50 -37.48 31.89
C TRP C 202 -26.64 -37.58 30.68
N VAL C 203 -25.33 -37.59 30.84
CA VAL C 203 -24.44 -37.65 29.70
C VAL C 203 -23.57 -38.88 29.76
N PRO C 204 -23.36 -39.54 28.65
CA PRO C 204 -22.52 -40.75 28.69
C PRO C 204 -21.10 -40.43 29.12
N ARG C 205 -20.53 -41.31 29.94
CA ARG C 205 -19.19 -41.09 30.48
C ARG C 205 -18.16 -40.85 29.39
N GLU C 206 -18.14 -41.63 28.33
CA GLU C 206 -17.13 -41.46 27.30
C GLU C 206 -17.12 -40.15 26.63
N LYS C 207 -18.24 -39.47 26.64
CA LYS C 207 -18.37 -38.16 26.05
C LYS C 207 -17.95 -37.04 26.99
N ILE C 208 -17.37 -37.37 28.13
CA ILE C 208 -16.94 -36.39 29.12
C ILE C 208 -15.42 -36.41 29.14
N LEU C 209 -14.84 -35.42 28.45
CA LEU C 209 -13.39 -35.28 28.32
C LEU C 209 -12.83 -34.39 29.41
N THR C 210 -11.74 -34.83 30.00
CA THR C 210 -11.06 -34.08 31.04
C THR C 210 -9.65 -33.76 30.55
N THR C 211 -9.28 -32.49 30.65
CA THR C 211 -8.01 -31.98 30.17
C THR C 211 -7.55 -30.91 31.15
N ASN C 212 -6.44 -30.25 30.81
CA ASN C 212 -5.97 -29.13 31.62
C ASN C 212 -6.67 -27.86 31.20
N THR C 213 -6.57 -26.84 32.05
CA THR C 213 -7.33 -25.61 31.84
C THR C 213 -7.05 -25.00 30.45
N TRP C 214 -5.79 -24.85 30.12
CA TRP C 214 -5.38 -24.31 28.84
C TRP C 214 -6.01 -25.05 27.72
N SER C 215 -5.74 -26.33 27.65
CA SER C 215 -6.28 -27.15 26.57
C SER C 215 -7.79 -26.95 26.48
N SER C 216 -8.47 -26.89 27.61
CA SER C 216 -9.91 -26.68 27.58
C SER C 216 -10.25 -25.35 26.94
N GLU C 217 -9.71 -24.26 27.49
CA GLU C 217 -10.01 -22.93 26.95
C GLU C 217 -9.70 -22.86 25.46
N LEU C 218 -8.54 -23.36 25.05
CA LEU C 218 -8.15 -23.28 23.65
C LEU C 218 -9.08 -24.08 22.76
N SER C 219 -9.52 -25.25 23.24
CA SER C 219 -10.45 -26.07 22.46
C SER C 219 -11.72 -25.30 22.14
N LYS C 220 -12.30 -24.63 23.14
CA LYS C 220 -13.50 -23.84 22.89
C LYS C 220 -13.26 -22.84 21.76
N LEU C 221 -12.13 -22.14 21.79
CA LEU C 221 -11.84 -21.20 20.72
C LEU C 221 -11.65 -21.91 19.39
N ALA C 222 -10.79 -22.93 19.35
CA ALA C 222 -10.49 -23.61 18.10
C ALA C 222 -11.74 -24.20 17.45
N ALA C 223 -12.61 -24.82 18.24
CA ALA C 223 -13.85 -25.33 17.69
C ALA C 223 -14.66 -24.20 17.07
N ASN C 224 -14.80 -23.09 17.79
CA ASN C 224 -15.51 -21.96 17.22
C ASN C 224 -14.81 -21.44 15.97
N LEU C 225 -13.48 -21.41 15.97
CA LEU C 225 -12.77 -21.15 14.74
C LEU C 225 -13.24 -22.07 13.64
N PHE C 226 -13.03 -23.39 13.82
CA PHE C 226 -13.28 -24.34 12.73
C PHE C 226 -14.70 -24.18 12.20
N LEU C 227 -15.66 -23.95 13.09
CA LEU C 227 -17.05 -23.74 12.68
C LEU C 227 -17.18 -22.54 11.75
N ALA C 228 -16.78 -21.36 12.21
CA ALA C 228 -16.93 -20.17 11.38
C ALA C 228 -16.15 -20.30 10.09
N GLN C 229 -14.95 -20.91 10.15
CA GLN C 229 -14.18 -21.11 8.93
C GLN C 229 -14.98 -21.82 7.83
N ARG C 230 -15.85 -22.77 8.23
CA ARG C 230 -16.64 -23.47 7.22
C ARG C 230 -17.61 -22.52 6.53
N ILE C 231 -18.37 -21.76 7.31
CA ILE C 231 -19.27 -20.74 6.78
C ILE C 231 -18.52 -19.81 5.83
N SER C 232 -17.50 -19.10 6.34
CA SER C 232 -16.71 -18.21 5.50
C SER C 232 -16.14 -18.94 4.29
N SER C 233 -15.80 -20.22 4.43
CA SER C 233 -15.26 -20.91 3.29
C SER C 233 -16.34 -21.14 2.23
N ILE C 234 -17.51 -21.63 2.64
CA ILE C 234 -18.55 -21.85 1.66
C ILE C 234 -19.02 -20.50 1.12
N ASN C 235 -19.05 -19.47 1.97
CA ASN C 235 -19.43 -18.17 1.46
C ASN C 235 -18.44 -17.70 0.41
N SER C 236 -17.16 -18.05 0.59
CA SER C 236 -16.17 -17.67 -0.41
C SER C 236 -16.51 -18.32 -1.74
N ILE C 237 -16.75 -19.63 -1.71
CA ILE C 237 -17.15 -20.38 -2.90
C ILE C 237 -18.38 -19.76 -3.57
N SER C 238 -19.39 -19.40 -2.77
CA SER C 238 -20.60 -18.82 -3.35
C SER C 238 -20.27 -17.64 -4.26
N ALA C 239 -19.27 -16.83 -3.89
CA ALA C 239 -18.83 -15.74 -4.74
C ALA C 239 -18.29 -16.25 -6.07
N LEU C 240 -17.47 -17.27 -6.02
CA LEU C 240 -16.92 -17.86 -7.21
C LEU C 240 -18.04 -18.47 -8.01
N CYS C 241 -19.10 -18.91 -7.40
CA CYS C 241 -20.23 -19.49 -8.12
C CYS C 241 -20.93 -18.45 -8.99
N GLU C 242 -21.26 -17.30 -8.40
CA GLU C 242 -21.91 -16.26 -9.17
C GLU C 242 -21.03 -15.74 -10.30
N ALA C 243 -19.73 -15.94 -10.21
CA ALA C 243 -18.86 -15.50 -11.29
C ALA C 243 -18.63 -16.55 -12.36
N THR C 244 -18.94 -17.83 -12.09
CA THR C 244 -18.62 -18.91 -13.02
C THR C 244 -19.80 -19.62 -13.64
N GLY C 245 -20.99 -19.51 -13.06
CA GLY C 245 -22.08 -20.38 -13.45
C GLY C 245 -22.26 -21.62 -12.59
N ALA C 246 -21.38 -21.86 -11.63
CA ALA C 246 -21.61 -22.95 -10.69
C ALA C 246 -22.76 -22.59 -9.77
N ASP C 247 -23.07 -23.52 -8.86
CA ASP C 247 -24.16 -23.29 -7.93
C ASP C 247 -23.75 -23.78 -6.56
N VAL C 248 -23.66 -22.85 -5.61
CA VAL C 248 -23.06 -23.16 -4.32
C VAL C 248 -23.77 -24.32 -3.65
N GLU C 249 -25.10 -24.37 -3.73
CA GLU C 249 -25.79 -25.49 -3.13
C GLU C 249 -25.35 -26.80 -3.76
N GLU C 250 -25.24 -26.83 -5.09
CA GLU C 250 -24.76 -28.04 -5.76
C GLU C 250 -23.32 -28.36 -5.35
N VAL C 251 -22.50 -27.33 -5.26
CA VAL C 251 -21.12 -27.54 -4.86
C VAL C 251 -21.04 -27.95 -3.41
N ALA C 252 -21.83 -27.31 -2.54
CA ALA C 252 -21.81 -27.68 -1.12
C ALA C 252 -22.20 -29.13 -0.93
N THR C 253 -23.23 -29.58 -1.64
CA THR C 253 -23.65 -30.98 -1.55
C THR C 253 -22.50 -31.90 -1.91
N ALA C 254 -21.83 -31.61 -3.03
CA ALA C 254 -20.76 -32.46 -3.54
C ALA C 254 -19.58 -32.52 -2.56
N ILE C 255 -19.31 -31.41 -1.88
CA ILE C 255 -18.23 -31.36 -0.89
C ILE C 255 -18.57 -32.21 0.32
N GLY C 256 -19.70 -31.92 0.96
CA GLY C 256 -20.08 -32.58 2.19
C GLY C 256 -20.37 -34.06 2.04
N MET C 257 -20.43 -34.59 0.83
CA MET C 257 -20.61 -36.02 0.70
C MET C 257 -19.32 -36.79 0.98
N ASP C 258 -18.17 -36.12 0.85
CA ASP C 258 -16.88 -36.60 1.31
C ASP C 258 -16.92 -36.65 2.83
N GLN C 259 -16.91 -37.84 3.41
CA GLN C 259 -17.11 -37.97 4.84
C GLN C 259 -15.97 -37.35 5.66
N ARG C 260 -14.77 -37.22 5.09
CA ARG C 260 -13.70 -36.48 5.75
C ARG C 260 -14.04 -35.00 5.88
N ILE C 261 -14.83 -34.46 4.95
CA ILE C 261 -15.24 -33.06 5.07
C ILE C 261 -16.52 -32.94 5.88
N GLY C 262 -17.47 -33.85 5.67
CA GLY C 262 -18.77 -33.78 6.31
C GLY C 262 -19.68 -32.70 5.75
N ASN C 263 -20.98 -32.89 5.97
CA ASN C 263 -21.99 -32.13 5.23
C ASN C 263 -22.74 -31.13 6.10
N LYS C 264 -22.17 -30.68 7.20
CA LYS C 264 -22.81 -29.66 8.00
C LYS C 264 -22.08 -28.33 7.86
N PHE C 265 -22.80 -27.26 8.21
CA PHE C 265 -22.25 -25.90 8.20
C PHE C 265 -21.71 -25.51 6.82
N LEU C 266 -22.38 -25.98 5.77
CA LEU C 266 -22.03 -25.63 4.39
C LEU C 266 -23.17 -24.88 3.73
N LYS C 267 -23.98 -24.19 4.52
CA LYS C 267 -25.13 -23.49 3.96
C LYS C 267 -24.77 -22.01 3.80
N ALA C 268 -24.40 -21.62 2.56
CA ALA C 268 -23.95 -20.25 2.31
C ALA C 268 -24.99 -19.24 2.73
N SER C 269 -24.52 -18.05 3.08
CA SER C 269 -25.42 -17.05 3.66
C SER C 269 -24.88 -15.66 3.41
N VAL C 270 -25.75 -14.68 3.68
CA VAL C 270 -25.37 -13.28 3.73
C VAL C 270 -24.25 -13.05 4.73
N GLY C 271 -24.05 -13.96 5.68
CA GLY C 271 -22.91 -13.91 6.58
C GLY C 271 -23.28 -14.36 7.98
N PHE C 272 -22.29 -14.86 8.72
CA PHE C 272 -22.61 -15.38 10.04
C PHE C 272 -22.73 -14.24 11.04
N GLY C 273 -23.64 -14.43 12.01
CA GLY C 273 -23.81 -13.55 13.13
C GLY C 273 -23.79 -14.34 14.43
N GLY C 274 -24.56 -13.86 15.40
CA GLY C 274 -24.47 -14.39 16.74
C GLY C 274 -23.36 -13.72 17.54
N SER C 275 -23.40 -13.90 18.86
CA SER C 275 -22.53 -13.10 19.71
C SER C 275 -21.11 -13.60 19.76
N CYS C 276 -20.88 -14.88 19.47
CA CYS C 276 -19.58 -15.50 19.72
C CYS C 276 -18.68 -15.65 18.51
N PHE C 277 -19.20 -15.96 17.33
CA PHE C 277 -18.28 -16.33 16.26
C PHE C 277 -17.28 -15.22 15.96
N GLN C 278 -17.77 -14.03 15.62
CA GLN C 278 -16.83 -12.96 15.26
C GLN C 278 -15.89 -12.62 16.42
N LYS C 279 -16.44 -12.40 17.62
CA LYS C 279 -15.58 -11.97 18.71
C LYS C 279 -14.56 -13.04 19.09
N ASP C 280 -14.93 -14.32 19.00
CA ASP C 280 -14.02 -15.37 19.44
C ASP C 280 -12.84 -15.51 18.49
N VAL C 281 -13.07 -15.27 17.21
CA VAL C 281 -11.97 -15.27 16.25
C VAL C 281 -11.05 -14.10 16.54
N LEU C 282 -11.61 -12.91 16.65
CA LEU C 282 -10.82 -11.73 16.94
C LEU C 282 -10.03 -11.90 18.24
N ASN C 283 -10.69 -12.42 19.29
CA ASN C 283 -10.02 -12.69 20.56
C ASN C 283 -8.76 -13.53 20.33
N LEU C 284 -8.90 -14.60 19.54
CA LEU C 284 -7.76 -15.45 19.24
C LEU C 284 -6.75 -14.74 18.34
N VAL C 285 -7.23 -13.97 17.36
CA VAL C 285 -6.31 -13.20 16.52
C VAL C 285 -5.49 -12.27 17.40
N TYR C 286 -6.14 -11.58 18.33
CA TYR C 286 -5.43 -10.72 19.29
C TYR C 286 -4.43 -11.52 20.11
N LEU C 287 -4.89 -12.64 20.69
CA LEU C 287 -4.03 -13.49 21.49
C LEU C 287 -2.73 -13.87 20.77
N CYS C 288 -2.79 -14.07 19.45
CA CYS C 288 -1.61 -14.45 18.67
C CYS C 288 -0.63 -13.30 18.55
N GLU C 289 -1.11 -12.07 18.47
CA GLU C 289 -0.21 -10.93 18.33
C GLU C 289 0.60 -10.73 19.60
N ALA C 290 0.08 -11.15 20.75
CA ALA C 290 0.90 -11.14 21.94
C ALA C 290 1.82 -12.36 22.00
N LEU C 291 1.42 -13.47 21.40
CA LEU C 291 2.23 -14.67 21.46
C LEU C 291 3.29 -14.72 20.37
N ASN C 292 3.50 -13.62 19.65
CA ASN C 292 4.44 -13.55 18.53
C ASN C 292 4.13 -14.64 17.50
N LEU C 293 2.84 -14.83 17.19
CA LEU C 293 2.40 -15.73 16.13
C LEU C 293 1.68 -14.94 15.05
N PRO C 294 2.40 -14.13 14.27
CA PRO C 294 1.71 -13.28 13.30
C PRO C 294 1.11 -14.07 12.17
N GLU C 295 1.70 -15.21 11.81
CA GLU C 295 1.17 -15.98 10.69
C GLU C 295 -0.13 -16.67 11.07
N VAL C 296 -0.25 -17.11 12.31
CA VAL C 296 -1.49 -17.73 12.72
C VAL C 296 -2.60 -16.70 12.80
N ALA C 297 -2.28 -15.51 13.28
CA ALA C 297 -3.30 -14.46 13.37
C ALA C 297 -3.90 -14.16 11.99
N ARG C 298 -3.06 -13.97 10.98
CA ARG C 298 -3.60 -13.55 9.71
C ARG C 298 -4.28 -14.69 9.00
N TYR C 299 -3.88 -15.92 9.30
CA TYR C 299 -4.65 -17.07 8.84
C TYR C 299 -6.09 -16.98 9.33
N TRP C 300 -6.29 -16.77 10.63
CA TRP C 300 -7.66 -16.83 11.12
C TRP C 300 -8.42 -15.55 10.81
N GLN C 301 -7.71 -14.43 10.67
CA GLN C 301 -8.36 -13.17 10.37
C GLN C 301 -9.21 -13.25 9.10
N GLN C 302 -8.82 -14.15 8.18
CA GLN C 302 -9.52 -14.29 6.90
C GLN C 302 -10.97 -14.69 7.09
N VAL C 303 -11.26 -15.52 8.10
CA VAL C 303 -12.65 -15.85 8.42
C VAL C 303 -13.46 -14.57 8.62
N ILE C 304 -12.94 -13.61 9.38
CA ILE C 304 -13.68 -12.38 9.60
C ILE C 304 -13.78 -11.55 8.32
N ASP C 305 -12.67 -11.40 7.60
CA ASP C 305 -12.69 -10.55 6.41
C ASP C 305 -13.62 -11.11 5.33
N MET C 306 -13.59 -12.43 5.12
CA MET C 306 -14.48 -13.03 4.14
C MET C 306 -15.94 -12.77 4.49
N ASN C 307 -16.27 -12.81 5.79
CA ASN C 307 -17.64 -12.59 6.23
C ASN C 307 -18.02 -11.13 6.08
N ASP C 308 -17.10 -10.22 6.36
CA ASP C 308 -17.33 -8.82 6.11
C ASP C 308 -17.50 -8.56 4.62
N TYR C 309 -16.81 -9.35 3.80
CA TYR C 309 -16.91 -9.23 2.36
C TYR C 309 -18.21 -9.85 1.85
N GLN C 310 -18.60 -11.02 2.38
CA GLN C 310 -19.87 -11.61 2.01
C GLN C 310 -21.03 -10.68 2.27
N ARG C 311 -20.98 -9.96 3.39
CA ARG C 311 -22.04 -9.03 3.72
C ARG C 311 -22.05 -7.86 2.77
N ARG C 312 -20.89 -7.20 2.62
CA ARG C 312 -20.84 -6.00 1.80
C ARG C 312 -21.12 -6.30 0.32
N ARG C 313 -20.71 -7.47 -0.14
CA ARG C 313 -21.04 -7.90 -1.51
C ARG C 313 -22.55 -7.92 -1.72
N PHE C 314 -23.26 -8.56 -0.78
CA PHE C 314 -24.72 -8.63 -0.83
C PHE C 314 -25.33 -7.25 -0.82
N ALA C 315 -24.91 -6.41 0.12
CA ALA C 315 -25.45 -5.06 0.20
C ALA C 315 -25.26 -4.31 -1.11
N SER C 316 -24.09 -4.50 -1.74
CA SER C 316 -23.81 -3.82 -3.00
C SER C 316 -24.68 -4.34 -4.15
N ARG C 317 -24.97 -5.65 -4.19
CA ARG C 317 -25.85 -6.21 -5.23
C ARG C 317 -27.22 -5.56 -5.21
N ILE C 318 -27.83 -5.51 -4.02
CA ILE C 318 -29.08 -4.78 -3.83
C ILE C 318 -28.95 -3.37 -4.38
N ILE C 319 -27.97 -2.61 -3.87
CA ILE C 319 -27.83 -1.21 -4.26
C ILE C 319 -27.59 -1.09 -5.75
N ASP C 320 -26.82 -2.01 -6.34
CA ASP C 320 -26.54 -1.92 -7.76
C ASP C 320 -27.79 -2.16 -8.58
N SER C 321 -28.57 -3.19 -8.23
CA SER C 321 -29.80 -3.46 -8.95
C SER C 321 -30.81 -2.32 -8.83
N LEU C 322 -30.73 -1.52 -7.77
CA LEU C 322 -31.54 -0.31 -7.70
C LEU C 322 -30.81 0.89 -8.27
N PHE C 323 -29.83 0.64 -9.16
CA PHE C 323 -29.13 1.67 -9.96
C PHE C 323 -28.36 2.65 -9.07
N ASN C 324 -27.77 2.14 -8.00
CA ASN C 324 -26.95 2.85 -7.02
C ASN C 324 -27.68 3.99 -6.31
N THR C 325 -28.99 4.03 -6.41
CA THR C 325 -29.72 5.03 -5.68
C THR C 325 -30.83 4.34 -4.99
N VAL C 326 -31.04 4.66 -3.73
CA VAL C 326 -32.05 4.04 -2.93
C VAL C 326 -32.82 5.05 -2.15
N THR C 327 -32.47 6.31 -2.27
CA THR C 327 -33.14 7.36 -1.53
C THR C 327 -34.64 7.27 -1.54
N ASP C 328 -35.19 7.21 -0.36
CA ASP C 328 -36.63 7.14 -0.18
C ASP C 328 -37.27 5.94 -0.85
N LYS C 329 -36.48 4.95 -1.25
CA LYS C 329 -37.02 3.72 -1.82
C LYS C 329 -37.43 2.75 -0.72
N LYS C 330 -38.67 2.27 -0.77
CA LYS C 330 -39.11 1.31 0.23
C LYS C 330 -38.43 -0.03 -0.01
N ILE C 331 -37.97 -0.65 1.09
CA ILE C 331 -37.35 -1.98 1.02
C ILE C 331 -37.75 -2.77 2.25
N ALA C 332 -38.18 -4.02 2.04
CA ALA C 332 -38.59 -4.90 3.11
C ALA C 332 -37.44 -5.78 3.58
N ILE C 333 -37.20 -5.78 4.89
CA ILE C 333 -36.23 -6.66 5.52
C ILE C 333 -37.01 -7.75 6.24
N LEU C 334 -36.97 -8.96 5.69
CA LEU C 334 -37.60 -10.12 6.30
C LEU C 334 -36.53 -10.86 7.10
N GLY C 335 -36.67 -10.87 8.41
CA GLY C 335 -35.71 -11.54 9.26
C GLY C 335 -34.66 -10.61 9.82
N PHE C 336 -34.63 -10.47 11.14
CA PHE C 336 -33.64 -9.68 11.85
C PHE C 336 -32.83 -10.50 12.85
N ALA C 337 -33.37 -11.60 13.37
CA ALA C 337 -32.58 -12.52 14.16
C ALA C 337 -31.37 -13.03 13.36
N PHE C 338 -30.32 -13.45 14.07
CA PHE C 338 -29.08 -13.89 13.42
C PHE C 338 -29.14 -15.32 12.94
N LYS C 339 -30.15 -16.07 13.36
CA LYS C 339 -30.52 -17.35 12.77
C LYS C 339 -31.98 -17.55 13.13
N LYS C 340 -32.57 -18.60 12.60
CA LYS C 340 -33.97 -18.84 12.95
C LYS C 340 -34.08 -19.46 14.33
N ASP C 341 -35.31 -19.45 14.86
CA ASP C 341 -35.67 -20.02 16.15
C ASP C 341 -34.98 -19.32 17.31
N THR C 342 -34.82 -18.00 17.20
CA THR C 342 -34.20 -17.27 18.28
C THR C 342 -34.67 -15.82 18.22
N GLY C 343 -34.58 -15.14 19.35
CA GLY C 343 -34.91 -13.72 19.38
C GLY C 343 -33.66 -12.89 19.33
N ASP C 344 -32.52 -13.54 19.53
CA ASP C 344 -31.25 -12.85 19.59
C ASP C 344 -30.98 -12.13 18.28
N THR C 345 -30.38 -10.95 18.37
CA THR C 345 -29.94 -10.22 17.18
C THR C 345 -28.44 -9.98 17.14
N ARG C 346 -27.71 -10.38 18.17
CA ARG C 346 -26.32 -9.96 18.29
C ARG C 346 -25.54 -10.32 17.04
N GLU C 347 -24.99 -9.29 16.38
CA GLU C 347 -24.12 -9.43 15.23
C GLU C 347 -24.83 -10.02 14.02
N SER C 348 -26.17 -9.99 14.04
CA SER C 348 -26.97 -10.49 12.92
C SER C 348 -26.67 -9.69 11.66
N SER C 349 -26.35 -10.42 10.60
CA SER C 349 -26.14 -9.78 9.31
C SER C 349 -27.27 -8.83 8.97
N SER C 350 -28.48 -9.06 9.51
CA SER C 350 -29.59 -8.14 9.26
C SER C 350 -29.25 -6.73 9.68
N ILE C 351 -28.56 -6.57 10.81
CA ILE C 351 -28.17 -5.24 11.26
C ILE C 351 -27.29 -4.58 10.22
N TYR C 352 -26.31 -5.32 9.72
CA TYR C 352 -25.27 -4.72 8.88
C TYR C 352 -25.83 -4.39 7.51
N ILE C 353 -26.70 -5.25 6.99
CA ILE C 353 -27.41 -4.95 5.75
C ILE C 353 -28.33 -3.75 5.96
N SER C 354 -29.02 -3.68 7.10
CA SER C 354 -29.84 -2.50 7.38
C SER C 354 -28.98 -1.23 7.48
N LYS C 355 -27.81 -1.34 8.09
CA LYS C 355 -26.96 -0.16 8.16
C LYS C 355 -26.48 0.27 6.78
N TYR C 356 -26.11 -0.69 5.92
CA TYR C 356 -25.69 -0.33 4.56
C TYR C 356 -26.81 0.35 3.79
N LEU C 357 -28.04 -0.16 3.93
CA LEU C 357 -29.14 0.49 3.23
C LEU C 357 -29.59 1.78 3.90
N MET C 358 -29.35 1.95 5.21
CA MET C 358 -29.65 3.25 5.82
C MET C 358 -28.66 4.32 5.38
N ASP C 359 -27.41 3.94 5.13
CA ASP C 359 -26.46 4.88 4.57
C ASP C 359 -26.83 5.28 3.15
N GLU C 360 -27.80 4.63 2.54
CA GLU C 360 -28.26 4.98 1.21
C GLU C 360 -29.55 5.78 1.24
N GLY C 361 -30.10 6.02 2.43
CA GLY C 361 -31.34 6.74 2.56
C GLY C 361 -32.58 5.95 2.21
N ALA C 362 -32.51 4.62 2.20
CA ALA C 362 -33.69 3.81 1.97
C ALA C 362 -34.67 3.89 3.13
N HIS C 363 -35.94 3.56 2.84
CA HIS C 363 -36.98 3.41 3.85
C HIS C 363 -37.13 1.93 4.13
N LEU C 364 -36.50 1.47 5.21
CA LEU C 364 -36.54 0.07 5.59
C LEU C 364 -37.81 -0.24 6.39
N HIS C 365 -38.52 -1.27 5.98
CA HIS C 365 -39.61 -1.84 6.77
C HIS C 365 -39.22 -3.25 7.16
N ILE C 366 -39.06 -3.49 8.47
CA ILE C 366 -38.43 -4.70 8.98
C ILE C 366 -39.48 -5.57 9.62
N TYR C 367 -39.45 -6.87 9.32
CA TYR C 367 -40.34 -7.82 9.96
C TYR C 367 -39.56 -9.01 10.49
N ASP C 368 -39.81 -9.35 11.76
CA ASP C 368 -39.31 -10.59 12.29
C ASP C 368 -40.40 -11.23 13.13
N PRO C 369 -40.54 -12.55 13.05
CA PRO C 369 -41.58 -13.22 13.83
C PRO C 369 -41.28 -13.30 15.33
N LYS C 370 -40.04 -13.12 15.76
CA LYS C 370 -39.74 -13.32 17.17
C LYS C 370 -38.99 -12.16 17.80
N VAL C 371 -38.16 -11.45 17.04
CA VAL C 371 -37.39 -10.33 17.62
C VAL C 371 -38.34 -9.25 18.12
N PRO C 372 -38.22 -8.79 19.36
CA PRO C 372 -39.08 -7.70 19.83
C PRO C 372 -38.76 -6.38 19.14
N ARG C 373 -39.76 -5.50 19.12
CA ARG C 373 -39.71 -4.33 18.24
C ARG C 373 -38.67 -3.32 18.70
N GLU C 374 -38.57 -3.06 20.01
CA GLU C 374 -37.61 -2.07 20.45
C GLU C 374 -36.18 -2.55 20.31
N GLN C 375 -35.97 -3.87 20.29
CA GLN C 375 -34.64 -4.42 20.02
C GLN C 375 -34.12 -3.95 18.68
N ILE C 376 -34.93 -4.09 17.64
CA ILE C 376 -34.54 -3.62 16.32
C ILE C 376 -34.24 -2.14 16.38
N VAL C 377 -35.05 -1.38 17.10
CA VAL C 377 -34.82 0.06 17.18
C VAL C 377 -33.50 0.35 17.89
N VAL C 378 -33.22 -0.37 18.98
CA VAL C 378 -31.93 -0.20 19.63
C VAL C 378 -30.79 -0.54 18.67
N ASP C 379 -30.86 -1.73 18.07
CA ASP C 379 -29.77 -2.24 17.24
C ASP C 379 -29.43 -1.34 16.05
N LEU C 380 -30.35 -0.48 15.62
CA LEU C 380 -30.08 0.33 14.45
C LEU C 380 -29.75 1.77 14.81
N SER C 381 -29.44 2.04 16.07
CA SER C 381 -29.27 3.40 16.58
C SER C 381 -27.81 3.67 16.95
N HIS C 382 -27.57 4.94 17.33
CA HIS C 382 -26.25 5.60 17.47
C HIS C 382 -25.85 6.37 16.21
N ASP C 389 -32.68 11.85 14.32
CA ASP C 389 -32.31 10.44 14.29
C ASP C 389 -32.46 9.88 12.87
N GLN C 390 -31.39 9.21 12.41
CA GLN C 390 -31.44 8.43 11.17
C GLN C 390 -32.51 7.34 11.27
N VAL C 391 -32.66 6.73 12.44
CA VAL C 391 -33.65 5.68 12.62
C VAL C 391 -35.05 6.22 12.45
N SER C 392 -35.34 7.37 13.06
CA SER C 392 -36.67 7.97 13.01
C SER C 392 -37.17 8.11 11.58
N ARG C 393 -36.31 8.59 10.69
CA ARG C 393 -36.71 8.89 9.33
C ARG C 393 -36.76 7.66 8.43
N LEU C 394 -35.96 6.63 8.72
CA LEU C 394 -35.75 5.57 7.75
C LEU C 394 -36.35 4.23 8.12
N VAL C 395 -36.60 3.97 9.41
CA VAL C 395 -36.93 2.62 9.88
C VAL C 395 -38.40 2.57 10.31
N THR C 396 -39.17 1.74 9.62
CA THR C 396 -40.48 1.29 10.06
C THR C 396 -40.38 -0.19 10.45
N ILE C 397 -41.10 -0.59 11.48
CA ILE C 397 -41.11 -1.98 11.91
C ILE C 397 -42.49 -2.56 11.64
N SER C 398 -42.53 -3.60 10.79
CA SER C 398 -43.76 -4.14 10.25
C SER C 398 -44.36 -5.19 11.17
N LYS C 399 -45.70 -5.20 11.24
CA LYS C 399 -46.42 -6.20 12.00
C LYS C 399 -46.57 -7.51 11.23
N ASP C 400 -46.47 -7.48 9.90
CA ASP C 400 -46.53 -8.70 9.12
C ASP C 400 -45.78 -8.48 7.81
N PRO C 401 -45.32 -9.55 7.16
CA PRO C 401 -44.48 -9.37 5.96
C PRO C 401 -45.17 -8.65 4.82
N TYR C 402 -46.49 -8.82 4.65
CA TYR C 402 -47.18 -8.24 3.52
C TYR C 402 -47.24 -6.72 3.64
N GLU C 403 -47.50 -6.23 4.84
CA GLU C 403 -47.35 -4.80 5.13
C GLU C 403 -45.94 -4.33 4.80
N ALA C 404 -44.94 -5.17 5.05
CA ALA C 404 -43.55 -4.80 4.81
C ALA C 404 -43.22 -4.74 3.32
N CYS C 405 -43.89 -5.55 2.49
CA CYS C 405 -43.64 -5.58 1.06
C CYS C 405 -44.60 -4.71 0.26
N ASP C 406 -45.62 -4.14 0.90
CA ASP C 406 -46.57 -3.26 0.24
C ASP C 406 -45.85 -2.06 -0.38
N GLY C 407 -45.68 -2.06 -1.70
CA GLY C 407 -45.07 -0.94 -2.38
C GLY C 407 -43.56 -0.91 -2.32
N ALA C 408 -42.93 -2.01 -1.94
CA ALA C 408 -41.49 -2.04 -1.83
C ALA C 408 -40.85 -2.21 -3.20
N HIS C 409 -39.64 -1.67 -3.35
CA HIS C 409 -38.83 -1.97 -4.51
C HIS C 409 -38.19 -3.34 -4.40
N ALA C 410 -37.84 -3.77 -3.18
CA ALA C 410 -37.10 -5.01 -3.00
C ALA C 410 -37.47 -5.67 -1.67
N VAL C 411 -37.30 -6.98 -1.64
CA VAL C 411 -37.51 -7.80 -0.46
C VAL C 411 -36.17 -8.46 -0.17
N VAL C 412 -35.60 -8.21 1.01
CA VAL C 412 -34.30 -8.78 1.37
C VAL C 412 -34.48 -9.76 2.53
N ILE C 413 -34.37 -11.06 2.24
CA ILE C 413 -34.52 -12.09 3.25
C ILE C 413 -33.15 -12.35 3.88
N CYS C 414 -33.04 -12.16 5.20
CA CYS C 414 -31.77 -12.32 5.92
C CYS C 414 -31.77 -13.45 6.95
N THR C 415 -32.92 -13.88 7.40
CA THR C 415 -33.01 -14.92 8.42
C THR C 415 -33.86 -16.06 7.86
N GLU C 416 -33.30 -17.28 7.93
CA GLU C 416 -33.94 -18.43 7.29
C GLU C 416 -35.20 -18.91 8.01
N TRP C 417 -36.07 -17.99 8.42
CA TRP C 417 -37.32 -18.37 9.07
C TRP C 417 -38.19 -19.18 8.10
N ASP C 418 -38.56 -20.40 8.52
CA ASP C 418 -39.33 -21.29 7.66
C ASP C 418 -40.58 -20.66 7.08
N MET C 419 -41.10 -19.62 7.70
CA MET C 419 -42.34 -19.03 7.21
C MET C 419 -42.15 -18.19 5.94
N PHE C 420 -40.97 -17.61 5.70
CA PHE C 420 -40.82 -16.79 4.50
C PHE C 420 -41.04 -17.61 3.25
N LYS C 421 -40.62 -18.87 3.26
CA LYS C 421 -40.79 -19.75 2.11
C LYS C 421 -42.26 -20.01 1.77
N GLU C 422 -43.18 -19.74 2.70
CA GLU C 422 -44.59 -20.04 2.51
C GLU C 422 -45.41 -18.81 2.16
N LEU C 423 -44.76 -17.66 1.98
CA LEU C 423 -45.50 -16.42 1.75
C LEU C 423 -46.29 -16.45 0.43
N ASP C 424 -47.32 -15.61 0.38
CA ASP C 424 -48.14 -15.45 -0.82
C ASP C 424 -47.42 -14.50 -1.77
N TYR C 425 -46.47 -15.07 -2.53
CA TYR C 425 -45.62 -14.24 -3.38
C TYR C 425 -46.37 -13.71 -4.59
N GLU C 426 -47.40 -14.42 -5.05
CA GLU C 426 -48.31 -13.86 -6.03
C GLU C 426 -48.85 -12.51 -5.55
N ARG C 427 -49.36 -12.47 -4.31
CA ARG C 427 -49.94 -11.26 -3.75
C ARG C 427 -48.88 -10.18 -3.50
N ILE C 428 -47.76 -10.55 -2.89
CA ILE C 428 -46.68 -9.60 -2.64
C ILE C 428 -46.37 -8.82 -3.91
N HIS C 429 -46.25 -9.54 -5.02
CA HIS C 429 -45.80 -8.98 -6.29
C HIS C 429 -46.75 -7.94 -6.83
N LYS C 430 -48.06 -8.18 -6.71
CA LYS C 430 -49.04 -7.26 -7.28
C LYS C 430 -48.83 -5.84 -6.76
N LYS C 431 -48.52 -5.71 -5.48
CA LYS C 431 -48.45 -4.38 -4.87
C LYS C 431 -47.02 -3.90 -4.70
N MET C 432 -46.03 -4.60 -5.25
CA MET C 432 -44.67 -4.08 -5.29
C MET C 432 -44.50 -3.11 -6.45
N LEU C 433 -43.47 -2.28 -6.35
CA LEU C 433 -43.11 -1.44 -7.48
C LEU C 433 -42.28 -2.25 -8.45
N LYS C 434 -42.45 -1.99 -9.74
CA LYS C 434 -41.71 -2.75 -10.75
C LYS C 434 -40.60 -1.90 -11.32
N PRO C 435 -39.41 -2.50 -11.55
CA PRO C 435 -39.15 -3.93 -11.37
C PRO C 435 -39.03 -4.32 -9.90
N ALA C 436 -39.40 -5.56 -9.59
CA ALA C 436 -39.64 -6.02 -8.24
C ALA C 436 -38.66 -7.13 -7.86
N PHE C 437 -37.69 -6.80 -7.01
CA PHE C 437 -36.60 -7.72 -6.71
C PHE C 437 -36.87 -8.50 -5.44
N ILE C 438 -36.40 -9.75 -5.42
CA ILE C 438 -36.20 -10.54 -4.21
C ILE C 438 -34.72 -10.89 -4.14
N PHE C 439 -34.03 -10.40 -3.11
CA PHE C 439 -32.65 -10.81 -2.81
C PHE C 439 -32.67 -11.80 -1.64
N ASP C 440 -32.41 -13.06 -1.94
CA ASP C 440 -32.49 -14.14 -0.97
C ASP C 440 -31.10 -14.40 -0.42
N GLY C 441 -30.86 -13.97 0.81
CA GLY C 441 -29.58 -14.17 1.45
C GLY C 441 -29.46 -15.47 2.22
N ARG C 442 -30.43 -16.37 2.11
CA ARG C 442 -30.39 -17.62 2.86
C ARG C 442 -30.63 -18.88 2.04
N ARG C 443 -30.80 -18.79 0.71
CA ARG C 443 -31.19 -19.91 -0.15
C ARG C 443 -32.48 -20.58 0.31
N VAL C 444 -33.34 -19.89 1.06
CA VAL C 444 -34.59 -20.50 1.51
C VAL C 444 -35.59 -20.67 0.37
N LEU C 445 -35.38 -20.00 -0.76
CA LEU C 445 -36.34 -20.03 -1.84
C LEU C 445 -35.90 -20.86 -3.04
N ASP C 446 -34.89 -21.71 -2.88
CA ASP C 446 -34.41 -22.49 -4.02
C ASP C 446 -35.54 -23.38 -4.56
N GLY C 447 -35.60 -23.52 -5.87
CA GLY C 447 -36.67 -24.27 -6.46
C GLY C 447 -37.94 -23.49 -6.66
N LEU C 448 -38.15 -22.42 -5.93
CA LEU C 448 -39.22 -21.49 -6.26
C LEU C 448 -38.80 -20.46 -7.29
N HIS C 449 -37.57 -20.56 -7.81
CA HIS C 449 -37.12 -19.56 -8.78
C HIS C 449 -37.99 -19.57 -10.02
N ASN C 450 -38.41 -20.74 -10.47
CA ASN C 450 -39.20 -20.77 -11.69
C ASN C 450 -40.55 -20.11 -11.47
N GLU C 451 -41.24 -20.49 -10.40
CA GLU C 451 -42.54 -19.89 -10.12
C GLU C 451 -42.41 -18.39 -9.87
N LEU C 452 -41.44 -17.98 -9.03
CA LEU C 452 -41.26 -16.56 -8.74
C LEU C 452 -40.90 -15.76 -10.00
N GLN C 453 -40.27 -16.41 -10.97
CA GLN C 453 -39.88 -15.74 -12.21
C GLN C 453 -41.05 -15.58 -13.18
N THR C 454 -41.90 -16.60 -13.34
CA THR C 454 -43.08 -16.36 -14.18
C THR C 454 -43.99 -15.32 -13.55
N ILE C 455 -44.03 -15.23 -12.21
CA ILE C 455 -44.80 -14.19 -11.55
C ILE C 455 -44.24 -12.81 -11.85
N GLY C 456 -42.94 -12.72 -12.13
CA GLY C 456 -42.33 -11.46 -12.53
C GLY C 456 -41.27 -10.92 -11.60
N PHE C 457 -40.98 -11.66 -10.53
CA PHE C 457 -40.00 -11.24 -9.56
C PHE C 457 -38.60 -11.35 -10.13
N GLN C 458 -37.73 -10.42 -9.76
CA GLN C 458 -36.36 -10.50 -10.18
C GLN C 458 -35.78 -11.14 -8.95
N ILE C 459 -35.34 -12.38 -9.08
CA ILE C 459 -34.82 -13.10 -7.92
C ILE C 459 -33.35 -13.43 -8.03
N GLU C 460 -32.63 -13.11 -6.96
CA GLU C 460 -31.21 -13.38 -6.88
C GLU C 460 -30.91 -14.01 -5.54
N THR C 461 -29.80 -14.74 -5.48
CA THR C 461 -29.44 -15.38 -4.23
C THR C 461 -27.94 -15.61 -4.19
N ILE C 462 -27.43 -15.64 -2.97
CA ILE C 462 -26.05 -16.04 -2.71
C ILE C 462 -25.71 -17.32 -3.48
N GLY C 463 -24.63 -17.27 -4.23
CA GLY C 463 -24.12 -18.45 -4.88
C GLY C 463 -24.81 -18.91 -6.15
N LYS C 464 -25.78 -18.17 -6.68
CA LYS C 464 -26.35 -18.46 -7.98
C LYS C 464 -26.00 -17.32 -8.93
N LYS C 465 -25.51 -17.66 -10.13
CA LYS C 465 -25.15 -16.63 -11.09
C LYS C 465 -26.40 -15.94 -11.64
N VAL C 466 -26.27 -14.64 -11.90
CA VAL C 466 -27.29 -13.86 -12.61
C VAL C 466 -26.94 -13.76 -14.08
N MET D 1 -32.80 -47.88 -25.25
CA MET D 1 -32.15 -46.59 -25.43
C MET D 1 -30.63 -46.74 -25.47
N PHE D 2 -29.91 -45.67 -25.14
CA PHE D 2 -28.46 -45.63 -25.36
C PHE D 2 -27.70 -46.22 -24.19
N GLU D 3 -26.72 -47.08 -24.52
CA GLU D 3 -25.98 -47.87 -23.56
C GLU D 3 -24.51 -47.84 -23.92
N ILE D 4 -23.67 -47.38 -22.99
CA ILE D 4 -22.24 -47.30 -23.24
C ILE D 4 -21.67 -48.71 -23.26
N LYS D 5 -21.04 -49.07 -24.37
CA LYS D 5 -20.48 -50.41 -24.46
C LYS D 5 -18.98 -50.40 -24.77
N LYS D 6 -18.47 -49.37 -25.41
CA LYS D 6 -17.04 -49.24 -25.61
C LYS D 6 -16.56 -47.96 -24.93
N ILE D 7 -15.52 -48.07 -24.11
CA ILE D 7 -14.98 -46.97 -23.34
C ILE D 7 -13.51 -46.83 -23.66
N CYS D 8 -13.10 -45.61 -24.00
CA CYS D 8 -11.70 -45.28 -24.21
C CYS D 8 -11.30 -44.22 -23.19
N CYS D 9 -10.29 -44.53 -22.37
CA CYS D 9 -9.65 -43.52 -21.54
C CYS D 9 -8.34 -43.09 -22.20
N ILE D 10 -8.05 -41.79 -22.12
CA ILE D 10 -6.82 -41.22 -22.64
C ILE D 10 -5.97 -40.83 -21.44
N GLY D 11 -4.88 -41.56 -21.21
CA GLY D 11 -4.00 -41.23 -20.10
C GLY D 11 -4.00 -42.24 -18.98
N ALA D 12 -3.06 -43.18 -19.03
CA ALA D 12 -2.99 -44.32 -18.11
C ALA D 12 -2.04 -44.01 -16.95
N GLY D 13 -2.50 -43.17 -16.02
CA GLY D 13 -1.77 -42.82 -14.82
C GLY D 13 -2.57 -43.07 -13.56
N TYR D 14 -2.21 -42.42 -12.44
CA TYR D 14 -2.88 -42.63 -11.14
C TYR D 14 -4.38 -42.43 -11.22
N VAL D 15 -4.89 -41.79 -12.28
CA VAL D 15 -6.33 -41.69 -12.49
C VAL D 15 -6.79 -42.75 -13.48
N GLY D 16 -6.48 -42.55 -14.77
CA GLY D 16 -6.95 -43.40 -15.84
C GLY D 16 -6.92 -44.88 -15.54
N GLY D 17 -5.74 -45.40 -15.21
CA GLY D 17 -5.57 -46.82 -14.96
C GLY D 17 -6.52 -47.41 -13.94
N PRO D 18 -6.38 -47.00 -12.66
CA PRO D 18 -7.28 -47.51 -11.62
C PRO D 18 -8.76 -47.43 -11.97
N THR D 19 -9.28 -46.24 -12.25
CA THR D 19 -10.69 -46.06 -12.54
C THR D 19 -11.16 -46.99 -13.66
N CYS D 20 -10.32 -47.18 -14.67
CA CYS D 20 -10.75 -48.04 -15.76
C CYS D 20 -10.66 -49.50 -15.38
N SER D 21 -9.64 -49.86 -14.58
CA SER D 21 -9.51 -51.25 -14.16
C SER D 21 -10.69 -51.68 -13.31
N VAL D 22 -11.27 -50.74 -12.56
CA VAL D 22 -12.45 -51.03 -11.75
C VAL D 22 -13.71 -51.09 -12.61
N ILE D 23 -13.95 -50.07 -13.44
CA ILE D 23 -15.02 -50.14 -14.43
C ILE D 23 -14.98 -51.48 -15.15
N ALA D 24 -13.78 -51.93 -15.53
CA ALA D 24 -13.68 -53.21 -16.21
C ALA D 24 -14.07 -54.35 -15.27
N HIS D 25 -13.52 -54.36 -14.07
CA HIS D 25 -13.81 -55.44 -13.14
C HIS D 25 -15.29 -55.48 -12.79
N MET D 26 -15.98 -54.35 -12.88
CA MET D 26 -17.38 -54.23 -12.48
C MET D 26 -18.37 -54.32 -13.63
N CYS D 27 -17.93 -54.30 -14.88
CA CYS D 27 -18.84 -54.24 -16.03
C CYS D 27 -18.33 -55.16 -17.12
N PRO D 28 -18.51 -56.47 -16.97
CA PRO D 28 -17.89 -57.41 -17.93
C PRO D 28 -18.44 -57.28 -19.35
N GLU D 29 -19.60 -56.65 -19.53
CA GLU D 29 -20.23 -56.43 -20.83
C GLU D 29 -19.82 -55.10 -21.49
N ILE D 30 -18.69 -54.53 -21.08
CA ILE D 30 -18.24 -53.21 -21.53
C ILE D 30 -16.75 -53.27 -21.83
N ARG D 31 -16.35 -52.94 -23.04
CA ARG D 31 -14.95 -52.96 -23.40
C ARG D 31 -14.27 -51.67 -22.92
N VAL D 32 -13.30 -51.81 -22.02
CA VAL D 32 -12.60 -50.68 -21.44
C VAL D 32 -11.18 -50.65 -21.98
N THR D 33 -10.91 -49.72 -22.88
CA THR D 33 -9.61 -49.57 -23.51
C THR D 33 -8.92 -48.34 -22.91
N VAL D 34 -7.77 -48.55 -22.27
CA VAL D 34 -6.96 -47.45 -21.75
C VAL D 34 -5.79 -47.23 -22.69
N VAL D 35 -5.68 -46.01 -23.22
CA VAL D 35 -4.64 -45.67 -24.19
C VAL D 35 -3.69 -44.66 -23.56
N ASP D 36 -2.58 -44.45 -24.24
CA ASP D 36 -1.61 -43.49 -23.78
C ASP D 36 -0.52 -43.34 -24.83
N VAL D 37 0.20 -42.23 -24.74
CA VAL D 37 1.29 -41.99 -25.66
C VAL D 37 2.62 -42.49 -25.11
N ASN D 38 2.64 -42.89 -23.84
CA ASN D 38 3.85 -43.30 -23.13
C ASN D 38 3.96 -44.82 -23.16
N GLU D 39 4.76 -45.33 -24.10
CA GLU D 39 4.77 -46.77 -24.37
C GLU D 39 5.31 -47.60 -23.20
N SER D 40 6.11 -47.03 -22.32
CA SER D 40 6.66 -47.81 -21.21
C SER D 40 5.58 -48.12 -20.17
N ARG D 41 4.83 -47.10 -19.76
CA ARG D 41 3.69 -47.33 -18.88
C ARG D 41 2.70 -48.30 -19.51
N ILE D 42 2.34 -48.09 -20.78
CA ILE D 42 1.38 -48.97 -21.44
C ILE D 42 1.87 -50.41 -21.45
N ASN D 43 3.19 -50.61 -21.57
CA ASN D 43 3.74 -51.96 -21.42
C ASN D 43 3.68 -52.42 -19.97
N ALA D 44 4.14 -51.58 -19.04
CA ALA D 44 4.11 -51.94 -17.62
C ALA D 44 2.71 -52.30 -17.17
N TRP D 45 1.68 -51.67 -17.73
CA TRP D 45 0.31 -52.05 -17.42
C TRP D 45 0.00 -53.46 -17.90
N ASN D 46 0.46 -53.83 -19.10
CA ASN D 46 0.28 -55.18 -19.62
C ASN D 46 1.41 -56.12 -19.22
N SER D 47 2.10 -55.84 -18.12
CA SER D 47 3.17 -56.64 -17.57
C SER D 47 2.81 -57.13 -16.18
N PRO D 48 3.56 -58.11 -15.68
CA PRO D 48 3.31 -58.66 -14.34
C PRO D 48 3.39 -57.57 -13.28
N THR D 49 4.30 -56.62 -13.46
CA THR D 49 4.47 -55.53 -12.52
C THR D 49 3.81 -54.26 -13.05
N LEU D 50 2.99 -53.62 -12.22
CA LEU D 50 2.29 -52.41 -12.61
C LEU D 50 3.09 -51.16 -12.26
N PRO D 51 2.95 -50.11 -13.09
CA PRO D 51 3.67 -48.84 -12.85
C PRO D 51 3.14 -48.00 -11.69
N ILE D 52 2.13 -48.46 -10.96
CA ILE D 52 1.61 -47.76 -9.78
C ILE D 52 1.57 -48.72 -8.60
N TYR D 53 2.00 -48.23 -7.44
CA TYR D 53 1.83 -49.00 -6.21
C TYR D 53 0.52 -48.58 -5.56
N GLU D 54 -0.55 -49.34 -5.83
CA GLU D 54 -1.85 -49.23 -5.16
C GLU D 54 -2.36 -50.61 -4.76
N PRO D 55 -2.60 -50.85 -3.47
CA PRO D 55 -3.09 -52.17 -3.03
C PRO D 55 -4.38 -52.55 -3.73
N GLY D 56 -4.53 -53.84 -4.02
CA GLY D 56 -5.69 -54.38 -4.69
C GLY D 56 -5.59 -54.31 -6.20
N LEU D 57 -4.97 -53.24 -6.71
CA LEU D 57 -5.02 -52.92 -8.14
C LEU D 57 -4.51 -54.06 -9.01
N LYS D 58 -3.37 -54.65 -8.62
CA LYS D 58 -2.81 -55.75 -9.41
C LYS D 58 -3.84 -56.85 -9.62
N GLU D 59 -4.50 -57.26 -8.54
CA GLU D 59 -5.51 -58.30 -8.64
C GLU D 59 -6.67 -57.85 -9.51
N VAL D 60 -7.04 -56.58 -9.43
CA VAL D 60 -8.11 -56.07 -10.27
C VAL D 60 -7.77 -56.23 -11.74
N VAL D 61 -6.56 -55.81 -12.12
CA VAL D 61 -6.21 -55.80 -13.54
C VAL D 61 -6.27 -57.21 -14.09
N GLU D 62 -5.57 -58.15 -13.46
CA GLU D 62 -5.59 -59.53 -13.91
C GLU D 62 -7.01 -60.06 -14.01
N SER D 63 -7.93 -59.54 -13.18
CA SER D 63 -9.32 -59.98 -13.24
C SER D 63 -9.95 -59.71 -14.60
N CYS D 64 -9.38 -58.77 -15.36
CA CYS D 64 -9.97 -58.42 -16.66
C CYS D 64 -8.96 -58.04 -17.73
N ARG D 65 -7.71 -57.72 -17.38
CA ARG D 65 -6.71 -57.41 -18.40
C ARG D 65 -6.63 -58.56 -19.38
N GLY D 66 -7.03 -58.28 -20.62
CA GLY D 66 -7.17 -59.27 -21.65
C GLY D 66 -8.61 -59.61 -21.96
N LYS D 67 -9.49 -59.58 -20.95
CA LYS D 67 -10.87 -60.02 -21.14
C LYS D 67 -11.78 -58.85 -21.54
N ASN D 68 -11.82 -57.79 -20.71
CA ASN D 68 -12.52 -56.57 -21.09
C ASN D 68 -11.74 -55.31 -20.71
N LEU D 69 -10.55 -55.44 -20.15
CA LEU D 69 -9.66 -54.32 -19.84
C LEU D 69 -8.40 -54.44 -20.70
N PHE D 70 -8.06 -53.38 -21.41
CA PHE D 70 -6.90 -53.38 -22.28
C PHE D 70 -6.07 -52.12 -22.09
N PHE D 71 -4.76 -52.26 -22.31
CA PHE D 71 -3.83 -51.14 -22.35
C PHE D 71 -3.15 -51.10 -23.71
N SER D 72 -3.13 -49.91 -24.32
CA SER D 72 -2.81 -49.80 -25.73
C SER D 72 -2.16 -48.45 -25.99
N THR D 73 -1.26 -48.41 -26.97
CA THR D 73 -0.75 -47.15 -27.48
C THR D 73 -1.41 -46.75 -28.79
N ASN D 74 -2.40 -47.51 -29.25
CA ASN D 74 -3.22 -47.18 -30.42
C ASN D 74 -4.36 -46.27 -29.96
N ILE D 75 -4.01 -44.99 -29.77
CA ILE D 75 -4.94 -43.99 -29.29
C ILE D 75 -6.07 -43.78 -30.30
N ASP D 76 -5.75 -43.78 -31.59
CA ASP D 76 -6.70 -43.37 -32.60
C ASP D 76 -7.81 -44.40 -32.78
N ASP D 77 -7.45 -45.67 -32.98
CA ASP D 77 -8.49 -46.67 -33.18
C ASP D 77 -9.38 -46.80 -31.95
N ALA D 78 -8.86 -46.48 -30.76
CA ALA D 78 -9.69 -46.55 -29.57
C ALA D 78 -10.74 -45.44 -29.57
N ILE D 79 -10.36 -44.24 -30.00
CA ILE D 79 -11.30 -43.13 -29.98
C ILE D 79 -12.48 -43.30 -30.93
N LYS D 80 -12.22 -43.73 -32.16
CA LYS D 80 -13.29 -43.92 -33.12
C LYS D 80 -14.20 -45.05 -32.69
N GLU D 81 -13.59 -46.12 -32.21
CA GLU D 81 -14.29 -47.30 -31.77
C GLU D 81 -15.17 -47.12 -30.53
N ALA D 82 -14.65 -46.38 -29.56
CA ALA D 82 -15.33 -46.15 -28.27
C ALA D 82 -16.56 -45.25 -28.21
N ASP D 83 -17.52 -45.65 -27.39
CA ASP D 83 -18.72 -44.90 -27.14
C ASP D 83 -18.50 -43.77 -26.13
N LEU D 84 -17.56 -43.97 -25.23
CA LEU D 84 -17.27 -42.97 -24.24
C LEU D 84 -15.80 -42.79 -24.17
N VAL D 85 -15.37 -41.55 -24.26
CA VAL D 85 -13.98 -41.25 -24.20
C VAL D 85 -13.70 -40.43 -22.99
N PHE D 86 -12.81 -40.90 -22.15
CA PHE D 86 -12.47 -40.19 -20.97
C PHE D 86 -11.23 -39.42 -21.19
N ILE D 87 -11.12 -38.27 -20.57
CA ILE D 87 -9.90 -37.47 -20.57
C ILE D 87 -9.32 -37.47 -19.17
N SER D 88 -8.12 -38.04 -19.03
CA SER D 88 -7.48 -38.30 -17.75
C SER D 88 -6.01 -37.93 -17.79
N VAL D 89 -5.64 -37.02 -18.69
CA VAL D 89 -4.26 -36.54 -18.81
C VAL D 89 -3.97 -35.52 -17.70
N ASN D 90 -2.72 -35.08 -17.62
CA ASN D 90 -2.34 -34.28 -16.48
C ASN D 90 -2.49 -32.80 -16.78
N THR D 91 -2.69 -32.06 -15.73
CA THR D 91 -2.83 -30.63 -15.82
C THR D 91 -1.68 -30.07 -15.01
N PRO D 92 -0.45 -30.16 -15.52
CA PRO D 92 0.70 -29.64 -14.76
C PRO D 92 0.56 -28.15 -14.57
N THR D 93 1.26 -27.63 -13.58
CA THR D 93 1.25 -26.19 -13.38
C THR D 93 2.20 -25.53 -14.38
N LYS D 94 1.81 -24.37 -14.90
CA LYS D 94 2.63 -23.65 -15.85
C LYS D 94 3.99 -23.28 -15.26
N THR D 95 5.06 -23.68 -15.94
CA THR D 95 6.39 -23.35 -15.46
C THR D 95 7.05 -22.20 -16.22
N TYR D 96 6.31 -21.57 -17.15
CA TYR D 96 6.68 -20.27 -17.73
C TYR D 96 5.42 -19.50 -18.09
N GLY D 97 5.60 -18.22 -18.40
CA GLY D 97 4.55 -17.42 -18.99
C GLY D 97 3.62 -16.64 -18.06
N MET D 98 2.46 -16.26 -18.59
CA MET D 98 1.38 -15.75 -17.76
C MET D 98 0.91 -16.85 -16.82
N GLY D 99 0.92 -16.57 -15.52
CA GLY D 99 0.46 -17.54 -14.55
C GLY D 99 1.50 -18.55 -14.16
N LYS D 100 2.77 -18.30 -14.49
CA LYS D 100 3.86 -19.21 -14.18
C LYS D 100 3.81 -19.62 -12.72
N GLY D 101 3.93 -20.90 -12.45
CA GLY D 101 3.97 -21.37 -11.09
C GLY D 101 2.64 -21.54 -10.41
N ARG D 102 1.56 -20.93 -10.90
CA ARG D 102 0.24 -21.15 -10.31
C ARG D 102 -0.75 -21.70 -11.31
N ALA D 103 -0.99 -20.99 -12.41
CA ALA D 103 -2.01 -21.39 -13.37
C ALA D 103 -1.79 -22.83 -13.83
N ALA D 104 -2.89 -23.46 -14.26
CA ALA D 104 -2.83 -24.83 -14.74
C ALA D 104 -2.51 -24.86 -16.23
N ASP D 105 -1.74 -25.85 -16.65
CA ASP D 105 -1.37 -25.98 -18.05
C ASP D 105 -2.34 -26.93 -18.73
N LEU D 106 -3.05 -26.43 -19.72
CA LEU D 106 -4.09 -27.21 -20.37
C LEU D 106 -3.66 -27.76 -21.72
N LYS D 107 -2.35 -27.78 -21.99
CA LYS D 107 -1.92 -28.18 -23.33
C LYS D 107 -2.29 -29.62 -23.64
N TYR D 108 -2.18 -30.55 -22.67
CA TYR D 108 -2.51 -31.94 -23.01
C TYR D 108 -4.01 -32.14 -23.12
N ILE D 109 -4.80 -31.32 -22.44
CA ILE D 109 -6.24 -31.44 -22.55
C ILE D 109 -6.70 -31.01 -23.94
N GLU D 110 -6.19 -29.88 -24.40
CA GLU D 110 -6.51 -29.45 -25.75
C GLU D 110 -5.98 -30.42 -26.81
N ALA D 111 -4.83 -31.04 -26.57
CA ALA D 111 -4.34 -32.01 -27.55
C ALA D 111 -5.30 -33.18 -27.65
N CYS D 112 -5.74 -33.69 -26.50
CA CYS D 112 -6.79 -34.70 -26.49
C CYS D 112 -8.00 -34.26 -27.29
N ALA D 113 -8.49 -33.05 -27.02
CA ALA D 113 -9.71 -32.58 -27.65
C ALA D 113 -9.57 -32.53 -29.17
N ARG D 114 -8.41 -32.16 -29.68
CA ARG D 114 -8.26 -32.17 -31.12
C ARG D 114 -8.07 -33.59 -31.62
N ARG D 115 -7.30 -34.39 -30.88
CA ARG D 115 -7.12 -35.79 -31.23
C ARG D 115 -8.45 -36.54 -31.23
N ILE D 116 -9.36 -36.16 -30.33
CA ILE D 116 -10.66 -36.81 -30.28
C ILE D 116 -11.52 -36.40 -31.48
N VAL D 117 -11.67 -35.10 -31.70
CA VAL D 117 -12.51 -34.63 -32.80
C VAL D 117 -11.94 -35.10 -34.13
N GLN D 118 -10.63 -35.32 -34.21
CA GLN D 118 -10.01 -35.74 -35.46
C GLN D 118 -10.30 -37.21 -35.81
N ASN D 119 -10.51 -38.05 -34.80
CA ASN D 119 -10.63 -39.49 -35.02
C ASN D 119 -12.02 -40.02 -34.65
N SER D 120 -13.08 -39.26 -34.87
CA SER D 120 -14.37 -39.82 -34.46
C SER D 120 -15.49 -39.23 -35.30
N ASN D 121 -16.46 -40.07 -35.65
CA ASN D 121 -17.72 -39.62 -36.23
C ASN D 121 -18.87 -40.21 -35.44
N GLY D 122 -20.06 -39.71 -35.70
CA GLY D 122 -21.22 -40.17 -34.97
C GLY D 122 -21.33 -39.58 -33.59
N TYR D 123 -21.73 -40.39 -32.61
CA TYR D 123 -22.09 -39.92 -31.28
C TYR D 123 -21.15 -40.52 -30.25
N LYS D 124 -20.47 -39.66 -29.50
CA LYS D 124 -19.60 -40.08 -28.42
C LYS D 124 -19.78 -39.13 -27.24
N ILE D 125 -19.40 -39.60 -26.05
CA ILE D 125 -19.47 -38.81 -24.83
C ILE D 125 -18.06 -38.59 -24.32
N VAL D 126 -17.61 -37.34 -24.37
CA VAL D 126 -16.28 -36.96 -23.92
C VAL D 126 -16.39 -36.47 -22.49
N THR D 127 -15.67 -37.13 -21.58
CA THR D 127 -15.81 -36.92 -20.15
C THR D 127 -14.45 -36.60 -19.58
N GLU D 128 -14.26 -35.36 -19.08
CA GLU D 128 -12.98 -34.98 -18.48
C GLU D 128 -12.96 -35.44 -17.04
N LYS D 129 -12.03 -36.36 -16.74
CA LYS D 129 -11.73 -36.79 -15.37
C LYS D 129 -10.69 -35.90 -14.71
N SER D 130 -9.77 -35.35 -15.50
CA SER D 130 -8.69 -34.52 -14.98
C SER D 130 -9.23 -33.35 -14.19
N THR D 131 -8.43 -32.87 -13.24
CA THR D 131 -8.84 -31.69 -12.49
C THR D 131 -8.50 -30.47 -13.31
N VAL D 132 -9.52 -29.67 -13.61
CA VAL D 132 -9.36 -28.53 -14.51
C VAL D 132 -9.95 -27.32 -13.83
N PRO D 133 -9.59 -26.12 -14.29
CA PRO D 133 -10.25 -24.92 -13.76
C PRO D 133 -11.68 -24.84 -14.28
N VAL D 134 -12.50 -24.04 -13.58
CA VAL D 134 -13.92 -23.95 -13.95
C VAL D 134 -14.08 -23.43 -15.36
N ARG D 135 -14.90 -24.12 -16.14
CA ARG D 135 -15.24 -23.84 -17.54
C ARG D 135 -14.20 -24.32 -18.53
N ALA D 136 -13.21 -25.12 -18.12
CA ALA D 136 -12.33 -25.75 -19.11
C ALA D 136 -13.13 -26.61 -20.09
N ALA D 137 -14.17 -27.29 -19.59
CA ALA D 137 -15.04 -28.03 -20.50
C ALA D 137 -15.65 -27.14 -21.58
N GLU D 138 -15.79 -25.84 -21.29
CA GLU D 138 -16.26 -24.95 -22.35
C GLU D 138 -15.26 -24.87 -23.50
N SER D 139 -13.97 -25.00 -23.18
CA SER D 139 -12.94 -24.95 -24.22
C SER D 139 -13.04 -26.18 -25.11
N ILE D 140 -13.15 -27.36 -24.49
CA ILE D 140 -13.36 -28.59 -25.24
C ILE D 140 -14.57 -28.44 -26.14
N ARG D 141 -15.64 -27.85 -25.62
CA ARG D 141 -16.80 -27.61 -26.47
C ARG D 141 -16.45 -26.70 -27.64
N ARG D 142 -15.67 -25.66 -27.40
CA ARG D 142 -15.38 -24.75 -28.51
C ARG D 142 -14.52 -25.43 -29.57
N ILE D 143 -13.55 -26.25 -29.14
CA ILE D 143 -12.75 -27.01 -30.11
C ILE D 143 -13.63 -27.94 -30.93
N PHE D 144 -14.51 -28.70 -30.27
CA PHE D 144 -15.40 -29.59 -30.99
C PHE D 144 -16.31 -28.81 -31.90
N ASP D 145 -16.80 -27.66 -31.45
CA ASP D 145 -17.73 -26.90 -32.27
C ASP D 145 -17.05 -26.35 -33.51
N ALA D 146 -15.88 -25.75 -33.33
CA ALA D 146 -15.19 -25.16 -34.47
C ALA D 146 -14.65 -26.20 -35.43
N ASN D 147 -14.75 -27.48 -35.12
CA ASN D 147 -14.16 -28.52 -35.95
C ASN D 147 -15.18 -29.58 -36.34
N THR D 148 -16.45 -29.22 -36.38
CA THR D 148 -17.51 -30.21 -36.48
C THR D 148 -17.65 -30.73 -37.91
N LYS D 149 -18.09 -31.98 -38.01
CA LYS D 149 -18.32 -32.69 -39.26
C LYS D 149 -19.80 -32.94 -39.47
N PRO D 150 -20.20 -33.45 -40.64
CA PRO D 150 -21.57 -33.97 -40.80
C PRO D 150 -21.86 -35.11 -39.85
N ASN D 151 -22.99 -34.99 -39.13
CA ASN D 151 -23.50 -36.07 -38.27
C ASN D 151 -22.45 -36.49 -37.24
N LEU D 152 -21.97 -35.50 -36.52
CA LEU D 152 -21.02 -35.72 -35.43
C LEU D 152 -21.57 -35.02 -34.20
N ASN D 153 -21.84 -35.82 -33.16
CA ASN D 153 -22.39 -35.33 -31.90
C ASN D 153 -21.46 -35.79 -30.78
N LEU D 154 -20.61 -34.90 -30.30
CA LEU D 154 -19.79 -35.16 -29.12
C LEU D 154 -20.40 -34.39 -27.96
N GLN D 155 -20.94 -35.11 -26.97
CA GLN D 155 -21.36 -34.48 -25.72
C GLN D 155 -20.18 -34.45 -24.76
N VAL D 156 -20.10 -33.39 -23.97
CA VAL D 156 -18.95 -33.13 -23.11
C VAL D 156 -19.44 -33.12 -21.68
N LEU D 157 -18.86 -33.98 -20.84
CA LEU D 157 -19.26 -34.05 -19.44
C LEU D 157 -18.08 -33.87 -18.49
N SER D 158 -18.37 -33.41 -17.29
CA SER D 158 -17.41 -33.37 -16.19
C SER D 158 -17.65 -34.59 -15.30
N ASN D 159 -16.59 -35.27 -14.92
CA ASN D 159 -16.68 -36.41 -14.02
C ASN D 159 -15.40 -36.52 -13.24
N PRO D 160 -15.22 -35.69 -12.22
CA PRO D 160 -13.91 -35.63 -11.54
C PRO D 160 -13.66 -36.87 -10.70
N GLU D 161 -12.45 -36.91 -10.14
CA GLU D 161 -11.96 -38.08 -9.42
C GLU D 161 -11.56 -37.66 -8.02
N PHE D 162 -12.01 -38.43 -7.03
CA PHE D 162 -11.79 -38.07 -5.64
C PHE D 162 -10.90 -39.05 -4.90
N LEU D 163 -10.19 -39.92 -5.61
CA LEU D 163 -9.48 -40.97 -4.90
C LEU D 163 -8.28 -40.39 -4.15
N ALA D 164 -7.89 -41.10 -3.10
CA ALA D 164 -6.72 -40.76 -2.31
C ALA D 164 -5.62 -41.78 -2.56
N GLU D 165 -4.43 -41.29 -2.87
CA GLU D 165 -3.33 -42.18 -3.20
C GLU D 165 -3.04 -43.11 -2.03
N GLY D 166 -2.79 -44.38 -2.33
CA GLY D 166 -2.65 -45.40 -1.31
C GLY D 166 -3.92 -46.21 -1.14
N THR D 167 -5.06 -45.54 -1.00
CA THR D 167 -6.34 -46.20 -0.81
C THR D 167 -7.19 -46.09 -2.06
N ALA D 168 -6.58 -46.21 -3.24
CA ALA D 168 -7.29 -45.89 -4.46
C ALA D 168 -8.37 -46.92 -4.75
N ILE D 169 -8.05 -48.20 -4.60
CA ILE D 169 -9.00 -49.21 -5.03
C ILE D 169 -10.21 -49.23 -4.10
N LYS D 170 -9.98 -49.16 -2.79
CA LYS D 170 -11.07 -48.97 -1.86
C LYS D 170 -11.98 -47.85 -2.32
N ASP D 171 -11.38 -46.69 -2.63
CA ASP D 171 -12.15 -45.49 -2.92
C ASP D 171 -12.85 -45.54 -4.27
N LEU D 172 -12.40 -46.39 -5.21
CA LEU D 172 -13.14 -46.54 -6.46
C LEU D 172 -14.24 -47.58 -6.32
N LYS D 173 -14.00 -48.63 -5.53
CA LYS D 173 -15.01 -49.67 -5.35
C LYS D 173 -16.14 -49.18 -4.45
N ASN D 174 -15.83 -48.39 -3.43
CA ASN D 174 -16.84 -47.87 -2.51
C ASN D 174 -16.64 -46.36 -2.35
N PRO D 175 -16.85 -45.60 -3.43
CA PRO D 175 -16.67 -44.14 -3.34
C PRO D 175 -17.72 -43.51 -2.44
N ASP D 176 -17.30 -42.46 -1.72
CA ASP D 176 -18.27 -41.69 -0.96
C ASP D 176 -19.30 -41.06 -1.88
N ARG D 177 -18.90 -40.68 -3.09
CA ARG D 177 -19.85 -40.22 -4.08
C ARG D 177 -19.18 -40.18 -5.45
N VAL D 178 -20.01 -40.17 -6.47
CA VAL D 178 -19.59 -40.05 -7.86
C VAL D 178 -20.20 -38.76 -8.37
N LEU D 179 -19.43 -37.98 -9.11
CA LEU D 179 -19.85 -36.65 -9.52
C LEU D 179 -19.84 -36.53 -11.04
N ILE D 180 -20.97 -36.14 -11.63
CA ILE D 180 -21.10 -36.04 -13.08
C ILE D 180 -21.75 -34.70 -13.44
N GLY D 181 -21.04 -33.89 -14.22
CA GLY D 181 -21.52 -32.60 -14.66
C GLY D 181 -21.91 -32.61 -16.13
N GLY D 182 -23.00 -31.94 -16.43
CA GLY D 182 -23.54 -31.98 -17.77
C GLY D 182 -24.32 -30.71 -18.06
N ASP D 183 -24.46 -30.42 -19.35
CA ASP D 183 -25.27 -29.29 -19.76
C ASP D 183 -26.70 -29.49 -19.29
N GLU D 184 -27.42 -28.39 -19.10
CA GLU D 184 -28.78 -28.55 -18.61
C GLU D 184 -29.80 -28.60 -19.74
N THR D 185 -29.42 -29.20 -20.87
CA THR D 185 -30.27 -29.49 -22.03
C THR D 185 -30.60 -30.97 -22.07
N PRO D 186 -31.66 -31.37 -22.78
CA PRO D 186 -32.02 -32.81 -22.80
C PRO D 186 -30.95 -33.70 -23.42
N GLU D 187 -30.08 -33.16 -24.27
CA GLU D 187 -28.98 -33.95 -24.82
C GLU D 187 -27.86 -34.15 -23.81
N GLY D 188 -27.61 -33.14 -22.99
CA GLY D 188 -26.68 -33.33 -21.89
C GLY D 188 -27.20 -34.31 -20.87
N GLN D 189 -28.43 -34.08 -20.37
CA GLN D 189 -29.03 -35.01 -19.43
C GLN D 189 -29.04 -36.42 -20.00
N ARG D 190 -29.21 -36.57 -21.31
CA ARG D 190 -29.13 -37.90 -21.92
C ARG D 190 -27.73 -38.48 -21.81
N ALA D 191 -26.70 -37.64 -21.91
CA ALA D 191 -25.34 -38.13 -21.74
C ALA D 191 -25.05 -38.44 -20.27
N VAL D 192 -25.53 -37.59 -19.35
CA VAL D 192 -25.33 -37.84 -17.93
C VAL D 192 -25.93 -39.19 -17.53
N GLN D 193 -27.20 -39.43 -17.85
CA GLN D 193 -27.82 -40.70 -17.47
C GLN D 193 -27.03 -41.87 -18.05
N ALA D 194 -26.54 -41.70 -19.28
CA ALA D 194 -25.71 -42.74 -19.88
C ALA D 194 -24.55 -43.08 -18.96
N LEU D 195 -23.82 -42.06 -18.50
CA LEU D 195 -22.66 -42.30 -17.66
C LEU D 195 -23.07 -42.84 -16.29
N CYS D 196 -24.14 -42.29 -15.69
CA CYS D 196 -24.66 -42.86 -14.47
C CYS D 196 -24.89 -44.35 -14.61
N ALA D 197 -25.47 -44.75 -15.75
CA ALA D 197 -25.78 -46.15 -15.98
C ALA D 197 -24.54 -47.02 -15.82
N VAL D 198 -23.40 -46.57 -16.33
CA VAL D 198 -22.15 -47.28 -16.10
C VAL D 198 -21.86 -47.33 -14.61
N TYR D 199 -21.95 -46.20 -13.93
CA TYR D 199 -21.62 -46.19 -12.50
C TYR D 199 -22.63 -46.97 -11.67
N GLU D 200 -23.89 -47.05 -12.11
CA GLU D 200 -24.87 -47.77 -11.30
C GLU D 200 -24.60 -49.27 -11.23
N HIS D 201 -23.68 -49.76 -11.99
CA HIS D 201 -23.38 -51.14 -11.89
C HIS D 201 -22.89 -51.46 -10.52
N TRP D 202 -22.11 -50.59 -9.91
CA TRP D 202 -21.61 -50.86 -8.58
C TRP D 202 -21.76 -49.81 -7.52
N VAL D 203 -22.37 -48.69 -7.84
CA VAL D 203 -22.50 -47.62 -6.92
C VAL D 203 -23.95 -47.37 -6.77
N PRO D 204 -24.41 -47.16 -5.55
CA PRO D 204 -25.84 -46.91 -5.37
C PRO D 204 -26.23 -45.57 -5.95
N ARG D 205 -27.47 -45.48 -6.46
CA ARG D 205 -27.93 -44.23 -7.07
C ARG D 205 -27.85 -43.07 -6.08
N GLU D 206 -28.18 -43.30 -4.80
CA GLU D 206 -28.16 -42.22 -3.83
C GLU D 206 -26.78 -41.58 -3.68
N LYS D 207 -25.75 -42.16 -4.29
CA LYS D 207 -24.39 -41.64 -4.15
C LYS D 207 -23.83 -41.13 -5.48
N ILE D 208 -24.68 -40.97 -6.48
CA ILE D 208 -24.32 -40.43 -7.79
C ILE D 208 -24.93 -39.03 -7.87
N LEU D 209 -24.09 -38.03 -7.82
CA LEU D 209 -24.56 -36.65 -7.78
C LEU D 209 -24.35 -36.02 -9.15
N THR D 210 -25.44 -35.60 -9.77
CA THR D 210 -25.40 -34.96 -11.08
C THR D 210 -25.74 -33.50 -10.91
N THR D 211 -25.06 -32.67 -11.70
CA THR D 211 -25.02 -31.23 -11.49
C THR D 211 -24.72 -30.60 -12.82
N ASN D 212 -24.82 -29.28 -12.89
CA ASN D 212 -24.37 -28.64 -14.12
C ASN D 212 -22.86 -28.72 -14.20
N THR D 213 -22.35 -28.63 -15.41
CA THR D 213 -20.96 -28.80 -15.67
C THR D 213 -20.05 -28.03 -14.82
N TRP D 214 -20.30 -26.75 -14.75
CA TRP D 214 -19.43 -25.85 -14.00
C TRP D 214 -19.43 -26.17 -12.50
N SER D 215 -20.58 -26.54 -11.94
CA SER D 215 -20.60 -26.98 -10.56
C SER D 215 -19.72 -28.20 -10.37
N SER D 216 -19.79 -29.15 -11.29
CA SER D 216 -18.95 -30.34 -11.22
C SER D 216 -17.48 -29.94 -11.10
N GLU D 217 -16.95 -29.24 -12.11
CA GLU D 217 -15.55 -28.87 -12.11
C GLU D 217 -15.12 -28.18 -10.82
N LEU D 218 -15.92 -27.21 -10.38
CA LEU D 218 -15.61 -26.45 -9.17
C LEU D 218 -15.72 -27.32 -7.92
N SER D 219 -16.58 -28.35 -7.96
CA SER D 219 -16.70 -29.21 -6.79
C SER D 219 -15.41 -29.96 -6.50
N LYS D 220 -14.68 -30.36 -7.54
CA LYS D 220 -13.40 -31.02 -7.32
C LYS D 220 -12.44 -30.11 -6.58
N LEU D 221 -12.28 -28.87 -7.06
CA LEU D 221 -11.33 -27.97 -6.42
C LEU D 221 -11.78 -27.60 -5.03
N ALA D 222 -13.03 -27.16 -4.89
CA ALA D 222 -13.54 -26.78 -3.58
C ALA D 222 -13.32 -27.88 -2.56
N ALA D 223 -13.50 -29.14 -2.96
CA ALA D 223 -13.30 -30.23 -2.01
C ALA D 223 -11.85 -30.30 -1.58
N ASN D 224 -10.91 -30.24 -2.54
CA ASN D 224 -9.50 -30.27 -2.18
C ASN D 224 -9.15 -29.09 -1.29
N LEU D 225 -9.75 -27.93 -1.58
CA LEU D 225 -9.54 -26.76 -0.75
C LEU D 225 -9.88 -27.05 0.71
N PHE D 226 -11.15 -27.39 0.96
CA PHE D 226 -11.62 -27.69 2.31
C PHE D 226 -10.70 -28.70 3.02
N LEU D 227 -10.25 -29.73 2.30
CA LEU D 227 -9.37 -30.73 2.90
C LEU D 227 -8.03 -30.12 3.28
N ALA D 228 -7.34 -29.52 2.31
CA ALA D 228 -6.12 -28.77 2.61
C ALA D 228 -6.36 -27.78 3.75
N GLN D 229 -7.49 -27.08 3.72
CA GLN D 229 -7.73 -26.05 4.72
C GLN D 229 -7.85 -26.68 6.10
N ARG D 230 -8.42 -27.88 6.19
CA ARG D 230 -8.51 -28.52 7.48
C ARG D 230 -7.11 -28.81 8.04
N ILE D 231 -6.22 -29.39 7.22
CA ILE D 231 -4.84 -29.64 7.65
C ILE D 231 -4.17 -28.36 8.12
N SER D 232 -4.22 -27.29 7.31
CA SER D 232 -3.56 -26.06 7.73
C SER D 232 -4.19 -25.51 8.98
N SER D 233 -5.52 -25.58 9.08
CA SER D 233 -6.17 -25.08 10.26
C SER D 233 -5.67 -25.79 11.52
N ILE D 234 -5.61 -27.12 11.52
CA ILE D 234 -5.11 -27.80 12.70
C ILE D 234 -3.62 -27.48 12.90
N ASN D 235 -2.87 -27.36 11.81
CA ASN D 235 -1.46 -27.02 11.94
C ASN D 235 -1.28 -25.67 12.61
N SER D 236 -2.10 -24.70 12.25
CA SER D 236 -2.01 -23.40 12.92
C SER D 236 -2.30 -23.56 14.41
N ILE D 237 -3.32 -24.35 14.76
CA ILE D 237 -3.60 -24.62 16.16
C ILE D 237 -2.37 -25.18 16.85
N SER D 238 -1.63 -26.05 16.16
CA SER D 238 -0.49 -26.71 16.77
C SER D 238 0.55 -25.70 17.22
N ALA D 239 0.84 -24.70 16.39
CA ALA D 239 1.77 -23.64 16.79
C ALA D 239 1.24 -22.91 18.01
N LEU D 240 -0.06 -22.58 17.99
CA LEU D 240 -0.71 -22.02 19.17
C LEU D 240 -0.50 -22.90 20.39
N CYS D 241 -0.63 -24.21 20.21
CA CYS D 241 -0.41 -25.13 21.33
C CYS D 241 1.01 -25.02 21.86
N GLU D 242 1.99 -24.94 20.97
CA GLU D 242 3.37 -24.90 21.41
C GLU D 242 3.66 -23.67 22.26
N ALA D 243 2.89 -22.60 22.06
CA ALA D 243 3.09 -21.36 22.78
C ALA D 243 2.24 -21.27 24.05
N THR D 244 1.31 -22.19 24.25
CA THR D 244 0.41 -22.14 25.39
C THR D 244 0.42 -23.40 26.25
N GLY D 245 1.23 -24.41 25.93
CA GLY D 245 1.23 -25.62 26.73
C GLY D 245 -0.02 -26.47 26.65
N ALA D 246 -0.71 -26.42 25.52
CA ALA D 246 -1.77 -27.36 25.20
C ALA D 246 -1.20 -28.43 24.28
N ASP D 247 -1.91 -29.56 24.19
CA ASP D 247 -1.51 -30.64 23.32
C ASP D 247 -2.41 -30.64 22.10
N VAL D 248 -1.83 -30.50 20.90
CA VAL D 248 -2.68 -30.38 19.73
C VAL D 248 -3.51 -31.65 19.54
N GLU D 249 -3.00 -32.80 19.97
CA GLU D 249 -3.79 -34.02 19.83
C GLU D 249 -4.98 -34.01 20.78
N GLU D 250 -4.89 -33.29 21.88
CA GLU D 250 -6.07 -33.21 22.73
C GLU D 250 -7.04 -32.17 22.20
N VAL D 251 -6.53 -31.00 21.81
CA VAL D 251 -7.39 -30.01 21.20
C VAL D 251 -8.06 -30.60 19.98
N ALA D 252 -7.38 -31.52 19.29
CA ALA D 252 -7.97 -32.14 18.10
C ALA D 252 -9.10 -33.10 18.48
N THR D 253 -8.91 -33.88 19.54
CA THR D 253 -9.98 -34.76 19.97
C THR D 253 -11.23 -33.97 20.29
N ALA D 254 -11.05 -32.87 21.07
CA ALA D 254 -12.18 -32.05 21.53
C ALA D 254 -12.84 -31.31 20.38
N ILE D 255 -12.07 -30.94 19.36
CA ILE D 255 -12.64 -30.26 18.20
C ILE D 255 -13.50 -31.21 17.40
N GLY D 256 -12.95 -32.38 17.10
CA GLY D 256 -13.54 -33.33 16.18
C GLY D 256 -14.70 -34.10 16.71
N MET D 257 -15.04 -33.92 17.98
CA MET D 257 -16.22 -34.57 18.52
C MET D 257 -17.48 -33.77 18.28
N ASP D 258 -17.34 -32.52 17.85
CA ASP D 258 -18.44 -31.76 17.28
C ASP D 258 -18.75 -32.37 15.92
N GLN D 259 -19.90 -32.99 15.79
CA GLN D 259 -20.20 -33.71 14.56
C GLN D 259 -20.42 -32.81 13.36
N ARG D 260 -20.58 -31.51 13.58
CA ARG D 260 -20.60 -30.55 12.50
C ARG D 260 -19.20 -30.23 12.00
N ILE D 261 -18.17 -30.44 12.82
CA ILE D 261 -16.78 -30.31 12.39
C ILE D 261 -16.22 -31.64 11.92
N GLY D 262 -16.53 -32.73 12.63
CA GLY D 262 -16.01 -34.03 12.28
C GLY D 262 -14.57 -34.18 12.72
N ASN D 263 -14.11 -35.43 12.76
CA ASN D 263 -12.81 -35.73 13.34
C ASN D 263 -11.79 -36.19 12.30
N LYS D 264 -12.13 -36.20 11.02
CA LYS D 264 -11.16 -36.59 10.01
C LYS D 264 -10.28 -35.40 9.68
N PHE D 265 -9.08 -35.71 9.18
CA PHE D 265 -8.13 -34.71 8.69
C PHE D 265 -7.88 -33.61 9.69
N LEU D 266 -7.60 -34.00 10.94
CA LEU D 266 -7.18 -33.06 11.98
C LEU D 266 -5.91 -33.54 12.68
N LYS D 267 -5.08 -34.33 12.00
CA LYS D 267 -3.83 -34.80 12.55
C LYS D 267 -2.70 -33.85 12.08
N ALA D 268 -2.16 -33.06 13.01
CA ALA D 268 -1.20 -32.03 12.64
C ALA D 268 0.10 -32.67 12.19
N SER D 269 0.86 -31.94 11.38
CA SER D 269 2.01 -32.50 10.69
C SER D 269 2.99 -31.40 10.32
N VAL D 270 4.15 -31.84 9.82
CA VAL D 270 5.15 -30.90 9.34
C VAL D 270 4.61 -30.07 8.18
N GLY D 271 3.64 -30.61 7.45
CA GLY D 271 3.03 -29.92 6.32
C GLY D 271 2.46 -30.94 5.35
N PHE D 272 1.41 -30.56 4.61
CA PHE D 272 0.82 -31.51 3.69
C PHE D 272 1.56 -31.52 2.35
N GLY D 273 1.73 -32.72 1.80
CA GLY D 273 2.31 -32.86 0.49
C GLY D 273 1.36 -33.47 -0.53
N GLY D 274 1.90 -34.23 -1.46
CA GLY D 274 1.01 -34.73 -2.49
C GLY D 274 0.99 -33.84 -3.72
N SER D 275 0.67 -34.48 -4.86
CA SER D 275 0.73 -33.80 -6.14
C SER D 275 -0.35 -32.74 -6.30
N CYS D 276 -1.45 -32.86 -5.54
CA CYS D 276 -2.63 -32.12 -5.92
C CYS D 276 -2.99 -30.95 -5.03
N PHE D 277 -2.88 -31.06 -3.70
CA PHE D 277 -3.39 -30.00 -2.82
C PHE D 277 -2.80 -28.64 -3.19
N GLN D 278 -1.48 -28.46 -3.01
CA GLN D 278 -0.90 -27.16 -3.31
C GLN D 278 -1.22 -26.74 -4.73
N LYS D 279 -1.00 -27.64 -5.69
CA LYS D 279 -1.27 -27.34 -7.08
C LYS D 279 -2.66 -26.74 -7.27
N ASP D 280 -3.66 -27.36 -6.65
CA ASP D 280 -5.05 -26.99 -6.87
C ASP D 280 -5.44 -25.70 -6.13
N VAL D 281 -4.95 -25.48 -4.91
CA VAL D 281 -5.15 -24.18 -4.27
C VAL D 281 -4.54 -23.07 -5.12
N LEU D 282 -3.27 -23.27 -5.54
CA LEU D 282 -2.59 -22.28 -6.38
C LEU D 282 -3.38 -22.01 -7.65
N ASN D 283 -4.04 -23.03 -8.17
CA ASN D 283 -4.78 -22.91 -9.42
C ASN D 283 -6.05 -22.10 -9.21
N LEU D 284 -6.87 -22.48 -8.22
CA LEU D 284 -8.06 -21.68 -7.93
C LEU D 284 -7.71 -20.25 -7.54
N VAL D 285 -6.57 -20.01 -6.89
CA VAL D 285 -6.20 -18.64 -6.58
C VAL D 285 -5.98 -17.84 -7.87
N TYR D 286 -5.18 -18.38 -8.80
CA TYR D 286 -4.99 -17.72 -10.08
C TYR D 286 -6.32 -17.47 -10.76
N LEU D 287 -7.21 -18.46 -10.73
CA LEU D 287 -8.52 -18.31 -11.33
C LEU D 287 -9.26 -17.11 -10.75
N CYS D 288 -9.18 -16.93 -9.43
CA CYS D 288 -9.90 -15.84 -8.79
C CYS D 288 -9.38 -14.47 -9.24
N GLU D 289 -8.08 -14.33 -9.45
CA GLU D 289 -7.60 -13.02 -9.89
C GLU D 289 -8.11 -12.71 -11.29
N ALA D 290 -8.17 -13.71 -12.15
CA ALA D 290 -8.62 -13.45 -13.50
C ALA D 290 -10.11 -13.14 -13.53
N LEU D 291 -10.85 -13.48 -12.48
CA LEU D 291 -12.27 -13.23 -12.38
C LEU D 291 -12.58 -12.07 -11.44
N ASN D 292 -11.58 -11.25 -11.15
CA ASN D 292 -11.71 -10.08 -10.28
C ASN D 292 -12.36 -10.44 -8.95
N LEU D 293 -11.84 -11.51 -8.32
CA LEU D 293 -12.26 -11.96 -7.00
C LEU D 293 -11.07 -12.00 -6.04
N PRO D 294 -10.44 -10.84 -5.79
CA PRO D 294 -9.21 -10.85 -5.01
C PRO D 294 -9.42 -11.27 -3.56
N GLU D 295 -10.59 -10.96 -2.98
CA GLU D 295 -10.88 -11.41 -1.63
C GLU D 295 -10.91 -12.92 -1.56
N VAL D 296 -11.60 -13.57 -2.50
CA VAL D 296 -11.62 -15.03 -2.49
C VAL D 296 -10.23 -15.57 -2.75
N ALA D 297 -9.41 -14.87 -3.51
CA ALA D 297 -8.09 -15.41 -3.77
C ALA D 297 -7.22 -15.37 -2.51
N ARG D 298 -7.11 -14.20 -1.86
CA ARG D 298 -6.24 -14.11 -0.70
C ARG D 298 -6.76 -14.95 0.46
N TYR D 299 -8.08 -15.14 0.52
CA TYR D 299 -8.67 -16.07 1.49
C TYR D 299 -8.08 -17.47 1.36
N TRP D 300 -8.11 -18.03 0.16
CA TRP D 300 -7.63 -19.40 0.01
C TRP D 300 -6.11 -19.50 0.02
N GLN D 301 -5.41 -18.44 -0.39
CA GLN D 301 -3.94 -18.44 -0.35
C GLN D 301 -3.41 -18.80 1.03
N GLN D 302 -4.11 -18.37 2.07
CA GLN D 302 -3.69 -18.67 3.44
C GLN D 302 -3.43 -20.15 3.67
N VAL D 303 -4.16 -21.04 2.99
CA VAL D 303 -3.89 -22.46 3.14
C VAL D 303 -2.45 -22.78 2.74
N ILE D 304 -2.02 -22.31 1.56
CA ILE D 304 -0.62 -22.48 1.16
C ILE D 304 0.31 -21.82 2.16
N ASP D 305 0.04 -20.56 2.51
CA ASP D 305 0.96 -19.81 3.35
C ASP D 305 1.10 -20.45 4.72
N MET D 306 0.00 -20.99 5.26
CA MET D 306 0.08 -21.68 6.55
C MET D 306 0.94 -22.92 6.44
N ASN D 307 0.75 -23.67 5.35
CA ASN D 307 1.52 -24.90 5.17
C ASN D 307 3.00 -24.58 5.03
N ASP D 308 3.32 -23.53 4.27
CA ASP D 308 4.72 -23.12 4.12
C ASP D 308 5.30 -22.67 5.45
N TYR D 309 4.52 -21.95 6.26
CA TYR D 309 5.04 -21.47 7.55
C TYR D 309 5.27 -22.64 8.51
N GLN D 310 4.32 -23.58 8.57
CA GLN D 310 4.51 -24.79 9.37
C GLN D 310 5.77 -25.52 8.97
N ARG D 311 5.97 -25.74 7.66
CA ARG D 311 7.22 -26.32 7.19
C ARG D 311 8.41 -25.49 7.63
N ARG D 312 8.39 -24.18 7.33
CA ARG D 312 9.56 -23.35 7.57
C ARG D 312 9.88 -23.25 9.06
N ARG D 313 8.86 -23.25 9.91
CA ARG D 313 9.12 -23.11 11.34
C ARG D 313 9.69 -24.40 11.93
N PHE D 314 9.20 -25.54 11.44
CA PHE D 314 9.82 -26.81 11.80
C PHE D 314 11.31 -26.79 11.51
N ALA D 315 11.68 -26.30 10.33
CA ALA D 315 13.09 -26.23 9.98
C ALA D 315 13.84 -25.30 10.92
N SER D 316 13.21 -24.18 11.31
CA SER D 316 13.85 -23.26 12.24
C SER D 316 14.05 -23.90 13.61
N ARG D 317 13.10 -24.72 14.05
CA ARG D 317 13.29 -25.41 15.33
C ARG D 317 14.54 -26.29 15.31
N ILE D 318 14.74 -27.04 14.21
CA ILE D 318 15.92 -27.89 14.08
C ILE D 318 17.18 -27.04 14.16
N ILE D 319 17.16 -25.87 13.52
CA ILE D 319 18.38 -25.09 13.43
C ILE D 319 18.61 -24.29 14.70
N ASP D 320 17.57 -23.70 15.28
CA ASP D 320 17.73 -23.00 16.55
C ASP D 320 18.31 -23.94 17.61
N SER D 321 17.83 -25.18 17.63
CA SER D 321 18.27 -26.11 18.65
C SER D 321 19.72 -26.57 18.41
N LEU D 322 20.12 -26.76 17.15
CA LEU D 322 21.53 -27.04 16.87
C LEU D 322 22.38 -25.77 16.87
N PHE D 323 22.06 -24.86 17.79
CA PHE D 323 22.86 -23.67 18.12
C PHE D 323 23.02 -22.76 16.90
N ASN D 324 22.01 -22.75 16.04
CA ASN D 324 21.86 -21.88 14.89
C ASN D 324 22.86 -22.15 13.78
N THR D 325 23.72 -23.17 13.90
CA THR D 325 24.68 -23.50 12.85
C THR D 325 24.75 -24.99 12.61
N VAL D 326 24.63 -25.38 11.34
CA VAL D 326 24.54 -26.78 10.96
C VAL D 326 25.61 -27.19 9.96
N THR D 327 26.47 -26.28 9.51
CA THR D 327 27.52 -26.61 8.56
C THR D 327 28.30 -27.84 9.00
N ASP D 328 28.42 -28.82 8.11
CA ASP D 328 29.19 -30.03 8.34
C ASP D 328 28.67 -30.86 9.52
N LYS D 329 27.40 -30.72 9.90
CA LYS D 329 26.82 -31.56 10.95
C LYS D 329 25.97 -32.66 10.33
N LYS D 330 26.00 -33.85 10.92
CA LYS D 330 25.27 -34.98 10.38
C LYS D 330 23.86 -35.03 10.98
N ILE D 331 22.85 -35.06 10.11
CA ILE D 331 21.45 -35.14 10.51
C ILE D 331 20.74 -36.19 9.66
N ALA D 332 19.87 -36.97 10.29
CA ALA D 332 19.21 -38.09 9.64
C ALA D 332 17.76 -37.74 9.31
N ILE D 333 17.38 -37.92 8.04
CA ILE D 333 16.02 -37.64 7.59
C ILE D 333 15.23 -38.93 7.41
N LEU D 334 14.60 -39.40 8.48
CA LEU D 334 13.78 -40.61 8.39
C LEU D 334 12.51 -40.29 7.61
N GLY D 335 12.37 -40.93 6.43
CA GLY D 335 11.17 -40.79 5.62
C GLY D 335 11.28 -39.78 4.50
N PHE D 336 10.79 -40.12 3.30
CA PHE D 336 10.77 -39.16 2.20
C PHE D 336 9.44 -39.07 1.48
N ALA D 337 8.58 -40.08 1.54
CA ALA D 337 7.30 -40.01 0.86
C ALA D 337 6.39 -38.98 1.52
N PHE D 338 5.53 -38.36 0.71
CA PHE D 338 4.70 -37.29 1.25
C PHE D 338 3.77 -37.81 2.33
N LYS D 339 3.47 -39.11 2.34
CA LYS D 339 2.72 -39.73 3.42
C LYS D 339 3.13 -41.19 3.46
N LYS D 340 2.79 -41.86 4.56
CA LYS D 340 3.18 -43.25 4.69
C LYS D 340 2.42 -44.12 3.70
N ASP D 341 2.94 -45.34 3.54
CA ASP D 341 2.39 -46.36 2.66
C ASP D 341 2.21 -45.82 1.24
N THR D 342 3.36 -45.52 0.64
CA THR D 342 3.53 -45.16 -0.77
C THR D 342 5.02 -44.88 -1.00
N GLY D 343 5.36 -44.64 -2.26
CA GLY D 343 6.72 -44.30 -2.65
C GLY D 343 6.73 -42.97 -3.41
N ASP D 344 5.54 -42.41 -3.59
CA ASP D 344 5.39 -41.10 -4.21
C ASP D 344 6.02 -40.03 -3.31
N THR D 345 6.82 -39.14 -3.91
CA THR D 345 7.48 -38.09 -3.17
C THR D 345 7.02 -36.70 -3.57
N ARG D 346 6.06 -36.59 -4.48
CA ARG D 346 5.67 -35.30 -5.01
C ARG D 346 5.35 -34.34 -3.86
N GLU D 347 5.93 -33.14 -3.92
CA GLU D 347 5.67 -32.07 -2.95
C GLU D 347 5.74 -32.55 -1.50
N SER D 348 6.40 -33.68 -1.26
CA SER D 348 6.60 -34.15 0.11
C SER D 348 7.28 -33.09 0.95
N SER D 349 6.76 -32.90 2.16
CA SER D 349 7.40 -31.98 3.08
C SER D 349 8.84 -32.41 3.39
N SER D 350 9.10 -33.72 3.32
CA SER D 350 10.49 -34.21 3.40
C SER D 350 11.39 -33.45 2.45
N ILE D 351 10.91 -33.15 1.25
CA ILE D 351 11.75 -32.45 0.28
C ILE D 351 12.18 -31.11 0.85
N TYR D 352 11.20 -30.31 1.27
CA TYR D 352 11.44 -28.92 1.64
C TYR D 352 12.19 -28.82 2.96
N ILE D 353 11.91 -29.72 3.90
CA ILE D 353 12.71 -29.74 5.13
C ILE D 353 14.15 -30.05 4.80
N SER D 354 14.36 -30.93 3.81
CA SER D 354 15.71 -31.27 3.39
C SER D 354 16.39 -30.12 2.68
N LYS D 355 15.67 -29.44 1.78
CA LYS D 355 16.26 -28.29 1.12
C LYS D 355 16.58 -27.18 2.12
N TYR D 356 15.68 -26.98 3.08
CA TYR D 356 15.94 -26.02 4.15
C TYR D 356 17.23 -26.36 4.90
N LEU D 357 17.47 -27.66 5.15
CA LEU D 357 18.68 -28.07 5.85
C LEU D 357 19.91 -28.09 4.94
N MET D 358 19.73 -28.25 3.63
CA MET D 358 20.88 -28.22 2.73
C MET D 358 21.42 -26.82 2.54
N ASP D 359 20.61 -25.78 2.78
CA ASP D 359 21.13 -24.42 2.73
C ASP D 359 22.10 -24.13 3.87
N GLU D 360 21.92 -24.80 5.00
CA GLU D 360 22.85 -24.64 6.13
C GLU D 360 24.15 -25.37 5.92
N GLY D 361 24.24 -26.22 4.91
CA GLY D 361 25.39 -27.07 4.73
C GLY D 361 25.33 -28.37 5.49
N ALA D 362 24.16 -28.76 5.98
CA ALA D 362 24.05 -29.99 6.74
C ALA D 362 24.39 -31.18 5.85
N HIS D 363 25.00 -32.18 6.45
CA HIS D 363 25.19 -33.46 5.79
C HIS D 363 23.95 -34.28 6.10
N LEU D 364 23.11 -34.49 5.09
CA LEU D 364 21.92 -35.28 5.27
C LEU D 364 22.22 -36.73 4.93
N HIS D 365 21.80 -37.64 5.80
CA HIS D 365 21.76 -39.08 5.55
C HIS D 365 20.29 -39.47 5.61
N ILE D 366 19.76 -39.96 4.50
CA ILE D 366 18.32 -40.09 4.30
C ILE D 366 17.97 -41.56 4.13
N TYR D 367 16.92 -42.00 4.84
CA TYR D 367 16.38 -43.35 4.70
C TYR D 367 14.87 -43.29 4.53
N ASP D 368 14.37 -44.12 3.60
CA ASP D 368 12.95 -44.34 3.42
C ASP D 368 12.85 -45.79 2.99
N PRO D 369 11.80 -46.51 3.39
CA PRO D 369 11.72 -47.93 3.06
C PRO D 369 11.29 -48.23 1.63
N LYS D 370 10.32 -47.50 1.08
CA LYS D 370 9.70 -47.87 -0.19
C LYS D 370 9.95 -46.86 -1.30
N VAL D 371 10.82 -45.88 -1.09
CA VAL D 371 11.09 -44.84 -2.08
C VAL D 371 12.42 -45.16 -2.76
N PRO D 372 12.47 -45.12 -4.10
CA PRO D 372 13.76 -45.36 -4.78
C PRO D 372 14.77 -44.26 -4.49
N ARG D 373 16.04 -44.66 -4.32
CA ARG D 373 17.06 -43.66 -4.01
C ARG D 373 17.19 -42.63 -5.12
N GLU D 374 17.18 -43.08 -6.38
CA GLU D 374 17.41 -42.17 -7.51
C GLU D 374 16.32 -41.10 -7.58
N GLN D 375 15.13 -41.39 -7.05
CA GLN D 375 14.07 -40.39 -7.02
C GLN D 375 14.36 -39.32 -5.98
N ILE D 376 14.94 -39.70 -4.84
CA ILE D 376 15.36 -38.72 -3.84
C ILE D 376 16.44 -37.81 -4.40
N VAL D 377 17.46 -38.42 -5.02
CA VAL D 377 18.57 -37.66 -5.61
C VAL D 377 18.03 -36.61 -6.58
N VAL D 378 17.04 -37.00 -7.39
CA VAL D 378 16.42 -36.07 -8.34
C VAL D 378 15.69 -34.97 -7.59
N ASP D 379 14.89 -35.33 -6.60
CA ASP D 379 14.04 -34.36 -5.92
C ASP D 379 14.85 -33.26 -5.26
N LEU D 380 16.08 -33.57 -4.85
CA LEU D 380 16.91 -32.65 -4.07
C LEU D 380 17.90 -31.86 -4.92
N SER D 381 17.84 -31.98 -6.25
CA SER D 381 18.75 -31.35 -7.19
C SER D 381 18.08 -30.21 -7.94
N HIS D 382 18.91 -29.51 -8.73
CA HIS D 382 18.57 -28.38 -9.61
C HIS D 382 18.75 -27.02 -8.94
N ASP D 389 27.79 -29.75 -8.32
CA ASP D 389 26.42 -29.96 -7.86
C ASP D 389 26.36 -30.09 -6.32
N GLN D 390 25.32 -29.48 -5.74
CA GLN D 390 25.22 -29.40 -4.28
C GLN D 390 24.85 -30.75 -3.65
N VAL D 391 24.13 -31.60 -4.37
CA VAL D 391 23.54 -32.79 -3.77
C VAL D 391 24.61 -33.77 -3.32
N SER D 392 25.63 -33.98 -4.15
CA SER D 392 26.66 -34.96 -3.82
C SER D 392 27.40 -34.61 -2.53
N ARG D 393 27.56 -33.32 -2.23
CA ARG D 393 28.37 -32.93 -1.07
C ARG D 393 27.66 -33.23 0.24
N LEU D 394 26.36 -32.97 0.30
CA LEU D 394 25.61 -32.97 1.56
C LEU D 394 24.72 -34.19 1.74
N VAL D 395 24.27 -34.80 0.64
CA VAL D 395 23.20 -35.80 0.66
C VAL D 395 23.82 -37.19 0.60
N THR D 396 23.31 -38.08 1.46
CA THR D 396 23.68 -39.48 1.47
C THR D 396 22.40 -40.28 1.70
N ILE D 397 22.29 -41.44 1.05
CA ILE D 397 21.12 -42.29 1.17
C ILE D 397 21.55 -43.61 1.78
N SER D 398 20.78 -44.08 2.76
CA SER D 398 21.20 -45.22 3.57
C SER D 398 20.55 -46.53 3.11
N ASP D 400 19.50 -48.68 5.59
CA ASP D 400 18.67 -48.89 6.78
C ASP D 400 18.85 -47.70 7.75
N PRO D 401 17.86 -47.48 8.63
CA PRO D 401 17.87 -46.23 9.41
C PRO D 401 19.10 -46.04 10.27
N TYR D 402 19.61 -47.12 10.87
CA TYR D 402 20.59 -46.98 11.94
C TYR D 402 21.93 -46.43 11.45
N GLU D 403 22.34 -46.79 10.23
CA GLU D 403 23.59 -46.24 9.70
C GLU D 403 23.49 -44.74 9.46
N ALA D 404 22.28 -44.20 9.34
CA ALA D 404 22.07 -42.77 9.19
C ALA D 404 22.06 -42.02 10.52
N CYS D 405 21.87 -42.72 11.64
CA CYS D 405 21.88 -42.08 12.95
C CYS D 405 23.19 -42.28 13.70
N ASP D 406 24.13 -43.03 13.14
CA ASP D 406 25.39 -43.32 13.80
C ASP D 406 26.29 -42.09 13.88
N ALA D 408 25.85 -38.34 14.34
CA ALA D 408 24.61 -37.67 13.95
C ALA D 408 24.06 -36.80 15.08
N HIS D 409 23.57 -35.60 14.73
CA HIS D 409 23.14 -34.62 15.73
C HIS D 409 21.65 -34.67 16.01
N ALA D 410 20.85 -35.09 15.04
CA ALA D 410 19.40 -34.99 15.19
C ALA D 410 18.69 -35.93 14.22
N VAL D 411 17.63 -36.56 14.72
CA VAL D 411 16.75 -37.43 13.93
C VAL D 411 15.51 -36.63 13.56
N VAL D 412 15.25 -36.50 12.26
CA VAL D 412 14.12 -35.71 11.76
C VAL D 412 13.15 -36.67 11.09
N ILE D 413 12.01 -36.91 11.74
CA ILE D 413 11.02 -37.84 11.23
C ILE D 413 10.00 -37.06 10.41
N CYS D 414 10.08 -37.16 9.08
CA CYS D 414 9.21 -36.39 8.20
C CYS D 414 7.99 -37.16 7.68
N THR D 415 7.98 -38.49 7.78
CA THR D 415 6.92 -39.32 7.23
C THR D 415 6.48 -40.37 8.24
N GLU D 416 5.18 -40.55 8.33
CA GLU D 416 4.62 -41.45 9.31
C GLU D 416 4.75 -42.93 9.09
N TRP D 417 5.91 -43.35 8.66
CA TRP D 417 6.19 -44.77 8.44
C TRP D 417 6.11 -45.57 9.74
N ASP D 418 5.08 -46.44 9.85
CA ASP D 418 4.86 -47.21 11.08
C ASP D 418 6.15 -47.79 11.64
N MET D 419 7.06 -48.21 10.76
CA MET D 419 8.30 -48.86 11.20
C MET D 419 9.19 -47.97 12.04
N PHE D 420 8.98 -46.65 12.06
CA PHE D 420 9.83 -45.77 12.87
C PHE D 420 9.53 -45.87 14.35
N LYS D 421 8.27 -46.14 14.70
CA LYS D 421 7.85 -46.17 16.09
C LYS D 421 8.52 -47.30 16.86
N GLU D 422 8.90 -48.37 16.17
CA GLU D 422 9.49 -49.56 16.76
C GLU D 422 11.01 -49.58 16.66
N LEU D 423 11.63 -48.49 16.19
CA LEU D 423 13.08 -48.45 16.13
C LEU D 423 13.69 -48.58 17.51
N ASP D 424 14.81 -49.25 17.59
CA ASP D 424 15.52 -49.35 18.86
C ASP D 424 16.28 -48.06 19.07
N TYR D 425 15.69 -47.13 19.81
CA TYR D 425 16.31 -45.84 20.06
C TYR D 425 17.42 -45.91 21.08
N GLU D 426 17.56 -47.04 21.79
CA GLU D 426 18.68 -47.20 22.71
C GLU D 426 20.00 -47.25 21.95
N ARG D 427 20.05 -48.01 20.85
CA ARG D 427 21.27 -48.03 20.06
C ARG D 427 21.55 -46.66 19.44
N ILE D 428 20.51 -46.04 18.86
CA ILE D 428 20.70 -44.76 18.18
C ILE D 428 21.25 -43.71 19.13
N HIS D 429 20.75 -43.67 20.37
CA HIS D 429 21.23 -42.66 21.31
C HIS D 429 22.71 -42.86 21.64
N LYS D 430 23.14 -44.10 21.85
CA LYS D 430 24.54 -44.34 22.21
C LYS D 430 25.49 -43.96 21.07
N LYS D 431 25.04 -44.09 19.82
CA LYS D 431 25.86 -43.80 18.66
C LYS D 431 25.51 -42.46 18.01
N MET D 432 24.80 -41.59 18.73
CA MET D 432 24.52 -40.23 18.28
C MET D 432 25.37 -39.24 19.06
N LEU D 433 25.64 -38.09 18.45
CA LEU D 433 26.34 -37.03 19.17
C LEU D 433 25.45 -36.42 20.24
N LYS D 434 26.07 -35.67 21.16
CA LYS D 434 25.37 -35.05 22.28
C LYS D 434 25.40 -33.52 22.20
N PRO D 435 24.25 -32.87 22.46
CA PRO D 435 22.99 -33.51 22.83
C PRO D 435 22.27 -34.08 21.61
N ALA D 436 21.56 -35.18 21.81
CA ALA D 436 20.83 -35.86 20.74
C ALA D 436 19.40 -35.35 20.71
N PHE D 437 18.98 -34.80 19.56
CA PHE D 437 17.62 -34.32 19.37
C PHE D 437 16.83 -35.30 18.49
N ILE D 438 15.53 -35.41 18.77
CA ILE D 438 14.61 -36.03 17.83
C ILE D 438 13.52 -35.02 17.47
N PHE D 439 13.36 -34.78 16.17
CA PHE D 439 12.35 -33.87 15.65
C PHE D 439 11.30 -34.70 14.93
N ASP D 440 10.17 -34.91 15.61
CA ASP D 440 9.07 -35.74 15.11
C ASP D 440 8.07 -34.81 14.43
N GLY D 441 8.25 -34.65 13.12
CA GLY D 441 7.32 -33.87 12.34
C GLY D 441 5.98 -34.54 12.11
N ARG D 442 5.78 -35.75 12.63
CA ARG D 442 4.59 -36.51 12.29
C ARG D 442 3.82 -37.03 13.50
N ARG D 443 4.16 -36.62 14.72
CA ARG D 443 3.45 -37.05 15.93
C ARG D 443 3.46 -38.58 16.10
N VAL D 444 4.41 -39.28 15.47
CA VAL D 444 4.39 -40.75 15.51
C VAL D 444 5.05 -41.31 16.74
N LEU D 445 5.69 -40.50 17.57
CA LEU D 445 6.37 -40.99 18.75
C LEU D 445 5.65 -40.62 20.05
N ASP D 446 4.43 -40.07 19.96
CA ASP D 446 3.65 -39.76 21.15
C ASP D 446 3.58 -40.97 22.06
N GLY D 447 3.44 -40.72 23.36
CA GLY D 447 3.40 -41.82 24.31
C GLY D 447 4.78 -42.33 24.70
N LEU D 448 5.66 -42.48 23.70
CA LEU D 448 7.06 -42.82 23.95
C LEU D 448 7.87 -41.63 24.50
N HIS D 449 7.21 -40.58 25.00
CA HIS D 449 7.93 -39.35 25.32
C HIS D 449 8.81 -39.52 26.57
N ASN D 450 8.23 -40.01 27.67
CA ASN D 450 9.03 -40.27 28.87
C ASN D 450 10.14 -41.27 28.59
N GLU D 451 9.84 -42.30 27.78
CA GLU D 451 10.82 -43.35 27.48
C GLU D 451 12.00 -42.82 26.67
N LEU D 452 11.73 -42.02 25.65
CA LEU D 452 12.81 -41.43 24.87
C LEU D 452 13.57 -40.39 25.69
N GLN D 453 12.85 -39.61 26.51
CA GLN D 453 13.50 -38.59 27.33
C GLN D 453 14.43 -39.22 28.36
N THR D 454 13.92 -40.17 29.15
CA THR D 454 14.73 -40.78 30.19
C THR D 454 15.92 -41.55 29.60
N ILE D 455 15.88 -41.87 28.30
CA ILE D 455 17.03 -42.45 27.62
C ILE D 455 18.12 -41.40 27.42
N GLY D 456 17.72 -40.16 27.15
CA GLY D 456 18.67 -39.07 27.02
C GLY D 456 18.45 -38.20 25.79
N PHE D 457 17.34 -38.41 25.11
CA PHE D 457 17.00 -37.60 23.95
C PHE D 457 16.38 -36.28 24.35
N GLN D 458 16.66 -35.26 23.55
CA GLN D 458 15.90 -34.03 23.54
C GLN D 458 14.88 -34.20 22.40
N ILE D 459 13.67 -34.62 22.76
CA ILE D 459 12.63 -34.91 21.79
C ILE D 459 11.70 -33.71 21.71
N GLU D 460 11.56 -33.16 20.51
CA GLU D 460 10.61 -32.09 20.24
C GLU D 460 9.72 -32.53 19.08
N THR D 461 8.43 -32.17 19.15
CA THR D 461 7.51 -32.53 18.08
C THR D 461 6.47 -31.44 17.86
N ILE D 462 5.76 -31.55 16.74
CA ILE D 462 4.71 -30.62 16.38
C ILE D 462 3.61 -30.60 17.45
N GLY D 463 3.28 -29.40 17.92
CA GLY D 463 2.10 -29.21 18.76
C GLY D 463 2.20 -29.63 20.20
N LYS D 464 3.41 -29.76 20.76
CA LYS D 464 3.57 -30.09 22.18
C LYS D 464 4.80 -29.36 22.69
N LYS D 465 4.56 -28.40 23.58
CA LYS D 465 5.56 -27.43 24.04
C LYS D 465 6.74 -28.09 24.74
N MET E 1 -39.59 6.30 -40.99
CA MET E 1 -40.66 7.09 -41.60
C MET E 1 -41.35 7.94 -40.54
N PHE E 2 -40.99 7.69 -39.29
CA PHE E 2 -41.62 8.41 -38.18
C PHE E 2 -41.20 9.87 -38.22
N GLU E 3 -42.18 10.76 -38.06
CA GLU E 3 -41.95 12.19 -38.00
C GLU E 3 -42.29 12.72 -36.61
N ILE E 4 -41.35 13.46 -36.02
CA ILE E 4 -41.44 13.97 -34.65
C ILE E 4 -42.22 15.28 -34.67
N LYS E 5 -43.47 15.23 -34.21
CA LYS E 5 -44.33 16.41 -34.27
C LYS E 5 -44.38 17.22 -32.98
N LYS E 6 -44.43 16.58 -31.81
CA LYS E 6 -44.41 17.31 -30.54
C LYS E 6 -43.29 16.79 -29.63
N ILE E 7 -42.57 17.72 -28.99
CA ILE E 7 -41.44 17.42 -28.12
C ILE E 7 -41.75 17.89 -26.71
N CYS E 8 -41.44 17.05 -25.73
CA CYS E 8 -41.49 17.40 -24.31
C CYS E 8 -40.09 17.28 -23.70
N CYS E 9 -39.72 18.21 -22.81
CA CYS E 9 -38.43 18.15 -22.14
C CYS E 9 -38.62 18.32 -20.64
N ILE E 10 -38.23 17.30 -19.88
CA ILE E 10 -38.33 17.32 -18.43
C ILE E 10 -37.04 17.88 -17.87
N GLY E 11 -37.12 19.03 -17.21
CA GLY E 11 -35.93 19.71 -16.75
C GLY E 11 -35.69 20.95 -17.58
N ALA E 12 -35.95 22.13 -17.00
CA ALA E 12 -35.81 23.40 -17.70
C ALA E 12 -34.60 24.15 -17.20
N GLY E 13 -33.46 23.48 -17.12
CA GLY E 13 -32.25 24.05 -16.56
C GLY E 13 -31.34 24.58 -17.63
N TYR E 14 -30.06 24.68 -17.30
CA TYR E 14 -29.04 25.18 -18.20
C TYR E 14 -28.91 24.39 -19.46
N VAL E 15 -29.36 23.16 -19.42
CA VAL E 15 -29.37 22.33 -20.61
C VAL E 15 -30.76 22.24 -21.20
N GLY E 16 -31.72 21.76 -20.41
CA GLY E 16 -33.07 21.56 -20.92
C GLY E 16 -33.61 22.75 -21.70
N GLY E 17 -33.42 23.95 -21.16
CA GLY E 17 -34.03 25.14 -21.71
C GLY E 17 -33.53 25.54 -23.08
N PRO E 18 -32.34 26.15 -23.13
CA PRO E 18 -31.83 26.66 -24.41
C PRO E 18 -31.84 25.63 -25.53
N THR E 19 -31.61 24.35 -25.22
CA THR E 19 -31.64 23.32 -26.24
C THR E 19 -33.00 23.27 -26.91
N CYS E 20 -34.06 23.27 -26.11
CA CYS E 20 -35.40 23.19 -26.67
C CYS E 20 -35.83 24.50 -27.31
N SER E 21 -35.40 25.63 -26.75
CA SER E 21 -35.69 26.93 -27.37
C SER E 21 -35.16 26.99 -28.79
N VAL E 22 -33.94 26.50 -29.00
CA VAL E 22 -33.36 26.56 -30.33
C VAL E 22 -34.07 25.59 -31.25
N ILE E 23 -34.35 24.37 -30.76
CA ILE E 23 -35.14 23.41 -31.54
C ILE E 23 -36.43 24.06 -31.99
N ALA E 24 -37.16 24.64 -31.03
CA ALA E 24 -38.37 25.38 -31.34
C ALA E 24 -38.12 26.41 -32.43
N HIS E 25 -37.06 27.20 -32.27
CA HIS E 25 -36.82 28.28 -33.21
C HIS E 25 -36.44 27.76 -34.59
N MET E 26 -35.75 26.63 -34.65
CA MET E 26 -35.27 26.15 -35.94
C MET E 26 -36.32 25.34 -36.71
N CYS E 27 -37.24 24.69 -36.01
CA CYS E 27 -38.25 23.84 -36.64
C CYS E 27 -39.61 24.39 -36.25
N PRO E 28 -40.06 25.47 -36.89
CA PRO E 28 -41.25 26.16 -36.40
C PRO E 28 -42.50 25.29 -36.36
N GLU E 29 -42.57 24.22 -37.16
CA GLU E 29 -43.75 23.38 -37.20
C GLU E 29 -43.67 22.18 -36.25
N ILE E 30 -42.71 22.20 -35.31
CA ILE E 30 -42.61 21.23 -34.24
C ILE E 30 -42.99 21.94 -32.93
N ARG E 31 -43.80 21.29 -32.11
CA ARG E 31 -44.16 21.89 -30.83
C ARG E 31 -43.14 21.44 -29.78
N VAL E 32 -42.61 22.40 -29.06
CA VAL E 32 -41.60 22.16 -28.04
C VAL E 32 -42.20 22.64 -26.73
N THR E 33 -42.41 21.71 -25.81
CA THR E 33 -42.99 22.00 -24.50
C THR E 33 -41.96 21.66 -23.44
N VAL E 34 -41.45 22.66 -22.76
CA VAL E 34 -40.48 22.44 -21.69
C VAL E 34 -41.23 22.47 -20.37
N VAL E 35 -41.02 21.44 -19.54
CA VAL E 35 -41.66 21.34 -18.24
C VAL E 35 -40.58 21.12 -17.20
N ASP E 36 -40.94 21.36 -15.93
CA ASP E 36 -39.98 21.30 -14.85
C ASP E 36 -40.73 21.23 -13.52
N VAL E 37 -40.14 20.51 -12.56
CA VAL E 37 -40.75 20.38 -11.22
C VAL E 37 -40.75 21.71 -10.51
N ASN E 38 -39.71 22.51 -10.69
CA ASN E 38 -39.51 23.78 -9.99
C ASN E 38 -40.43 24.82 -10.60
N GLU E 39 -41.56 25.08 -9.93
CA GLU E 39 -42.58 25.94 -10.51
C GLU E 39 -42.05 27.36 -10.77
N SER E 40 -41.15 27.85 -9.92
CA SER E 40 -40.60 29.18 -10.11
C SER E 40 -39.83 29.27 -11.42
N ARG E 41 -38.91 28.34 -11.64
CA ARG E 41 -38.09 28.34 -12.85
C ARG E 41 -38.96 28.40 -14.10
N ILE E 42 -39.99 27.54 -14.16
CA ILE E 42 -40.93 27.59 -15.29
C ILE E 42 -41.50 28.99 -15.44
N ASN E 43 -41.85 29.63 -14.33
CA ASN E 43 -42.49 30.94 -14.42
C ASN E 43 -41.49 31.99 -14.90
N ALA E 44 -40.27 31.96 -14.39
CA ALA E 44 -39.25 32.89 -14.86
C ALA E 44 -39.02 32.80 -16.37
N TRP E 45 -39.19 31.61 -16.95
CA TRP E 45 -38.99 31.44 -18.40
C TRP E 45 -40.05 32.17 -19.22
N ASN E 46 -41.33 32.12 -18.80
CA ASN E 46 -42.36 32.89 -19.48
C ASN E 46 -42.36 34.36 -19.07
N SER E 47 -41.46 34.71 -18.15
CA SER E 47 -41.30 36.06 -17.66
C SER E 47 -40.42 36.89 -18.57
N PRO E 48 -40.44 38.26 -18.36
CA PRO E 48 -39.56 39.03 -19.26
C PRO E 48 -38.09 38.63 -19.08
N THR E 49 -37.67 38.38 -17.84
CA THR E 49 -36.29 38.00 -17.60
C THR E 49 -36.14 36.50 -17.34
N LEU E 50 -35.24 35.88 -18.09
CA LEU E 50 -34.98 34.44 -18.02
C LEU E 50 -34.24 33.92 -16.78
N PRO E 51 -34.47 32.66 -16.44
CA PRO E 51 -33.83 32.06 -15.27
C PRO E 51 -32.35 31.98 -15.38
N ILE E 52 -31.86 31.66 -16.56
CA ILE E 52 -30.44 31.59 -16.84
C ILE E 52 -30.09 32.54 -17.96
N TYR E 53 -29.03 33.32 -17.79
CA TYR E 53 -28.67 34.26 -18.83
C TYR E 53 -27.57 33.75 -19.74
N GLU E 54 -27.88 33.76 -21.03
CA GLU E 54 -26.96 33.37 -22.06
C GLU E 54 -27.08 34.38 -23.19
N PRO E 55 -25.97 34.87 -23.73
CA PRO E 55 -26.06 35.89 -24.80
C PRO E 55 -26.90 35.40 -25.97
N GLY E 56 -27.90 36.19 -26.33
CA GLY E 56 -28.77 35.85 -27.44
C GLY E 56 -29.95 34.96 -27.09
N LEU E 57 -29.97 34.37 -25.89
CA LEU E 57 -31.06 33.46 -25.52
C LEU E 57 -32.41 34.17 -25.50
N LYS E 58 -32.47 35.35 -24.87
CA LYS E 58 -33.71 36.12 -24.80
C LYS E 58 -34.31 36.33 -26.19
N GLU E 59 -33.47 36.70 -27.17
CA GLU E 59 -33.92 36.86 -28.56
C GLU E 59 -34.58 35.59 -29.07
N VAL E 60 -33.95 34.45 -28.82
CA VAL E 60 -34.45 33.17 -29.34
C VAL E 60 -35.76 32.81 -28.67
N VAL E 61 -35.78 32.79 -27.34
CA VAL E 61 -37.00 32.44 -26.62
C VAL E 61 -38.13 33.36 -27.05
N GLU E 62 -37.88 34.67 -27.07
CA GLU E 62 -38.93 35.60 -27.40
C GLU E 62 -39.38 35.48 -28.85
N SER E 63 -38.66 34.72 -29.67
CA SER E 63 -39.04 34.58 -31.07
C SER E 63 -40.16 33.57 -31.26
N CYS E 64 -40.13 32.49 -30.49
CA CYS E 64 -41.11 31.45 -30.70
C CYS E 64 -41.93 31.14 -29.50
N ARG E 65 -41.60 31.77 -28.39
CA ARG E 65 -42.35 31.50 -27.19
C ARG E 65 -43.78 31.81 -27.44
N GLY E 66 -44.63 30.89 -27.04
CA GLY E 66 -46.03 31.04 -27.18
C GLY E 66 -46.47 30.69 -28.56
N LYS E 67 -45.52 30.50 -29.47
CA LYS E 67 -45.89 30.16 -30.81
C LYS E 67 -45.75 28.69 -30.92
N ASN E 68 -44.52 28.20 -30.93
CA ASN E 68 -44.32 26.78 -30.97
C ASN E 68 -43.55 26.31 -29.78
N LEU E 69 -43.09 27.24 -28.97
CA LEU E 69 -42.32 26.91 -27.81
C LEU E 69 -43.13 27.28 -26.62
N PHE E 70 -43.24 26.39 -25.64
CA PHE E 70 -44.01 26.60 -24.42
C PHE E 70 -43.24 26.14 -23.21
N PHE E 71 -43.22 26.99 -22.19
CA PHE E 71 -42.81 26.57 -20.85
C PHE E 71 -44.06 26.38 -20.01
N SER E 72 -44.13 25.26 -19.31
CA SER E 72 -45.31 24.86 -18.58
C SER E 72 -44.90 24.17 -17.29
N THR E 73 -45.84 24.07 -16.37
CA THR E 73 -45.64 23.32 -15.15
C THR E 73 -46.45 22.04 -15.11
N ASN E 74 -47.34 21.81 -16.09
CA ASN E 74 -48.15 20.60 -16.20
C ASN E 74 -47.35 19.52 -16.93
N ILE E 75 -46.53 18.80 -16.16
CA ILE E 75 -45.60 17.82 -16.72
C ILE E 75 -46.35 16.64 -17.33
N ASP E 76 -47.40 16.16 -16.66
CA ASP E 76 -48.00 14.89 -17.07
C ASP E 76 -48.60 15.00 -18.47
N ASP E 77 -49.39 16.05 -18.73
CA ASP E 77 -49.99 16.17 -20.06
C ASP E 77 -48.95 16.49 -21.13
N ALA E 78 -47.88 17.19 -20.78
CA ALA E 78 -46.76 17.33 -21.72
C ALA E 78 -46.26 15.97 -22.19
N ILE E 79 -46.12 15.01 -21.26
CA ILE E 79 -45.53 13.72 -21.60
C ILE E 79 -46.48 12.91 -22.47
N LYS E 80 -47.73 12.75 -22.03
CA LYS E 80 -48.65 11.86 -22.73
C LYS E 80 -48.96 12.35 -24.13
N GLU E 81 -48.80 13.64 -24.40
CA GLU E 81 -49.01 14.17 -25.74
C GLU E 81 -47.77 14.11 -26.62
N ALA E 82 -46.57 13.94 -26.04
CA ALA E 82 -45.37 14.16 -26.82
C ALA E 82 -44.99 12.95 -27.67
N ASP E 83 -44.31 13.23 -28.78
CA ASP E 83 -43.63 12.21 -29.58
C ASP E 83 -42.27 11.86 -29.02
N LEU E 84 -41.41 12.86 -28.83
CA LEU E 84 -40.09 12.66 -28.23
C LEU E 84 -40.03 13.36 -26.88
N VAL E 85 -39.44 12.68 -25.90
CA VAL E 85 -39.32 13.20 -24.54
C VAL E 85 -37.85 13.28 -24.15
N PHE E 86 -37.38 14.50 -23.92
CA PHE E 86 -36.05 14.71 -23.39
C PHE E 86 -36.06 14.54 -21.88
N ILE E 87 -35.02 13.92 -21.35
CA ILE E 87 -34.75 13.89 -19.93
C ILE E 87 -33.50 14.72 -19.71
N SER E 88 -33.67 15.87 -19.09
CA SER E 88 -32.60 16.83 -18.87
C SER E 88 -32.61 17.31 -17.44
N VAL E 89 -32.84 16.39 -16.52
CA VAL E 89 -32.75 16.69 -15.10
C VAL E 89 -31.30 16.50 -14.69
N ASN E 90 -30.96 16.88 -13.47
CA ASN E 90 -29.59 16.83 -13.01
C ASN E 90 -29.25 15.46 -12.41
N THR E 91 -27.98 15.11 -12.51
CA THR E 91 -27.42 13.90 -11.90
C THR E 91 -26.33 14.32 -10.93
N PRO E 92 -26.71 14.78 -9.74
CA PRO E 92 -25.73 15.30 -8.80
C PRO E 92 -24.90 14.17 -8.19
N THR E 93 -23.70 14.52 -7.74
CA THR E 93 -22.85 13.56 -7.07
C THR E 93 -23.48 13.13 -5.76
N LYS E 94 -23.58 11.81 -5.56
CA LYS E 94 -24.12 11.26 -4.33
C LYS E 94 -23.37 11.81 -3.13
N THR E 95 -24.10 12.26 -2.11
CA THR E 95 -23.50 12.78 -0.90
C THR E 95 -23.48 11.78 0.26
N TYR E 96 -23.85 10.52 0.02
CA TYR E 96 -23.80 9.51 1.06
C TYR E 96 -23.96 8.14 0.42
N GLY E 97 -23.53 7.11 1.15
CA GLY E 97 -23.59 5.74 0.67
C GLY E 97 -22.40 5.36 -0.19
N MET E 98 -22.56 4.23 -0.89
CA MET E 98 -21.57 3.78 -1.85
C MET E 98 -21.33 4.83 -2.93
N GLY E 99 -20.06 5.12 -3.22
CA GLY E 99 -19.75 6.15 -4.19
C GLY E 99 -19.91 7.53 -3.64
N LYS E 100 -19.90 7.66 -2.32
CA LYS E 100 -20.15 8.94 -1.71
C LYS E 100 -19.15 9.94 -2.22
N GLY E 101 -19.66 11.00 -2.84
CA GLY E 101 -18.81 12.10 -3.24
C GLY E 101 -18.11 11.93 -4.55
N ARG E 102 -18.41 10.85 -5.29
CA ARG E 102 -17.85 10.60 -6.62
C ARG E 102 -18.92 10.10 -7.58
N ALA E 103 -19.66 9.08 -7.14
CA ALA E 103 -20.69 8.46 -7.95
C ALA E 103 -21.82 9.42 -8.25
N ALA E 104 -22.46 9.21 -9.40
CA ALA E 104 -23.63 9.98 -9.77
C ALA E 104 -24.90 9.37 -9.16
N ASP E 105 -25.81 10.25 -8.75
CA ASP E 105 -27.11 9.87 -8.18
C ASP E 105 -28.17 9.92 -9.27
N LEU E 106 -28.78 8.80 -9.58
CA LEU E 106 -29.77 8.74 -10.65
C LEU E 106 -31.22 8.96 -10.18
N LYS E 107 -31.44 9.31 -8.91
CA LYS E 107 -32.80 9.32 -8.39
C LYS E 107 -33.74 10.19 -9.22
N TYR E 108 -33.23 11.29 -9.78
CA TYR E 108 -34.07 12.19 -10.57
C TYR E 108 -34.32 11.64 -11.96
N ILE E 109 -33.28 11.14 -12.62
CA ILE E 109 -33.45 10.43 -13.87
C ILE E 109 -34.42 9.28 -13.69
N GLU E 110 -34.27 8.51 -12.61
CA GLU E 110 -35.21 7.42 -12.38
C GLU E 110 -36.63 7.96 -12.17
N ALA E 111 -36.75 9.12 -11.52
CA ALA E 111 -38.10 9.67 -11.34
C ALA E 111 -38.71 10.04 -12.69
N CYS E 112 -37.91 10.60 -13.59
CA CYS E 112 -38.42 10.90 -14.91
C CYS E 112 -38.85 9.64 -15.64
N ALA E 113 -38.05 8.57 -15.51
CA ALA E 113 -38.38 7.33 -16.19
C ALA E 113 -39.68 6.75 -15.67
N ARG E 114 -39.85 6.72 -14.35
CA ARG E 114 -41.08 6.14 -13.82
C ARG E 114 -42.27 7.01 -14.16
N ARG E 115 -42.15 8.33 -14.04
CA ARG E 115 -43.27 9.21 -14.39
C ARG E 115 -43.64 9.10 -15.85
N ILE E 116 -42.64 8.94 -16.73
CA ILE E 116 -42.91 8.76 -18.15
C ILE E 116 -43.77 7.52 -18.37
N VAL E 117 -43.26 6.35 -17.97
CA VAL E 117 -44.01 5.11 -18.24
C VAL E 117 -45.36 5.15 -17.58
N GLN E 118 -45.49 5.90 -16.47
CA GLN E 118 -46.79 6.11 -15.85
C GLN E 118 -47.76 6.79 -16.80
N ASN E 119 -47.31 7.85 -17.46
CA ASN E 119 -48.18 8.69 -18.27
C ASN E 119 -48.12 8.40 -19.75
N SER E 120 -47.35 7.42 -20.17
CA SER E 120 -47.15 7.21 -21.59
C SER E 120 -48.10 6.16 -22.13
N ASN E 121 -48.43 6.31 -23.40
CA ASN E 121 -49.19 5.29 -24.10
C ASN E 121 -48.74 5.31 -25.55
N GLY E 122 -48.84 4.15 -26.20
CA GLY E 122 -48.42 4.07 -27.58
C GLY E 122 -46.92 4.13 -27.72
N TYR E 123 -46.47 4.88 -28.72
CA TYR E 123 -45.06 4.94 -29.06
C TYR E 123 -44.54 6.32 -28.69
N LYS E 124 -43.27 6.35 -28.27
CA LYS E 124 -42.62 7.56 -27.79
C LYS E 124 -41.12 7.35 -27.83
N ILE E 125 -40.38 8.43 -27.94
CA ILE E 125 -38.92 8.38 -27.94
C ILE E 125 -38.42 9.13 -26.71
N VAL E 126 -37.84 8.37 -25.77
CA VAL E 126 -37.22 8.95 -24.58
C VAL E 126 -35.75 9.18 -24.88
N THR E 127 -35.29 10.41 -24.70
CA THR E 127 -33.90 10.73 -24.99
C THR E 127 -33.27 11.41 -23.78
N GLU E 128 -32.26 10.78 -23.18
CA GLU E 128 -31.54 11.36 -22.06
C GLU E 128 -30.51 12.36 -22.58
N LYS E 129 -30.52 13.57 -22.03
CA LYS E 129 -29.59 14.62 -22.41
C LYS E 129 -28.63 14.96 -21.32
N SER E 130 -28.88 14.49 -20.11
CA SER E 130 -27.99 14.73 -19.00
C SER E 130 -26.72 13.89 -19.16
N THR E 131 -25.64 14.39 -18.56
CA THR E 131 -24.39 13.62 -18.45
C THR E 131 -24.64 12.43 -17.54
N VAL E 132 -24.70 11.24 -18.12
CA VAL E 132 -25.06 10.05 -17.35
C VAL E 132 -23.85 9.14 -17.33
N PRO E 133 -23.76 8.26 -16.34
CA PRO E 133 -22.74 7.21 -16.38
C PRO E 133 -23.07 6.21 -17.46
N VAL E 134 -22.02 5.68 -18.11
CA VAL E 134 -22.22 4.70 -19.17
C VAL E 134 -23.14 3.60 -18.67
N ARG E 135 -24.16 3.29 -19.48
CA ARG E 135 -25.24 2.33 -19.25
C ARG E 135 -26.36 2.86 -18.35
N ALA E 136 -26.38 4.16 -18.04
CA ALA E 136 -27.54 4.73 -17.34
C ALA E 136 -28.81 4.60 -18.19
N ALA E 137 -28.67 4.70 -19.51
CA ALA E 137 -29.78 4.38 -20.38
C ALA E 137 -30.22 2.93 -20.22
N GLU E 138 -29.36 2.05 -19.71
CA GLU E 138 -29.83 0.69 -19.48
C GLU E 138 -30.85 0.66 -18.36
N SER E 139 -30.71 1.58 -17.40
CA SER E 139 -31.65 1.65 -16.29
C SER E 139 -33.00 2.14 -16.75
N ILE E 140 -33.02 3.27 -17.47
CA ILE E 140 -34.25 3.73 -18.09
C ILE E 140 -34.94 2.58 -18.81
N ARG E 141 -34.17 1.75 -19.52
CA ARG E 141 -34.77 0.65 -20.26
C ARG E 141 -35.29 -0.45 -19.34
N ARG E 142 -34.54 -0.79 -18.28
CA ARG E 142 -35.05 -1.72 -17.29
C ARG E 142 -36.41 -1.25 -16.78
N ILE E 143 -36.49 0.00 -16.37
CA ILE E 143 -37.72 0.54 -15.81
C ILE E 143 -38.86 0.42 -16.82
N PHE E 144 -38.62 0.79 -18.07
CA PHE E 144 -39.70 0.75 -19.07
C PHE E 144 -40.13 -0.68 -19.35
N ASP E 145 -39.18 -1.60 -19.50
CA ASP E 145 -39.55 -2.98 -19.78
C ASP E 145 -40.29 -3.61 -18.60
N ALA E 146 -39.97 -3.21 -17.37
CA ALA E 146 -40.65 -3.77 -16.21
C ALA E 146 -42.10 -3.32 -16.14
N ASN E 147 -42.41 -2.08 -16.54
CA ASN E 147 -43.76 -1.52 -16.39
C ASN E 147 -44.50 -1.34 -17.70
N THR E 148 -44.53 -2.38 -18.53
CA THR E 148 -45.04 -2.26 -19.89
C THR E 148 -46.55 -2.47 -19.97
N LYS E 149 -47.11 -2.00 -21.06
CA LYS E 149 -48.54 -2.13 -21.37
C LYS E 149 -48.71 -2.72 -22.75
N PRO E 150 -49.93 -3.06 -23.14
CA PRO E 150 -50.23 -3.22 -24.56
C PRO E 150 -50.04 -1.90 -25.30
N ASN E 151 -49.42 -1.98 -26.48
CA ASN E 151 -49.14 -0.87 -27.38
C ASN E 151 -48.14 0.11 -26.85
N LEU E 152 -47.63 -0.06 -25.64
CA LEU E 152 -46.55 0.79 -25.18
C LEU E 152 -45.28 0.39 -25.90
N ASN E 153 -44.55 1.38 -26.38
CA ASN E 153 -43.34 1.13 -27.16
C ASN E 153 -42.44 2.35 -26.95
N LEU E 154 -41.54 2.25 -25.97
CA LEU E 154 -40.68 3.36 -25.62
C LEU E 154 -39.26 3.09 -26.08
N GLN E 155 -38.69 4.02 -26.81
CA GLN E 155 -37.34 3.88 -27.38
C GLN E 155 -36.42 4.85 -26.68
N VAL E 156 -35.26 4.37 -26.22
CA VAL E 156 -34.35 5.18 -25.42
C VAL E 156 -33.15 5.55 -26.27
N LEU E 157 -32.86 6.85 -26.33
CA LEU E 157 -31.71 7.38 -27.04
C LEU E 157 -30.84 8.19 -26.11
N SER E 158 -29.55 8.29 -26.49
CA SER E 158 -28.63 9.24 -25.92
C SER E 158 -28.47 10.43 -26.85
N ASN E 159 -28.48 11.63 -26.28
CA ASN E 159 -28.24 12.86 -27.02
C ASN E 159 -27.62 13.86 -26.05
N PRO E 160 -26.36 13.66 -25.69
CA PRO E 160 -25.74 14.52 -24.69
C PRO E 160 -25.57 15.95 -25.20
N GLU E 161 -25.22 16.84 -24.28
CA GLU E 161 -25.06 18.23 -24.62
C GLU E 161 -23.61 18.66 -24.44
N PHE E 162 -23.21 19.67 -25.22
CA PHE E 162 -21.83 20.09 -25.26
C PHE E 162 -21.61 21.59 -25.10
N LEU E 163 -22.66 22.37 -24.87
CA LEU E 163 -22.50 23.81 -24.87
C LEU E 163 -21.66 24.27 -23.69
N ALA E 164 -20.78 25.23 -23.95
CA ALA E 164 -19.97 25.82 -22.91
C ALA E 164 -20.74 26.98 -22.30
N GLU E 165 -20.69 27.08 -20.97
CA GLU E 165 -21.35 28.17 -20.29
C GLU E 165 -20.79 29.48 -20.81
N GLY E 166 -21.61 30.24 -21.52
CA GLY E 166 -21.19 31.49 -22.12
C GLY E 166 -21.46 31.58 -23.61
N THR E 167 -21.30 30.47 -24.32
CA THR E 167 -21.44 30.46 -25.78
C THR E 167 -22.60 29.61 -26.23
N ALA E 168 -23.61 29.41 -25.37
CA ALA E 168 -24.61 28.38 -25.59
C ALA E 168 -25.35 28.58 -26.91
N ILE E 169 -25.84 29.78 -27.15
CA ILE E 169 -26.63 29.99 -28.36
C ILE E 169 -25.78 29.75 -29.60
N LYS E 170 -24.56 30.30 -29.63
CA LYS E 170 -23.65 29.99 -30.72
C LYS E 170 -23.44 28.48 -30.82
N ASP E 171 -23.08 27.84 -29.70
CA ASP E 171 -22.73 26.42 -29.72
C ASP E 171 -23.90 25.54 -30.14
N LEU E 172 -25.13 26.07 -30.14
CA LEU E 172 -26.31 25.30 -30.53
C LEU E 172 -26.79 25.64 -31.92
N LYS E 173 -26.84 26.94 -32.26
CA LYS E 173 -27.14 27.33 -33.62
C LYS E 173 -26.11 26.74 -34.59
N ASN E 174 -24.85 26.61 -34.18
CA ASN E 174 -23.78 26.14 -35.05
C ASN E 174 -22.89 25.16 -34.31
N PRO E 175 -23.36 23.92 -34.12
CA PRO E 175 -22.60 22.96 -33.31
C PRO E 175 -21.42 22.38 -34.05
N ASP E 176 -20.33 22.17 -33.31
CA ASP E 176 -19.21 21.40 -33.85
C ASP E 176 -19.64 19.99 -34.24
N ARG E 177 -20.57 19.40 -33.48
CA ARG E 177 -21.22 18.15 -33.87
C ARG E 177 -22.43 17.95 -32.96
N VAL E 178 -23.34 17.11 -33.44
CA VAL E 178 -24.50 16.64 -32.69
C VAL E 178 -24.34 15.15 -32.48
N LEU E 179 -24.63 14.67 -31.28
CA LEU E 179 -24.35 13.28 -30.93
C LEU E 179 -25.63 12.55 -30.55
N ILE E 180 -25.92 11.47 -31.25
CA ILE E 180 -27.13 10.69 -31.04
C ILE E 180 -26.72 9.23 -30.95
N GLY E 181 -27.18 8.56 -29.89
CA GLY E 181 -26.83 7.17 -29.67
C GLY E 181 -28.10 6.37 -29.49
N GLY E 182 -28.11 5.19 -30.10
CA GLY E 182 -29.29 4.34 -30.13
C GLY E 182 -28.90 2.88 -30.21
N ASP E 183 -29.88 2.02 -29.93
CA ASP E 183 -29.68 0.58 -30.10
C ASP E 183 -29.32 0.27 -31.55
N GLU E 184 -28.44 -0.71 -31.74
CA GLU E 184 -28.09 -1.08 -33.10
C GLU E 184 -29.03 -2.16 -33.63
N THR E 185 -30.31 -1.90 -33.44
CA THR E 185 -31.43 -2.73 -33.86
C THR E 185 -32.39 -1.89 -34.68
N PRO E 186 -33.36 -2.52 -35.37
CA PRO E 186 -34.26 -1.72 -36.21
C PRO E 186 -35.14 -0.74 -35.44
N GLU E 187 -35.61 -1.09 -34.25
CA GLU E 187 -36.37 -0.10 -33.49
C GLU E 187 -35.48 1.08 -33.06
N GLY E 188 -34.21 0.83 -32.80
CA GLY E 188 -33.31 1.91 -32.47
C GLY E 188 -33.11 2.87 -33.62
N GLN E 189 -32.62 2.36 -34.76
CA GLN E 189 -32.24 3.23 -35.86
C GLN E 189 -33.39 4.09 -36.34
N ARG E 190 -34.62 3.56 -36.31
CA ARG E 190 -35.77 4.40 -36.62
C ARG E 190 -35.84 5.57 -35.65
N ALA E 191 -35.64 5.30 -34.36
CA ALA E 191 -35.66 6.36 -33.38
C ALA E 191 -34.49 7.31 -33.57
N VAL E 192 -33.32 6.78 -33.90
CA VAL E 192 -32.17 7.63 -34.22
C VAL E 192 -32.50 8.55 -35.38
N GLN E 193 -33.05 7.97 -36.47
CA GLN E 193 -33.35 8.77 -37.65
C GLN E 193 -34.39 9.85 -37.36
N ALA E 194 -35.33 9.57 -36.46
CA ALA E 194 -36.32 10.58 -36.12
C ALA E 194 -35.66 11.79 -35.45
N LEU E 195 -34.71 11.56 -34.56
CA LEU E 195 -34.04 12.67 -33.89
C LEU E 195 -33.08 13.36 -34.84
N CYS E 196 -32.46 12.61 -35.76
CA CYS E 196 -31.67 13.23 -36.81
C CYS E 196 -32.51 14.25 -37.58
N ALA E 197 -33.62 13.79 -38.14
CA ALA E 197 -34.56 14.63 -38.89
C ALA E 197 -34.76 15.98 -38.21
N VAL E 198 -34.89 15.97 -36.89
CA VAL E 198 -35.07 17.22 -36.17
C VAL E 198 -33.81 18.06 -36.24
N TYR E 199 -32.66 17.44 -36.03
CA TYR E 199 -31.44 18.21 -36.09
C TYR E 199 -31.09 18.63 -37.51
N GLU E 200 -31.56 17.91 -38.53
CA GLU E 200 -31.26 18.30 -39.91
C GLU E 200 -31.86 19.66 -40.27
N HIS E 201 -32.83 20.15 -39.48
CA HIS E 201 -33.48 21.42 -39.81
C HIS E 201 -32.54 22.60 -39.74
N TRP E 202 -31.37 22.45 -39.09
CA TRP E 202 -30.34 23.49 -39.16
C TRP E 202 -28.93 22.97 -39.00
N VAL E 203 -28.72 21.68 -38.88
CA VAL E 203 -27.39 21.11 -38.66
C VAL E 203 -27.08 20.23 -39.86
N PRO E 204 -26.00 20.49 -40.59
CA PRO E 204 -25.69 19.64 -41.75
C PRO E 204 -25.43 18.19 -41.35
N ARG E 205 -26.00 17.28 -42.16
CA ARG E 205 -25.91 15.83 -41.96
C ARG E 205 -24.49 15.38 -41.64
N GLU E 206 -23.48 16.14 -42.08
CA GLU E 206 -22.10 15.74 -41.86
C GLU E 206 -21.67 15.95 -40.41
N LYS E 207 -22.26 16.93 -39.71
CA LYS E 207 -21.93 17.20 -38.32
C LYS E 207 -22.80 16.40 -37.34
N ILE E 208 -23.79 15.65 -37.85
CA ILE E 208 -24.63 14.80 -37.01
C ILE E 208 -23.99 13.41 -37.00
N LEU E 209 -23.48 13.02 -35.86
CA LEU E 209 -22.74 11.78 -35.69
C LEU E 209 -23.57 10.79 -34.88
N THR E 210 -23.94 9.66 -35.48
CA THR E 210 -24.73 8.64 -34.79
C THR E 210 -23.82 7.52 -34.28
N THR E 211 -24.11 7.03 -33.08
CA THR E 211 -23.33 5.95 -32.48
C THR E 211 -24.23 4.90 -31.85
N ASN E 212 -23.64 3.93 -31.15
CA ASN E 212 -24.48 3.15 -30.25
C ASN E 212 -24.72 3.96 -28.98
N THR E 213 -25.58 3.43 -28.12
CA THR E 213 -25.98 4.20 -26.95
C THR E 213 -24.80 4.41 -25.99
N TRP E 214 -24.02 3.37 -25.73
CA TRP E 214 -22.93 3.50 -24.79
C TRP E 214 -21.77 4.30 -25.36
N SER E 215 -21.56 4.24 -26.68
CA SER E 215 -20.55 5.12 -27.24
C SER E 215 -20.93 6.58 -26.98
N SER E 216 -22.20 6.89 -27.09
CA SER E 216 -22.63 8.27 -26.96
C SER E 216 -22.53 8.74 -25.51
N GLU E 217 -22.94 7.91 -24.57
CA GLU E 217 -22.79 8.29 -23.17
C GLU E 217 -21.31 8.49 -22.82
N LEU E 218 -20.49 7.49 -23.15
CA LEU E 218 -19.07 7.56 -22.88
C LEU E 218 -18.42 8.77 -23.54
N SER E 219 -18.88 9.13 -24.72
CA SER E 219 -18.36 10.30 -25.39
C SER E 219 -18.53 11.55 -24.54
N LYS E 220 -19.69 11.71 -23.91
CA LYS E 220 -19.94 12.94 -23.15
C LYS E 220 -18.88 13.13 -22.07
N LEU E 221 -18.67 12.10 -21.26
CA LEU E 221 -17.70 12.17 -20.18
C LEU E 221 -16.29 12.40 -20.72
N ALA E 222 -15.89 11.63 -21.74
CA ALA E 222 -14.50 11.61 -22.13
C ALA E 222 -14.06 12.95 -22.71
N ALA E 223 -14.95 13.63 -23.44
CA ALA E 223 -14.60 14.95 -23.96
C ALA E 223 -14.18 15.89 -22.83
N ASN E 224 -14.86 15.80 -21.69
CA ASN E 224 -14.49 16.64 -20.56
C ASN E 224 -13.20 16.15 -19.90
N LEU E 225 -12.99 14.84 -19.88
CA LEU E 225 -11.74 14.30 -19.36
C LEU E 225 -10.57 14.80 -20.16
N PHE E 226 -10.67 14.75 -21.50
CA PHE E 226 -9.57 15.22 -22.33
C PHE E 226 -9.29 16.70 -22.11
N LEU E 227 -10.34 17.49 -21.98
CA LEU E 227 -10.13 18.93 -21.75
C LEU E 227 -9.47 19.16 -20.41
N ALA E 228 -10.04 18.57 -19.35
CA ALA E 228 -9.48 18.75 -18.01
C ALA E 228 -8.05 18.22 -17.96
N GLN E 229 -7.79 17.11 -18.65
CA GLN E 229 -6.42 16.61 -18.77
C GLN E 229 -5.49 17.68 -19.32
N ARG E 230 -5.89 18.34 -20.41
CA ARG E 230 -5.02 19.36 -20.98
C ARG E 230 -4.63 20.39 -19.93
N ILE E 231 -5.58 20.81 -19.09
CA ILE E 231 -5.27 21.82 -18.09
C ILE E 231 -4.34 21.24 -17.03
N SER E 232 -4.64 20.04 -16.54
CA SER E 232 -3.76 19.47 -15.52
C SER E 232 -2.37 19.24 -16.08
N SER E 233 -2.29 18.81 -17.35
CA SER E 233 -0.99 18.59 -17.95
C SER E 233 -0.19 19.89 -18.06
N ILE E 234 -0.82 20.97 -18.50
CA ILE E 234 -0.03 22.20 -18.60
C ILE E 234 0.27 22.76 -17.21
N ASN E 235 -0.66 22.56 -16.26
CA ASN E 235 -0.38 22.96 -14.88
C ASN E 235 0.85 22.24 -14.34
N SER E 236 0.94 20.92 -14.55
CA SER E 236 2.14 20.22 -14.14
C SER E 236 3.37 20.76 -14.88
N ILE E 237 3.22 21.13 -16.15
CA ILE E 237 4.33 21.77 -16.84
C ILE E 237 4.68 23.07 -16.14
N SER E 238 3.68 23.82 -15.69
CA SER E 238 3.97 25.10 -15.05
C SER E 238 4.82 24.91 -13.79
N ALA E 239 4.56 23.85 -13.04
CA ALA E 239 5.40 23.53 -11.89
C ALA E 239 6.82 23.28 -12.33
N LEU E 240 7.00 22.53 -13.38
CA LEU E 240 8.33 22.23 -13.86
C LEU E 240 9.02 23.46 -14.39
N CYS E 241 8.30 24.37 -15.00
CA CYS E 241 8.95 25.59 -15.49
C CYS E 241 9.59 26.36 -14.37
N GLU E 242 8.87 26.56 -13.26
CA GLU E 242 9.38 27.29 -12.11
C GLU E 242 10.68 26.69 -11.57
N ALA E 243 10.92 25.41 -11.79
CA ALA E 243 12.09 24.77 -11.24
C ALA E 243 13.29 24.80 -12.17
N THR E 244 13.06 25.01 -13.46
CA THR E 244 14.12 24.91 -14.45
C THR E 244 14.45 26.24 -15.09
N GLY E 245 13.72 27.32 -14.76
CA GLY E 245 13.90 28.59 -15.41
C GLY E 245 13.31 28.68 -16.80
N ALA E 246 12.35 27.82 -17.12
CA ALA E 246 11.56 27.97 -18.32
C ALA E 246 10.38 28.89 -18.04
N ASP E 247 9.73 29.34 -19.11
CA ASP E 247 8.49 30.09 -19.00
C ASP E 247 7.37 29.24 -19.56
N VAL E 248 6.28 29.11 -18.79
CA VAL E 248 5.23 28.19 -19.20
C VAL E 248 4.44 28.75 -20.37
N GLU E 249 4.34 30.08 -20.49
CA GLU E 249 3.65 30.63 -21.63
C GLU E 249 4.45 30.40 -22.91
N GLU E 250 5.78 30.51 -22.84
CA GLU E 250 6.59 30.16 -23.99
C GLU E 250 6.42 28.68 -24.36
N VAL E 251 6.41 27.80 -23.35
CA VAL E 251 6.28 26.37 -23.62
C VAL E 251 4.90 26.04 -24.15
N ALA E 252 3.86 26.70 -23.62
CA ALA E 252 2.51 26.51 -24.16
C ALA E 252 2.47 26.82 -25.65
N THR E 253 2.93 28.01 -26.03
CA THR E 253 2.88 28.41 -27.43
C THR E 253 3.52 27.35 -28.31
N ALA E 254 4.74 26.91 -27.94
CA ALA E 254 5.48 25.93 -28.73
C ALA E 254 4.75 24.60 -28.86
N ILE E 255 4.19 24.11 -27.75
CA ILE E 255 3.41 22.87 -27.76
C ILE E 255 2.23 22.99 -28.72
N GLY E 256 1.47 24.08 -28.57
CA GLY E 256 0.23 24.27 -29.29
C GLY E 256 0.36 24.56 -30.75
N MET E 257 1.56 24.82 -31.25
CA MET E 257 1.72 24.98 -32.70
C MET E 257 1.78 23.64 -33.42
N ASP E 258 2.10 22.56 -32.71
CA ASP E 258 1.83 21.22 -33.23
C ASP E 258 0.33 21.11 -33.47
N GLN E 259 -0.06 21.02 -34.73
CA GLN E 259 -1.47 21.01 -35.08
C GLN E 259 -2.20 19.78 -34.56
N ARG E 260 -1.49 18.66 -34.43
CA ARG E 260 -2.04 17.49 -33.76
C ARG E 260 -2.35 17.74 -32.29
N ILE E 261 -1.72 18.75 -31.69
CA ILE E 261 -1.97 19.07 -30.30
C ILE E 261 -2.97 20.20 -30.16
N GLY E 262 -2.87 21.20 -31.04
CA GLY E 262 -3.78 22.34 -31.00
C GLY E 262 -3.46 23.25 -29.85
N ASN E 263 -3.98 24.49 -29.88
CA ASN E 263 -3.59 25.53 -28.93
C ASN E 263 -4.66 25.91 -27.93
N LYS E 264 -5.79 25.24 -27.92
CA LYS E 264 -6.84 25.58 -26.97
C LYS E 264 -6.61 24.83 -25.65
N PHE E 265 -7.06 25.43 -24.55
CA PHE E 265 -7.02 24.76 -23.24
C PHE E 265 -5.59 24.43 -22.81
N LEU E 266 -4.69 25.42 -22.97
CA LEU E 266 -3.30 25.30 -22.57
C LEU E 266 -2.88 26.49 -21.72
N LYS E 267 -3.82 27.26 -21.19
CA LYS E 267 -3.46 28.41 -20.38
C LYS E 267 -3.34 27.95 -18.92
N ALA E 268 -2.10 27.82 -18.44
CA ALA E 268 -1.84 27.32 -17.10
C ALA E 268 -2.39 28.28 -16.05
N SER E 269 -3.06 27.72 -15.05
CA SER E 269 -3.75 28.52 -14.04
C SER E 269 -3.47 27.97 -12.65
N VAL E 270 -4.22 28.48 -11.68
CA VAL E 270 -4.19 27.99 -10.31
C VAL E 270 -5.09 26.78 -10.11
N GLY E 271 -5.78 26.34 -11.14
CA GLY E 271 -6.57 25.12 -11.10
C GLY E 271 -7.86 25.40 -11.85
N PHE E 272 -8.41 24.36 -12.47
CA PHE E 272 -9.69 24.52 -13.14
C PHE E 272 -10.83 24.28 -12.18
N GLY E 273 -11.97 24.91 -12.48
CA GLY E 273 -13.19 24.74 -11.71
C GLY E 273 -14.43 24.61 -12.57
N GLY E 274 -15.58 24.84 -11.96
CA GLY E 274 -16.81 24.67 -12.71
C GLY E 274 -17.55 23.43 -12.29
N SER E 275 -18.87 23.47 -12.45
CA SER E 275 -19.77 22.42 -12.03
C SER E 275 -19.66 21.15 -12.86
N CYS E 276 -18.73 21.05 -13.79
CA CYS E 276 -18.74 19.93 -14.72
C CYS E 276 -17.49 19.06 -14.68
N PHE E 277 -16.29 19.64 -14.74
CA PHE E 277 -15.11 18.81 -14.98
C PHE E 277 -14.85 17.85 -13.83
N GLN E 278 -14.51 18.35 -12.64
CA GLN E 278 -14.15 17.47 -11.54
C GLN E 278 -15.23 16.42 -11.29
N LYS E 279 -16.50 16.81 -11.36
CA LYS E 279 -17.60 15.86 -11.20
C LYS E 279 -17.54 14.72 -12.22
N ASP E 280 -17.32 15.06 -13.49
CA ASP E 280 -17.28 14.01 -14.51
C ASP E 280 -16.08 13.08 -14.31
N VAL E 281 -14.92 13.61 -13.91
CA VAL E 281 -13.72 12.78 -13.71
C VAL E 281 -13.97 11.79 -12.59
N LEU E 282 -14.43 12.30 -11.45
CA LEU E 282 -14.76 11.39 -10.37
C LEU E 282 -15.80 10.36 -10.82
N ASN E 283 -16.82 10.79 -11.58
CA ASN E 283 -17.80 9.82 -12.04
C ASN E 283 -17.14 8.71 -12.85
N LEU E 284 -16.20 9.05 -13.71
CA LEU E 284 -15.60 8.03 -14.55
C LEU E 284 -14.67 7.14 -13.75
N VAL E 285 -13.98 7.71 -12.76
CA VAL E 285 -13.09 6.88 -11.98
C VAL E 285 -13.90 5.93 -11.10
N TYR E 286 -15.09 6.33 -10.67
CA TYR E 286 -15.90 5.42 -9.86
C TYR E 286 -16.48 4.33 -10.71
N LEU E 287 -16.93 4.68 -11.93
CA LEU E 287 -17.41 3.68 -12.87
C LEU E 287 -16.35 2.63 -13.16
N CYS E 288 -15.10 3.07 -13.29
CA CYS E 288 -14.00 2.16 -13.61
C CYS E 288 -13.71 1.21 -12.46
N GLU E 289 -13.75 1.74 -11.23
CA GLU E 289 -13.54 0.87 -10.09
C GLU E 289 -14.64 -0.17 -9.99
N ALA E 290 -15.84 0.15 -10.46
CA ALA E 290 -16.95 -0.79 -10.47
C ALA E 290 -16.88 -1.80 -11.61
N LEU E 291 -16.18 -1.49 -12.70
CA LEU E 291 -16.01 -2.44 -13.79
C LEU E 291 -14.68 -3.17 -13.72
N ASN E 292 -13.99 -3.08 -12.56
CA ASN E 292 -12.70 -3.72 -12.32
C ASN E 292 -11.68 -3.30 -13.37
N LEU E 293 -11.54 -1.98 -13.51
CA LEU E 293 -10.56 -1.32 -14.37
C LEU E 293 -9.73 -0.38 -13.52
N PRO E 294 -9.06 -0.90 -12.47
CA PRO E 294 -8.25 0.00 -11.62
C PRO E 294 -7.15 0.72 -12.36
N GLU E 295 -6.46 0.04 -13.29
CA GLU E 295 -5.51 0.72 -14.16
C GLU E 295 -6.12 1.99 -14.76
N VAL E 296 -7.32 1.88 -15.35
CA VAL E 296 -7.90 3.07 -15.99
C VAL E 296 -8.37 4.05 -14.94
N ALA E 297 -8.93 3.55 -13.83
CA ALA E 297 -9.34 4.46 -12.76
C ALA E 297 -8.20 5.38 -12.37
N ARG E 298 -7.05 4.81 -12.03
CA ARG E 298 -5.97 5.63 -11.50
C ARG E 298 -5.31 6.47 -12.57
N TYR E 299 -5.42 6.09 -13.85
CA TYR E 299 -4.97 6.94 -14.94
C TYR E 299 -5.70 8.27 -14.94
N TRP E 300 -7.03 8.25 -14.92
CA TRP E 300 -7.79 9.49 -14.98
C TRP E 300 -7.79 10.22 -13.66
N GLN E 301 -7.66 9.51 -12.54
CA GLN E 301 -7.63 10.18 -11.25
C GLN E 301 -6.52 11.21 -11.19
N GLN E 302 -5.45 11.02 -11.97
CA GLN E 302 -4.35 11.98 -11.98
C GLN E 302 -4.78 13.36 -12.49
N VAL E 303 -5.89 13.47 -13.25
CA VAL E 303 -6.38 14.80 -13.58
C VAL E 303 -6.80 15.56 -12.33
N ILE E 304 -7.51 14.89 -11.42
CA ILE E 304 -7.92 15.57 -10.18
C ILE E 304 -6.71 15.82 -9.29
N ASP E 305 -5.92 14.78 -9.05
CA ASP E 305 -4.80 14.89 -8.12
C ASP E 305 -3.90 16.07 -8.49
N MET E 306 -3.56 16.17 -9.77
CA MET E 306 -2.77 17.29 -10.30
C MET E 306 -3.50 18.60 -10.10
N ASN E 307 -4.80 18.64 -10.38
CA ASN E 307 -5.51 19.89 -10.14
C ASN E 307 -5.51 20.23 -8.65
N ASP E 308 -5.59 19.20 -7.80
CA ASP E 308 -5.50 19.46 -6.37
C ASP E 308 -4.09 19.88 -5.97
N TYR E 309 -3.07 19.28 -6.59
CA TYR E 309 -1.69 19.71 -6.37
C TYR E 309 -1.51 21.17 -6.76
N GLN E 310 -1.98 21.55 -7.94
CA GLN E 310 -1.78 22.92 -8.41
C GLN E 310 -2.29 23.94 -7.39
N ARG E 311 -3.50 23.71 -6.88
CA ARG E 311 -4.10 24.59 -5.88
C ARG E 311 -3.31 24.57 -4.57
N ARG E 312 -3.00 23.38 -4.04
CA ARG E 312 -2.32 23.26 -2.75
C ARG E 312 -0.93 23.90 -2.76
N ARG E 313 -0.19 23.77 -3.87
CA ARG E 313 1.16 24.29 -3.90
C ARG E 313 1.18 25.78 -4.07
N PHE E 314 0.11 26.33 -4.66
CA PHE E 314 -0.08 27.79 -4.66
C PHE E 314 -0.21 28.30 -3.24
N ALA E 315 -1.13 27.73 -2.48
CA ALA E 315 -1.27 28.09 -1.07
C ALA E 315 0.04 27.92 -0.33
N SER E 316 0.82 26.88 -0.67
CA SER E 316 2.07 26.63 0.02
C SER E 316 3.08 27.75 -0.22
N ARG E 317 3.24 28.17 -1.49
CA ARG E 317 4.13 29.30 -1.79
C ARG E 317 3.76 30.52 -0.97
N ILE E 318 2.45 30.83 -0.91
CA ILE E 318 2.02 32.00 -0.15
C ILE E 318 2.47 31.89 1.30
N ILE E 319 2.19 30.77 1.94
CA ILE E 319 2.62 30.58 3.33
C ILE E 319 4.14 30.54 3.42
N ASP E 320 4.79 29.79 2.51
CA ASP E 320 6.25 29.72 2.54
C ASP E 320 6.86 31.09 2.34
N SER E 321 6.33 31.87 1.40
CA SER E 321 6.87 33.20 1.16
C SER E 321 6.61 34.15 2.32
N LEU E 322 5.47 34.03 2.99
CA LEU E 322 5.13 34.92 4.09
C LEU E 322 5.82 34.53 5.39
N PHE E 323 7.08 34.10 5.29
CA PHE E 323 7.95 33.77 6.44
C PHE E 323 7.36 32.62 7.26
N ASN E 324 6.59 31.76 6.62
CA ASN E 324 6.10 30.46 7.10
C ASN E 324 4.93 30.59 8.06
N THR E 325 4.47 31.78 8.32
CA THR E 325 3.34 31.87 9.18
C THR E 325 2.50 32.89 8.53
N VAL E 326 1.21 32.75 8.63
CA VAL E 326 0.32 33.66 8.00
C VAL E 326 -0.89 33.86 8.90
N THR E 327 -0.72 33.54 10.16
CA THR E 327 -1.77 33.66 11.13
C THR E 327 -1.91 35.10 11.52
N ASP E 328 -3.13 35.56 11.59
CA ASP E 328 -3.45 36.94 11.95
C ASP E 328 -2.88 37.97 10.98
N LYS E 329 -2.57 37.57 9.75
CA LYS E 329 -2.08 38.48 8.73
C LYS E 329 -3.19 38.76 7.74
N LYS E 330 -3.39 40.03 7.41
CA LYS E 330 -4.41 40.39 6.42
C LYS E 330 -3.93 40.02 5.03
N ILE E 331 -4.77 39.31 4.28
CA ILE E 331 -4.46 38.90 2.91
C ILE E 331 -5.64 39.27 2.03
N ALA E 332 -5.33 39.80 0.85
CA ALA E 332 -6.35 40.17 -0.12
C ALA E 332 -6.54 39.04 -1.11
N ILE E 333 -7.79 38.59 -1.23
CA ILE E 333 -8.20 37.61 -2.22
C ILE E 333 -8.92 38.37 -3.32
N LEU E 334 -8.31 38.48 -4.50
CA LEU E 334 -8.92 39.18 -5.62
C LEU E 334 -9.51 38.15 -6.57
N GLY E 335 -10.84 38.12 -6.66
CA GLY E 335 -11.53 37.19 -7.53
C GLY E 335 -12.04 35.96 -6.82
N PHE E 336 -13.31 35.67 -6.96
CA PHE E 336 -13.90 34.47 -6.35
C PHE E 336 -14.58 33.54 -7.34
N ALA E 337 -14.92 33.99 -8.54
CA ALA E 337 -15.58 33.09 -9.47
C ALA E 337 -14.56 32.12 -10.06
N PHE E 338 -15.04 30.94 -10.49
CA PHE E 338 -14.14 29.91 -11.01
C PHE E 338 -13.48 30.34 -12.32
N LYS E 339 -14.18 31.12 -13.14
CA LYS E 339 -13.54 31.82 -14.24
C LYS E 339 -14.01 33.27 -14.21
N LYS E 340 -13.38 34.08 -15.04
CA LYS E 340 -13.71 35.50 -15.09
C LYS E 340 -15.08 35.69 -15.72
N ASP E 341 -15.54 36.94 -15.68
CA ASP E 341 -16.73 37.37 -16.40
C ASP E 341 -17.95 36.52 -16.05
N THR E 342 -18.01 36.00 -14.82
CA THR E 342 -19.21 35.28 -14.41
C THR E 342 -19.38 35.38 -12.90
N GLY E 343 -20.55 34.92 -12.43
CA GLY E 343 -20.87 34.96 -11.01
C GLY E 343 -20.89 33.58 -10.40
N ASP E 344 -20.79 32.56 -11.28
CA ASP E 344 -20.71 31.16 -10.86
C ASP E 344 -19.48 30.92 -9.99
N THR E 345 -19.68 30.32 -8.82
CA THR E 345 -18.58 30.00 -7.94
C THR E 345 -18.25 28.51 -7.91
N ARG E 346 -19.02 27.68 -8.62
CA ARG E 346 -18.98 26.24 -8.39
C ARG E 346 -17.58 25.68 -8.62
N GLU E 347 -17.03 25.09 -7.56
CA GLU E 347 -15.72 24.42 -7.59
C GLU E 347 -14.59 25.37 -7.93
N SER E 348 -14.76 26.65 -7.56
CA SER E 348 -13.79 27.67 -7.93
C SER E 348 -12.49 27.49 -7.17
N SER E 349 -11.37 27.60 -7.89
CA SER E 349 -10.07 27.47 -7.23
C SER E 349 -9.95 28.41 -6.04
N SER E 350 -10.64 29.56 -6.09
CA SER E 350 -10.54 30.53 -5.00
C SER E 350 -11.17 30.03 -3.72
N ILE E 351 -12.20 29.20 -3.81
CA ILE E 351 -12.79 28.63 -2.59
C ILE E 351 -11.73 27.85 -1.84
N TYR E 352 -10.89 27.13 -2.56
CA TYR E 352 -9.93 26.24 -1.91
C TYR E 352 -8.67 26.99 -1.50
N ILE E 353 -8.18 27.91 -2.34
CA ILE E 353 -7.11 28.81 -1.91
C ILE E 353 -7.50 29.51 -0.62
N SER E 354 -8.76 29.95 -0.55
CA SER E 354 -9.23 30.63 0.65
C SER E 354 -9.30 29.67 1.83
N LYS E 355 -9.89 28.49 1.60
CA LYS E 355 -10.01 27.53 2.69
C LYS E 355 -8.65 27.12 3.24
N TYR E 356 -7.61 27.10 2.39
CA TYR E 356 -6.28 26.77 2.87
C TYR E 356 -5.72 27.87 3.76
N LEU E 357 -5.85 29.11 3.31
CA LEU E 357 -5.42 30.23 4.13
C LEU E 357 -6.24 30.35 5.40
N MET E 358 -7.51 29.93 5.34
CA MET E 358 -8.35 30.03 6.52
C MET E 358 -7.92 29.04 7.58
N ASP E 359 -7.38 27.88 7.17
CA ASP E 359 -6.89 26.89 8.12
C ASP E 359 -5.68 27.40 8.91
N GLU E 360 -4.92 28.35 8.35
CA GLU E 360 -3.79 28.96 9.06
C GLU E 360 -4.19 30.12 9.95
N GLY E 361 -5.42 30.61 9.84
CA GLY E 361 -5.83 31.76 10.60
C GLY E 361 -5.57 33.09 9.94
N ALA E 362 -5.31 33.09 8.65
CA ALA E 362 -5.16 34.34 7.92
C ALA E 362 -6.49 35.12 7.94
N HIS E 363 -6.39 36.44 8.10
CA HIS E 363 -7.55 37.33 7.99
C HIS E 363 -7.77 37.66 6.52
N LEU E 364 -8.77 37.03 5.90
CA LEU E 364 -8.99 37.23 4.47
C LEU E 364 -9.99 38.34 4.21
N HIS E 365 -9.69 39.16 3.21
CA HIS E 365 -10.63 40.12 2.65
C HIS E 365 -10.78 39.79 1.17
N ILE E 366 -12.01 39.52 0.74
CA ILE E 366 -12.31 38.99 -0.58
C ILE E 366 -13.03 40.03 -1.40
N TYR E 367 -12.68 40.14 -2.69
CA TYR E 367 -13.39 41.00 -3.61
C TYR E 367 -13.69 40.27 -4.91
N ASP E 368 -14.95 40.22 -5.27
CA ASP E 368 -15.35 39.86 -6.61
C ASP E 368 -16.29 40.95 -7.12
N PRO E 369 -16.16 41.31 -8.39
CA PRO E 369 -17.03 42.37 -8.93
C PRO E 369 -18.45 41.90 -9.21
N LYS E 370 -18.67 40.60 -9.41
CA LYS E 370 -19.96 40.07 -9.83
C LYS E 370 -20.58 39.08 -8.85
N VAL E 371 -19.80 38.50 -7.95
CA VAL E 371 -20.33 37.46 -7.07
C VAL E 371 -21.00 38.11 -5.86
N PRO E 372 -22.23 37.72 -5.51
CA PRO E 372 -22.85 38.23 -4.29
C PRO E 372 -22.08 37.81 -3.05
N ARG E 373 -22.01 38.72 -2.06
CA ARG E 373 -21.23 38.44 -0.86
C ARG E 373 -21.81 37.27 -0.09
N GLU E 374 -23.13 37.10 -0.08
CA GLU E 374 -23.73 35.97 0.65
C GLU E 374 -23.37 34.63 0.02
N GLN E 375 -23.08 34.60 -1.28
CA GLN E 375 -22.61 33.35 -1.89
C GLN E 375 -21.25 32.96 -1.36
N ILE E 376 -20.37 33.94 -1.16
CA ILE E 376 -19.02 33.69 -0.67
C ILE E 376 -19.05 33.18 0.76
N VAL E 377 -20.03 33.59 1.56
CA VAL E 377 -20.12 33.07 2.92
C VAL E 377 -20.57 31.61 2.90
N VAL E 378 -21.39 31.22 1.91
CA VAL E 378 -21.82 29.84 1.81
C VAL E 378 -20.63 28.96 1.41
N ASP E 379 -19.88 29.39 0.41
CA ASP E 379 -18.82 28.55 -0.13
C ASP E 379 -17.71 28.34 0.87
N LEU E 380 -17.62 29.19 1.88
CA LEU E 380 -16.57 29.12 2.87
C LEU E 380 -17.05 28.55 4.20
N SER E 381 -18.36 28.44 4.36
CA SER E 381 -18.94 27.93 5.57
C SER E 381 -18.99 26.41 5.55
N HIS E 382 -19.35 25.86 6.69
CA HIS E 382 -19.45 24.44 6.88
C HIS E 382 -18.28 23.61 7.35
N ASP E 389 -19.24 30.01 13.38
CA ASP E 389 -18.46 29.78 12.18
C ASP E 389 -17.03 30.29 12.32
N GLN E 390 -16.11 29.60 11.62
CA GLN E 390 -14.77 30.12 11.37
C GLN E 390 -14.79 31.28 10.39
N VAL E 391 -15.91 31.49 9.69
CA VAL E 391 -15.98 32.49 8.64
C VAL E 391 -16.05 33.88 9.23
N SER E 392 -16.75 34.04 10.34
CA SER E 392 -16.95 35.37 10.91
C SER E 392 -15.65 35.98 11.42
N ARG E 393 -14.83 35.17 12.10
CA ARG E 393 -13.56 35.67 12.64
C ARG E 393 -12.61 36.10 11.52
N LEU E 394 -12.48 35.26 10.48
CA LEU E 394 -11.40 35.38 9.51
C LEU E 394 -11.82 35.99 8.18
N VAL E 395 -13.03 35.74 7.73
CA VAL E 395 -13.45 36.27 6.45
C VAL E 395 -14.21 37.58 6.45
N THR E 396 -13.90 38.41 5.48
CA THR E 396 -14.48 39.72 5.31
C THR E 396 -14.69 40.02 3.84
N ILE E 397 -15.91 40.15 3.35
CA ILE E 397 -16.08 40.46 1.93
C ILE E 397 -15.96 41.94 1.71
N SER E 398 -14.93 42.40 1.02
CA SER E 398 -14.73 43.81 0.79
C SER E 398 -15.61 44.33 -0.33
N LYS E 399 -15.82 45.64 -0.42
CA LYS E 399 -16.68 46.15 -1.47
C LYS E 399 -15.91 46.77 -2.65
N ASP E 400 -14.60 46.90 -2.55
CA ASP E 400 -13.78 47.28 -3.70
C ASP E 400 -12.38 46.71 -3.50
N PRO E 401 -11.60 46.59 -4.57
CA PRO E 401 -10.29 45.95 -4.43
C PRO E 401 -9.35 46.68 -3.48
N TYR E 402 -9.34 48.01 -3.52
CA TYR E 402 -8.33 48.77 -2.78
C TYR E 402 -8.53 48.64 -1.28
N GLU E 403 -9.77 48.47 -0.83
CA GLU E 403 -10.02 48.22 0.58
C GLU E 403 -9.43 46.90 1.04
N ALA E 404 -9.45 45.90 0.16
CA ALA E 404 -8.89 44.59 0.50
C ALA E 404 -7.38 44.65 0.65
N CYS E 405 -6.71 45.49 -0.13
CA CYS E 405 -5.26 45.58 -0.05
C CYS E 405 -4.77 46.53 1.05
N ASP E 406 -5.64 47.36 1.61
CA ASP E 406 -5.21 48.32 2.63
C ASP E 406 -4.63 47.58 3.84
N GLY E 407 -3.35 47.83 4.11
CA GLY E 407 -2.67 47.19 5.22
C GLY E 407 -2.57 45.69 5.09
N ALA E 408 -2.38 45.17 3.87
CA ALA E 408 -2.27 43.73 3.64
C ALA E 408 -0.83 43.32 3.41
N HIS E 409 -0.53 42.05 3.73
CA HIS E 409 0.80 41.50 3.45
C HIS E 409 0.94 41.06 2.00
N ALA E 410 -0.15 40.54 1.43
CA ALA E 410 -0.10 39.92 0.11
C ALA E 410 -1.39 40.21 -0.62
N VAL E 411 -1.30 40.22 -1.94
CA VAL E 411 -2.46 40.25 -2.82
C VAL E 411 -2.44 38.97 -3.62
N VAL E 412 -3.50 38.17 -3.49
CA VAL E 412 -3.63 36.89 -4.19
C VAL E 412 -4.70 37.08 -5.25
N ILE E 413 -4.30 36.98 -6.51
CA ILE E 413 -5.23 37.03 -7.64
C ILE E 413 -5.63 35.61 -7.99
N CYS E 414 -6.92 35.28 -7.80
CA CYS E 414 -7.44 33.93 -8.04
C CYS E 414 -8.44 33.84 -9.19
N THR E 415 -8.92 34.94 -9.75
CA THR E 415 -9.77 34.90 -10.91
C THR E 415 -9.30 35.95 -11.91
N GLU E 416 -9.31 35.57 -13.16
CA GLU E 416 -8.82 36.33 -14.28
C GLU E 416 -9.63 37.51 -14.76
N TRP E 417 -10.21 38.25 -13.83
CA TRP E 417 -10.95 39.46 -14.16
C TRP E 417 -10.04 40.48 -14.84
N ASP E 418 -10.53 41.08 -15.92
CA ASP E 418 -9.69 42.02 -16.66
C ASP E 418 -9.48 43.31 -15.87
N MET E 419 -10.40 43.63 -14.96
CA MET E 419 -10.26 44.86 -14.18
C MET E 419 -9.05 44.78 -13.25
N PHE E 420 -8.70 43.58 -12.78
CA PHE E 420 -7.50 43.39 -11.98
C PHE E 420 -6.25 43.82 -12.71
N LYS E 421 -6.30 43.83 -14.05
CA LYS E 421 -5.13 44.22 -14.83
C LYS E 421 -4.94 45.73 -14.82
N GLU E 422 -5.98 46.48 -14.46
CA GLU E 422 -5.98 47.92 -14.61
C GLU E 422 -5.69 48.67 -13.30
N LEU E 423 -5.50 47.95 -12.21
CA LEU E 423 -5.51 48.57 -10.89
C LEU E 423 -4.34 49.55 -10.71
N ASP E 424 -4.40 50.28 -9.60
CA ASP E 424 -3.41 51.28 -9.26
C ASP E 424 -2.47 50.65 -8.24
N TYR E 425 -1.52 49.86 -8.76
CA TYR E 425 -0.52 49.24 -7.90
C TYR E 425 0.44 50.24 -7.27
N GLU E 426 0.46 51.48 -7.75
CA GLU E 426 1.13 52.53 -6.99
C GLU E 426 0.44 52.72 -5.64
N ARG E 427 -0.87 52.95 -5.66
CA ARG E 427 -1.59 53.23 -4.42
C ARG E 427 -1.53 52.03 -3.49
N ILE E 428 -1.74 50.84 -4.03
CA ILE E 428 -1.82 49.64 -3.22
C ILE E 428 -0.55 49.46 -2.42
N HIS E 429 0.60 49.76 -3.02
CA HIS E 429 1.86 49.47 -2.37
C HIS E 429 2.08 50.35 -1.15
N LYS E 430 1.76 51.65 -1.25
CA LYS E 430 1.98 52.56 -0.12
C LYS E 430 1.22 52.10 1.12
N LYS E 431 0.03 51.53 0.94
CA LYS E 431 -0.86 51.20 2.04
C LYS E 431 -0.92 49.69 2.29
N MET E 432 0.14 48.96 1.92
CA MET E 432 0.35 47.58 2.30
C MET E 432 1.48 47.47 3.32
N LEU E 433 1.55 46.32 3.98
CA LEU E 433 2.68 46.03 4.85
C LEU E 433 3.85 45.52 4.03
N LYS E 434 5.06 45.79 4.51
CA LYS E 434 6.27 45.44 3.74
C LYS E 434 7.01 44.26 4.36
N PRO E 435 7.56 43.38 3.51
CA PRO E 435 7.46 43.49 2.05
C PRO E 435 6.10 43.09 1.51
N ALA E 436 5.59 43.88 0.57
CA ALA E 436 4.33 43.57 -0.10
C ALA E 436 4.53 42.43 -1.09
N PHE E 437 3.60 41.51 -1.12
CA PHE E 437 3.66 40.39 -2.05
C PHE E 437 2.50 40.45 -3.03
N ILE E 438 2.74 39.88 -4.20
CA ILE E 438 1.69 39.62 -5.18
C ILE E 438 1.86 38.19 -5.67
N PHE E 439 0.88 37.35 -5.37
CA PHE E 439 0.80 36.02 -5.92
C PHE E 439 -0.31 36.06 -6.96
N ASP E 440 0.08 35.99 -8.23
CA ASP E 440 -0.85 36.01 -9.36
C ASP E 440 -1.01 34.57 -9.84
N GLY E 441 -2.21 34.03 -9.68
CA GLY E 441 -2.47 32.67 -10.11
C GLY E 441 -3.34 32.58 -11.35
N ARG E 442 -3.42 33.68 -12.11
CA ARG E 442 -4.14 33.65 -13.39
C ARG E 442 -3.38 34.38 -14.49
N ARG E 443 -2.10 34.64 -14.31
CA ARG E 443 -1.25 35.22 -15.34
C ARG E 443 -1.79 36.55 -15.88
N VAL E 444 -2.68 37.22 -15.15
CA VAL E 444 -3.26 38.46 -15.67
C VAL E 444 -2.23 39.58 -15.69
N LEU E 445 -1.22 39.49 -14.82
CA LEU E 445 -0.19 40.52 -14.72
C LEU E 445 1.00 40.21 -15.62
N ASP E 446 0.86 39.28 -16.56
CA ASP E 446 1.89 39.06 -17.56
C ASP E 446 2.28 40.39 -18.18
N GLY E 447 3.58 40.66 -18.22
CA GLY E 447 4.09 41.86 -18.85
C GLY E 447 4.42 42.97 -17.89
N LEU E 448 3.57 43.14 -16.87
CA LEU E 448 3.69 44.22 -15.88
C LEU E 448 4.70 43.92 -14.78
N HIS E 449 5.58 42.92 -14.98
CA HIS E 449 6.43 42.46 -13.88
C HIS E 449 7.49 43.48 -13.53
N ASN E 450 8.03 44.19 -14.52
CA ASN E 450 9.14 45.10 -14.24
C ASN E 450 8.64 46.35 -13.51
N GLU E 451 7.55 46.95 -13.99
CA GLU E 451 7.04 48.14 -13.34
C GLU E 451 6.67 47.84 -11.90
N LEU E 452 6.16 46.63 -11.62
CA LEU E 452 5.81 46.20 -10.27
C LEU E 452 6.95 45.94 -9.29
N GLN E 453 8.05 45.33 -9.75
CA GLN E 453 9.21 45.15 -8.90
C GLN E 453 9.73 46.50 -8.41
N THR E 454 10.00 47.42 -9.35
CA THR E 454 10.56 48.71 -8.98
C THR E 454 9.66 49.45 -8.00
N ILE E 455 8.36 49.22 -8.12
CA ILE E 455 7.40 49.80 -7.20
C ILE E 455 7.72 49.24 -5.80
N GLY E 456 8.44 48.12 -5.78
CA GLY E 456 8.83 47.45 -4.55
C GLY E 456 7.98 46.22 -4.27
N PHE E 457 7.01 45.98 -5.14
CA PHE E 457 6.14 44.83 -5.00
C PHE E 457 6.94 43.55 -5.23
N GLN E 458 6.64 42.50 -4.47
CA GLN E 458 7.31 41.24 -4.64
C GLN E 458 6.28 40.42 -5.40
N ILE E 459 6.65 39.97 -6.59
CA ILE E 459 5.70 39.23 -7.41
C ILE E 459 6.08 37.80 -7.76
N GLU E 460 5.15 36.89 -7.49
CA GLU E 460 5.33 35.48 -7.79
C GLU E 460 4.16 35.06 -8.67
N THR E 461 4.45 34.43 -9.80
CA THR E 461 3.40 33.99 -10.69
C THR E 461 3.62 32.56 -11.11
N ILE E 462 2.52 31.87 -11.40
CA ILE E 462 2.63 30.47 -11.80
C ILE E 462 3.36 30.33 -13.12
N GLY E 463 4.28 29.38 -13.16
CA GLY E 463 5.03 29.07 -14.36
C GLY E 463 6.16 30.03 -14.70
N LYS E 464 6.57 30.88 -13.78
CA LYS E 464 7.78 31.69 -14.00
C LYS E 464 8.50 31.86 -12.68
N LYS E 465 9.81 31.57 -12.68
CA LYS E 465 10.67 31.56 -11.50
C LYS E 465 10.77 32.96 -10.90
N PHE F 2 26.01 37.64 -39.74
CA PHE F 2 26.73 36.94 -40.81
C PHE F 2 25.97 35.67 -41.26
N GLU F 3 26.47 35.00 -42.29
CA GLU F 3 25.80 33.84 -42.87
C GLU F 3 26.52 32.55 -42.48
N ILE F 4 25.74 31.57 -42.04
CA ILE F 4 26.19 30.18 -41.96
C ILE F 4 26.32 29.65 -43.39
N LYS F 5 27.49 29.15 -43.72
CA LYS F 5 27.76 28.65 -45.06
C LYS F 5 28.20 27.20 -45.08
N LYS F 6 28.59 26.64 -43.92
CA LYS F 6 28.99 25.24 -43.81
C LYS F 6 28.38 24.69 -42.54
N ILE F 7 27.57 23.64 -42.70
CA ILE F 7 26.92 22.95 -41.58
C ILE F 7 27.53 21.56 -41.46
N CYS F 8 27.70 21.11 -40.22
CA CYS F 8 28.15 19.77 -39.91
C CYS F 8 27.12 19.19 -38.96
N CYS F 9 26.71 17.95 -39.20
CA CYS F 9 25.76 17.28 -38.31
C CYS F 9 26.37 15.98 -37.81
N ILE F 10 26.60 15.92 -36.50
CA ILE F 10 27.21 14.76 -35.86
C ILE F 10 26.10 13.79 -35.51
N GLY F 11 25.90 12.79 -36.36
CA GLY F 11 24.83 11.82 -36.18
C GLY F 11 24.01 11.69 -37.44
N ALA F 12 24.24 10.62 -38.18
CA ALA F 12 23.55 10.42 -39.45
C ALA F 12 22.42 9.40 -39.30
N GLY F 13 21.52 9.66 -38.37
CA GLY F 13 20.42 8.74 -38.14
C GLY F 13 19.11 9.29 -38.65
N TYR F 14 18.01 8.83 -38.03
CA TYR F 14 16.70 9.25 -38.47
C TYR F 14 16.49 10.76 -38.34
N VAL F 15 17.30 11.45 -37.55
CA VAL F 15 17.18 12.91 -37.51
C VAL F 15 18.19 13.50 -38.47
N GLY F 16 19.47 13.22 -38.23
CA GLY F 16 20.53 13.94 -38.91
C GLY F 16 20.49 13.79 -40.42
N GLY F 17 20.21 12.60 -40.91
CA GLY F 17 20.10 12.41 -42.33
C GLY F 17 19.03 13.28 -42.96
N PRO F 18 17.78 13.06 -42.58
CA PRO F 18 16.67 13.75 -43.27
C PRO F 18 16.69 15.26 -43.15
N THR F 19 16.78 15.76 -41.90
CA THR F 19 16.92 17.19 -41.62
C THR F 19 18.02 17.83 -42.47
N CYS F 20 19.15 17.15 -42.64
CA CYS F 20 20.24 17.75 -43.42
C CYS F 20 19.97 17.65 -44.92
N SER F 21 19.47 16.51 -45.38
CA SER F 21 19.05 16.42 -46.77
C SER F 21 18.11 17.56 -47.11
N VAL F 22 17.13 17.82 -46.24
CA VAL F 22 16.15 18.85 -46.54
C VAL F 22 16.78 20.24 -46.54
N ILE F 23 17.73 20.51 -45.64
CA ILE F 23 18.41 21.81 -45.66
C ILE F 23 19.17 21.98 -46.96
N ALA F 24 20.05 21.02 -47.28
CA ALA F 24 20.80 21.09 -48.53
C ALA F 24 19.87 21.32 -49.70
N HIS F 25 18.80 20.54 -49.79
CA HIS F 25 17.85 20.67 -50.90
C HIS F 25 17.22 22.06 -50.94
N MET F 26 17.11 22.74 -49.80
CA MET F 26 16.50 24.06 -49.75
C MET F 26 17.52 25.20 -49.75
N CYS F 27 18.80 24.92 -49.51
CA CYS F 27 19.83 25.96 -49.38
C CYS F 27 21.01 25.60 -50.27
N PRO F 28 20.91 25.90 -51.56
CA PRO F 28 21.96 25.46 -52.49
C PRO F 28 23.34 25.99 -52.12
N GLU F 29 23.42 27.16 -51.50
CA GLU F 29 24.68 27.84 -51.28
C GLU F 29 25.32 27.47 -49.94
N ILE F 30 24.77 26.49 -49.23
CA ILE F 30 25.24 26.05 -47.91
C ILE F 30 25.71 24.60 -48.02
N ARG F 31 26.92 24.33 -47.54
CA ARG F 31 27.49 22.99 -47.66
C ARG F 31 27.11 22.19 -46.42
N VAL F 32 26.35 21.11 -46.61
CA VAL F 32 25.85 20.32 -45.49
C VAL F 32 26.53 18.96 -45.48
N THR F 33 27.18 18.64 -44.36
CA THR F 33 27.94 17.42 -44.21
C THR F 33 27.40 16.67 -43.00
N VAL F 34 26.97 15.43 -43.20
CA VAL F 34 26.47 14.60 -42.11
C VAL F 34 27.56 13.59 -41.78
N VAL F 35 27.97 13.57 -40.51
CA VAL F 35 29.01 12.65 -40.08
C VAL F 35 28.48 11.66 -39.04
N ASP F 36 29.12 10.50 -38.99
CA ASP F 36 28.78 9.46 -38.03
C ASP F 36 30.02 8.60 -37.77
N VAL F 37 30.03 8.00 -36.59
CA VAL F 37 31.06 7.01 -36.29
C VAL F 37 30.74 5.68 -36.95
N ASN F 38 29.50 5.48 -37.42
CA ASN F 38 29.07 4.21 -38.00
C ASN F 38 29.37 4.21 -39.50
N GLU F 39 30.31 3.38 -39.93
CA GLU F 39 30.73 3.44 -41.33
C GLU F 39 29.71 2.77 -42.25
N SER F 40 29.20 1.60 -41.88
CA SER F 40 28.15 0.96 -42.67
C SER F 40 27.00 1.91 -42.94
N ARG F 41 26.61 2.71 -41.95
CA ARG F 41 25.51 3.65 -42.14
C ARG F 41 25.89 4.73 -43.13
N ILE F 42 27.04 5.40 -42.92
CA ILE F 42 27.51 6.40 -43.88
C ILE F 42 27.67 5.77 -45.27
N ASN F 43 28.14 4.53 -45.32
CA ASN F 43 28.20 3.82 -46.59
C ASN F 43 26.82 3.71 -47.22
N ALA F 44 25.82 3.31 -46.44
CA ALA F 44 24.47 3.18 -46.99
C ALA F 44 23.98 4.51 -47.52
N TRP F 45 24.16 5.59 -46.75
CA TRP F 45 23.78 6.92 -47.21
C TRP F 45 24.37 7.23 -48.58
N ASN F 46 25.68 6.98 -48.77
CA ASN F 46 26.28 7.13 -50.08
C ASN F 46 26.05 5.88 -50.91
N SER F 47 24.79 5.47 -51.07
CA SER F 47 24.47 4.27 -51.84
C SER F 47 23.04 4.41 -52.32
N PRO F 48 22.62 3.57 -53.29
CA PRO F 48 21.23 3.67 -53.77
C PRO F 48 20.21 3.19 -52.76
N THR F 49 20.62 2.44 -51.74
CA THR F 49 19.72 1.98 -50.68
C THR F 49 20.06 2.74 -49.38
N LEU F 50 19.30 3.81 -49.10
CA LEU F 50 19.53 4.56 -47.88
C LEU F 50 19.39 3.64 -46.67
N PRO F 51 20.05 3.94 -45.55
CA PRO F 51 19.99 3.02 -44.38
C PRO F 51 18.68 3.04 -43.63
N ILE F 52 17.74 3.90 -43.97
CA ILE F 52 16.43 3.91 -43.35
C ILE F 52 15.40 4.02 -44.45
N TYR F 53 14.20 3.50 -44.19
CA TYR F 53 13.09 3.67 -45.12
C TYR F 53 12.32 4.92 -44.71
N GLU F 54 12.27 5.88 -45.58
CA GLU F 54 11.49 7.07 -45.30
C GLU F 54 10.89 7.52 -46.60
N PRO F 55 9.55 7.54 -46.70
CA PRO F 55 8.91 8.03 -47.92
C PRO F 55 9.51 9.35 -48.35
N GLY F 56 9.95 9.40 -49.61
CA GLY F 56 10.48 10.62 -50.19
C GLY F 56 11.91 10.97 -49.85
N LEU F 57 12.53 10.29 -48.89
CA LEU F 57 13.88 10.67 -48.50
C LEU F 57 14.88 10.39 -49.62
N LYS F 58 14.64 9.36 -50.44
CA LYS F 58 15.61 9.01 -51.48
C LYS F 58 15.66 10.06 -52.59
N GLU F 59 14.52 10.61 -52.97
CA GLU F 59 14.54 11.72 -53.93
C GLU F 59 15.31 12.90 -53.34
N VAL F 60 15.02 13.25 -52.08
CA VAL F 60 15.65 14.45 -51.54
C VAL F 60 17.15 14.28 -51.47
N VAL F 61 17.63 13.08 -51.11
CA VAL F 61 19.07 12.89 -51.06
C VAL F 61 19.66 12.97 -52.46
N GLU F 62 19.13 12.24 -53.40
CA GLU F 62 19.68 12.25 -54.73
C GLU F 62 19.59 13.61 -55.35
N SER F 63 18.70 14.43 -54.84
CA SER F 63 18.52 15.76 -55.34
C SER F 63 19.76 16.57 -55.21
N CYS F 64 20.49 16.41 -54.12
CA CYS F 64 21.71 17.18 -53.94
C CYS F 64 22.89 16.49 -53.36
N ARG F 65 22.90 15.17 -53.30
CA ARG F 65 24.06 14.49 -52.75
C ARG F 65 25.17 14.65 -53.75
N GLY F 66 26.37 14.93 -53.28
CA GLY F 66 27.47 15.14 -54.19
C GLY F 66 27.70 16.59 -54.52
N LYS F 67 26.66 17.42 -54.44
CA LYS F 67 26.73 18.84 -54.77
C LYS F 67 26.89 19.71 -53.52
N ASN F 68 25.88 19.75 -52.63
CA ASN F 68 26.06 20.44 -51.35
C ASN F 68 25.77 19.55 -50.14
N LEU F 69 25.56 18.25 -50.34
CA LEU F 69 25.18 17.35 -49.26
C LEU F 69 26.17 16.18 -49.23
N PHE F 70 26.73 15.91 -48.06
CA PHE F 70 27.80 14.94 -47.97
C PHE F 70 27.61 14.11 -46.73
N PHE F 71 28.12 12.87 -46.77
CA PHE F 71 28.04 11.93 -45.68
C PHE F 71 29.41 11.32 -45.50
N SER F 72 29.99 11.47 -44.31
CA SER F 72 31.37 11.05 -44.09
C SER F 72 31.56 10.51 -42.68
N THR F 73 32.60 9.69 -42.52
CA THR F 73 33.09 9.29 -41.20
C THR F 73 34.22 10.17 -40.72
N ASN F 74 34.64 11.16 -41.53
CA ASN F 74 35.65 12.12 -41.14
C ASN F 74 34.95 13.20 -40.33
N ILE F 75 34.71 12.89 -39.07
CA ILE F 75 34.02 13.81 -38.17
C ILE F 75 34.90 15.03 -37.89
N ASP F 76 36.20 14.82 -37.72
CA ASP F 76 37.05 15.88 -37.21
C ASP F 76 37.20 16.98 -38.24
N ASP F 77 37.54 16.64 -39.47
CA ASP F 77 37.67 17.69 -40.46
C ASP F 77 36.35 18.38 -40.72
N ALA F 78 35.23 17.70 -40.43
CA ALA F 78 33.92 18.28 -40.68
C ALA F 78 33.59 19.37 -39.67
N ILE F 79 33.69 19.03 -38.38
CA ILE F 79 33.63 20.04 -37.33
C ILE F 79 34.51 21.23 -37.67
N LYS F 80 35.75 21.01 -38.06
CA LYS F 80 36.61 22.15 -38.34
C LYS F 80 36.11 23.08 -39.44
N GLU F 81 35.66 22.52 -40.55
CA GLU F 81 35.15 23.32 -41.64
C GLU F 81 33.85 24.09 -41.40
N ALA F 82 32.91 23.46 -40.70
CA ALA F 82 31.58 24.03 -40.45
C ALA F 82 31.36 25.20 -39.48
N ASP F 83 30.55 26.15 -39.94
CA ASP F 83 30.11 27.31 -39.18
C ASP F 83 29.16 26.91 -38.05
N LEU F 84 28.27 25.97 -38.36
CA LEU F 84 27.27 25.45 -37.46
C LEU F 84 27.45 23.95 -37.34
N VAL F 85 27.42 23.44 -36.11
CA VAL F 85 27.57 22.03 -35.84
C VAL F 85 26.31 21.55 -35.11
N PHE F 86 25.54 20.67 -35.77
CA PHE F 86 24.40 20.02 -35.13
C PHE F 86 24.88 18.88 -34.25
N ILE F 87 24.27 18.75 -33.08
CA ILE F 87 24.40 17.55 -32.27
C ILE F 87 23.09 16.79 -32.42
N SER F 88 23.15 15.64 -33.10
CA SER F 88 21.97 14.85 -33.44
C SER F 88 22.21 13.37 -33.17
N VAL F 89 22.84 13.07 -32.04
CA VAL F 89 23.19 11.71 -31.69
C VAL F 89 22.06 11.15 -30.82
N ASN F 90 22.09 9.86 -30.55
CA ASN F 90 21.00 9.25 -29.83
C ASN F 90 21.14 9.53 -28.34
N THR F 91 19.99 9.53 -27.66
CA THR F 91 19.91 9.78 -26.22
C THR F 91 19.04 8.69 -25.59
N PRO F 92 19.52 7.45 -25.60
CA PRO F 92 18.71 6.34 -25.06
C PRO F 92 18.51 6.41 -23.55
N THR F 93 17.53 5.64 -23.08
CA THR F 93 17.43 5.45 -21.65
C THR F 93 18.62 4.63 -21.20
N LYS F 94 19.13 4.95 -20.01
CA LYS F 94 20.24 4.21 -19.44
C LYS F 94 19.81 2.78 -19.10
N THR F 95 20.61 1.82 -19.54
CA THR F 95 20.32 0.41 -19.33
C THR F 95 21.23 -0.18 -18.25
N TYR F 96 21.65 0.67 -17.32
CA TYR F 96 22.74 0.36 -16.39
C TYR F 96 22.95 1.58 -15.53
N GLY F 97 23.55 1.36 -14.35
CA GLY F 97 24.00 2.43 -13.48
C GLY F 97 22.89 3.09 -12.68
N MET F 98 23.14 4.35 -12.34
CA MET F 98 22.17 5.13 -11.58
C MET F 98 21.07 5.62 -12.50
N GLY F 99 19.83 5.40 -12.09
CA GLY F 99 18.74 5.72 -12.97
C GLY F 99 18.52 4.72 -14.08
N LYS F 100 19.02 3.53 -13.92
CA LYS F 100 18.85 2.55 -14.92
C LYS F 100 17.38 2.38 -15.20
N GLY F 101 17.03 2.39 -16.46
CA GLY F 101 15.66 2.20 -16.86
C GLY F 101 14.82 3.43 -16.78
N ARG F 102 15.43 4.53 -16.38
CA ARG F 102 14.69 5.76 -16.26
C ARG F 102 15.39 6.96 -16.83
N ALA F 103 16.58 7.22 -16.36
CA ALA F 103 17.36 8.37 -16.79
C ALA F 103 17.90 8.32 -18.19
N ALA F 104 18.07 9.49 -18.78
CA ALA F 104 18.63 9.55 -20.12
C ALA F 104 20.14 9.37 -20.07
N ASP F 105 20.69 8.75 -21.11
CA ASP F 105 22.12 8.47 -21.21
C ASP F 105 22.74 9.52 -22.11
N LEU F 106 23.55 10.39 -21.53
CA LEU F 106 24.13 11.50 -22.27
C LEU F 106 25.56 11.24 -22.72
N LYS F 107 26.04 10.00 -22.61
CA LYS F 107 27.43 9.77 -22.99
C LYS F 107 27.68 10.15 -24.44
N TYR F 108 26.67 10.05 -25.30
CA TYR F 108 26.87 10.40 -26.70
C TYR F 108 26.85 11.91 -26.92
N ILE F 109 26.06 12.65 -26.15
CA ILE F 109 26.14 14.11 -26.17
C ILE F 109 27.53 14.56 -25.73
N GLU F 110 27.94 14.18 -24.56
CA GLU F 110 29.23 14.58 -24.04
C GLU F 110 30.36 14.28 -24.96
N ALA F 111 30.32 13.17 -25.65
CA ALA F 111 31.41 12.86 -26.55
C ALA F 111 31.43 13.84 -27.72
N CYS F 112 30.24 14.24 -28.20
CA CYS F 112 30.15 15.29 -29.22
C CYS F 112 30.74 16.60 -28.70
N ALA F 113 30.22 17.08 -27.56
CA ALA F 113 30.71 18.32 -26.98
C ALA F 113 32.23 18.34 -26.87
N ARG F 114 32.82 17.24 -26.38
CA ARG F 114 34.26 17.24 -26.19
C ARG F 114 34.99 17.12 -27.51
N ARG F 115 34.43 16.38 -28.45
CA ARG F 115 35.05 16.37 -29.76
C ARG F 115 34.95 17.74 -30.40
N ILE F 116 33.80 18.39 -30.27
CA ILE F 116 33.64 19.71 -30.86
C ILE F 116 34.68 20.66 -30.31
N VAL F 117 34.92 20.63 -29.00
CA VAL F 117 35.87 21.60 -28.47
C VAL F 117 37.32 21.24 -28.83
N GLN F 118 37.62 19.93 -28.94
CA GLN F 118 38.96 19.50 -29.33
C GLN F 118 39.27 19.86 -30.79
N ASN F 119 38.26 20.15 -31.59
CA ASN F 119 38.43 20.39 -33.01
C ASN F 119 38.16 21.83 -33.42
N SER F 120 38.05 22.77 -32.49
CA SER F 120 37.47 24.06 -32.84
C SER F 120 38.41 25.23 -32.61
N ASN F 121 38.37 26.16 -33.55
CA ASN F 121 38.96 27.48 -33.39
C ASN F 121 37.99 28.46 -34.01
N GLY F 122 38.17 29.74 -33.67
CA GLY F 122 37.27 30.75 -34.21
C GLY F 122 35.83 30.53 -33.76
N TYR F 123 34.90 31.01 -34.58
CA TYR F 123 33.50 31.11 -34.21
C TYR F 123 32.70 29.94 -34.78
N LYS F 124 31.90 29.32 -33.93
CA LYS F 124 31.01 28.25 -34.34
C LYS F 124 29.73 28.35 -33.53
N ILE F 125 28.63 27.91 -34.11
CA ILE F 125 27.35 27.77 -33.44
C ILE F 125 27.11 26.27 -33.25
N VAL F 126 27.14 25.80 -32.00
CA VAL F 126 26.86 24.40 -31.68
C VAL F 126 25.39 24.30 -31.30
N THR F 127 24.63 23.50 -32.05
CA THR F 127 23.19 23.37 -31.85
C THR F 127 22.85 21.92 -31.54
N GLU F 128 22.17 21.68 -30.42
CA GLU F 128 21.71 20.32 -30.13
C GLU F 128 20.26 20.17 -30.59
N LYS F 129 20.05 19.27 -31.56
CA LYS F 129 18.72 18.77 -31.89
C LYS F 129 18.30 17.61 -30.99
N SER F 130 19.26 16.86 -30.47
CA SER F 130 18.96 15.71 -29.66
C SER F 130 18.03 16.06 -28.50
N THR F 131 17.03 15.22 -28.27
CA THR F 131 16.16 15.44 -27.13
C THR F 131 16.95 15.14 -25.88
N VAL F 132 16.98 16.11 -24.98
CA VAL F 132 17.84 16.06 -23.80
C VAL F 132 17.03 16.49 -22.59
N PRO F 133 17.49 16.16 -21.39
CA PRO F 133 16.90 16.78 -20.20
C PRO F 133 17.03 18.30 -20.26
N VAL F 134 16.16 18.99 -19.51
CA VAL F 134 16.30 20.43 -19.39
C VAL F 134 17.59 20.72 -18.65
N ARG F 135 18.22 21.81 -19.04
CA ARG F 135 19.49 22.27 -18.51
C ARG F 135 20.66 21.53 -19.07
N ALA F 136 20.42 20.79 -20.11
CA ALA F 136 21.45 19.96 -20.71
C ALA F 136 22.43 20.77 -21.55
N ALA F 137 21.94 21.85 -22.18
CA ALA F 137 22.85 22.74 -22.89
C ALA F 137 23.84 23.39 -21.93
N GLU F 138 23.38 23.72 -20.71
CA GLU F 138 24.26 24.32 -19.72
C GLU F 138 25.53 23.50 -19.53
N SER F 139 25.40 22.16 -19.56
CA SER F 139 26.55 21.29 -19.48
C SER F 139 27.51 21.52 -20.65
N ILE F 140 27.01 21.40 -21.89
CA ILE F 140 27.83 21.71 -23.06
C ILE F 140 28.49 23.08 -22.90
N ARG F 141 27.77 24.05 -22.34
CA ARG F 141 28.33 25.39 -22.17
C ARG F 141 29.46 25.41 -21.16
N ARG F 142 29.32 24.68 -20.06
CA ARG F 142 30.41 24.61 -19.09
C ARG F 142 31.61 23.87 -19.66
N ILE F 143 31.38 22.82 -20.46
CA ILE F 143 32.50 22.12 -21.09
C ILE F 143 33.27 23.04 -22.02
N PHE F 144 32.55 23.91 -22.74
CA PHE F 144 33.20 24.86 -23.63
C PHE F 144 33.94 25.91 -22.83
N ASP F 145 33.34 26.38 -21.73
CA ASP F 145 33.98 27.41 -20.92
C ASP F 145 35.24 26.91 -20.23
N ALA F 146 35.26 25.62 -19.86
CA ALA F 146 36.42 25.00 -19.26
C ALA F 146 37.55 24.76 -20.25
N ASN F 147 37.28 24.85 -21.54
CA ASN F 147 38.27 24.49 -22.56
C ASN F 147 38.34 25.56 -23.63
N THR F 148 38.03 26.80 -23.26
CA THR F 148 38.24 27.92 -24.16
C THR F 148 39.73 28.12 -24.40
N LYS F 149 40.09 28.35 -25.67
CA LYS F 149 41.39 28.77 -26.16
C LYS F 149 41.24 30.15 -26.78
N PRO F 150 42.34 30.90 -26.98
CA PRO F 150 42.22 32.23 -27.58
C PRO F 150 41.47 32.19 -28.91
N ASN F 151 40.59 33.18 -29.08
CA ASN F 151 39.71 33.39 -30.22
C ASN F 151 38.65 32.31 -30.39
N LEU F 152 38.55 31.37 -29.45
CA LEU F 152 37.48 30.38 -29.51
C LEU F 152 36.22 31.02 -29.00
N ASN F 153 35.22 31.16 -29.88
CA ASN F 153 33.88 31.61 -29.51
C ASN F 153 32.89 30.55 -30.00
N LEU F 154 32.42 29.73 -29.07
CA LEU F 154 31.41 28.72 -29.35
C LEU F 154 30.10 29.12 -28.66
N GLN F 155 29.06 29.35 -29.47
CA GLN F 155 27.71 29.57 -28.96
C GLN F 155 26.96 28.26 -28.99
N VAL F 156 26.07 28.06 -28.01
CA VAL F 156 25.27 26.84 -27.89
C VAL F 156 23.81 27.23 -28.11
N LEU F 157 23.09 26.43 -28.91
CA LEU F 157 21.68 26.66 -29.21
C LEU F 157 20.94 25.34 -29.08
N SER F 158 19.64 25.45 -28.83
CA SER F 158 18.74 24.31 -28.82
C SER F 158 17.78 24.45 -30.00
N ASN F 159 17.68 23.39 -30.80
CA ASN F 159 16.84 23.35 -31.98
C ASN F 159 16.17 21.99 -32.00
N PRO F 160 15.22 21.77 -31.09
CA PRO F 160 14.56 20.47 -31.04
C PRO F 160 13.87 20.15 -32.36
N GLU F 161 13.74 18.86 -32.65
CA GLU F 161 13.18 18.37 -33.90
C GLU F 161 11.81 17.77 -33.63
N PHE F 162 10.87 18.01 -34.54
CA PHE F 162 9.48 17.57 -34.34
C PHE F 162 8.99 16.61 -35.43
N LEU F 163 9.85 16.20 -36.36
CA LEU F 163 9.40 15.29 -37.40
C LEU F 163 8.88 14.00 -36.80
N ALA F 164 7.98 13.36 -37.51
CA ALA F 164 7.56 12.00 -37.22
C ALA F 164 8.08 11.07 -38.32
N GLU F 165 8.61 9.92 -37.91
CA GLU F 165 9.02 8.95 -38.91
C GLU F 165 7.81 8.50 -39.72
N GLY F 166 8.06 8.24 -41.01
CA GLY F 166 7.01 7.96 -41.94
C GLY F 166 6.45 9.19 -42.62
N THR F 167 6.61 10.35 -42.00
CA THR F 167 6.20 11.62 -42.57
C THR F 167 7.34 12.65 -42.47
N ALA F 168 8.59 12.17 -42.48
CA ALA F 168 9.73 13.05 -42.22
C ALA F 168 9.88 14.12 -43.30
N ILE F 169 9.93 13.72 -44.58
CA ILE F 169 10.17 14.72 -45.60
C ILE F 169 9.04 15.73 -45.62
N LYS F 170 7.81 15.27 -45.39
CA LYS F 170 6.72 16.23 -45.34
C LYS F 170 6.88 17.18 -44.14
N ASP F 171 7.15 16.63 -42.96
CA ASP F 171 7.29 17.48 -41.77
C ASP F 171 8.45 18.46 -41.90
N LEU F 172 9.59 18.02 -42.44
CA LEU F 172 10.73 18.91 -42.60
C LEU F 172 10.47 19.97 -43.66
N LYS F 173 9.83 19.60 -44.78
CA LYS F 173 9.61 20.57 -45.84
C LYS F 173 8.58 21.61 -45.45
N ASN F 174 7.64 21.28 -44.57
CA ASN F 174 6.58 22.20 -44.18
C ASN F 174 6.23 21.99 -42.71
N PRO F 175 7.12 22.38 -41.81
CA PRO F 175 6.86 22.19 -40.37
C PRO F 175 5.82 23.15 -39.84
N ASP F 176 5.02 22.67 -38.88
CA ASP F 176 4.12 23.56 -38.15
C ASP F 176 4.90 24.68 -37.50
N ARG F 177 6.05 24.37 -36.92
CA ARG F 177 6.90 25.40 -36.34
C ARG F 177 8.33 24.89 -36.24
N VAL F 178 9.25 25.85 -36.14
CA VAL F 178 10.66 25.64 -35.86
C VAL F 178 10.96 26.36 -34.56
N LEU F 179 11.64 25.70 -33.63
CA LEU F 179 11.90 26.27 -32.31
C LEU F 179 13.39 26.35 -32.06
N ILE F 180 13.87 27.53 -31.69
CA ILE F 180 15.28 27.76 -31.41
C ILE F 180 15.40 28.41 -30.04
N GLY F 181 16.27 27.86 -29.19
CA GLY F 181 16.47 28.37 -27.84
C GLY F 181 17.87 28.93 -27.72
N GLY F 182 17.97 30.13 -27.16
CA GLY F 182 19.24 30.83 -27.11
C GLY F 182 19.33 31.74 -25.91
N ASP F 183 20.58 32.02 -25.53
CA ASP F 183 20.90 33.03 -24.52
C ASP F 183 20.14 34.33 -24.79
N GLU F 184 19.61 34.90 -23.73
CA GLU F 184 19.02 36.23 -23.82
C GLU F 184 20.08 37.31 -23.94
N THR F 185 21.32 36.90 -24.18
CA THR F 185 22.50 37.76 -24.28
C THR F 185 22.70 38.24 -25.71
N PRO F 186 23.57 39.22 -25.91
CA PRO F 186 23.88 39.63 -27.28
C PRO F 186 24.47 38.53 -28.14
N GLU F 187 25.49 37.81 -27.64
CA GLU F 187 26.08 36.76 -28.45
C GLU F 187 25.05 35.69 -28.80
N GLY F 188 24.16 35.39 -27.86
CA GLY F 188 23.12 34.39 -28.13
C GLY F 188 22.13 34.84 -29.19
N GLN F 189 21.74 36.12 -29.17
CA GLN F 189 20.82 36.61 -30.19
C GLN F 189 21.49 36.66 -31.57
N ARG F 190 22.80 36.98 -31.64
CA ARG F 190 23.60 36.72 -32.85
C ARG F 190 23.36 35.30 -33.32
N ALA F 191 23.52 34.34 -32.39
CA ALA F 191 23.50 32.94 -32.75
C ALA F 191 22.13 32.51 -33.21
N VAL F 192 21.09 32.98 -32.54
CA VAL F 192 19.73 32.57 -32.87
C VAL F 192 19.30 33.18 -34.20
N GLN F 193 19.61 34.46 -34.41
CA GLN F 193 19.29 35.07 -35.69
C GLN F 193 19.97 34.32 -36.82
N ALA F 194 21.20 33.87 -36.61
CA ALA F 194 21.94 33.16 -37.65
C ALA F 194 21.26 31.85 -38.01
N LEU F 195 20.67 31.17 -37.04
CA LEU F 195 19.96 29.93 -37.35
C LEU F 195 18.58 30.20 -37.95
N CYS F 196 17.93 31.28 -37.52
CA CYS F 196 16.70 31.69 -38.18
C CYS F 196 16.92 31.88 -39.67
N ALA F 197 18.07 32.45 -40.05
CA ALA F 197 18.35 32.73 -41.45
C ALA F 197 18.35 31.45 -42.28
N VAL F 198 18.90 30.37 -41.74
CA VAL F 198 18.92 29.11 -42.50
C VAL F 198 17.51 28.61 -42.76
N TYR F 199 16.66 28.55 -41.71
CA TYR F 199 15.30 28.07 -41.91
C TYR F 199 14.46 29.06 -42.72
N GLU F 200 14.79 30.34 -42.69
CA GLU F 200 13.97 31.30 -43.42
C GLU F 200 14.05 31.13 -44.94
N HIS F 201 14.87 30.17 -45.40
CA HIS F 201 14.95 29.86 -46.82
C HIS F 201 13.69 29.17 -47.34
N TRP F 202 13.00 28.41 -46.48
CA TRP F 202 11.77 27.75 -46.89
C TRP F 202 10.68 27.74 -45.82
N VAL F 203 10.90 28.33 -44.66
CA VAL F 203 9.98 28.27 -43.53
C VAL F 203 9.56 29.70 -43.18
N PRO F 204 8.28 30.04 -43.24
CA PRO F 204 7.87 31.44 -43.04
C PRO F 204 8.20 31.93 -41.64
N ARG F 205 8.58 33.21 -41.55
CA ARG F 205 9.07 33.74 -40.30
C ARG F 205 8.05 33.63 -39.17
N GLU F 206 6.75 33.68 -39.52
CA GLU F 206 5.68 33.46 -38.54
C GLU F 206 5.84 32.15 -37.80
N LYS F 207 6.36 31.12 -38.46
CA LYS F 207 6.43 29.78 -37.89
C LYS F 207 7.79 29.47 -37.27
N ILE F 208 8.56 30.49 -36.92
CA ILE F 208 9.87 30.30 -36.28
C ILE F 208 9.80 30.92 -34.89
N LEU F 209 9.88 30.08 -33.87
CA LEU F 209 9.72 30.47 -32.48
C LEU F 209 11.09 30.63 -31.82
N THR F 210 11.33 31.80 -31.24
CA THR F 210 12.55 32.05 -30.50
C THR F 210 12.23 32.12 -29.02
N THR F 211 13.03 31.42 -28.21
CA THR F 211 12.86 31.38 -26.76
C THR F 211 14.23 31.19 -26.12
N ASN F 212 14.26 31.19 -24.78
CA ASN F 212 15.51 30.86 -24.12
C ASN F 212 15.77 29.35 -24.17
N THR F 213 17.00 28.97 -23.79
CA THR F 213 17.44 27.61 -24.04
C THR F 213 16.60 26.61 -23.28
N TRP F 214 16.20 26.95 -22.06
CA TRP F 214 15.49 26.02 -21.19
C TRP F 214 14.06 25.81 -21.66
N SER F 215 13.38 26.88 -22.10
CA SER F 215 12.04 26.70 -22.66
C SER F 215 12.06 25.84 -23.90
N SER F 216 13.09 25.98 -24.73
CA SER F 216 13.16 25.19 -25.94
C SER F 216 13.27 23.70 -25.63
N GLU F 217 14.22 23.32 -24.79
CA GLU F 217 14.37 21.90 -24.43
C GLU F 217 13.11 21.37 -23.76
N LEU F 218 12.51 22.16 -22.87
CA LEU F 218 11.32 21.64 -22.19
C LEU F 218 10.14 21.54 -23.14
N SER F 219 10.02 22.46 -24.10
CA SER F 219 8.95 22.34 -25.08
C SER F 219 9.00 20.99 -25.80
N LYS F 220 10.18 20.63 -26.31
CA LYS F 220 10.31 19.36 -27.02
C LYS F 220 9.82 18.22 -26.17
N LEU F 221 10.18 18.24 -24.88
CA LEU F 221 9.71 17.19 -23.97
C LEU F 221 8.21 17.26 -23.79
N ALA F 222 7.67 18.48 -23.58
CA ALA F 222 6.24 18.60 -23.30
C ALA F 222 5.43 18.21 -24.51
N ALA F 223 5.90 18.60 -25.69
CA ALA F 223 5.23 18.18 -26.91
C ALA F 223 5.06 16.66 -26.94
N ASN F 224 6.15 15.92 -26.75
CA ASN F 224 6.08 14.48 -26.84
C ASN F 224 5.19 13.90 -25.72
N LEU F 225 5.27 14.46 -24.52
CA LEU F 225 4.40 13.99 -23.45
C LEU F 225 2.95 14.16 -23.81
N PHE F 226 2.57 15.32 -24.36
CA PHE F 226 1.18 15.56 -24.67
C PHE F 226 0.68 14.57 -25.71
N LEU F 227 1.48 14.33 -26.76
CA LEU F 227 1.08 13.39 -27.79
C LEU F 227 0.89 11.99 -27.21
N ALA F 228 1.89 11.50 -26.47
CA ALA F 228 1.80 10.15 -25.91
C ALA F 228 0.62 10.03 -24.95
N GLN F 229 0.31 11.12 -24.26
CA GLN F 229 -0.82 11.15 -23.34
C GLN F 229 -2.12 10.94 -24.10
N ARG F 230 -2.28 11.60 -25.24
CA ARG F 230 -3.47 11.37 -26.06
C ARG F 230 -3.64 9.88 -26.36
N ILE F 231 -2.55 9.20 -26.70
CA ILE F 231 -2.64 7.79 -27.06
C ILE F 231 -3.01 6.97 -25.83
N SER F 232 -2.31 7.21 -24.73
CA SER F 232 -2.66 6.53 -23.50
C SER F 232 -4.10 6.87 -23.09
N SER F 233 -4.53 8.11 -23.29
CA SER F 233 -5.90 8.43 -22.92
C SER F 233 -6.90 7.69 -23.81
N ILE F 234 -6.68 7.67 -25.13
CA ILE F 234 -7.67 6.97 -25.94
C ILE F 234 -7.59 5.47 -25.68
N ASN F 235 -6.40 4.95 -25.36
CA ASN F 235 -6.29 3.54 -25.06
C ASN F 235 -7.00 3.20 -23.75
N SER F 236 -6.88 4.06 -22.76
CA SER F 236 -7.59 3.82 -21.52
C SER F 236 -9.10 3.77 -21.77
N ILE F 237 -9.60 4.67 -22.63
CA ILE F 237 -10.99 4.62 -23.06
C ILE F 237 -11.28 3.33 -23.81
N SER F 238 -10.31 2.86 -24.60
CA SER F 238 -10.50 1.60 -25.31
C SER F 238 -10.83 0.46 -24.34
N ALA F 239 -10.11 0.37 -23.22
CA ALA F 239 -10.39 -0.69 -22.26
C ALA F 239 -11.80 -0.54 -21.68
N LEU F 240 -12.20 0.66 -21.39
CA LEU F 240 -13.51 0.86 -20.89
C LEU F 240 -14.56 0.51 -21.95
N CYS F 241 -14.27 0.73 -23.20
CA CYS F 241 -15.22 0.37 -24.26
C CYS F 241 -15.53 -1.12 -24.22
N GLU F 242 -14.49 -1.95 -24.16
CA GLU F 242 -14.66 -3.40 -24.15
C GLU F 242 -15.43 -3.89 -22.95
N ALA F 243 -15.50 -3.09 -21.87
CA ALA F 243 -16.23 -3.51 -20.68
C ALA F 243 -17.67 -3.04 -20.71
N THR F 244 -17.94 -1.93 -21.39
CA THR F 244 -19.27 -1.33 -21.44
C THR F 244 -20.04 -1.65 -22.71
N GLY F 245 -19.38 -1.99 -23.80
CA GLY F 245 -20.06 -2.16 -25.05
C GLY F 245 -19.98 -0.96 -25.97
N ALA F 246 -19.50 0.19 -25.48
CA ALA F 246 -19.12 1.29 -26.36
C ALA F 246 -17.97 0.88 -27.27
N ASP F 247 -17.76 1.67 -28.32
CA ASP F 247 -16.76 1.38 -29.34
C ASP F 247 -15.76 2.52 -29.44
N VAL F 248 -14.47 2.24 -29.23
CA VAL F 248 -13.49 3.33 -29.10
C VAL F 248 -13.42 4.14 -30.38
N GLU F 249 -13.59 3.51 -31.54
CA GLU F 249 -13.52 4.29 -32.78
C GLU F 249 -14.66 5.28 -32.86
N GLU F 250 -15.84 4.90 -32.34
CA GLU F 250 -16.95 5.84 -32.22
C GLU F 250 -16.60 6.96 -31.26
N VAL F 251 -16.24 6.60 -30.02
CA VAL F 251 -15.93 7.59 -28.99
C VAL F 251 -14.83 8.53 -29.44
N ALA F 252 -13.76 7.99 -30.02
CA ALA F 252 -12.70 8.85 -30.53
C ALA F 252 -13.26 9.89 -31.47
N THR F 253 -14.08 9.45 -32.43
CA THR F 253 -14.61 10.35 -33.44
C THR F 253 -15.45 11.46 -32.81
N ALA F 254 -16.38 11.09 -31.94
CA ALA F 254 -17.20 12.10 -31.25
C ALA F 254 -16.34 13.07 -30.45
N ILE F 255 -15.31 12.56 -29.78
CA ILE F 255 -14.42 13.44 -29.04
C ILE F 255 -13.71 14.42 -29.96
N GLY F 256 -13.19 13.91 -31.08
CA GLY F 256 -12.29 14.69 -31.93
C GLY F 256 -12.97 15.77 -32.76
N MET F 257 -14.30 15.77 -32.85
CA MET F 257 -14.99 16.83 -33.58
C MET F 257 -15.17 18.10 -32.77
N ASP F 258 -15.00 18.04 -31.45
CA ASP F 258 -14.76 19.21 -30.61
C ASP F 258 -13.42 19.82 -31.02
N GLN F 259 -13.46 20.99 -31.65
CA GLN F 259 -12.23 21.57 -32.14
C GLN F 259 -11.24 21.94 -31.03
N ARG F 260 -11.69 22.02 -29.79
CA ARG F 260 -10.73 22.28 -28.73
C ARG F 260 -9.82 21.07 -28.50
N ILE F 261 -10.31 19.88 -28.82
CA ILE F 261 -9.57 18.65 -28.59
C ILE F 261 -8.76 18.25 -29.82
N GLY F 262 -9.37 18.38 -30.99
CA GLY F 262 -8.82 17.95 -32.26
C GLY F 262 -8.98 16.46 -32.48
N ASN F 263 -8.95 16.05 -33.74
CA ASN F 263 -9.18 14.67 -34.12
C ASN F 263 -7.90 13.92 -34.42
N LYS F 264 -6.75 14.51 -34.16
CA LYS F 264 -5.48 13.85 -34.42
C LYS F 264 -5.03 13.08 -33.19
N PHE F 265 -4.27 12.01 -33.44
CA PHE F 265 -3.69 11.20 -32.36
C PHE F 265 -4.75 10.68 -31.41
N LEU F 266 -5.82 10.11 -31.96
CA LEU F 266 -6.85 9.46 -31.15
C LEU F 266 -7.15 8.08 -31.71
N LYS F 267 -6.16 7.38 -32.22
CA LYS F 267 -6.37 6.06 -32.79
C LYS F 267 -5.82 5.02 -31.82
N ALA F 268 -6.72 4.47 -31.01
CA ALA F 268 -6.37 3.40 -30.06
C ALA F 268 -5.51 2.34 -30.72
N SER F 269 -4.61 1.74 -29.95
CA SER F 269 -3.78 0.68 -30.50
C SER F 269 -3.34 -0.27 -29.40
N VAL F 270 -2.58 -1.29 -29.80
CA VAL F 270 -2.00 -2.19 -28.82
C VAL F 270 -1.01 -1.45 -27.95
N GLY F 271 -0.40 -0.39 -28.47
CA GLY F 271 0.51 0.41 -27.67
C GLY F 271 1.43 1.28 -28.50
N PHE F 272 1.67 2.52 -28.08
CA PHE F 272 2.59 3.36 -28.85
C PHE F 272 4.01 2.84 -28.71
N GLY F 273 4.77 2.98 -29.79
CA GLY F 273 6.16 2.58 -29.85
C GLY F 273 7.03 3.73 -30.32
N GLY F 274 8.10 3.37 -31.01
CA GLY F 274 9.05 4.37 -31.46
C GLY F 274 10.11 4.67 -30.41
N SER F 275 11.25 5.17 -30.90
CA SER F 275 12.40 5.40 -30.04
C SER F 275 12.15 6.41 -28.93
N CYS F 276 11.22 7.35 -29.11
CA CYS F 276 11.27 8.53 -28.24
C CYS F 276 10.19 8.62 -27.16
N PHE F 277 8.93 8.25 -27.42
CA PHE F 277 7.88 8.57 -26.45
C PHE F 277 8.17 8.00 -25.07
N GLN F 278 8.45 6.70 -24.97
CA GLN F 278 8.67 6.14 -23.64
C GLN F 278 9.87 6.79 -22.96
N LYS F 279 11.01 6.83 -23.66
CA LYS F 279 12.22 7.37 -23.06
C LYS F 279 12.09 8.84 -22.70
N ASP F 280 11.35 9.63 -23.47
CA ASP F 280 11.23 11.05 -23.11
C ASP F 280 10.36 11.23 -21.87
N VAL F 281 9.25 10.50 -21.78
CA VAL F 281 8.45 10.53 -20.56
C VAL F 281 9.29 10.12 -19.38
N LEU F 282 9.95 8.97 -19.49
CA LEU F 282 10.82 8.48 -18.42
C LEU F 282 11.88 9.50 -18.03
N ASN F 283 12.46 10.18 -19.02
CA ASN F 283 13.38 11.28 -18.75
C ASN F 283 12.74 12.33 -17.85
N LEU F 284 11.61 12.92 -18.35
CA LEU F 284 10.94 13.97 -17.60
C LEU F 284 10.56 13.51 -16.21
N VAL F 285 10.07 12.30 -16.08
CA VAL F 285 9.73 11.77 -14.75
C VAL F 285 10.96 11.72 -13.86
N TYR F 286 12.06 11.18 -14.38
CA TYR F 286 13.27 11.11 -13.55
C TYR F 286 13.72 12.50 -13.14
N LEU F 287 13.71 13.43 -14.08
CA LEU F 287 14.13 14.80 -13.80
C LEU F 287 13.24 15.43 -12.73
N CYS F 288 11.95 15.08 -12.74
CA CYS F 288 11.04 15.59 -11.72
C CYS F 288 11.43 15.11 -10.33
N GLU F 289 11.96 13.89 -10.22
CA GLU F 289 12.43 13.44 -8.93
C GLU F 289 13.68 14.22 -8.51
N ALA F 290 14.60 14.45 -9.44
CA ALA F 290 15.73 15.34 -9.18
C ALA F 290 15.30 16.62 -8.48
N LEU F 291 14.20 17.24 -8.93
CA LEU F 291 13.80 18.57 -8.52
C LEU F 291 12.66 18.58 -7.51
N ASN F 292 12.49 17.51 -6.74
CA ASN F 292 11.50 17.44 -5.66
C ASN F 292 10.08 17.78 -6.15
N LEU F 293 9.74 17.24 -7.31
CA LEU F 293 8.40 17.39 -7.90
C LEU F 293 7.75 16.01 -8.08
N PRO F 294 7.55 15.26 -7.00
CA PRO F 294 6.99 13.91 -7.15
C PRO F 294 5.56 13.89 -7.72
N GLU F 295 4.76 14.93 -7.47
CA GLU F 295 3.42 14.99 -8.02
C GLU F 295 3.47 14.95 -9.55
N VAL F 296 4.28 15.83 -10.14
CA VAL F 296 4.43 15.83 -11.59
C VAL F 296 4.96 14.50 -12.05
N ALA F 297 5.95 13.96 -11.34
CA ALA F 297 6.52 12.68 -11.75
C ALA F 297 5.44 11.61 -11.87
N ARG F 298 4.57 11.46 -10.86
CA ARG F 298 3.60 10.39 -11.04
C ARG F 298 2.40 10.78 -11.92
N TYR F 299 2.19 12.07 -12.22
CA TYR F 299 1.17 12.44 -13.20
C TYR F 299 1.53 11.94 -14.60
N TRP F 300 2.80 12.05 -14.99
CA TRP F 300 3.23 11.61 -16.31
C TRP F 300 3.61 10.16 -16.34
N GLN F 301 4.05 9.60 -15.23
CA GLN F 301 4.32 8.18 -15.15
C GLN F 301 3.13 7.37 -15.63
N GLN F 302 1.93 7.94 -15.47
CA GLN F 302 0.70 7.27 -15.87
C GLN F 302 0.64 7.03 -17.37
N VAL F 303 1.31 7.88 -18.15
CA VAL F 303 1.37 7.70 -19.60
C VAL F 303 2.04 6.36 -19.94
N ILE F 304 3.16 6.05 -19.28
CA ILE F 304 3.86 4.79 -19.56
C ILE F 304 3.09 3.59 -19.02
N ASP F 305 2.65 3.69 -17.76
CA ASP F 305 1.89 2.59 -17.15
C ASP F 305 0.65 2.22 -17.97
N MET F 306 -0.04 3.22 -18.53
CA MET F 306 -1.20 2.93 -19.36
C MET F 306 -0.77 2.16 -20.60
N ASN F 307 0.27 2.65 -21.27
CA ASN F 307 0.79 2.00 -22.47
C ASN F 307 1.21 0.56 -22.16
N ASP F 308 1.91 0.33 -21.05
CA ASP F 308 2.31 -1.03 -20.70
C ASP F 308 1.12 -1.89 -20.33
N TYR F 309 0.05 -1.31 -19.80
CA TYR F 309 -1.16 -2.06 -19.52
C TYR F 309 -1.92 -2.39 -20.80
N GLN F 310 -2.02 -1.42 -21.72
CA GLN F 310 -2.54 -1.70 -23.05
C GLN F 310 -1.86 -2.91 -23.68
N ARG F 311 -0.55 -3.03 -23.53
CA ARG F 311 0.17 -4.10 -24.18
C ARG F 311 -0.05 -5.43 -23.49
N ARG F 312 0.03 -5.42 -22.16
CA ARG F 312 -0.14 -6.66 -21.43
C ARG F 312 -1.55 -7.20 -21.63
N ARG F 313 -2.53 -6.30 -21.60
CA ARG F 313 -3.92 -6.70 -21.75
C ARG F 313 -4.17 -7.34 -23.10
N PHE F 314 -3.48 -6.88 -24.14
CA PHE F 314 -3.69 -7.42 -25.47
C PHE F 314 -3.04 -8.78 -25.60
N ALA F 315 -1.79 -8.90 -25.15
CA ALA F 315 -1.15 -10.20 -25.09
C ALA F 315 -2.05 -11.18 -24.35
N SER F 316 -2.70 -10.70 -23.30
CA SER F 316 -3.51 -11.58 -22.48
C SER F 316 -4.75 -12.04 -23.21
N ARG F 317 -5.35 -11.18 -24.04
CA ARG F 317 -6.50 -11.63 -24.82
C ARG F 317 -6.11 -12.79 -25.73
N ILE F 318 -5.01 -12.66 -26.44
CA ILE F 318 -4.54 -13.74 -27.30
C ILE F 318 -4.39 -15.03 -26.50
N ILE F 319 -3.71 -14.95 -25.36
CA ILE F 319 -3.43 -16.16 -24.59
C ILE F 319 -4.70 -16.68 -23.93
N ASP F 320 -5.51 -15.81 -23.34
CA ASP F 320 -6.74 -16.30 -22.73
C ASP F 320 -7.68 -16.90 -23.79
N SER F 321 -7.71 -16.32 -25.00
CA SER F 321 -8.56 -16.84 -26.05
C SER F 321 -8.00 -18.10 -26.70
N LEU F 322 -6.74 -18.44 -26.45
CA LEU F 322 -6.17 -19.73 -26.82
C LEU F 322 -6.09 -20.67 -25.62
N PHE F 323 -7.07 -20.57 -24.75
CA PHE F 323 -7.19 -21.41 -23.59
C PHE F 323 -5.98 -21.38 -22.66
N ASN F 324 -5.29 -20.27 -22.64
CA ASN F 324 -4.14 -20.04 -21.79
C ASN F 324 -2.96 -20.89 -22.04
N THR F 325 -2.94 -21.53 -23.19
CA THR F 325 -1.81 -22.34 -23.55
C THR F 325 -1.54 -22.04 -25.00
N VAL F 326 -0.31 -21.72 -25.31
CA VAL F 326 0.10 -21.30 -26.64
C VAL F 326 1.32 -22.12 -26.99
N THR F 327 1.61 -23.13 -26.18
CA THR F 327 2.85 -23.87 -26.36
C THR F 327 2.78 -24.67 -27.66
N ASP F 328 3.73 -24.37 -28.52
CA ASP F 328 3.87 -24.98 -29.83
C ASP F 328 2.74 -24.57 -30.78
N LYS F 329 1.85 -23.66 -30.40
CA LYS F 329 0.82 -23.18 -31.30
C LYS F 329 1.42 -22.14 -32.26
N LYS F 330 1.18 -22.31 -33.55
CA LYS F 330 1.66 -21.33 -34.50
C LYS F 330 0.78 -20.09 -34.50
N ILE F 331 1.42 -18.91 -34.47
CA ILE F 331 0.75 -17.63 -34.44
C ILE F 331 1.38 -16.71 -35.49
N ALA F 332 0.56 -16.08 -36.30
CA ALA F 332 1.05 -15.12 -37.28
C ALA F 332 1.11 -13.72 -36.69
N ILE F 333 2.24 -13.05 -36.86
CA ILE F 333 2.45 -11.70 -36.36
C ILE F 333 2.58 -10.82 -37.59
N LEU F 334 1.54 -10.08 -37.91
CA LEU F 334 1.58 -9.21 -39.07
C LEU F 334 1.99 -7.83 -38.60
N GLY F 335 3.12 -7.37 -39.12
CA GLY F 335 3.63 -6.05 -38.77
C GLY F 335 4.58 -6.11 -37.60
N PHE F 336 5.84 -5.72 -37.83
CA PHE F 336 6.82 -5.59 -36.77
C PHE F 336 7.28 -4.15 -36.56
N ALA F 337 7.16 -3.29 -37.57
CA ALA F 337 7.48 -1.88 -37.41
C ALA F 337 6.57 -1.23 -36.37
N PHE F 338 7.10 -0.19 -35.70
CA PHE F 338 6.37 0.49 -34.65
C PHE F 338 5.23 1.35 -35.16
N LYS F 339 5.27 1.74 -36.43
CA LYS F 339 4.13 2.36 -37.10
C LYS F 339 4.23 2.00 -38.57
N LYS F 340 3.29 2.44 -39.37
CA LYS F 340 3.46 2.10 -40.77
C LYS F 340 4.38 3.12 -41.43
N ASP F 341 4.81 2.78 -42.65
CA ASP F 341 5.63 3.65 -43.51
C ASP F 341 7.01 3.92 -42.92
N THR F 342 7.56 2.95 -42.20
CA THR F 342 8.94 2.99 -41.73
C THR F 342 9.44 1.56 -41.60
N GLY F 343 10.76 1.42 -41.54
CA GLY F 343 11.40 0.18 -41.14
C GLY F 343 11.88 0.17 -39.69
N ASP F 344 11.77 1.28 -38.98
CA ASP F 344 12.20 1.36 -37.60
C ASP F 344 11.32 0.45 -36.72
N THR F 345 11.95 -0.42 -35.92
CA THR F 345 11.25 -1.26 -34.95
C THR F 345 11.48 -0.81 -33.51
N ARG F 346 12.16 0.30 -33.30
CA ARG F 346 12.53 0.71 -31.96
C ARG F 346 11.29 0.83 -31.06
N GLU F 347 11.25 -0.01 -30.03
CA GLU F 347 10.20 0.00 -29.03
C GLU F 347 8.84 -0.35 -29.63
N SER F 348 8.84 -1.10 -30.72
CA SER F 348 7.58 -1.44 -31.38
C SER F 348 6.80 -2.43 -30.53
N SER F 349 5.48 -2.23 -30.46
CA SER F 349 4.66 -3.11 -29.64
C SER F 349 4.75 -4.55 -30.11
N SER F 350 5.01 -4.75 -31.41
CA SER F 350 5.32 -6.09 -31.92
C SER F 350 6.41 -6.78 -31.08
N ILE F 351 7.44 -6.05 -30.65
CA ILE F 351 8.49 -6.68 -29.84
C ILE F 351 7.92 -7.21 -28.53
N TYR F 352 7.16 -6.38 -27.84
CA TYR F 352 6.63 -6.77 -26.54
C TYR F 352 5.53 -7.83 -26.68
N ILE F 353 4.67 -7.69 -27.69
CA ILE F 353 3.67 -8.71 -28.00
C ILE F 353 4.38 -10.02 -28.34
N SER F 354 5.33 -9.97 -29.27
CA SER F 354 6.08 -11.17 -29.62
C SER F 354 6.74 -11.80 -28.40
N LYS F 355 7.28 -10.97 -27.50
CA LYS F 355 7.99 -11.54 -26.35
C LYS F 355 7.03 -12.24 -25.41
N TYR F 356 5.84 -11.64 -25.18
CA TYR F 356 4.84 -12.29 -24.33
C TYR F 356 4.47 -13.66 -24.88
N LEU F 357 4.31 -13.75 -26.20
CA LEU F 357 3.95 -15.02 -26.82
C LEU F 357 5.10 -16.01 -26.82
N MET F 358 6.33 -15.51 -27.00
CA MET F 358 7.48 -16.39 -26.85
C MET F 358 7.60 -16.91 -25.42
N ASP F 359 7.22 -16.13 -24.40
CA ASP F 359 7.35 -16.68 -23.06
C ASP F 359 6.37 -17.82 -22.86
N GLU F 360 5.24 -17.78 -23.55
CA GLU F 360 4.24 -18.84 -23.49
C GLU F 360 4.58 -20.03 -24.37
N GLY F 361 5.72 -19.98 -25.08
CA GLY F 361 6.19 -21.10 -25.86
C GLY F 361 5.67 -21.15 -27.28
N ALA F 362 5.15 -20.04 -27.81
CA ALA F 362 4.47 -20.09 -29.09
C ALA F 362 5.46 -20.22 -30.24
N HIS F 363 4.94 -20.60 -31.40
CA HIS F 363 5.69 -20.59 -32.63
C HIS F 363 5.25 -19.37 -33.44
N LEU F 364 6.04 -18.30 -33.39
CA LEU F 364 5.70 -17.07 -34.07
C LEU F 364 6.23 -17.08 -35.49
N HIS F 365 5.33 -16.83 -36.44
CA HIS F 365 5.73 -16.51 -37.80
C HIS F 365 5.47 -15.04 -38.02
N ILE F 366 6.54 -14.28 -38.22
CA ILE F 366 6.50 -12.83 -38.28
C ILE F 366 6.64 -12.39 -39.73
N TYR F 367 5.71 -11.58 -40.19
CA TYR F 367 5.83 -10.91 -41.47
C TYR F 367 5.83 -9.42 -41.26
N ASP F 368 6.61 -8.72 -42.09
CA ASP F 368 6.51 -7.28 -42.19
C ASP F 368 7.05 -6.82 -43.53
N PRO F 369 6.37 -5.90 -44.22
CA PRO F 369 6.80 -5.54 -45.57
C PRO F 369 8.14 -4.81 -45.63
N LYS F 370 8.53 -4.03 -44.63
CA LYS F 370 9.74 -3.22 -44.79
C LYS F 370 10.81 -3.44 -43.74
N VAL F 371 10.53 -4.15 -42.65
CA VAL F 371 11.57 -4.34 -41.64
C VAL F 371 12.53 -5.42 -42.11
N PRO F 372 13.82 -5.14 -42.15
CA PRO F 372 14.77 -6.16 -42.60
C PRO F 372 14.73 -7.40 -41.71
N ARG F 373 14.93 -8.56 -42.34
CA ARG F 373 14.88 -9.83 -41.65
C ARG F 373 15.80 -9.86 -40.42
N GLU F 374 17.07 -9.48 -40.60
CA GLU F 374 18.05 -9.58 -39.53
C GLU F 374 17.69 -8.68 -38.33
N GLN F 375 16.99 -7.56 -38.57
CA GLN F 375 16.56 -6.72 -37.47
C GLN F 375 15.58 -7.42 -36.55
N ILE F 376 14.62 -8.15 -37.12
CA ILE F 376 13.62 -8.84 -36.30
C ILE F 376 14.29 -9.84 -35.38
N VAL F 377 15.25 -10.63 -35.92
CA VAL F 377 15.99 -11.59 -35.09
C VAL F 377 16.72 -10.88 -33.96
N VAL F 378 17.43 -9.79 -34.28
CA VAL F 378 18.10 -8.98 -33.26
C VAL F 378 17.13 -8.50 -32.19
N ASP F 379 15.95 -8.05 -32.60
CA ASP F 379 15.06 -7.45 -31.61
C ASP F 379 14.48 -8.45 -30.62
N LEU F 380 14.42 -9.73 -30.98
CA LEU F 380 13.84 -10.73 -30.11
C LEU F 380 14.90 -11.57 -29.41
N SER F 381 16.17 -11.20 -29.56
CA SER F 381 17.26 -11.93 -28.95
C SER F 381 17.85 -11.16 -27.77
N HIS F 382 17.94 -11.82 -26.63
CA HIS F 382 18.49 -11.20 -25.42
C HIS F 382 18.23 -12.06 -24.19
N ASP F 389 19.10 -20.60 -28.31
CA ASP F 389 18.30 -19.38 -28.22
C ASP F 389 16.80 -19.69 -28.17
N GLN F 390 16.07 -18.85 -27.43
CA GLN F 390 14.63 -18.83 -27.53
C GLN F 390 14.20 -18.52 -28.96
N VAL F 391 14.95 -17.65 -29.64
CA VAL F 391 14.59 -17.22 -30.98
C VAL F 391 14.70 -18.38 -31.96
N SER F 392 15.74 -19.19 -31.84
CA SER F 392 15.90 -20.29 -32.78
C SER F 392 14.76 -21.30 -32.68
N ARG F 393 14.36 -21.67 -31.46
CA ARG F 393 13.28 -22.64 -31.29
C ARG F 393 11.92 -22.09 -31.73
N LEU F 394 11.69 -20.77 -31.57
CA LEU F 394 10.34 -20.25 -31.60
C LEU F 394 10.03 -19.26 -32.72
N VAL F 395 11.02 -18.60 -33.31
CA VAL F 395 10.78 -17.46 -34.18
C VAL F 395 11.14 -17.80 -35.62
N THR F 396 10.29 -17.37 -36.55
CA THR F 396 10.40 -17.65 -37.98
C THR F 396 10.03 -16.37 -38.70
N ILE F 397 10.85 -15.94 -39.65
CA ILE F 397 10.53 -14.77 -40.44
C ILE F 397 9.91 -15.24 -41.73
N SER F 398 8.74 -14.72 -42.07
CA SER F 398 7.96 -15.21 -43.20
C SER F 398 8.14 -14.29 -44.40
N LYS F 399 8.32 -14.92 -45.58
CA LYS F 399 8.55 -14.16 -46.82
C LYS F 399 7.31 -13.37 -47.23
N ASP F 400 6.12 -13.86 -46.90
CA ASP F 400 4.88 -13.20 -47.28
C ASP F 400 3.84 -13.55 -46.23
N PRO F 401 2.74 -12.78 -46.15
CA PRO F 401 1.78 -13.00 -45.05
C PRO F 401 1.00 -14.29 -45.13
N TYR F 402 0.76 -14.83 -46.33
CA TYR F 402 0.00 -16.07 -46.40
C TYR F 402 0.79 -17.23 -45.81
N GLU F 403 2.12 -17.17 -45.93
CA GLU F 403 2.96 -18.20 -45.33
C GLU F 403 2.80 -18.21 -43.82
N ALA F 404 2.76 -17.02 -43.22
CA ALA F 404 2.75 -16.89 -41.79
C ALA F 404 1.45 -17.40 -41.21
N CYS F 405 0.35 -17.18 -41.93
CA CYS F 405 -0.97 -17.55 -41.46
C CYS F 405 -1.27 -19.02 -41.69
N ASP F 406 -0.38 -19.75 -42.34
CA ASP F 406 -0.66 -21.10 -42.78
C ASP F 406 -0.49 -22.05 -41.61
N GLY F 407 -1.58 -22.70 -41.20
CA GLY F 407 -1.51 -23.58 -40.06
C GLY F 407 -1.42 -22.88 -38.74
N ALA F 408 -1.59 -21.56 -38.72
CA ALA F 408 -1.56 -20.79 -37.48
C ALA F 408 -2.92 -20.83 -36.78
N HIS F 409 -2.89 -20.61 -35.47
CA HIS F 409 -4.11 -20.51 -34.67
C HIS F 409 -4.70 -19.13 -34.64
N ALA F 410 -3.91 -18.10 -34.93
CA ALA F 410 -4.41 -16.74 -34.83
C ALA F 410 -3.50 -15.81 -35.58
N VAL F 411 -4.08 -14.70 -36.02
CA VAL F 411 -3.35 -13.63 -36.67
C VAL F 411 -3.36 -12.43 -35.75
N VAL F 412 -2.18 -11.90 -35.46
CA VAL F 412 -2.02 -10.74 -34.59
C VAL F 412 -1.48 -9.58 -35.44
N ILE F 413 -2.33 -8.60 -35.70
CA ILE F 413 -1.94 -7.44 -36.50
C ILE F 413 -1.42 -6.37 -35.55
N CYS F 414 -0.13 -6.05 -35.65
CA CYS F 414 0.47 -5.05 -34.75
C CYS F 414 0.82 -3.75 -35.44
N THR F 415 1.03 -3.74 -36.74
CA THR F 415 1.36 -2.51 -37.43
C THR F 415 0.31 -2.27 -38.47
N GLU F 416 -0.14 -1.06 -38.60
CA GLU F 416 -1.19 -0.73 -39.50
C GLU F 416 -0.83 -0.52 -40.95
N TRP F 417 -0.06 -1.43 -41.51
CA TRP F 417 0.32 -1.31 -42.88
C TRP F 417 -0.94 -1.47 -43.65
N ASP F 418 -1.07 -0.73 -44.73
CA ASP F 418 -2.28 -0.77 -45.52
C ASP F 418 -2.55 -2.15 -46.07
N MET F 419 -1.52 -2.93 -46.36
CA MET F 419 -1.72 -4.18 -47.10
C MET F 419 -2.48 -5.22 -46.28
N PHE F 420 -2.47 -5.11 -44.96
CA PHE F 420 -3.11 -6.12 -44.13
C PHE F 420 -4.63 -6.12 -44.31
N LYS F 421 -5.23 -4.94 -44.48
CA LYS F 421 -6.66 -4.88 -44.75
C LYS F 421 -7.01 -5.54 -46.08
N GLU F 422 -6.07 -5.60 -47.03
CA GLU F 422 -6.37 -6.11 -48.37
C GLU F 422 -6.18 -7.62 -48.49
N LEU F 423 -5.80 -8.32 -47.43
CA LEU F 423 -5.44 -9.72 -47.58
C LEU F 423 -6.64 -10.56 -48.06
N ASP F 424 -6.34 -11.80 -48.44
CA ASP F 424 -7.39 -12.76 -48.80
C ASP F 424 -7.71 -13.56 -47.55
N TYR F 425 -8.64 -13.05 -46.74
CA TYR F 425 -8.91 -13.80 -45.52
C TYR F 425 -9.75 -15.04 -45.79
N GLU F 426 -10.48 -15.06 -46.90
CA GLU F 426 -11.09 -16.31 -47.36
C GLU F 426 -10.05 -17.39 -47.49
N ARG F 427 -8.95 -17.10 -48.18
CA ARG F 427 -7.86 -18.04 -48.32
C ARG F 427 -7.22 -18.36 -46.98
N ILE F 428 -6.92 -17.31 -46.19
CA ILE F 428 -6.21 -17.46 -44.92
C ILE F 428 -6.95 -18.44 -44.01
N HIS F 429 -8.28 -18.41 -44.06
CA HIS F 429 -9.10 -19.22 -43.16
C HIS F 429 -9.01 -20.70 -43.48
N LYS F 430 -9.06 -21.08 -44.76
CA LYS F 430 -9.10 -22.50 -45.11
C LYS F 430 -7.91 -23.25 -44.51
N LYS F 431 -6.75 -22.59 -44.44
CA LYS F 431 -5.53 -23.25 -43.99
C LYS F 431 -5.17 -22.89 -42.54
N MET F 432 -6.05 -22.22 -41.82
CA MET F 432 -5.81 -21.94 -40.41
C MET F 432 -6.37 -23.06 -39.53
N LEU F 433 -5.75 -23.27 -38.39
CA LEU F 433 -6.37 -24.20 -37.45
C LEU F 433 -7.65 -23.59 -36.92
N LYS F 434 -8.58 -24.46 -36.54
CA LYS F 434 -9.89 -24.00 -36.09
C LYS F 434 -10.04 -24.40 -34.62
N PRO F 435 -10.55 -23.48 -33.79
CA PRO F 435 -11.07 -22.17 -34.19
C PRO F 435 -9.97 -21.17 -34.50
N ALA F 436 -10.17 -20.35 -35.54
CA ALA F 436 -9.17 -19.40 -36.00
C ALA F 436 -9.45 -18.00 -35.46
N PHE F 437 -8.41 -17.30 -34.99
CA PHE F 437 -8.59 -15.95 -34.45
C PHE F 437 -7.83 -14.89 -35.23
N ILE F 438 -8.44 -13.72 -35.37
CA ILE F 438 -7.75 -12.51 -35.81
C ILE F 438 -7.83 -11.51 -34.66
N PHE F 439 -6.69 -11.25 -34.02
CA PHE F 439 -6.58 -10.17 -33.03
C PHE F 439 -5.98 -8.95 -33.72
N ASP F 440 -6.80 -7.90 -33.82
CA ASP F 440 -6.49 -6.70 -34.60
C ASP F 440 -6.03 -5.65 -33.62
N GLY F 441 -4.73 -5.42 -33.57
CA GLY F 441 -4.24 -4.44 -32.62
C GLY F 441 -4.20 -3.02 -33.12
N ARG F 442 -4.75 -2.74 -34.31
CA ARG F 442 -4.69 -1.41 -34.88
C ARG F 442 -5.99 -0.95 -35.52
N ARG F 443 -7.10 -1.68 -35.36
CA ARG F 443 -8.39 -1.23 -35.86
C ARG F 443 -8.41 -1.09 -37.39
N VAL F 444 -7.55 -1.81 -38.10
CA VAL F 444 -7.53 -1.70 -39.57
C VAL F 444 -8.60 -2.58 -40.22
N LEU F 445 -9.04 -3.66 -39.55
CA LEU F 445 -10.09 -4.49 -40.10
C LEU F 445 -11.47 -4.00 -39.70
N ASP F 446 -11.58 -2.74 -39.29
CA ASP F 446 -12.87 -2.20 -38.91
C ASP F 446 -13.82 -2.20 -40.11
N GLY F 447 -15.04 -2.63 -39.87
CA GLY F 447 -16.07 -2.69 -40.89
C GLY F 447 -16.03 -3.96 -41.73
N LEU F 448 -15.02 -4.79 -41.48
CA LEU F 448 -14.89 -6.05 -42.19
C LEU F 448 -15.24 -7.20 -41.25
N HIS F 449 -15.67 -6.86 -40.04
CA HIS F 449 -16.01 -7.85 -39.03
C HIS F 449 -17.17 -8.77 -39.41
N ASN F 450 -18.23 -8.21 -39.99
CA ASN F 450 -19.36 -9.04 -40.35
C ASN F 450 -18.97 -10.07 -41.41
N GLU F 451 -18.21 -9.61 -42.39
CA GLU F 451 -17.74 -10.49 -43.46
C GLU F 451 -16.80 -11.54 -42.90
N LEU F 452 -15.94 -11.12 -41.99
CA LEU F 452 -14.96 -12.01 -41.38
C LEU F 452 -15.62 -13.08 -40.52
N GLN F 453 -16.65 -12.70 -39.77
CA GLN F 453 -17.34 -13.68 -38.95
C GLN F 453 -18.01 -14.74 -39.82
N THR F 454 -18.63 -14.32 -40.94
CA THR F 454 -19.29 -15.33 -41.74
C THR F 454 -18.27 -16.27 -42.37
N ILE F 455 -17.09 -15.75 -42.67
CA ILE F 455 -16.02 -16.58 -43.21
C ILE F 455 -15.68 -17.63 -42.15
N GLY F 456 -16.09 -17.38 -40.90
CA GLY F 456 -15.84 -18.26 -39.78
C GLY F 456 -14.75 -17.82 -38.84
N PHE F 457 -14.11 -16.71 -39.17
CA PHE F 457 -13.06 -16.16 -38.34
C PHE F 457 -13.64 -15.56 -37.06
N GLN F 458 -12.88 -15.62 -35.98
CA GLN F 458 -13.33 -15.02 -34.74
C GLN F 458 -12.44 -13.81 -34.65
N ILE F 459 -13.02 -12.62 -34.63
CA ILE F 459 -12.23 -11.41 -34.60
C ILE F 459 -12.43 -10.55 -33.37
N GLU F 460 -11.32 -10.22 -32.71
CA GLU F 460 -11.33 -9.39 -31.53
C GLU F 460 -10.38 -8.22 -31.75
N THR F 461 -10.83 -7.02 -31.45
CA THR F 461 -9.98 -5.85 -31.64
C THR F 461 -10.03 -4.86 -30.48
N ILE F 462 -8.94 -4.14 -30.29
CA ILE F 462 -8.84 -3.12 -29.27
C ILE F 462 -10.11 -2.29 -29.22
N GLY F 463 -10.67 -2.10 -28.02
CA GLY F 463 -11.74 -1.15 -27.84
C GLY F 463 -13.09 -1.54 -28.44
N LYS F 464 -13.35 -2.84 -28.60
CA LYS F 464 -14.65 -3.32 -29.07
C LYS F 464 -15.05 -4.49 -28.21
N LYS F 465 -16.17 -4.37 -27.50
CA LYS F 465 -16.63 -5.45 -26.65
C LYS F 465 -16.87 -6.70 -27.49
N VAL F 466 -16.27 -7.81 -27.05
CA VAL F 466 -16.42 -9.12 -27.69
C VAL F 466 -17.87 -9.59 -27.70
PA NAI G . 7.10 29.51 27.30
O1A NAI G . 5.78 29.23 26.71
O2A NAI G . 7.23 29.31 28.80
O5B NAI G . 7.58 31.01 27.00
C5B NAI G . 7.00 31.81 25.96
C4B NAI G . 6.45 33.04 26.64
O4B NAI G . 6.46 34.09 25.64
C3B NAI G . 4.98 32.90 27.10
O3B NAI G . 4.81 33.27 28.48
C2B NAI G . 4.21 33.82 26.11
O2B NAI G . 3.08 34.47 26.76
C1B NAI G . 5.26 34.84 25.70
N9A NAI G . 5.05 35.36 24.37
C8A NAI G . 4.81 34.67 23.21
N7A NAI G . 4.65 35.46 22.14
C5A NAI G . 4.81 36.74 22.67
C6A NAI G . 4.76 38.02 22.06
N6A NAI G . 4.53 38.20 20.76
N1A NAI G . 4.95 39.08 22.88
C2A NAI G . 5.17 38.88 24.17
N3A NAI G . 5.24 37.74 24.84
C4A NAI G . 5.04 36.69 24.03
O3 NAI G . 8.17 28.66 26.56
PN NAI G . 9.76 28.46 26.88
O1N NAI G . 9.94 27.17 27.56
O2N NAI G . 10.30 29.62 27.60
O5D NAI G . 10.44 28.40 25.42
C5D NAI G . 11.19 29.51 24.91
C4D NAI G . 11.87 29.05 23.62
O4D NAI G . 13.24 28.63 23.90
C3D NAI G . 11.23 27.94 22.81
O3D NAI G . 11.30 28.17 21.39
C2D NAI G . 12.09 26.72 23.21
O2D NAI G . 12.08 25.71 22.18
C1D NAI G . 13.46 27.35 23.40
N1N NAI G . 14.27 26.66 24.37
C2N NAI G . 13.66 26.04 25.44
C3N NAI G . 14.38 25.58 26.53
C7N NAI G . 13.73 24.90 27.73
O7N NAI G . 14.41 24.15 28.42
N7N NAI G . 12.42 25.10 28.02
C4N NAI G . 15.82 25.58 26.47
C5N NAI G . 16.38 26.15 25.21
C6N NAI G . 15.67 26.67 24.18
N1 UPG H . 15.77 11.50 30.06
C2 UPG H . 15.79 10.11 30.16
N3 UPG H . 17.02 9.49 30.33
C4 UPG H . 18.13 10.22 30.39
C5 UPG H . 18.10 11.64 30.28
C6 UPG H . 16.89 12.25 30.12
O2 UPG H . 14.76 9.45 30.10
O4 UPG H . 19.17 9.59 30.53
C1C UPG H . 14.46 12.16 29.88
C2C UPG H . 13.89 12.84 31.12
O2C UPG H . 13.15 11.90 31.95
C3C UPG H . 13.00 13.98 30.54
C4C UPG H . 13.59 14.18 29.15
O4C UPG H . 14.60 13.15 28.94
O3C UPG H . 11.60 13.66 30.49
C5C UPG H . 14.20 15.53 28.91
O5C UPG H . 15.31 15.62 29.80
PA UPG H . 16.21 16.91 29.66
O1A UPG H . 16.69 17.51 30.91
O2A UPG H . 17.26 16.71 28.62
O3A UPG H . 15.10 17.99 29.15
PB UPG H . 15.07 19.55 29.04
O1B UPG H . 14.04 20.02 28.12
O2B UPG H . 15.01 19.99 30.47
O3B UPG H . 16.51 19.92 28.36
C1' UPG H . 16.79 19.49 27.06
C2' UPG H . 18.30 19.57 26.81
C3' UPG H . 18.75 21.01 26.93
C4' UPG H . 17.95 21.92 26.02
C5' UPG H . 16.45 21.72 26.27
C6' UPG H . 15.57 22.47 25.29
O2' UPG H . 19.00 18.74 27.76
O3' UPG H . 20.13 21.10 26.51
O4' UPG H . 18.27 23.29 26.33
O5' UPG H . 16.10 20.34 26.11
O6' UPG H . 15.88 22.13 23.91
N1 UPG I . 34.75 7.57 11.41
C2 UPG I . 34.09 8.73 10.99
N3 UPG I . 34.04 9.79 11.87
C4 UPG I . 34.60 9.71 13.07
C5 UPG I . 35.27 8.52 13.49
C6 UPG I . 35.33 7.47 12.62
O2 UPG I . 33.57 8.82 9.87
O4 UPG I . 34.51 10.70 13.78
C1C UPG I . 34.82 6.42 10.48
C2C UPG I . 36.23 5.88 10.23
O2C UPG I . 36.76 6.40 8.99
C3C UPG I . 36.05 4.35 10.21
C4C UPG I . 34.85 4.17 11.14
O4C UPG I . 34.06 5.39 11.04
O3C UPG I . 35.78 3.81 8.90
C5C UPG I . 35.21 3.94 12.58
O5C UPG I . 36.10 2.84 12.57
PA UPG I . 36.83 2.39 13.92
O1A UPG I . 38.28 2.60 13.92
O2A UPG I . 36.12 2.98 15.09
O3A UPG I . 36.68 0.76 13.81
PB UPG I . 37.38 -0.45 14.52
O1B UPG I . 36.91 -1.75 14.02
O2B UPG I . 38.84 -0.18 14.37
O3B UPG I . 36.89 -0.33 16.08
C1' UPG I . 35.60 0.13 16.38
C2' UPG I . 35.61 0.85 17.75
C3' UPG I . 36.12 -0.13 18.80
C4' UPG I . 35.28 -1.40 18.83
C5' UPG I . 35.17 -1.97 17.40
C6' UPG I . 34.17 -3.11 17.30
O2' UPG I . 36.45 2.02 17.70
O3' UPG I . 36.03 0.48 20.10
O4' UPG I . 35.94 -2.39 19.62
O5' UPG I . 34.69 -0.99 16.46
O6' UPG I . 32.78 -2.73 17.47
PA NAI J . -25.48 -12.55 28.03
O1A NAI J . -25.13 -11.13 27.79
O2A NAI J . -26.84 -12.99 27.54
O5B NAI J . -25.40 -12.95 29.57
C5B NAI J . -24.58 -12.26 30.52
C4B NAI J . -25.47 -11.95 31.70
O4B NAI J . -24.60 -11.84 32.85
C3B NAI J . -26.21 -10.58 31.60
O3B NAI J . -27.59 -10.69 31.97
C2B NAI J . -25.36 -9.69 32.54
O2B NAI J . -26.14 -8.61 33.13
C1B NAI J . -24.91 -10.69 33.60
N9A NAI J . -23.70 -10.30 34.29
C8A NAI J . -22.55 -9.79 33.76
N7A NAI J . -21.60 -9.55 34.70
C5A NAI J . -22.23 -9.93 35.87
C6A NAI J . -21.78 -9.92 37.23
N6A NAI J . -20.56 -9.50 37.58
N1A NAI J . -22.65 -10.36 38.15
C2A NAI J . -23.85 -10.78 37.77
N3A NAI J . -24.38 -10.83 36.56
C4A NAI J . -23.51 -10.39 35.64
O3 NAI J . -24.36 -13.44 27.39
PN NAI J . -24.31 -15.06 27.16
O1N NAI J . -24.88 -15.36 25.85
O2N NAI J . -24.93 -15.78 28.29
O5D NAI J . -22.73 -15.37 27.16
C5D NAI J . -22.10 -16.01 28.29
C4D NAI J . -20.69 -16.38 27.85
O4D NAI J . -20.68 -17.78 27.39
C3D NAI J . -20.02 -15.56 26.77
O3D NAI J . -18.67 -15.18 27.13
C2D NAI J . -20.02 -16.50 25.54
O2D NAI J . -18.84 -16.30 24.73
C1D NAI J . -20.07 -17.89 26.14
N1N NAI J . -20.87 -18.81 25.37
C2N NAI J . -21.92 -18.32 24.63
C3N NAI J . -22.83 -19.16 23.99
C7N NAI J . -24.08 -18.65 23.28
O7N NAI J . -24.49 -19.27 22.30
N7N NAI J . -24.71 -17.54 23.70
C4N NAI J . -22.56 -20.58 23.94
C5N NAI J . -21.36 -21.00 24.74
C6N NAI J . -20.52 -20.18 25.42
N1 UPG K . -24.57 -20.17 9.56
C2 UPG K . -24.37 -20.10 8.18
N3 UPG K . -24.23 -21.28 7.49
C4 UPG K . -24.27 -22.45 8.14
C5 UPG K . -24.48 -22.52 9.55
C6 UPG K . -24.63 -21.34 10.23
O2 UPG K . -24.32 -19.03 7.58
O4 UPG K . -24.14 -23.46 7.45
C1C UPG K . -24.74 -18.91 10.33
C2C UPG K . -26.04 -18.78 11.10
O2C UPG K . -27.07 -18.17 10.29
C3C UPG K . -25.65 -17.92 12.34
C4C UPG K . -24.15 -18.19 12.48
O4C UPG K . -23.70 -18.85 11.26
O3C UPG K . -25.92 -16.52 12.15
C5C UPG K . -23.79 -19.04 13.65
O5C UPG K . -24.75 -20.10 13.69
PA UPG K . -24.74 -21.07 14.95
O1A UPG K . -26.01 -21.78 15.18
O2A UPG K . -23.55 -21.94 14.92
O3A UPG K . -24.68 -19.96 16.16
PB UPG K . -24.76 -20.04 17.74
O1B UPG K . -24.23 -18.84 18.38
O2B UPG K . -26.20 -20.37 17.99
O3B UPG K . -23.77 -21.29 18.12
C1' UPG K . -22.42 -21.24 17.76
C2' UPG K . -21.87 -22.69 17.72
C3' UPG K . -21.91 -23.28 19.12
C4' UPG K . -21.23 -22.39 20.13
C5' UPG K . -21.84 -20.99 20.05
C6' UPG K . -21.13 -20.00 20.95
O2' UPG K . -22.66 -23.48 16.82
O3' UPG K . -21.20 -24.53 19.12
O4' UPG K . -21.48 -22.86 21.46
O5' UPG K . -21.69 -20.46 18.72
O6' UPG K . -19.68 -20.09 20.80
PA NAI L . -0.28 -38.76 -14.48
O1A NAI L . 0.99 -38.04 -14.70
O2A NAI L . -0.18 -40.11 -13.81
O5B NAI L . -1.10 -38.99 -15.84
C5B NAI L . -0.77 -38.31 -17.07
C4B NAI L . -0.81 -39.37 -18.13
O4B NAI L . -1.39 -38.77 -19.30
C3B NAI L . 0.60 -39.88 -18.56
O3B NAI L . 0.71 -41.30 -18.47
C2B NAI L . 0.72 -39.32 -20.01
O2B NAI L . 1.48 -40.20 -20.89
C1B NAI L . -0.73 -39.21 -20.47
N9A NAI L . -0.93 -38.20 -21.47
C8A NAI L . -0.69 -36.87 -21.41
N7A NAI L . -1.00 -36.22 -22.54
C5A NAI L . -1.47 -37.23 -23.36
C6A NAI L . -1.97 -37.22 -24.70
N6A NAI L . -2.05 -36.10 -25.43
N1A NAI L . -2.35 -38.41 -25.21
C2A NAI L . -2.26 -39.50 -24.47
N3A NAI L . -1.82 -39.64 -23.23
C4A NAI L . -1.44 -38.45 -22.73
O3 NAI L . -1.24 -37.83 -13.68
PN NAI L . -2.43 -38.17 -12.60
O1N NAI L . -1.81 -38.26 -11.27
O2N NAI L . -3.20 -39.35 -13.03
O5D NAI L . -3.38 -36.87 -12.67
C5D NAI L . -4.37 -36.71 -13.70
C4D NAI L . -5.26 -35.54 -13.29
O4D NAI L . -6.26 -35.99 -12.33
C3D NAI L . -4.61 -34.31 -12.67
O3D NAI L . -5.16 -33.07 -13.18
C2D NAI L . -4.92 -34.47 -11.17
O2D NAI L . -4.99 -33.18 -10.52
C1D NAI L . -6.26 -35.19 -11.19
N1N NAI L . -6.43 -36.07 -10.05
C2N NAI L . -5.33 -36.74 -9.57
C3N NAI L . -5.42 -37.69 -8.56
C7N NAI L . -4.18 -38.30 -7.91
O7N NAI L . -4.32 -38.95 -6.89
N7N NAI L . -2.95 -38.13 -8.45
C4N NAI L . -6.65 -37.80 -7.83
C5N NAI L . -7.78 -37.02 -8.42
C6N NAI L . -7.72 -36.18 -9.49
N1 UPG M . -2.32 -34.90 5.97
C2 UPG M . -2.03 -34.20 7.14
N3 UPG M . -2.95 -34.25 8.17
C4 UPG M . -4.08 -34.94 8.03
C5 UPG M . -4.38 -35.65 6.83
C6 UPG M . -3.46 -35.59 5.80
O2 UPG M . -0.99 -33.56 7.28
O4 UPG M . -4.84 -34.93 8.99
C1C UPG M . -1.33 -34.84 4.87
C2C UPG M . -0.80 -36.19 4.38
O2C UPG M . 0.27 -36.67 5.23
C3C UPG M . -0.34 -35.85 2.94
C4C UPG M . -1.30 -34.74 2.54
O4C UPG M . -1.94 -34.26 3.77
O3C UPG M . 1.03 -35.42 2.87
C5C UPG M . -2.36 -35.12 1.54
O5C UPG M . -2.85 -36.39 1.98
PA UPG M . -4.08 -37.03 1.19
O1A UPG M . -4.27 -38.47 1.40
O2A UPG M . -5.29 -36.20 1.39
O3A UPG M . -3.51 -36.94 -0.35
PB UPG M . -3.93 -37.61 -1.72
O1B UPG M . -3.29 -36.97 -2.87
O2B UPG M . -3.62 -39.06 -1.49
O3B UPG M . -5.54 -37.34 -1.83
C1' UPG M . -6.06 -36.05 -1.73
C2' UPG M . -7.54 -36.12 -1.30
C3' UPG M . -8.34 -36.83 -2.36
C4' UPG M . -8.16 -36.18 -3.73
C5' UPG M . -6.66 -36.11 -4.03
C6' UPG M . -6.38 -35.38 -5.32
O2' UPG M . -7.67 -36.80 -0.03
O3' UPG M . -9.74 -36.77 -2.04
O4' UPG M . -8.77 -36.98 -4.75
O5' UPG M . -5.96 -35.38 -3.01
O6' UPG M . -5.16 -35.89 -5.94
PA NAI N . -30.57 22.16 -13.46
O1A NAI N . -30.64 21.65 -12.07
O2A NAI N . -30.73 23.66 -13.63
O5B NAI N . -31.66 21.48 -14.42
C5B NAI N . -32.36 20.28 -14.09
C4B NAI N . -33.78 20.69 -13.79
O4B NAI N . -34.54 19.47 -13.64
C3B NAI N . -33.96 21.46 -12.45
O3B NAI N . -34.65 22.70 -12.64
C2B NAI N . -34.73 20.43 -11.56
O2B NAI N . -35.64 21.07 -10.63
C1B NAI N . -35.48 19.60 -12.60
N9A NAI N . -35.79 18.26 -12.16
C8A NAI N . -35.02 17.40 -11.45
N7A NAI N . -35.64 16.22 -11.20
C5A NAI N . -36.86 16.37 -11.82
C6A NAI N . -37.99 15.50 -11.94
N6A NAI N . -38.00 14.27 -11.42
N1A NAI N . -39.05 15.96 -12.61
C2A NAI N . -39.02 17.19 -13.12
N3A NAI N . -38.04 18.09 -13.09
C4A NAI N . -36.98 17.61 -12.41
O3 NAI N . -29.21 21.70 -14.08
PN NAI N . -28.63 21.82 -15.60
O1N NAI N . -27.41 22.64 -15.56
O2N NAI N . -29.67 22.26 -16.54
O5D NAI N . -28.25 20.31 -15.95
C5D NAI N . -27.79 19.42 -14.93
C4D NAI N . -27.09 18.30 -15.67
O4D NAI N . -27.02 18.65 -17.10
C3D NAI N . -25.67 17.94 -15.30
O3D NAI N . -25.57 17.11 -14.14
C2D NAI N . -25.27 17.17 -16.58
O2D NAI N . -25.78 15.83 -16.50
C1D NAI N . -25.95 17.97 -17.68
N1N NAI N . -25.10 18.92 -18.38
C2N NAI N . -24.87 20.17 -17.83
C3N NAI N . -24.17 21.16 -18.50
C7N NAI N . -23.79 22.49 -17.86
O7N NAI N . -23.08 23.27 -18.48
N7N NAI N . -24.23 22.82 -16.63
C4N NAI N . -23.44 20.80 -19.70
C5N NAI N . -23.80 19.45 -20.24
C6N NAI N . -24.55 18.51 -19.61
N1 UPG O . -9.40 26.83 -18.03
C2 UPG O . -8.02 26.88 -17.83
N3 UPG O . -7.21 27.11 -18.93
C4 UPG O . -7.76 27.27 -20.13
C5 UPG O . -9.16 27.21 -20.34
C6 UPG O . -9.97 26.99 -19.25
O2 UPG O . -7.51 26.74 -16.71
O4 UPG O . -6.98 27.46 -21.05
C1C UPG O . -10.28 26.58 -16.86
C2C UPG O . -11.16 27.75 -16.45
O2C UPG O . -10.46 28.66 -15.56
C3C UPG O . -12.38 27.07 -15.77
C4C UPG O . -12.30 25.62 -16.26
O4C UPG O . -11.15 25.55 -17.16
O3C UPG O . -12.32 27.13 -14.33
C5C UPG O . -13.52 25.10 -16.96
O5C UPG O . -13.90 26.09 -17.92
PA UPG O . -15.02 25.71 -18.99
O1A UPG O . -15.74 26.89 -19.53
O2A UPG O . -14.46 24.80 -20.03
O3A UPG O . -16.17 24.97 -18.08
PB UPG O . -17.71 24.73 -18.28
O1B UPG O . -18.31 23.94 -17.20
O2B UPG O . -18.24 26.12 -18.46
O3B UPG O . -17.81 23.85 -19.65
C1' UPG O . -17.14 22.63 -19.74
C2' UPG O . -16.64 22.41 -21.18
C3' UPG O . -17.83 22.26 -22.12
C4' UPG O . -18.77 21.17 -21.66
C5' UPG O . -19.18 21.44 -20.20
C6' UPG O . -20.01 20.32 -19.62
O2' UPG O . -15.80 23.50 -21.60
O3' UPG O . -17.34 21.91 -23.42
O4' UPG O . -19.95 21.19 -22.46
O5' UPG O . -18.01 21.54 -19.36
O6' UPG O . -19.43 19.01 -19.89
PA NAI P . 19.94 7.19 -34.11
O1A NAI P . 20.47 6.21 -33.14
O2A NAI P . 19.23 6.64 -35.33
O5B NAI P . 21.07 8.18 -34.66
C5B NAI P . 22.15 8.67 -33.85
C4B NAI P . 23.37 8.53 -34.69
O4B NAI P . 24.46 9.14 -33.95
C3B NAI P . 23.81 7.06 -34.94
O3B NAI P . 24.00 6.79 -36.33
C2B NAI P . 25.11 6.94 -34.09
O2B NAI P . 26.06 6.02 -34.67
C1B NAI P . 25.63 8.37 -34.10
N9A NAI P . 26.49 8.69 -33.00
C8A NAI P . 26.33 8.43 -31.68
N7A NAI P . 27.34 8.88 -30.92
C5A NAI P . 28.18 9.48 -31.83
C6A NAI P . 29.43 10.16 -31.69
N6A NAI P . 30.03 10.33 -30.51
N1A NAI P . 30.00 10.63 -32.81
C2A NAI P . 29.39 10.45 -33.99
N3A NAI P . 28.24 9.85 -34.25
C4A NAI P . 27.68 9.38 -33.11
O3 NAI P . 18.99 8.18 -33.35
PN NAI P . 17.88 9.20 -33.94
O1N NAI P . 16.62 8.46 -34.10
O2N NAI P . 18.36 9.88 -35.15
O5D NAI P . 17.71 10.27 -32.76
C5D NAI P . 18.67 11.32 -32.56
C4D NAI P . 18.09 12.25 -31.49
O4D NAI P . 16.97 13.02 -32.07
C3D NAI P . 17.57 11.63 -30.20
O3D NAI P . 17.96 12.38 -29.03
C2D NAI P . 16.04 11.70 -30.38
O2D NAI P . 15.40 11.82 -29.09
C1D NAI P . 15.86 12.94 -31.24
N1N NAI P . 14.69 12.89 -32.10
C2N NAI P . 14.31 11.70 -32.67
C3N NAI P . 13.42 11.64 -33.73
C7N NAI P . 12.99 10.34 -34.39
O7N NAI P . 11.82 10.21 -34.75
N7N NAI P . 13.88 9.34 -34.60
C4N NAI P . 12.68 12.83 -34.08
C5N NAI P . 13.06 14.04 -33.29
C6N NAI P . 14.01 14.10 -32.31
N1 UPG Q . 0.14 6.02 -32.32
C2 UPG Q . -1.04 5.45 -31.85
N3 UPG Q . -2.21 6.16 -32.02
C4 UPG Q . -2.19 7.36 -32.61
C5 UPG Q . -0.98 7.94 -33.08
C6 UPG Q . 0.19 7.23 -32.91
O2 UPG Q . -1.07 4.33 -31.31
O4 UPG Q . -3.27 7.92 -32.72
C1C UPG Q . 1.40 5.27 -32.15
C2C UPG Q . 2.14 4.88 -33.42
O2C UPG Q . 1.67 3.62 -33.96
C3C UPG Q . 3.63 4.84 -32.97
C4C UPG Q . 3.65 5.87 -31.85
O4C UPG Q . 2.26 6.10 -31.44
O3C UPG Q . 4.04 3.54 -32.50
C5C UPG Q . 4.29 7.17 -32.21
O5C UPG Q . 3.64 7.63 -33.40
PA UPG Q . 4.28 8.89 -34.12
O1A UPG Q . 3.96 9.01 -35.54
O2A UPG Q . 4.08 10.11 -33.30
O3A UPG Q . 5.85 8.38 -34.11
PB UPG Q . 7.25 9.07 -34.08
O1B UPG Q . 8.06 8.60 -32.94
O2B UPG Q . 7.81 8.83 -35.45
O3B UPG Q . 6.95 10.66 -33.83
C1' UPG Q . 6.86 11.16 -32.53
C2' UPG Q . 6.21 12.55 -32.59
C3' UPG Q . 7.16 13.50 -33.31
C4' UPG Q . 8.52 13.53 -32.62
C5' UPG Q . 9.08 12.10 -32.59
C6' UPG Q . 10.35 12.02 -31.78
O2' UPG Q . 4.96 12.49 -33.30
O3' UPG Q . 6.62 14.82 -33.27
O4' UPG Q . 9.43 14.35 -33.35
O5' UPG Q . 8.16 11.24 -31.90
O6' UPG Q . 10.26 12.83 -30.59
#